data_2R9G
#
_entry.id   2R9G
#
_cell.length_a   82.778
_cell.length_b   103.390
_cell.length_c   103.374
_cell.angle_alpha   90.01
_cell.angle_beta   88.69
_cell.angle_gamma   86.05
#
_symmetry.space_group_name_H-M   'P 1'
#
loop_
_entity.id
_entity.type
_entity.pdbx_description
1 polymer 'AAA ATPase, central region'
2 non-polymer 'ACETATE ION'
3 non-polymer GLYCEROL
4 water water
#
_entity_poly.entity_id   1
_entity_poly.type   'polypeptide(L)'
_entity_poly.pdbx_seq_one_letter_code
;MSLALTHDKNGDAHYDVISAFQKSIRGSDVDAALHYLARLVEAGDLASICRRLMVIGYEDIGLGNPAAAARTVNAVLAAE
KLGLPEARIPLADVVVDLCLSPKSNSAYMALDAALADIREGKAGDVPDHLRDSHYKGAKSLNRGVGYQYPHHFDQAWVNQ
QYLPDKLKNAQYYQPKDTGKYEQALGQQYYRIKEWKEGHHHHHH
;
_entity_poly.pdbx_strand_id   A,B,C,D,E,F,G,H,I,J,K,L,M,N,O,P
#
loop_
_chem_comp.id
_chem_comp.type
_chem_comp.name
_chem_comp.formula
ACT non-polymer 'ACETATE ION' 'C2 H3 O2 -1'
GOL non-polymer GLYCEROL 'C3 H8 O3'
#
# COMPACT_ATOMS: atom_id res chain seq x y z
N ASP A 12 37.86 -4.78 -6.38
CA ASP A 12 37.93 -4.06 -7.69
C ASP A 12 38.31 -2.58 -7.48
N ALA A 13 39.29 -2.11 -8.26
CA ALA A 13 39.91 -0.80 -8.04
C ALA A 13 39.00 0.38 -8.34
N HIS A 14 39.21 1.45 -7.59
CA HIS A 14 38.43 2.67 -7.65
C HIS A 14 38.47 3.31 -9.04
N TYR A 15 39.67 3.35 -9.63
CA TYR A 15 39.87 3.96 -10.95
C TYR A 15 39.22 3.17 -12.06
N ASP A 16 39.09 1.85 -11.87
CA ASP A 16 38.41 1.00 -12.84
C ASP A 16 36.92 1.26 -12.86
N VAL A 17 36.33 1.41 -11.67
CA VAL A 17 34.92 1.74 -11.50
C VAL A 17 34.60 3.13 -12.07
N ILE A 18 35.49 4.08 -11.79
CA ILE A 18 35.42 5.44 -12.30
CA ILE A 18 35.38 5.42 -12.31
C ILE A 18 35.52 5.45 -13.84
N SER A 19 36.46 4.67 -14.37
CA SER A 19 36.64 4.52 -15.80
C SER A 19 35.40 3.91 -16.43
N ALA A 20 34.85 2.88 -15.78
CA ALA A 20 33.68 2.16 -16.28
C ALA A 20 32.41 3.04 -16.28
N PHE A 21 32.27 3.84 -15.22
CA PHE A 21 31.23 4.86 -15.11
C PHE A 21 31.18 5.82 -16.32
N GLN A 22 32.33 6.42 -16.64
CA GLN A 22 32.45 7.34 -17.78
C GLN A 22 32.12 6.69 -19.12
N LYS A 23 32.70 5.51 -19.34
CA LYS A 23 32.51 4.75 -20.57
C LYS A 23 31.06 4.30 -20.81
N SER A 24 30.36 3.98 -19.72
CA SER A 24 28.94 3.59 -19.79
C SER A 24 28.04 4.76 -20.17
N ILE A 25 28.29 5.94 -19.59
CA ILE A 25 27.52 7.13 -19.93
C ILE A 25 27.78 7.57 -21.39
N ARG A 26 29.05 7.71 -21.74
CA ARG A 26 29.52 7.98 -23.11
C ARG A 26 28.94 6.94 -24.09
N GLY A 27 28.81 5.70 -23.61
CA GLY A 27 28.26 4.60 -24.39
C GLY A 27 26.74 4.46 -24.43
N SER A 28 26.04 5.33 -23.71
CA SER A 28 24.57 5.41 -23.70
C SER A 28 23.86 4.26 -23.01
N ASP A 29 24.56 3.59 -22.10
CA ASP A 29 24.00 2.47 -21.35
C ASP A 29 23.60 2.97 -19.97
N VAL A 30 22.31 3.26 -19.81
CA VAL A 30 21.74 3.79 -18.57
C VAL A 30 21.96 2.80 -17.42
N ASP A 31 21.66 1.53 -17.69
CA ASP A 31 21.67 0.50 -16.66
C ASP A 31 23.06 0.22 -16.13
N ALA A 32 24.05 0.21 -17.03
CA ALA A 32 25.44 0.06 -16.61
C ALA A 32 25.96 1.29 -15.84
N ALA A 33 25.63 2.48 -16.34
CA ALA A 33 26.04 3.74 -15.69
C ALA A 33 25.48 3.85 -14.28
N LEU A 34 24.24 3.41 -14.11
CA LEU A 34 23.59 3.43 -12.79
C LEU A 34 24.18 2.38 -11.87
N HIS A 35 24.60 1.24 -12.43
CA HIS A 35 25.30 0.21 -11.66
C HIS A 35 26.61 0.74 -11.09
N TYR A 36 27.40 1.42 -11.93
CA TYR A 36 28.68 2.00 -11.49
C TYR A 36 28.50 3.18 -10.56
N LEU A 37 27.51 4.02 -10.83
CA LEU A 37 27.11 5.08 -9.91
C LEU A 37 26.80 4.49 -8.52
N ALA A 38 26.01 3.43 -8.50
CA ALA A 38 25.69 2.70 -7.25
C ALA A 38 26.92 2.17 -6.52
N ARG A 39 27.86 1.60 -7.28
CA ARG A 39 29.15 1.16 -6.71
C ARG A 39 29.91 2.31 -6.07
N LEU A 40 29.93 3.44 -6.77
CA LEU A 40 30.51 4.68 -6.26
C LEU A 40 29.77 5.27 -5.04
N VAL A 41 28.45 5.33 -5.12
CA VAL A 41 27.61 5.76 -4.00
C VAL A 41 27.88 4.93 -2.73
N GLU A 42 27.96 3.60 -2.90
CA GLU A 42 28.22 2.67 -1.80
C GLU A 42 29.63 2.80 -1.21
N ALA A 43 30.60 3.16 -2.05
CA ALA A 43 31.96 3.45 -1.59
C ALA A 43 32.04 4.80 -0.85
N GLY A 44 31.07 5.67 -1.10
CA GLY A 44 30.89 6.90 -0.31
C GLY A 44 31.70 8.11 -0.73
N ASP A 45 32.48 8.00 -1.80
CA ASP A 45 33.26 9.14 -2.28
C ASP A 45 32.36 9.97 -3.19
N LEU A 46 31.63 10.90 -2.57
CA LEU A 46 30.68 11.76 -3.29
C LEU A 46 31.40 12.76 -4.17
N ALA A 47 32.53 13.28 -3.69
CA ALA A 47 33.32 14.27 -4.43
C ALA A 47 33.91 13.75 -5.74
N SER A 48 34.25 12.46 -5.79
CA SER A 48 34.80 11.87 -7.01
C SER A 48 33.72 11.57 -8.03
N ILE A 49 32.52 11.27 -7.55
CA ILE A 49 31.35 11.11 -8.43
C ILE A 49 31.04 12.45 -9.11
N CYS A 50 31.03 13.51 -8.31
CA CYS A 50 30.72 14.86 -8.75
C CYS A 50 31.73 15.38 -9.77
N ARG A 51 33.02 15.24 -9.47
CA ARG A 51 34.06 15.62 -10.41
CA ARG A 51 34.10 15.58 -10.39
C ARG A 51 33.93 14.89 -11.74
N ARG A 52 33.84 13.56 -11.69
CA ARG A 52 33.75 12.77 -12.92
C ARG A 52 32.48 13.06 -13.72
N LEU A 53 31.35 13.24 -13.03
CA LEU A 53 30.08 13.53 -13.71
C LEU A 53 30.10 14.85 -14.47
N MET A 54 30.75 15.86 -13.89
CA MET A 54 30.95 17.14 -14.58
C MET A 54 31.91 16.97 -15.77
N VAL A 55 32.98 16.18 -15.61
CA VAL A 55 33.85 15.82 -16.75
C VAL A 55 33.06 15.13 -17.86
N ILE A 56 32.28 14.10 -17.53
CA ILE A 56 31.48 13.38 -18.54
C ILE A 56 30.52 14.31 -19.29
N GLY A 57 29.75 15.09 -18.53
CA GLY A 57 28.76 16.02 -19.09
C GLY A 57 29.36 16.93 -20.14
N TYR A 58 30.51 17.51 -19.81
CA TYR A 58 31.18 18.43 -20.73
C TYR A 58 32.02 17.75 -21.82
N GLU A 59 32.69 16.64 -21.49
CA GLU A 59 33.53 15.93 -22.46
C GLU A 59 32.74 15.16 -23.50
N ASP A 60 31.79 14.35 -23.04
CA ASP A 60 31.13 13.37 -23.91
C ASP A 60 29.79 13.85 -24.44
N ILE A 61 29.10 14.66 -23.65
CA ILE A 61 27.81 15.20 -24.10
C ILE A 61 28.03 16.56 -24.74
N GLY A 62 28.66 17.47 -24.01
CA GLY A 62 29.15 18.74 -24.55
C GLY A 62 28.13 19.50 -25.38
N LEU A 63 28.45 19.70 -26.65
CA LEU A 63 27.57 20.42 -27.56
C LEU A 63 26.35 19.62 -28.02
N GLY A 64 26.34 18.32 -27.72
CA GLY A 64 25.18 17.44 -27.95
C GLY A 64 23.95 17.90 -27.19
N ASN A 65 24.17 18.35 -25.96
CA ASN A 65 23.11 18.92 -25.12
C ASN A 65 23.74 19.86 -24.07
N PRO A 66 24.02 21.13 -24.45
CA PRO A 66 24.64 22.11 -23.56
C PRO A 66 23.87 22.38 -22.28
N ALA A 67 22.53 22.34 -22.34
CA ALA A 67 21.71 22.53 -21.16
C ALA A 67 21.87 21.37 -20.18
N ALA A 68 22.03 20.15 -20.70
CA ALA A 68 22.26 18.96 -19.87
C ALA A 68 23.62 18.97 -19.18
N ALA A 69 24.65 19.44 -19.88
CA ALA A 69 25.99 19.58 -19.30
C ALA A 69 26.01 20.64 -18.19
N ALA A 70 25.34 21.76 -18.44
CA ALA A 70 25.18 22.81 -17.43
C ALA A 70 24.34 22.34 -16.24
N ARG A 71 23.30 21.55 -16.50
CA ARG A 71 22.43 20.99 -15.45
C ARG A 71 23.16 20.04 -14.50
N THR A 72 24.25 19.44 -14.98
CA THR A 72 25.13 18.59 -14.18
C THR A 72 25.77 19.39 -13.03
N VAL A 73 26.08 20.65 -13.29
CA VAL A 73 26.61 21.54 -12.25
C VAL A 73 25.56 21.85 -11.17
N ASN A 74 24.32 22.10 -11.60
CA ASN A 74 23.21 22.28 -10.67
C ASN A 74 23.01 21.06 -9.79
N ALA A 75 23.12 19.87 -10.38
CA ALA A 75 22.97 18.60 -9.65
C ALA A 75 24.08 18.40 -8.63
N VAL A 76 25.31 18.75 -9.01
CA VAL A 76 26.49 18.60 -8.16
C VAL A 76 26.38 19.54 -6.96
N LEU A 77 25.96 20.78 -7.22
CA LEU A 77 25.66 21.72 -6.13
C LEU A 77 24.58 21.20 -5.17
N ALA A 78 23.53 20.58 -5.71
CA ALA A 78 22.51 19.94 -4.87
C ALA A 78 23.11 18.76 -4.10
N ALA A 79 23.85 17.90 -4.80
CA ALA A 79 24.51 16.76 -4.18
C ALA A 79 25.42 17.16 -3.02
N GLU A 80 26.19 18.23 -3.21
CA GLU A 80 27.11 18.75 -2.18
C GLU A 80 26.35 19.30 -0.98
N LYS A 81 25.25 20.01 -1.24
CA LYS A 81 24.42 20.58 -0.19
C LYS A 81 23.64 19.52 0.57
N LEU A 82 23.27 18.45 -0.10
CA LEU A 82 22.48 17.39 0.52
C LEU A 82 23.37 16.41 1.25
N GLY A 83 24.42 15.95 0.57
CA GLY A 83 25.25 14.86 1.07
C GLY A 83 24.56 13.52 0.85
N LEU A 84 25.31 12.43 1.00
CA LEU A 84 24.74 11.09 0.92
C LEU A 84 23.91 10.83 2.19
N PRO A 85 22.82 10.03 2.08
CA PRO A 85 22.30 9.27 0.93
C PRO A 85 21.51 10.08 -0.09
N GLU A 86 20.98 11.24 0.29
CA GLU A 86 20.09 12.04 -0.59
C GLU A 86 20.76 12.61 -1.84
N ALA A 87 22.07 12.77 -1.80
CA ALA A 87 22.85 13.26 -2.94
C ALA A 87 22.72 12.37 -4.17
N ARG A 88 22.39 11.10 -3.94
CA ARG A 88 22.28 10.10 -5.01
C ARG A 88 21.17 10.39 -6.01
N ILE A 89 20.13 11.11 -5.57
CA ILE A 89 18.97 11.42 -6.41
C ILE A 89 19.26 12.43 -7.53
N PRO A 90 19.79 13.64 -7.20
CA PRO A 90 20.17 14.47 -8.34
C PRO A 90 21.17 13.78 -9.28
N LEU A 91 22.12 13.02 -8.73
CA LEU A 91 23.11 12.30 -9.56
C LEU A 91 22.47 11.28 -10.50
N ALA A 92 21.55 10.47 -9.99
CA ALA A 92 20.81 9.50 -10.80
C ALA A 92 20.10 10.17 -11.97
N ASP A 93 19.38 11.25 -11.66
CA ASP A 93 18.64 12.02 -12.67
C ASP A 93 19.50 12.43 -13.86
N VAL A 94 20.66 13.02 -13.56
CA VAL A 94 21.53 13.53 -14.60
C VAL A 94 22.31 12.44 -15.33
N VAL A 95 22.61 11.34 -14.63
CA VAL A 95 23.20 10.15 -15.25
C VAL A 95 22.28 9.62 -16.37
N VAL A 96 20.99 9.47 -16.08
CA VAL A 96 20.04 9.01 -17.08
C VAL A 96 19.97 10.02 -18.24
N ASP A 97 19.81 11.29 -17.91
CA ASP A 97 19.80 12.40 -18.88
C ASP A 97 21.06 12.40 -19.78
N LEU A 98 22.25 12.30 -19.18
CA LEU A 98 23.49 12.27 -19.94
C LEU A 98 23.63 11.03 -20.85
N CYS A 99 23.27 9.85 -20.32
CA CYS A 99 23.27 8.60 -21.11
C CYS A 99 22.37 8.67 -22.35
N LEU A 100 21.23 9.32 -22.24
CA LEU A 100 20.26 9.29 -23.34
C LEU A 100 20.26 10.55 -24.20
N SER A 101 21.15 11.47 -23.88
CA SER A 101 21.32 12.73 -24.63
C SER A 101 22.21 12.51 -25.84
N PRO A 102 22.08 13.37 -26.89
CA PRO A 102 23.04 13.34 -28.01
C PRO A 102 24.48 13.58 -27.54
N LYS A 103 25.41 12.87 -28.17
CA LYS A 103 26.82 12.91 -27.75
C LYS A 103 27.66 13.69 -28.73
N SER A 104 28.47 14.58 -28.19
CA SER A 104 29.45 15.29 -28.98
C SER A 104 30.73 15.47 -28.19
N ASN A 105 31.85 15.16 -28.83
CA ASN A 105 33.15 15.41 -28.23
C ASN A 105 33.95 16.44 -29.02
N SER A 106 33.25 17.14 -29.92
CA SER A 106 33.87 18.03 -30.92
C SER A 106 34.66 19.18 -30.34
N ALA A 107 34.07 19.89 -29.36
CA ALA A 107 34.73 21.00 -28.67
C ALA A 107 35.96 20.56 -27.91
N TYR A 108 35.82 19.45 -27.19
CA TYR A 108 36.91 18.79 -26.48
C TYR A 108 38.07 18.46 -27.44
N MET A 109 37.74 17.87 -28.58
CA MET A 109 38.76 17.50 -29.54
CA MET A 109 38.69 17.49 -29.64
C MET A 109 39.39 18.69 -30.26
N ALA A 110 38.59 19.72 -30.50
CA ALA A 110 39.04 20.94 -31.17
C ALA A 110 40.07 21.71 -30.36
N LEU A 111 39.87 21.81 -29.04
CA LEU A 111 40.81 22.50 -28.17
C LEU A 111 42.12 21.73 -28.05
N ASP A 112 42.03 20.42 -27.95
CA ASP A 112 43.21 19.55 -27.89
C ASP A 112 44.03 19.61 -29.19
N ALA A 113 43.35 19.76 -30.33
CA ALA A 113 44.00 20.08 -31.60
C ALA A 113 44.71 21.44 -31.58
N ALA A 114 44.09 22.43 -30.95
CA ALA A 114 44.69 23.77 -30.82
C ALA A 114 45.90 23.74 -29.89
N LEU A 115 45.78 23.01 -28.78
CA LEU A 115 46.89 22.82 -27.84
C LEU A 115 48.10 22.13 -28.49
N ALA A 116 47.83 21.15 -29.35
CA ALA A 116 48.86 20.39 -30.04
C ALA A 116 49.72 21.28 -30.93
N ASP A 117 49.08 22.21 -31.64
CA ASP A 117 49.77 23.18 -32.50
C ASP A 117 50.71 24.12 -31.73
N ILE A 118 50.34 24.44 -30.50
CA ILE A 118 51.15 25.30 -29.64
C ILE A 118 52.32 24.53 -29.07
N ARG A 119 52.06 23.32 -28.59
CA ARG A 119 53.09 22.48 -27.98
C ARG A 119 54.16 22.02 -28.99
N GLU A 120 53.78 22.03 -30.27
CA GLU A 120 54.70 21.67 -31.36
C GLU A 120 55.34 22.89 -32.01
N GLY A 121 55.11 24.06 -31.43
CA GLY A 121 55.71 25.32 -31.90
C GLY A 121 55.25 25.77 -33.28
N LYS A 122 54.02 25.45 -33.63
CA LYS A 122 53.44 25.87 -34.92
C LYS A 122 52.66 27.17 -34.81
N ALA A 123 52.48 27.67 -33.57
CA ALA A 123 51.76 28.91 -33.34
C ALA A 123 52.61 30.14 -33.64
N GLY A 124 51.94 31.25 -33.93
CA GLY A 124 52.60 32.53 -34.13
C GLY A 124 52.16 33.53 -33.08
N ASP A 125 52.47 34.80 -33.33
CA ASP A 125 52.13 35.89 -32.42
C ASP A 125 50.73 36.46 -32.68
N VAL A 126 50.18 37.11 -31.66
CA VAL A 126 48.89 37.81 -31.78
C VAL A 126 49.01 38.88 -32.89
N PRO A 127 48.13 38.81 -33.92
CA PRO A 127 48.09 39.85 -34.95
C PRO A 127 47.87 41.23 -34.35
N ASP A 128 48.56 42.23 -34.88
CA ASP A 128 48.62 43.58 -34.29
C ASP A 128 47.25 44.22 -34.04
N HIS A 129 46.29 43.95 -34.92
CA HIS A 129 44.95 44.52 -34.80
C HIS A 129 44.11 43.91 -33.67
N LEU A 130 44.59 42.82 -33.07
CA LEU A 130 43.89 42.14 -31.97
C LEU A 130 44.51 42.44 -30.61
N ARG A 131 45.59 43.22 -30.61
CA ARG A 131 46.30 43.58 -29.39
C ARG A 131 45.51 44.60 -28.58
N ASP A 132 45.72 44.61 -27.27
CA ASP A 132 45.03 45.52 -26.36
C ASP A 132 45.51 46.95 -26.60
N SER A 133 44.59 47.79 -27.06
CA SER A 133 44.87 49.18 -27.41
C SER A 133 45.16 50.06 -26.18
N HIS A 134 44.68 49.63 -25.01
CA HIS A 134 44.89 50.34 -23.75
C HIS A 134 46.33 50.25 -23.24
N TYR A 135 47.17 49.49 -23.95
CA TYR A 135 48.59 49.38 -23.66
C TYR A 135 49.39 49.67 -24.93
N ASN A 142 51.63 50.16 -39.86
CA ASN A 142 50.85 49.53 -40.92
C ASN A 142 49.51 50.23 -41.20
N ARG A 143 49.31 50.63 -42.45
CA ARG A 143 48.11 51.37 -42.86
C ARG A 143 46.88 50.47 -43.02
N GLY A 144 45.71 51.03 -42.72
CA GLY A 144 44.47 50.28 -42.89
C GLY A 144 43.40 50.49 -41.82
N VAL A 145 42.42 49.60 -41.83
CA VAL A 145 41.17 49.71 -41.07
C VAL A 145 41.34 49.52 -39.56
N GLY A 146 42.42 48.86 -39.16
CA GLY A 146 42.66 48.47 -37.76
C GLY A 146 41.62 47.46 -37.33
N TYR A 147 41.43 47.31 -36.02
CA TYR A 147 40.41 46.43 -35.49
C TYR A 147 39.00 46.89 -35.86
N GLN A 148 38.21 45.97 -36.40
CA GLN A 148 36.81 46.21 -36.71
C GLN A 148 35.92 45.48 -35.71
N TYR A 149 34.88 46.18 -35.25
CA TYR A 149 34.03 45.76 -34.15
C TYR A 149 32.74 45.16 -34.71
N PRO A 150 32.59 43.83 -34.63
CA PRO A 150 31.51 43.10 -35.30
C PRO A 150 30.10 43.57 -35.00
N HIS A 151 29.86 44.12 -33.81
CA HIS A 151 28.53 44.63 -33.45
C HIS A 151 28.02 45.78 -34.33
N HIS A 152 28.94 46.55 -34.92
CA HIS A 152 28.60 47.62 -35.88
C HIS A 152 28.07 47.10 -37.21
N PHE A 153 28.27 45.80 -37.47
CA PHE A 153 28.02 45.22 -38.79
C PHE A 153 26.72 44.41 -38.86
N ASP A 154 26.34 44.04 -40.08
CA ASP A 154 25.18 43.19 -40.35
C ASP A 154 25.42 41.77 -39.85
N GLN A 155 24.41 41.18 -39.22
CA GLN A 155 24.49 39.85 -38.57
C GLN A 155 25.51 39.84 -37.43
N ALA A 156 25.89 41.02 -36.96
CA ALA A 156 26.97 41.23 -36.00
C ALA A 156 28.24 40.45 -36.33
N TRP A 157 28.65 40.51 -37.60
CA TRP A 157 29.80 39.77 -38.10
C TRP A 157 30.61 40.61 -39.09
N VAL A 158 31.93 40.52 -38.98
CA VAL A 158 32.84 41.13 -39.95
C VAL A 158 33.87 40.10 -40.44
N ASN A 159 34.21 40.16 -41.73
CA ASN A 159 35.36 39.44 -42.26
C ASN A 159 36.61 40.13 -41.76
N GLN A 160 37.38 39.39 -40.97
CA GLN A 160 38.54 39.91 -40.27
C GLN A 160 39.33 38.68 -39.85
N GLN A 161 40.66 38.73 -39.95
CA GLN A 161 41.44 37.60 -39.48
C GLN A 161 41.62 37.66 -37.96
N TYR A 162 41.55 36.50 -37.33
CA TYR A 162 41.70 36.37 -35.89
C TYR A 162 42.81 35.37 -35.55
N LEU A 163 42.97 34.38 -36.41
CA LEU A 163 44.08 33.43 -36.28
C LEU A 163 45.39 34.14 -36.61
N PRO A 164 46.48 33.76 -35.92
CA PRO A 164 47.80 34.26 -36.31
C PRO A 164 48.15 33.84 -37.74
N ASP A 165 49.05 34.61 -38.37
CA ASP A 165 49.48 34.35 -39.76
C ASP A 165 49.96 32.91 -39.98
N LYS A 166 50.77 32.39 -39.05
CA LYS A 166 51.27 31.02 -39.13
C LYS A 166 50.18 29.94 -39.07
N LEU A 167 49.10 30.24 -38.35
CA LEU A 167 47.99 29.29 -38.22
C LEU A 167 46.77 29.67 -39.04
N LYS A 168 46.97 30.48 -40.09
CA LYS A 168 45.87 31.03 -40.89
C LYS A 168 44.98 30.00 -41.60
N ASN A 169 45.52 28.81 -41.82
CA ASN A 169 44.78 27.73 -42.49
C ASN A 169 44.30 26.65 -41.54
N ALA A 170 44.47 26.86 -40.23
CA ALA A 170 44.11 25.85 -39.23
C ALA A 170 42.60 25.63 -39.10
N GLN A 171 42.21 24.36 -39.04
CA GLN A 171 40.87 23.99 -38.69
C GLN A 171 40.97 23.05 -37.50
N TYR A 172 40.35 23.45 -36.39
CA TYR A 172 40.35 22.63 -35.19
C TYR A 172 38.98 22.02 -34.98
N TYR A 173 37.94 22.82 -35.22
CA TYR A 173 36.57 22.44 -34.95
C TYR A 173 35.89 21.84 -36.15
N GLN A 174 35.53 20.58 -36.01
CA GLN A 174 34.70 19.88 -36.99
C GLN A 174 33.37 19.55 -36.32
N PRO A 175 32.33 20.35 -36.62
CA PRO A 175 31.01 20.20 -36.03
C PRO A 175 30.35 18.86 -36.31
N LYS A 176 29.61 18.39 -35.31
CA LYS A 176 28.86 17.15 -35.41
C LYS A 176 27.37 17.48 -35.51
N ASP A 177 26.56 16.47 -35.78
CA ASP A 177 25.13 16.72 -35.99
C ASP A 177 24.24 15.71 -35.24
N THR A 178 24.78 15.17 -34.16
CA THR A 178 24.10 14.16 -33.35
C THR A 178 22.90 14.72 -32.58
N GLY A 179 22.88 16.03 -32.37
CA GLY A 179 21.74 16.69 -31.77
C GLY A 179 21.45 17.98 -32.49
N LYS A 180 20.22 18.48 -32.34
CA LYS A 180 19.74 19.66 -33.06
C LYS A 180 20.48 20.95 -32.74
N TYR A 181 21.05 21.04 -31.53
CA TYR A 181 21.74 22.25 -31.11
C TYR A 181 23.06 22.43 -31.85
N GLU A 182 23.90 21.39 -31.90
CA GLU A 182 25.15 21.45 -32.62
C GLU A 182 24.94 21.47 -34.14
N GLN A 183 23.85 20.84 -34.60
CA GLN A 183 23.37 20.95 -36.00
C GLN A 183 23.26 22.41 -36.43
N ALA A 184 22.62 23.22 -35.60
CA ALA A 184 22.46 24.65 -35.88
C ALA A 184 23.76 25.43 -35.70
N LEU A 185 24.58 25.05 -34.71
CA LEU A 185 25.92 25.63 -34.54
C LEU A 185 26.78 25.35 -35.76
N GLY A 186 26.74 24.09 -36.21
CA GLY A 186 27.44 23.62 -37.40
C GLY A 186 27.03 24.34 -38.67
N GLN A 187 25.73 24.57 -38.83
CA GLN A 187 25.18 25.34 -39.95
C GLN A 187 25.69 26.78 -39.98
N GLN A 188 25.87 27.37 -38.80
CA GLN A 188 26.40 28.73 -38.69
C GLN A 188 27.90 28.77 -38.99
N TYR A 189 28.61 27.73 -38.54
CA TYR A 189 30.04 27.57 -38.80
C TYR A 189 30.38 27.55 -40.29
N TYR A 190 29.59 26.82 -41.07
CA TYR A 190 29.82 26.70 -42.50
C TYR A 190 29.33 27.93 -43.28
N ARG A 191 28.32 28.60 -42.74
CA ARG A 191 27.82 29.87 -43.27
C ARG A 191 28.89 30.95 -43.22
N ILE A 192 29.56 31.07 -42.08
CA ILE A 192 30.70 31.96 -41.90
C ILE A 192 31.82 31.62 -42.89
N LYS A 193 32.07 30.32 -43.12
CA LYS A 193 33.06 29.89 -44.10
C LYS A 193 32.69 30.28 -45.53
N GLU A 194 31.39 30.19 -45.85
CA GLU A 194 30.86 30.64 -47.13
C GLU A 194 30.93 32.17 -47.28
N TRP A 195 30.69 32.87 -46.17
CA TRP A 195 30.81 34.33 -46.13
C TRP A 195 32.24 34.80 -46.37
N LYS A 196 33.21 34.04 -45.86
CA LYS A 196 34.63 34.39 -45.96
C LYS A 196 35.24 34.16 -47.34
N GLU A 197 34.54 33.41 -48.21
CA GLU A 197 34.99 33.15 -49.57
C GLU A 197 34.39 34.14 -50.56
N ASP B 12 54.56 37.38 -26.50
CA ASP B 12 53.26 38.12 -26.33
C ASP B 12 52.88 38.26 -24.87
N ALA B 13 52.45 39.47 -24.51
CA ALA B 13 51.95 39.75 -23.19
C ALA B 13 50.61 39.05 -22.96
N HIS B 14 50.35 38.69 -21.71
CA HIS B 14 49.11 38.04 -21.32
C HIS B 14 47.89 38.86 -21.76
N TYR B 15 47.95 40.18 -21.60
CA TYR B 15 46.82 41.04 -21.95
C TYR B 15 46.50 41.09 -23.44
N ASP B 16 47.48 40.80 -24.29
CA ASP B 16 47.24 40.72 -25.74
C ASP B 16 46.53 39.42 -26.14
N VAL B 17 46.90 38.31 -25.51
CA VAL B 17 46.24 37.02 -25.73
C VAL B 17 44.80 37.07 -25.24
N ILE B 18 44.63 37.72 -24.09
CA ILE B 18 43.32 38.01 -23.48
C ILE B 18 42.44 38.79 -24.45
N SER B 19 43.00 39.86 -25.01
CA SER B 19 42.30 40.73 -25.95
C SER B 19 41.88 39.96 -27.20
N ALA B 20 42.83 39.18 -27.74
CA ALA B 20 42.62 38.38 -28.95
C ALA B 20 41.59 37.27 -28.75
N PHE B 21 41.60 36.65 -27.57
CA PHE B 21 40.57 35.70 -27.14
C PHE B 21 39.17 36.31 -27.18
N GLN B 22 38.99 37.47 -26.54
CA GLN B 22 37.69 38.15 -26.52
C GLN B 22 37.24 38.53 -27.93
N LYS B 23 38.17 39.09 -28.70
CA LYS B 23 37.91 39.55 -30.08
C LYS B 23 37.55 38.43 -31.06
N SER B 24 38.19 37.27 -30.90
CA SER B 24 37.88 36.07 -31.68
C SER B 24 36.51 35.48 -31.40
N ILE B 25 36.10 35.44 -30.13
CA ILE B 25 34.78 34.94 -29.77
C ILE B 25 33.70 35.89 -30.27
N ARG B 26 33.85 37.18 -29.96
CA ARG B 26 33.00 38.25 -30.47
C ARG B 26 32.91 38.23 -32.01
N GLY B 27 34.01 37.86 -32.65
CA GLY B 27 34.06 37.78 -34.10
C GLY B 27 33.57 36.49 -34.74
N SER B 28 33.12 35.55 -33.90
CA SER B 28 32.57 34.24 -34.32
C SER B 28 33.61 33.30 -34.92
N ASP B 29 34.87 33.42 -34.50
CA ASP B 29 35.93 32.54 -35.01
C ASP B 29 36.30 31.47 -33.99
N VAL B 30 35.66 30.31 -34.10
CA VAL B 30 35.85 29.17 -33.17
C VAL B 30 37.32 28.79 -33.09
N ASP B 31 37.94 28.60 -34.26
CA ASP B 31 39.31 28.10 -34.35
C ASP B 31 40.32 29.08 -33.77
N ALA B 32 40.13 30.37 -34.03
CA ALA B 32 40.97 31.40 -33.43
C ALA B 32 40.78 31.52 -31.92
N ALA B 33 39.53 31.44 -31.47
CA ALA B 33 39.19 31.52 -30.05
C ALA B 33 39.75 30.35 -29.25
N LEU B 34 39.70 29.18 -29.87
CA LEU B 34 40.28 27.97 -29.29
C LEU B 34 41.80 28.03 -29.26
N HIS B 35 42.42 28.66 -30.25
CA HIS B 35 43.87 28.85 -30.24
C HIS B 35 44.30 29.71 -29.06
N TYR B 36 43.56 30.80 -28.82
CA TYR B 36 43.88 31.70 -27.71
C TYR B 36 43.52 31.10 -26.36
N LEU B 37 42.44 30.32 -26.32
CA LEU B 37 42.07 29.59 -25.11
C LEU B 37 43.21 28.66 -24.73
N ALA B 38 43.72 27.93 -25.72
CA ALA B 38 44.85 27.02 -25.55
C ALA B 38 46.08 27.73 -25.01
N ARG B 39 46.39 28.91 -25.54
CA ARG B 39 47.49 29.75 -25.04
C ARG B 39 47.29 30.14 -23.58
N LEU B 40 46.07 30.52 -23.25
CA LEU B 40 45.70 30.92 -21.88
C LEU B 40 45.73 29.75 -20.92
N VAL B 41 45.21 28.60 -21.35
CA VAL B 41 45.28 27.34 -20.59
C VAL B 41 46.72 26.94 -20.28
N GLU B 42 47.58 27.04 -21.29
CA GLU B 42 49.00 26.72 -21.15
C GLU B 42 49.74 27.67 -20.21
N ALA B 43 49.31 28.93 -20.17
CA ALA B 43 49.83 29.91 -19.19
C ALA B 43 49.36 29.62 -17.74
N GLY B 44 48.24 28.91 -17.60
CA GLY B 44 47.84 28.34 -16.30
C GLY B 44 47.00 29.14 -15.30
N ASP B 45 46.60 30.36 -15.65
CA ASP B 45 45.80 31.20 -14.75
C ASP B 45 44.32 30.98 -15.03
N LEU B 46 43.75 29.98 -14.39
CA LEU B 46 42.38 29.54 -14.67
C LEU B 46 41.30 30.57 -14.28
N ALA B 47 41.49 31.23 -13.13
CA ALA B 47 40.48 32.18 -12.64
C ALA B 47 40.39 33.37 -13.56
N SER B 48 41.52 33.76 -14.15
CA SER B 48 41.57 34.84 -15.12
C SER B 48 40.83 34.47 -16.40
N ILE B 49 41.04 33.25 -16.89
CA ILE B 49 40.33 32.73 -18.07
C ILE B 49 38.81 32.77 -17.85
N CYS B 50 38.39 32.27 -16.69
CA CYS B 50 36.98 32.20 -16.27
C CYS B 50 36.30 33.56 -16.18
N ARG B 51 37.00 34.53 -15.61
CA ARG B 51 36.55 35.92 -15.55
C ARG B 51 36.32 36.53 -16.94
N ARG B 52 37.26 36.30 -17.85
CA ARG B 52 37.17 36.79 -19.22
CA ARG B 52 37.15 36.83 -19.20
C ARG B 52 36.01 36.19 -19.98
N LEU B 53 35.84 34.87 -19.84
CA LEU B 53 34.75 34.14 -20.50
C LEU B 53 33.36 34.59 -20.08
N MET B 54 33.17 34.82 -18.77
CA MET B 54 31.90 35.32 -18.25
C MET B 54 31.63 36.73 -18.80
N VAL B 55 32.67 37.57 -18.79
CA VAL B 55 32.59 38.91 -19.40
C VAL B 55 32.21 38.84 -20.87
N ILE B 56 32.92 38.03 -21.66
CA ILE B 56 32.61 37.85 -23.08
C ILE B 56 31.18 37.38 -23.29
N GLY B 57 30.82 36.30 -22.58
CA GLY B 57 29.46 35.74 -22.65
C GLY B 57 28.38 36.78 -22.45
N TYR B 58 28.57 37.62 -21.45
CA TYR B 58 27.59 38.63 -21.11
C TYR B 58 27.71 39.91 -21.96
N GLU B 59 28.93 40.30 -22.32
CA GLU B 59 29.14 41.51 -23.12
C GLU B 59 28.70 41.32 -24.56
N ASP B 60 29.22 40.28 -25.20
CA ASP B 60 29.13 40.16 -26.66
C ASP B 60 28.02 39.24 -27.13
N ILE B 61 27.67 38.26 -26.30
CA ILE B 61 26.58 37.34 -26.61
C ILE B 61 25.29 37.90 -25.99
N GLY B 62 25.27 38.07 -24.65
CA GLY B 62 24.20 38.77 -23.94
C GLY B 62 22.81 38.32 -24.33
N LEU B 63 22.02 39.26 -24.82
CA LEU B 63 20.64 38.97 -25.24
C LEU B 63 20.50 38.15 -26.53
N GLY B 64 21.61 38.00 -27.27
CA GLY B 64 21.68 37.07 -28.40
C GLY B 64 21.38 35.63 -28.03
N ASN B 65 21.86 35.22 -26.86
CA ASN B 65 21.58 33.90 -26.29
C ASN B 65 21.76 33.94 -24.76
N PRO B 66 20.71 34.40 -24.02
CA PRO B 66 20.76 34.53 -22.57
C PRO B 66 21.09 33.23 -21.86
N ALA B 67 20.51 32.12 -22.34
CA ALA B 67 20.81 30.80 -21.80
C ALA B 67 22.29 30.43 -21.95
N ALA B 68 22.89 30.72 -23.11
CA ALA B 68 24.32 30.47 -23.32
C ALA B 68 25.23 31.33 -22.45
N ALA B 69 24.83 32.57 -22.20
CA ALA B 69 25.59 33.46 -21.32
C ALA B 69 25.51 32.94 -19.89
N ALA B 70 24.32 32.54 -19.44
CA ALA B 70 24.14 31.93 -18.13
C ALA B 70 24.91 30.61 -17.99
N ARG B 71 24.97 29.82 -19.06
CA ARG B 71 25.70 28.54 -19.05
C ARG B 71 27.20 28.69 -18.86
N THR B 72 27.75 29.87 -19.18
CA THR B 72 29.17 30.15 -18.97
CA THR B 72 29.19 30.16 -18.95
C THR B 72 29.51 30.09 -17.48
N VAL B 73 28.58 30.59 -16.66
CA VAL B 73 28.71 30.59 -15.21
C VAL B 73 28.73 29.16 -14.70
N ASN B 74 27.81 28.32 -15.20
CA ASN B 74 27.84 26.88 -14.91
C ASN B 74 29.18 26.23 -15.24
N ALA B 75 29.76 26.56 -16.40
CA ALA B 75 31.05 26.01 -16.85
C ALA B 75 32.23 26.49 -15.99
N VAL B 76 32.19 27.75 -15.61
CA VAL B 76 33.17 28.35 -14.71
C VAL B 76 33.16 27.67 -13.34
N LEU B 77 31.96 27.43 -12.81
CA LEU B 77 31.79 26.69 -11.55
C LEU B 77 32.37 25.26 -11.65
N ALA B 78 32.12 24.60 -12.77
CA ALA B 78 32.70 23.29 -13.06
C ALA B 78 34.22 23.40 -13.13
N ALA B 79 34.71 24.37 -13.89
CA ALA B 79 36.15 24.64 -14.02
C ALA B 79 36.86 24.82 -12.69
N GLU B 80 36.25 25.61 -11.79
CA GLU B 80 36.79 25.86 -10.45
C GLU B 80 36.86 24.57 -9.64
N LYS B 81 35.79 23.78 -9.68
CA LYS B 81 35.73 22.52 -8.94
C LYS B 81 36.67 21.44 -9.48
N LEU B 82 36.91 21.46 -10.79
CA LEU B 82 37.80 20.50 -11.43
C LEU B 82 39.27 20.92 -11.39
N GLY B 83 39.54 22.17 -11.74
CA GLY B 83 40.89 22.64 -11.96
C GLY B 83 41.48 22.10 -13.26
N LEU B 84 42.59 22.71 -13.69
CA LEU B 84 43.30 22.26 -14.89
C LEU B 84 44.00 20.93 -14.59
N PRO B 85 44.12 20.03 -15.59
CA PRO B 85 43.74 20.14 -17.01
C PRO B 85 42.25 19.99 -17.35
N GLU B 86 41.47 19.27 -16.55
CA GLU B 86 40.07 18.96 -16.88
C GLU B 86 39.15 20.17 -17.03
N ALA B 87 39.51 21.27 -16.38
CA ALA B 87 38.77 22.54 -16.46
C ALA B 87 38.68 23.08 -17.89
N ARG B 88 39.66 22.71 -18.73
CA ARG B 88 39.73 23.18 -20.11
C ARG B 88 38.54 22.69 -20.95
N ILE B 89 37.92 21.60 -20.51
CA ILE B 89 36.82 20.95 -21.22
C ILE B 89 35.49 21.73 -21.17
N PRO B 90 34.97 22.06 -19.95
CA PRO B 90 33.82 22.96 -20.01
C PRO B 90 34.08 24.30 -20.70
N LEU B 91 35.29 24.83 -20.56
CA LEU B 91 35.65 26.11 -21.18
C LEU B 91 35.61 26.02 -22.70
N ALA B 92 36.16 24.94 -23.26
CA ALA B 92 36.10 24.69 -24.70
C ALA B 92 34.67 24.60 -25.22
N ASP B 93 33.84 23.79 -24.55
CA ASP B 93 32.41 23.66 -24.87
C ASP B 93 31.72 25.02 -24.97
N VAL B 94 32.01 25.87 -24.00
CA VAL B 94 31.42 27.19 -23.90
C VAL B 94 31.93 28.15 -24.99
N VAL B 95 33.23 28.13 -25.26
CA VAL B 95 33.82 28.97 -26.29
C VAL B 95 33.14 28.76 -27.66
N VAL B 96 32.95 27.50 -28.05
CA VAL B 96 32.33 27.15 -29.30
C VAL B 96 30.88 27.65 -29.34
N ASP B 97 30.13 27.34 -28.28
CA ASP B 97 28.75 27.81 -28.14
C ASP B 97 28.65 29.34 -28.30
N LEU B 98 29.46 30.09 -27.56
CA LEU B 98 29.46 31.55 -27.65
C LEU B 98 29.86 32.08 -29.03
N CYS B 99 30.87 31.45 -29.64
CA CYS B 99 31.33 31.78 -31.00
C CYS B 99 30.22 31.67 -32.06
N LEU B 100 29.39 30.66 -31.96
CA LEU B 100 28.40 30.40 -32.99
C LEU B 100 26.98 30.80 -32.61
N SER B 101 26.82 31.38 -31.41
CA SER B 101 25.56 31.95 -30.94
C SER B 101 25.37 33.34 -31.51
N PRO B 102 24.12 33.79 -31.70
CA PRO B 102 23.88 35.19 -32.09
C PRO B 102 24.54 36.18 -31.14
N LYS B 103 25.12 37.24 -31.70
CA LYS B 103 25.85 38.23 -30.93
C LYS B 103 24.98 39.45 -30.65
N SER B 104 25.03 39.93 -29.42
CA SER B 104 24.34 41.16 -29.06
C SER B 104 25.05 41.91 -27.95
N ASN B 105 25.29 43.19 -28.17
CA ASN B 105 25.90 44.04 -27.17
C ASN B 105 24.95 45.13 -26.67
N SER B 106 23.67 45.00 -27.02
CA SER B 106 22.68 46.04 -26.80
C SER B 106 22.51 46.48 -25.34
N ALA B 107 22.42 45.51 -24.43
CA ALA B 107 22.23 45.79 -23.00
C ALA B 107 23.45 46.43 -22.36
N TYR B 108 24.63 45.96 -22.77
CA TYR B 108 25.92 46.50 -22.36
C TYR B 108 26.02 47.98 -22.76
N MET B 109 25.71 48.25 -24.03
CA MET B 109 25.76 49.60 -24.54
CA MET B 109 25.70 49.59 -24.62
C MET B 109 24.70 50.52 -23.93
N ALA B 110 23.53 49.98 -23.64
CA ALA B 110 22.44 50.74 -23.06
C ALA B 110 22.75 51.23 -21.64
N LEU B 111 23.36 50.36 -20.83
CA LEU B 111 23.73 50.74 -19.48
C LEU B 111 24.86 51.78 -19.47
N ASP B 112 25.83 51.62 -20.37
CA ASP B 112 26.91 52.59 -20.46
C ASP B 112 26.47 53.96 -20.98
N ALA B 113 25.41 53.99 -21.79
CA ALA B 113 24.79 55.27 -22.16
C ALA B 113 24.06 55.89 -20.97
N ALA B 114 23.45 55.05 -20.13
CA ALA B 114 22.81 55.50 -18.90
C ALA B 114 23.82 56.07 -17.90
N LEU B 115 24.95 55.39 -17.76
CA LEU B 115 26.05 55.80 -16.89
C LEU B 115 26.67 57.12 -17.34
N ALA B 116 26.83 57.28 -18.65
CA ALA B 116 27.33 58.53 -19.24
C ALA B 116 26.43 59.72 -18.89
N ASP B 117 25.11 59.54 -18.93
CA ASP B 117 24.15 60.56 -18.51
C ASP B 117 24.24 60.95 -17.04
N ILE B 118 24.57 59.98 -16.17
CA ILE B 118 24.73 60.23 -14.74
C ILE B 118 26.04 60.95 -14.41
N ARG B 119 27.12 60.55 -15.07
CA ARG B 119 28.44 61.14 -14.86
C ARG B 119 28.52 62.58 -15.38
N GLU B 120 27.71 62.88 -16.40
CA GLU B 120 27.62 64.22 -16.98
C GLU B 120 26.56 65.09 -16.29
N GLY B 121 26.06 64.62 -15.14
CA GLY B 121 25.13 65.40 -14.33
C GLY B 121 23.71 65.56 -14.86
N LYS B 122 23.42 64.92 -16.00
CA LYS B 122 22.15 65.09 -16.72
C LYS B 122 20.94 64.44 -16.04
N ALA B 123 21.19 63.60 -15.04
CA ALA B 123 20.12 62.88 -14.37
C ALA B 123 19.43 63.73 -13.32
N GLY B 124 18.22 63.35 -12.96
CA GLY B 124 17.43 64.08 -11.98
C GLY B 124 17.17 63.30 -10.71
N ASP B 125 16.06 63.62 -10.06
CA ASP B 125 15.67 62.96 -8.82
C ASP B 125 14.60 61.90 -9.07
N VAL B 126 14.52 60.95 -8.14
CA VAL B 126 13.48 59.92 -8.14
C VAL B 126 12.11 60.60 -8.05
N PRO B 127 11.24 60.37 -9.05
CA PRO B 127 9.84 60.83 -9.01
C PRO B 127 9.15 60.33 -7.75
N ASP B 128 8.37 61.22 -7.13
CA ASP B 128 7.79 61.00 -5.80
C ASP B 128 7.02 59.69 -5.66
N HIS B 129 6.30 59.30 -6.71
CA HIS B 129 5.51 58.05 -6.69
C HIS B 129 6.36 56.77 -6.69
N LEU B 130 7.64 56.90 -7.02
CA LEU B 130 8.55 55.78 -7.08
C LEU B 130 9.35 55.59 -5.80
N ARG B 131 9.28 56.58 -4.91
CA ARG B 131 10.00 56.56 -3.64
C ARG B 131 9.42 55.52 -2.71
N ASP B 132 10.24 55.04 -1.79
CA ASP B 132 9.84 54.00 -0.84
C ASP B 132 8.84 54.56 0.17
N SER B 133 7.64 53.99 0.18
CA SER B 133 6.54 54.46 1.02
C SER B 133 6.69 54.09 2.50
N HIS B 134 7.53 53.09 2.78
CA HIS B 134 7.75 52.62 4.15
C HIS B 134 8.54 53.61 5.02
N TYR B 135 9.28 54.52 4.37
CA TYR B 135 10.09 55.51 5.07
C TYR B 135 9.42 56.88 5.13
N ASN B 142 5.29 63.82 -0.87
N ASN B 142 0.65 66.97 -4.00
CA ASN B 142 4.25 62.81 -1.05
CA ASN B 142 0.48 66.04 -5.12
C ASN B 142 4.83 61.50 -1.59
C ASN B 142 -0.79 65.21 -5.00
N ARG B 143 5.56 60.80 -0.73
N ARG B 143 -1.75 65.47 -5.89
CA ARG B 143 6.30 59.61 -1.13
CA ARG B 143 -3.00 64.74 -5.91
C ARG B 143 5.39 58.45 -1.52
C ARG B 143 -3.02 63.70 -7.03
N GLY B 144 5.66 57.86 -2.67
N GLY B 144 -3.67 62.57 -6.79
CA GLY B 144 4.93 56.68 -3.15
CA GLY B 144 -3.81 61.55 -7.82
C GLY B 144 3.49 56.97 -3.50
C GLY B 144 -3.41 60.14 -7.43
N VAL B 145 3.06 58.22 -3.32
N VAL B 145 -3.46 59.24 -8.42
CA VAL B 145 1.66 58.58 -3.52
CA VAL B 145 -3.12 57.82 -8.29
C VAL B 145 1.27 58.49 -4.99
C VAL B 145 -1.98 57.48 -7.36
N GLY B 146 0.24 57.71 -5.27
N GLY B 146 -0.95 58.32 -7.35
CA GLY B 146 -0.27 57.56 -6.64
CA GLY B 146 0.32 57.93 -6.77
C GLY B 146 0.35 56.44 -7.46
C GLY B 146 0.91 56.78 -7.59
N TYR B 147 1.33 55.73 -6.88
CA TYR B 147 1.99 54.59 -7.53
C TYR B 147 0.97 53.53 -7.98
N GLN B 148 1.08 53.12 -9.24
CA GLN B 148 0.21 52.07 -9.79
C GLN B 148 1.01 50.79 -10.01
N TYR B 149 0.51 49.71 -9.41
CA TYR B 149 1.15 48.41 -9.36
C TYR B 149 0.73 47.63 -10.60
N PRO B 150 1.67 47.41 -11.55
CA PRO B 150 1.38 46.87 -12.89
C PRO B 150 0.64 45.54 -12.91
N HIS B 151 0.80 44.73 -11.86
CA HIS B 151 0.17 43.40 -11.77
C HIS B 151 -1.36 43.42 -11.62
N HIS B 152 -1.94 44.59 -11.32
CA HIS B 152 -3.40 44.73 -11.25
C HIS B 152 -4.00 44.97 -12.62
N PHE B 153 -3.14 45.32 -13.58
CA PHE B 153 -3.57 45.73 -14.91
C PHE B 153 -3.53 44.61 -15.93
N ASP B 154 -4.21 44.83 -17.05
CA ASP B 154 -4.19 43.93 -18.20
C ASP B 154 -2.77 43.90 -18.78
N GLN B 155 -2.35 42.72 -19.22
CA GLN B 155 -0.98 42.44 -19.73
C GLN B 155 0.11 42.66 -18.68
N ALA B 156 -0.29 42.78 -17.40
CA ALA B 156 0.56 43.20 -16.28
C ALA B 156 1.42 44.44 -16.59
N TRP B 157 0.77 45.46 -17.14
CA TRP B 157 1.43 46.69 -17.55
C TRP B 157 0.53 47.91 -17.33
N VAL B 158 1.11 48.96 -16.77
CA VAL B 158 0.44 50.24 -16.63
C VAL B 158 1.28 51.34 -17.31
N ASN B 159 0.60 52.27 -17.99
CA ASN B 159 1.24 53.49 -18.44
C ASN B 159 1.55 54.36 -17.22
N GLN B 160 2.84 54.48 -16.91
CA GLN B 160 3.31 55.20 -15.75
C GLN B 160 4.72 55.71 -16.01
N GLN B 161 5.00 56.94 -15.56
CA GLN B 161 6.34 57.51 -15.67
C GLN B 161 7.29 56.84 -14.67
N TYR B 162 8.45 56.39 -15.17
CA TYR B 162 9.50 55.84 -14.32
C TYR B 162 10.80 56.63 -14.37
N LEU B 163 11.16 57.14 -15.55
CA LEU B 163 12.33 58.01 -15.70
C LEU B 163 12.14 59.32 -14.93
N PRO B 164 13.24 59.90 -14.39
CA PRO B 164 13.13 61.25 -13.79
C PRO B 164 12.77 62.29 -14.85
N ASP B 165 12.15 63.39 -14.42
CA ASP B 165 11.69 64.46 -15.32
C ASP B 165 12.79 64.95 -16.26
N LYS B 166 14.00 65.13 -15.72
CA LYS B 166 15.17 65.53 -16.50
C LYS B 166 15.54 64.56 -17.64
N LEU B 167 15.22 63.29 -17.45
CA LEU B 167 15.54 62.27 -18.45
C LEU B 167 14.31 61.64 -19.08
N LYS B 168 13.22 62.39 -19.23
CA LYS B 168 11.96 61.84 -19.71
C LYS B 168 11.95 61.45 -21.20
N ASN B 169 12.91 61.98 -21.95
CA ASN B 169 13.06 61.65 -23.37
C ASN B 169 14.27 60.76 -23.65
N ALA B 170 14.92 60.29 -22.58
CA ALA B 170 16.12 59.45 -22.70
C ALA B 170 15.79 58.08 -23.29
N GLN B 171 16.63 57.63 -24.19
CA GLN B 171 16.46 56.31 -24.78
C GLN B 171 17.83 55.65 -24.87
N TYR B 172 18.05 54.66 -24.01
CA TYR B 172 19.33 53.98 -23.92
C TYR B 172 19.34 52.68 -24.70
N TYR B 173 18.25 51.93 -24.62
CA TYR B 173 18.19 50.60 -25.21
C TYR B 173 17.61 50.60 -26.61
N GLN B 174 18.42 50.12 -27.56
CA GLN B 174 17.93 49.88 -28.91
C GLN B 174 18.08 48.39 -29.21
N PRO B 175 16.94 47.68 -29.27
CA PRO B 175 16.96 46.23 -29.44
C PRO B 175 17.55 45.77 -30.75
N LYS B 176 18.31 44.69 -30.68
CA LYS B 176 18.87 44.04 -31.86
CA LYS B 176 18.86 44.04 -31.86
C LYS B 176 18.01 42.82 -32.21
N ASP B 177 18.19 42.28 -33.41
CA ASP B 177 17.38 41.14 -33.86
C ASP B 177 18.24 40.00 -34.42
N THR B 178 19.49 39.94 -33.96
CA THR B 178 20.45 38.92 -34.37
C THR B 178 20.09 37.53 -33.89
N GLY B 179 19.20 37.45 -32.89
CA GLY B 179 18.68 36.18 -32.42
C GLY B 179 17.21 36.29 -32.06
N LYS B 180 16.51 35.15 -32.10
CA LYS B 180 15.06 35.07 -31.88
C LYS B 180 14.60 35.52 -30.48
N TYR B 181 15.48 35.37 -29.49
CA TYR B 181 15.13 35.81 -28.14
C TYR B 181 15.01 37.32 -28.04
N GLU B 182 16.02 38.05 -28.56
CA GLU B 182 15.98 39.51 -28.55
C GLU B 182 15.00 40.09 -29.58
N GLN B 183 14.75 39.34 -30.66
CA GLN B 183 13.67 39.64 -31.59
C GLN B 183 12.34 39.81 -30.84
N ALA B 184 12.04 38.85 -29.95
CA ALA B 184 10.81 38.83 -29.16
C ALA B 184 10.78 39.90 -28.08
N LEU B 185 11.93 40.15 -27.45
CA LEU B 185 12.06 41.23 -26.46
C LEU B 185 11.89 42.59 -27.13
N GLY B 186 12.45 42.71 -28.34
CA GLY B 186 12.37 43.94 -29.13
C GLY B 186 10.96 44.30 -29.53
N GLN B 187 10.17 43.27 -29.88
CA GLN B 187 8.78 43.44 -30.28
C GLN B 187 7.96 43.97 -29.11
N GLN B 188 8.21 43.41 -27.92
CA GLN B 188 7.62 43.88 -26.67
C GLN B 188 8.02 45.31 -26.32
N TYR B 189 9.30 45.62 -26.49
CA TYR B 189 9.82 46.97 -26.31
C TYR B 189 9.06 48.02 -27.13
N TYR B 190 8.85 47.72 -28.42
CA TYR B 190 8.13 48.62 -29.32
C TYR B 190 6.62 48.62 -29.09
N ARG B 191 6.08 47.45 -28.71
CA ARG B 191 4.69 47.30 -28.32
C ARG B 191 4.31 48.25 -27.18
N ILE B 192 5.16 48.31 -26.16
CA ILE B 192 5.03 49.23 -25.02
C ILE B 192 5.09 50.69 -25.47
N LYS B 193 5.99 50.99 -26.42
CA LYS B 193 6.12 52.34 -26.97
C LYS B 193 4.88 52.77 -27.74
N GLU B 194 4.23 51.81 -28.40
CA GLU B 194 2.97 52.06 -29.11
C GLU B 194 1.77 52.18 -28.16
N TRP B 195 1.81 51.43 -27.07
CA TRP B 195 0.82 51.55 -26.00
C TRP B 195 0.85 52.93 -25.32
N LYS B 196 2.03 53.53 -25.25
CA LYS B 196 2.22 54.82 -24.59
C LYS B 196 1.85 56.03 -25.46
N GLU B 197 1.20 55.78 -26.60
CA GLU B 197 0.79 56.85 -27.53
C GLU B 197 -0.71 56.86 -27.80
N ASP C 8 22.60 56.56 -6.56
CA ASP C 8 23.04 57.20 -5.28
C ASP C 8 22.21 56.73 -4.09
N GLY C 11 21.46 63.22 -4.51
CA GLY C 11 20.66 63.76 -3.42
C GLY C 11 19.67 62.77 -2.82
N ASP C 12 19.27 61.78 -3.62
CA ASP C 12 18.28 60.78 -3.22
C ASP C 12 18.84 59.73 -2.27
N ALA C 13 17.97 59.20 -1.42
CA ALA C 13 18.32 58.11 -0.52
C ALA C 13 18.53 56.82 -1.32
N HIS C 14 19.38 55.94 -0.79
CA HIS C 14 19.68 54.66 -1.43
CA HIS C 14 19.68 54.66 -1.43
C HIS C 14 18.42 53.81 -1.58
N TYR C 15 17.55 53.86 -0.58
CA TYR C 15 16.32 53.06 -0.58
C TYR C 15 15.25 53.56 -1.56
N ASP C 16 15.34 54.84 -1.96
CA ASP C 16 14.46 55.40 -2.99
C ASP C 16 14.89 55.04 -4.41
N VAL C 17 16.21 54.92 -4.62
CA VAL C 17 16.77 54.49 -5.90
C VAL C 17 16.47 53.00 -6.07
N ILE C 18 16.65 52.24 -5.00
CA ILE C 18 16.35 50.81 -4.93
C ILE C 18 14.88 50.54 -5.23
N SER C 19 14.00 51.36 -4.65
CA SER C 19 12.56 51.28 -4.88
C SER C 19 12.21 51.58 -6.34
N ALA C 20 12.76 52.67 -6.88
CA ALA C 20 12.51 53.06 -8.28
C ALA C 20 13.05 52.05 -9.30
N PHE C 21 14.18 51.42 -8.97
CA PHE C 21 14.76 50.31 -9.72
C PHE C 21 13.80 49.11 -9.83
N GLN C 22 13.30 48.62 -8.70
CA GLN C 22 12.32 47.53 -8.69
C GLN C 22 11.02 47.87 -9.44
N LYS C 23 10.52 49.08 -9.22
CA LYS C 23 9.28 49.53 -9.84
CA LYS C 23 9.28 49.55 -9.84
C LYS C 23 9.41 49.72 -11.36
N SER C 24 10.58 50.19 -11.81
CA SER C 24 10.87 50.31 -13.26
C SER C 24 10.90 48.96 -13.98
N ILE C 25 11.56 47.96 -13.37
CA ILE C 25 11.64 46.63 -13.98
C ILE C 25 10.28 45.96 -13.99
N ARG C 26 9.61 45.95 -12.82
CA ARG C 26 8.21 45.51 -12.69
C ARG C 26 7.30 46.18 -13.71
N GLY C 27 7.59 47.45 -14.00
CA GLY C 27 6.79 48.26 -14.92
C GLY C 27 7.19 48.23 -16.38
N SER C 28 8.13 47.35 -16.71
CA SER C 28 8.58 47.09 -18.10
C SER C 28 9.28 48.26 -18.79
N ASP C 29 9.90 49.13 -18.00
CA ASP C 29 10.60 50.30 -18.57
C ASP C 29 12.09 50.04 -18.54
N VAL C 30 12.63 49.57 -19.67
CA VAL C 30 14.06 49.26 -19.79
C VAL C 30 14.95 50.47 -19.45
N ASP C 31 14.63 51.61 -20.06
CA ASP C 31 15.47 52.80 -19.97
C ASP C 31 15.54 53.38 -18.57
N ALA C 32 14.40 53.36 -17.88
CA ALA C 32 14.34 53.83 -16.50
C ALA C 32 15.06 52.86 -15.57
N ALA C 33 14.90 51.56 -15.82
CA ALA C 33 15.57 50.54 -15.01
C ALA C 33 17.08 50.60 -15.17
N LEU C 34 17.53 50.89 -16.38
CA LEU C 34 18.95 51.02 -16.67
C LEU C 34 19.52 52.30 -16.08
N HIS C 35 18.69 53.35 -16.04
CA HIS C 35 19.05 54.60 -15.39
C HIS C 35 19.28 54.37 -13.89
N TYR C 36 18.33 53.68 -13.24
CA TYR C 36 18.46 53.41 -11.81
C TYR C 36 19.53 52.38 -11.48
N LEU C 37 19.76 51.42 -12.37
CA LEU C 37 20.89 50.49 -12.21
C LEU C 37 22.20 51.27 -12.23
N ALA C 38 22.31 52.20 -13.19
CA ALA C 38 23.48 53.05 -13.35
C ALA C 38 23.81 53.86 -12.11
N ARG C 39 22.77 54.41 -11.48
CA ARG C 39 22.91 55.16 -10.23
C ARG C 39 23.38 54.29 -9.08
N LEU C 40 22.89 53.06 -9.06
CA LEU C 40 23.28 52.08 -8.05
C LEU C 40 24.72 51.59 -8.25
N VAL C 41 25.09 51.36 -9.51
CA VAL C 41 26.46 50.99 -9.89
C VAL C 41 27.43 52.11 -9.47
N GLU C 42 27.08 53.35 -9.77
CA GLU C 42 27.86 54.52 -9.34
C GLU C 42 28.04 54.60 -7.82
N ALA C 43 26.99 54.27 -7.06
CA ALA C 43 27.07 54.28 -5.60
C ALA C 43 27.93 53.12 -5.10
N GLY C 44 27.93 52.01 -5.82
CA GLY C 44 28.95 50.96 -5.62
C GLY C 44 28.63 49.78 -4.73
N ASP C 45 27.43 49.75 -4.17
CA ASP C 45 27.01 48.61 -3.34
C ASP C 45 26.50 47.48 -4.24
N LEU C 46 27.44 46.69 -4.75
CA LEU C 46 27.16 45.59 -5.66
C LEU C 46 26.33 44.48 -5.01
N ALA C 47 26.67 44.15 -3.75
CA ALA C 47 25.93 43.14 -3.00
C ALA C 47 24.44 43.46 -2.88
N SER C 48 24.11 44.74 -2.72
CA SER C 48 22.72 45.17 -2.64
CA SER C 48 22.72 45.19 -2.65
C SER C 48 22.00 45.11 -4.00
N ILE C 49 22.69 45.53 -5.06
CA ILE C 49 22.13 45.44 -6.42
C ILE C 49 21.76 43.98 -6.72
N CYS C 50 22.68 43.07 -6.42
CA CYS C 50 22.53 41.65 -6.69
C CYS C 50 21.34 41.07 -5.94
N ARG C 51 21.20 41.45 -4.66
CA ARG C 51 20.11 40.98 -3.82
C ARG C 51 18.77 41.46 -4.35
N ARG C 52 18.68 42.76 -4.64
CA ARG C 52 17.48 43.33 -5.20
CA ARG C 52 17.46 43.34 -5.17
C ARG C 52 17.09 42.76 -6.55
N LEU C 53 18.09 42.51 -7.41
CA LEU C 53 17.82 41.89 -8.71
C LEU C 53 17.21 40.49 -8.62
N MET C 54 17.69 39.66 -7.69
CA MET C 54 17.10 38.34 -7.46
C MET C 54 15.66 38.40 -6.92
N VAL C 55 15.40 39.36 -6.03
CA VAL C 55 14.04 39.61 -5.53
C VAL C 55 13.09 39.99 -6.67
N ILE C 56 13.51 40.92 -7.51
CA ILE C 56 12.69 41.42 -8.62
C ILE C 56 12.31 40.29 -9.59
N GLY C 57 13.31 39.53 -10.04
CA GLY C 57 13.09 38.45 -10.98
C GLY C 57 12.11 37.41 -10.48
N TYR C 58 12.22 37.08 -9.20
CA TYR C 58 11.34 36.09 -8.59
C TYR C 58 10.00 36.65 -8.11
N GLU C 59 9.96 37.93 -7.77
CA GLU C 59 8.71 38.55 -7.31
C GLU C 59 7.85 38.95 -8.49
N ASP C 60 8.44 39.67 -9.43
CA ASP C 60 7.67 40.34 -10.47
C ASP C 60 7.64 39.60 -11.79
N ILE C 61 8.65 38.81 -12.07
CA ILE C 61 8.69 38.03 -13.31
C ILE C 61 8.21 36.63 -12.99
N GLY C 62 8.90 35.93 -12.10
CA GLY C 62 8.42 34.67 -11.51
C GLY C 62 8.07 33.61 -12.52
N LEU C 63 6.80 33.19 -12.52
CA LEU C 63 6.29 32.18 -13.47
C LEU C 63 6.05 32.71 -14.87
N GLY C 64 6.12 34.04 -15.02
CA GLY C 64 6.09 34.69 -16.33
C GLY C 64 7.24 34.23 -17.20
N ASN C 65 8.39 33.99 -16.58
CA ASN C 65 9.59 33.48 -17.24
C ASN C 65 10.54 32.85 -16.19
N PRO C 66 10.25 31.61 -15.75
CA PRO C 66 11.08 30.93 -14.74
C PRO C 66 12.56 30.81 -15.11
N ALA C 67 12.88 30.58 -16.38
CA ALA C 67 14.27 30.52 -16.84
C ALA C 67 15.00 31.83 -16.63
N ALA C 68 14.35 32.94 -16.99
CA ALA C 68 14.93 34.28 -16.81
C ALA C 68 15.11 34.63 -15.34
N ALA C 69 14.17 34.19 -14.51
CA ALA C 69 14.25 34.43 -13.07
C ALA C 69 15.43 33.63 -12.52
N ALA C 70 15.58 32.39 -13.01
CA ALA C 70 16.71 31.55 -12.63
C ALA C 70 18.04 32.13 -13.11
N ARG C 71 18.04 32.76 -14.28
CA ARG C 71 19.25 33.35 -14.89
C ARG C 71 19.83 34.55 -14.14
N THR C 72 19.03 35.15 -13.25
CA THR C 72 19.47 36.26 -12.42
CA THR C 72 19.49 36.26 -12.43
C THR C 72 20.50 35.77 -11.41
N VAL C 73 20.31 34.54 -10.93
CA VAL C 73 21.23 33.92 -10.00
C VAL C 73 22.58 33.65 -10.70
N ASN C 74 22.55 33.17 -11.94
CA ASN C 74 23.78 33.02 -12.73
C ASN C 74 24.52 34.34 -12.84
N ALA C 75 23.80 35.39 -13.23
CA ALA C 75 24.35 36.75 -13.40
C ALA C 75 24.96 37.30 -12.11
N VAL C 76 24.31 37.03 -10.98
CA VAL C 76 24.78 37.45 -9.65
C VAL C 76 26.08 36.75 -9.27
N LEU C 77 26.17 35.45 -9.58
CA LEU C 77 27.38 34.69 -9.31
C LEU C 77 28.52 35.19 -10.19
N ALA C 78 28.19 35.59 -11.40
CA ALA C 78 29.14 36.24 -12.30
C ALA C 78 29.63 37.59 -11.73
N ALA C 79 28.69 38.39 -11.22
CA ALA C 79 28.98 39.69 -10.58
C ALA C 79 29.89 39.64 -9.35
N GLU C 80 29.61 38.69 -8.45
CA GLU C 80 30.48 38.43 -7.28
C GLU C 80 31.90 38.05 -7.68
N LYS C 81 32.03 37.21 -8.71
CA LYS C 81 33.34 36.78 -9.19
C LYS C 81 34.11 37.91 -9.88
N LEU C 82 33.38 38.80 -10.55
CA LEU C 82 33.98 39.87 -11.35
C LEU C 82 34.26 41.14 -10.55
N GLY C 83 33.28 41.53 -9.72
CA GLY C 83 33.26 42.83 -9.07
C GLY C 83 33.00 43.92 -10.09
N LEU C 84 32.70 45.13 -9.60
CA LEU C 84 32.62 46.30 -10.45
C LEU C 84 34.04 46.70 -10.86
N PRO C 85 34.21 47.27 -12.07
CA PRO C 85 33.21 47.72 -13.05
C PRO C 85 32.56 46.63 -13.92
N GLU C 86 33.23 45.49 -14.11
CA GLU C 86 32.76 44.48 -15.07
C GLU C 86 31.45 43.78 -14.68
N ALA C 87 31.17 43.72 -13.37
CA ALA C 87 29.91 43.15 -12.85
C ALA C 87 28.66 43.77 -13.46
N ARG C 88 28.76 45.03 -13.87
CA ARG C 88 27.64 45.78 -14.44
C ARG C 88 27.08 45.15 -15.73
N ILE C 89 27.91 44.35 -16.41
CA ILE C 89 27.57 43.79 -17.71
C ILE C 89 26.53 42.65 -17.61
N PRO C 90 26.80 41.56 -16.86
CA PRO C 90 25.69 40.62 -16.63
C PRO C 90 24.42 41.21 -16.02
N LEU C 91 24.56 42.18 -15.12
CA LEU C 91 23.39 42.83 -14.51
C LEU C 91 22.54 43.59 -15.52
N ALA C 92 23.19 44.28 -16.45
CA ALA C 92 22.49 44.97 -17.55
C ALA C 92 21.70 43.99 -18.39
N ASP C 93 22.33 42.87 -18.74
CA ASP C 93 21.72 41.82 -19.53
C ASP C 93 20.44 41.31 -18.89
N VAL C 94 20.49 41.06 -17.58
CA VAL C 94 19.33 40.49 -16.90
C VAL C 94 18.24 41.53 -16.67
N VAL C 95 18.62 42.77 -16.48
CA VAL C 95 17.66 43.86 -16.29
C VAL C 95 16.78 44.03 -17.53
N VAL C 96 17.41 44.08 -18.70
CA VAL C 96 16.68 44.20 -19.96
C VAL C 96 15.74 43.01 -20.18
N ASP C 97 16.28 41.80 -20.00
CA ASP C 97 15.54 40.56 -20.07
C ASP C 97 14.34 40.55 -19.12
N LEU C 98 14.55 40.94 -17.86
CA LEU C 98 13.49 40.97 -16.85
C LEU C 98 12.41 42.00 -17.19
N CYS C 99 12.82 43.21 -17.59
CA CYS C 99 11.91 44.28 -18.04
C CYS C 99 10.97 43.84 -19.16
N LEU C 100 11.47 43.01 -20.07
CA LEU C 100 10.71 42.72 -21.29
C LEU C 100 10.01 41.36 -21.31
N SER C 101 10.29 40.54 -20.31
CA SER C 101 9.65 39.24 -20.12
C SER C 101 8.26 39.39 -19.53
N PRO C 102 7.39 38.36 -19.70
CA PRO C 102 6.09 38.38 -19.03
C PRO C 102 6.19 38.48 -17.51
N LYS C 103 5.31 39.28 -16.93
CA LYS C 103 5.33 39.53 -15.50
C LYS C 103 4.29 38.67 -14.80
N SER C 104 4.68 38.08 -13.67
CA SER C 104 3.76 37.35 -12.83
C SER C 104 4.16 37.45 -11.36
N ASN C 105 3.21 37.86 -10.52
CA ASN C 105 3.40 37.86 -9.09
C ASN C 105 2.57 36.76 -8.41
N SER C 106 1.93 35.92 -9.22
CA SER C 106 0.94 34.94 -8.75
C SER C 106 1.44 34.01 -7.64
N ALA C 107 2.65 33.48 -7.79
CA ALA C 107 3.20 32.58 -6.76
C ALA C 107 3.56 33.30 -5.45
N TYR C 108 4.04 34.53 -5.58
CA TYR C 108 4.36 35.40 -4.46
C TYR C 108 3.09 35.75 -3.67
N MET C 109 2.02 36.09 -4.40
CA MET C 109 0.75 36.40 -3.77
CA MET C 109 0.71 36.40 -3.84
C MET C 109 0.04 35.18 -3.18
N ALA C 110 0.18 34.03 -3.83
CA ALA C 110 -0.40 32.78 -3.34
C ALA C 110 0.19 32.35 -2.01
N LEU C 111 1.51 32.43 -1.88
CA LEU C 111 2.18 32.11 -0.62
C LEU C 111 1.82 33.12 0.47
N ASP C 112 1.70 34.39 0.10
CA ASP C 112 1.31 35.41 1.06
C ASP C 112 -0.15 35.27 1.54
N ALA C 113 -1.02 34.77 0.67
CA ALA C 113 -2.38 34.38 1.07
C ALA C 113 -2.35 33.18 2.02
N ALA C 114 -1.44 32.25 1.77
CA ALA C 114 -1.28 31.07 2.61
C ALA C 114 -0.71 31.42 3.99
N LEU C 115 0.19 32.40 4.02
CA LEU C 115 0.81 32.89 5.26
C LEU C 115 -0.19 33.66 6.11
N ALA C 116 -1.13 34.34 5.44
CA ALA C 116 -2.20 35.10 6.10
C ALA C 116 -3.12 34.20 6.92
N ASP C 117 -3.47 33.05 6.36
CA ASP C 117 -4.31 32.05 7.05
C ASP C 117 -3.66 31.47 8.30
N ILE C 118 -2.34 31.30 8.28
CA ILE C 118 -1.60 30.76 9.44
C ILE C 118 -1.51 31.75 10.58
N ARG C 119 -1.17 33.00 10.26
CA ARG C 119 -0.98 34.05 11.25
C ARG C 119 -2.29 34.42 11.95
N GLU C 120 -3.40 34.25 11.22
CA GLU C 120 -4.74 34.43 11.76
C GLU C 120 -5.29 33.17 12.44
N GLY C 121 -4.46 32.13 12.53
CA GLY C 121 -4.80 30.88 13.22
C GLY C 121 -5.87 30.04 12.56
N LYS C 122 -6.01 30.16 11.24
CA LYS C 122 -6.96 29.36 10.47
C LYS C 122 -6.36 28.04 9.98
N ALA C 123 -5.12 27.78 10.39
CA ALA C 123 -4.41 26.56 10.02
C ALA C 123 -4.98 25.36 10.79
N GLY C 124 -4.92 24.19 10.16
CA GLY C 124 -5.29 22.94 10.81
C GLY C 124 -4.05 22.11 11.09
N ASP C 125 -4.26 20.85 11.43
CA ASP C 125 -3.17 19.89 11.61
C ASP C 125 -2.87 19.14 10.32
N VAL C 126 -1.66 18.60 10.22
CA VAL C 126 -1.25 17.72 9.14
C VAL C 126 -2.13 16.46 9.20
N PRO C 127 -2.91 16.18 8.13
CA PRO C 127 -3.72 14.97 8.06
C PRO C 127 -2.88 13.73 8.27
N ASP C 128 -3.41 12.76 9.01
CA ASP C 128 -2.65 11.61 9.51
C ASP C 128 -1.93 10.79 8.44
N HIS C 129 -2.52 10.73 7.24
CA HIS C 129 -1.90 10.02 6.13
C HIS C 129 -0.73 10.78 5.47
N LEU C 130 -0.54 12.04 5.85
CA LEU C 130 0.57 12.84 5.33
C LEU C 130 1.77 12.91 6.27
N ARG C 131 1.59 12.36 7.47
CA ARG C 131 2.62 12.37 8.50
C ARG C 131 3.74 11.41 8.18
N ASP C 132 4.92 11.67 8.75
CA ASP C 132 6.10 10.86 8.51
C ASP C 132 5.93 9.47 9.12
N SER C 133 5.95 8.46 8.26
CA SER C 133 5.69 7.07 8.67
C SER C 133 6.85 6.46 9.46
N HIS C 134 8.04 7.03 9.31
CA HIS C 134 9.23 6.62 10.07
C HIS C 134 9.11 6.92 11.56
N TYR C 135 8.25 7.87 11.90
CA TYR C 135 7.98 8.24 13.31
C TYR C 135 6.56 7.87 13.73
N LYS C 136 5.64 7.80 12.75
CA LYS C 136 4.20 7.57 12.92
C LYS C 136 3.52 8.46 13.98
N ASN C 142 -6.81 4.44 12.25
CA ASN C 142 -7.80 4.86 11.26
C ASN C 142 -7.79 3.97 10.01
N ARG C 143 -8.93 3.36 9.70
CA ARG C 143 -9.05 2.38 8.62
C ARG C 143 -9.09 3.00 7.23
N GLY C 144 -8.38 2.39 6.28
CA GLY C 144 -8.39 2.87 4.90
C GLY C 144 -7.12 2.63 4.11
N VAL C 145 -7.03 3.33 2.97
CA VAL C 145 -5.95 3.18 1.99
C VAL C 145 -4.57 3.67 2.48
N GLY C 146 -4.56 4.59 3.46
CA GLY C 146 -3.34 5.24 3.91
C GLY C 146 -2.84 6.17 2.83
N TYR C 147 -1.55 6.51 2.87
CA TYR C 147 -0.96 7.40 1.88
C TYR C 147 -0.89 6.73 0.51
N GLN C 148 -1.41 7.43 -0.50
CA GLN C 148 -1.29 6.98 -1.89
C GLN C 148 -0.16 7.73 -2.62
N TYR C 149 0.81 6.98 -3.10
CA TYR C 149 1.97 7.45 -3.84
C TYR C 149 1.58 7.68 -5.30
N PRO C 150 1.56 8.96 -5.75
CA PRO C 150 1.09 9.35 -7.10
C PRO C 150 1.79 8.67 -8.27
N HIS C 151 3.09 8.40 -8.11
CA HIS C 151 3.90 7.79 -9.16
C HIS C 151 3.39 6.41 -9.64
N HIS C 152 2.55 5.77 -8.84
CA HIS C 152 1.93 4.49 -9.20
C HIS C 152 0.74 4.63 -10.15
N PHE C 153 0.25 5.86 -10.30
CA PHE C 153 -1.02 6.11 -10.98
C PHE C 153 -0.82 6.64 -12.41
N ASP C 154 -1.91 6.63 -13.18
CA ASP C 154 -1.94 7.25 -14.49
C ASP C 154 -1.67 8.74 -14.35
N GLN C 155 -0.81 9.27 -15.23
CA GLN C 155 -0.41 10.68 -15.26
C GLN C 155 0.36 11.14 -14.02
N ALA C 156 0.84 10.16 -13.23
CA ALA C 156 1.46 10.38 -11.93
C ALA C 156 0.67 11.32 -10.99
N TRP C 157 -0.64 11.07 -10.91
CA TRP C 157 -1.55 11.87 -10.09
C TRP C 157 -2.61 10.99 -9.45
N VAL C 158 -2.86 11.21 -8.17
CA VAL C 158 -3.94 10.55 -7.46
C VAL C 158 -4.86 11.58 -6.80
N ASN C 159 -6.18 11.36 -6.87
CA ASN C 159 -7.14 12.14 -6.09
C ASN C 159 -6.94 11.84 -4.61
N GLN C 160 -6.36 12.80 -3.91
CA GLN C 160 -6.00 12.65 -2.50
C GLN C 160 -6.08 14.02 -1.81
N GLN C 161 -6.48 14.01 -0.54
CA GLN C 161 -6.52 15.23 0.27
C GLN C 161 -5.14 15.54 0.83
N TYR C 162 -4.66 16.75 0.53
CA TYR C 162 -3.37 17.22 1.06
C TYR C 162 -3.54 18.42 2.00
N LEU C 163 -4.54 19.25 1.72
CA LEU C 163 -4.88 20.36 2.60
C LEU C 163 -5.47 19.84 3.91
N PRO C 164 -5.09 20.46 5.06
CA PRO C 164 -5.69 20.17 6.36
C PRO C 164 -7.21 20.38 6.35
N ASP C 165 -7.91 19.68 7.24
CA ASP C 165 -9.38 19.69 7.28
C ASP C 165 -9.98 21.09 7.36
N LYS C 166 -9.39 21.95 8.20
CA LYS C 166 -9.81 23.35 8.34
C LYS C 166 -9.65 24.19 7.08
N LEU C 167 -8.74 23.79 6.19
CA LEU C 167 -8.42 24.55 5.00
C LEU C 167 -8.74 23.84 3.69
N LYS C 168 -9.70 22.91 3.72
CA LYS C 168 -10.00 22.06 2.54
C LYS C 168 -10.59 22.83 1.36
N ASN C 169 -11.09 24.04 1.62
CA ASN C 169 -11.70 24.88 0.60
C ASN C 169 -10.80 26.07 0.19
N ALA C 170 -9.59 26.12 0.74
CA ALA C 170 -8.65 27.22 0.48
C ALA C 170 -8.11 27.19 -0.94
N GLN C 171 -8.12 28.36 -1.58
CA GLN C 171 -7.54 28.51 -2.91
C GLN C 171 -6.64 29.73 -2.88
N TYR C 172 -5.33 29.48 -2.89
CA TYR C 172 -4.33 30.53 -2.82
C TYR C 172 -3.83 30.95 -4.20
N TYR C 173 -3.68 29.97 -5.09
CA TYR C 173 -3.06 30.20 -6.38
C TYR C 173 -4.09 30.49 -7.45
N GLN C 174 -3.99 31.69 -8.01
CA GLN C 174 -4.76 32.02 -9.20
C GLN C 174 -3.79 32.28 -10.35
N PRO C 175 -3.70 31.30 -11.26
CA PRO C 175 -2.77 31.32 -12.38
C PRO C 175 -3.02 32.48 -13.33
N LYS C 176 -1.94 32.94 -13.96
CA LYS C 176 -2.03 34.04 -14.90
C LYS C 176 -1.63 33.53 -16.28
N ASP C 177 -1.91 34.34 -17.30
CA ASP C 177 -1.63 33.92 -18.66
C ASP C 177 -0.79 34.96 -19.41
N THR C 178 0.01 35.70 -18.65
CA THR C 178 0.87 36.74 -19.20
C THR C 178 2.00 36.15 -20.06
N GLY C 179 2.39 34.92 -19.77
CA GLY C 179 3.32 34.18 -20.61
C GLY C 179 2.94 32.74 -20.83
N LYS C 180 3.49 32.15 -21.89
CA LYS C 180 3.21 30.78 -22.32
C LYS C 180 3.53 29.69 -21.30
N TYR C 181 4.49 29.95 -20.41
CA TYR C 181 4.83 28.95 -19.40
C TYR C 181 3.72 28.77 -18.36
N GLU C 182 3.16 29.89 -17.90
CA GLU C 182 2.13 29.87 -16.87
C GLU C 182 0.73 29.65 -17.46
N GLN C 183 0.58 29.86 -18.77
CA GLN C 183 -0.63 29.47 -19.49
C GLN C 183 -0.80 27.96 -19.34
N ALA C 184 0.29 27.23 -19.57
CA ALA C 184 0.33 25.79 -19.49
C ALA C 184 0.23 25.26 -18.05
N LEU C 185 0.85 25.96 -17.11
CA LEU C 185 0.77 25.58 -15.69
C LEU C 185 -0.66 25.76 -15.20
N GLY C 186 -1.27 26.87 -15.61
CA GLY C 186 -2.66 27.18 -15.29
C GLY C 186 -3.64 26.18 -15.86
N GLN C 187 -3.38 25.73 -17.09
CA GLN C 187 -4.17 24.68 -17.72
C GLN C 187 -4.12 23.40 -16.89
N GLN C 188 -2.92 23.02 -16.47
CA GLN C 188 -2.73 21.85 -15.60
C GLN C 188 -3.44 22.01 -14.26
N TYR C 189 -3.34 23.21 -13.67
CA TYR C 189 -4.05 23.54 -12.44
C TYR C 189 -5.58 23.33 -12.52
N TYR C 190 -6.20 23.81 -13.59
CA TYR C 190 -7.64 23.66 -13.75
C TYR C 190 -8.04 22.25 -14.19
N ARG C 191 -7.17 21.60 -14.94
CA ARG C 191 -7.32 20.20 -15.35
C ARG C 191 -7.42 19.29 -14.11
N ILE C 192 -6.59 19.56 -13.11
CA ILE C 192 -6.60 18.82 -11.85
C ILE C 192 -7.91 19.07 -11.09
N LYS C 193 -8.36 20.32 -11.09
CA LYS C 193 -9.64 20.69 -10.46
C LYS C 193 -10.84 20.02 -11.11
N GLU C 194 -10.77 19.81 -12.42
CA GLU C 194 -11.79 19.06 -13.16
C GLU C 194 -11.73 17.56 -12.82
N TRP C 195 -10.51 17.02 -12.69
CA TRP C 195 -10.31 15.62 -12.32
C TRP C 195 -10.88 15.31 -10.93
N LYS C 196 -10.72 16.26 -10.00
CA LYS C 196 -11.17 16.06 -8.62
C LYS C 196 -12.70 16.08 -8.43
N GLU C 197 -13.44 16.44 -9.48
CA GLU C 197 -14.90 16.51 -9.40
C GLU C 197 -15.60 15.34 -10.09
N ASP D 12 2.05 20.32 16.35
CA ASP D 12 2.40 19.48 15.17
C ASP D 12 3.92 19.49 14.93
N ALA D 13 4.49 18.32 14.71
CA ALA D 13 5.93 18.14 14.59
C ALA D 13 6.52 18.62 13.27
N HIS D 14 7.79 19.04 13.32
CA HIS D 14 8.55 19.53 12.16
C HIS D 14 8.66 18.51 11.03
N TYR D 15 8.92 17.25 11.41
CA TYR D 15 9.04 16.14 10.47
C TYR D 15 7.76 15.84 9.69
N ASP D 16 6.61 16.06 10.33
CA ASP D 16 5.31 15.84 9.69
C ASP D 16 4.98 16.90 8.65
N VAL D 17 5.35 18.16 8.93
CA VAL D 17 5.11 19.27 8.00
C VAL D 17 6.06 19.15 6.81
N ILE D 18 7.30 18.75 7.09
CA ILE D 18 8.31 18.43 6.09
C ILE D 18 7.81 17.31 5.14
N SER D 19 7.24 16.27 5.73
CA SER D 19 6.63 15.15 5.00
C SER D 19 5.44 15.59 4.14
N ALA D 20 4.54 16.39 4.72
CA ALA D 20 3.32 16.83 4.05
C ALA D 20 3.62 17.76 2.89
N PHE D 21 4.64 18.60 3.07
CA PHE D 21 5.21 19.48 2.04
C PHE D 21 5.64 18.71 0.79
N GLN D 22 6.49 17.69 0.96
CA GLN D 22 6.89 16.81 -0.16
C GLN D 22 5.70 16.08 -0.81
N LYS D 23 4.83 15.51 0.03
CA LYS D 23 3.68 14.75 -0.45
C LYS D 23 2.73 15.59 -1.30
N SER D 24 2.49 16.83 -0.86
CA SER D 24 1.64 17.78 -1.60
C SER D 24 2.21 18.16 -2.97
N ILE D 25 3.51 18.44 -3.03
CA ILE D 25 4.18 18.81 -4.28
C ILE D 25 4.16 17.64 -5.27
N ARG D 26 4.62 16.46 -4.80
CA ARG D 26 4.48 15.18 -5.49
C ARG D 26 3.05 14.93 -5.98
N GLY D 27 2.08 15.34 -5.16
CA GLY D 27 0.67 15.16 -5.46
C GLY D 27 0.04 16.23 -6.32
N SER D 28 0.85 17.17 -6.81
CA SER D 28 0.43 18.28 -7.69
C SER D 28 -0.60 19.23 -7.06
N ASP D 29 -0.53 19.41 -5.74
CA ASP D 29 -1.49 20.27 -5.03
C ASP D 29 -0.82 21.59 -4.68
N VAL D 30 -0.99 22.59 -5.52
CA VAL D 30 -0.33 23.89 -5.32
C VAL D 30 -0.71 24.49 -3.98
N ASP D 31 -2.01 24.54 -3.71
CA ASP D 31 -2.53 25.19 -2.51
C ASP D 31 -2.09 24.52 -1.23
N ALA D 32 -2.04 23.19 -1.23
CA ALA D 32 -1.56 22.46 -0.06
C ALA D 32 -0.06 22.61 0.11
N ALA D 33 0.68 22.57 -0.99
CA ALA D 33 2.13 22.79 -0.95
C ALA D 33 2.48 24.17 -0.38
N LEU D 34 1.77 25.20 -0.84
CA LEU D 34 2.04 26.55 -0.36
C LEU D 34 1.64 26.72 1.10
N HIS D 35 0.55 26.06 1.52
CA HIS D 35 0.19 26.06 2.94
C HIS D 35 1.30 25.51 3.83
N TYR D 36 1.87 24.35 3.46
CA TYR D 36 2.96 23.78 4.25
C TYR D 36 4.27 24.56 4.08
N LEU D 37 4.47 25.12 2.89
CA LEU D 37 5.57 26.06 2.68
C LEU D 37 5.48 27.21 3.68
N ALA D 38 4.30 27.83 3.73
CA ALA D 38 3.99 28.91 4.66
C ALA D 38 4.24 28.55 6.14
N ARG D 39 3.85 27.34 6.54
CA ARG D 39 4.10 26.85 7.91
C ARG D 39 5.59 26.80 8.21
N LEU D 40 6.35 26.30 7.25
CA LEU D 40 7.80 26.19 7.37
C LEU D 40 8.48 27.56 7.37
N VAL D 41 7.97 28.47 6.55
CA VAL D 41 8.44 29.87 6.52
C VAL D 41 8.17 30.56 7.88
N GLU D 42 6.98 30.33 8.43
CA GLU D 42 6.62 30.87 9.75
C GLU D 42 7.48 30.29 10.88
N ALA D 43 7.85 29.02 10.78
CA ALA D 43 8.77 28.38 11.74
C ALA D 43 10.19 28.89 11.56
N GLY D 44 10.53 29.36 10.36
CA GLY D 44 11.77 30.07 10.13
C GLY D 44 13.01 29.22 9.92
N ASP D 45 12.81 27.96 9.58
CA ASP D 45 13.92 27.09 9.20
C ASP D 45 13.98 27.08 7.67
N LEU D 46 14.75 28.04 7.15
CA LEU D 46 14.95 28.21 5.72
C LEU D 46 15.68 27.02 5.12
N ALA D 47 16.71 26.55 5.82
CA ALA D 47 17.56 25.45 5.36
C ALA D 47 16.78 24.16 5.08
N SER D 48 15.80 23.85 5.93
CA SER D 48 15.00 22.62 5.79
CA SER D 48 15.02 22.62 5.78
C SER D 48 14.11 22.66 4.56
N ILE D 49 13.55 23.84 4.28
CA ILE D 49 12.76 24.06 3.07
C ILE D 49 13.64 23.84 1.84
N CYS D 50 14.80 24.49 1.85
CA CYS D 50 15.77 24.41 0.78
C CYS D 50 16.20 22.99 0.48
N ARG D 51 16.60 22.26 1.54
CA ARG D 51 16.98 20.84 1.44
CA ARG D 51 16.99 20.86 1.40
C ARG D 51 15.86 19.99 0.85
N ARG D 52 14.67 20.11 1.44
CA ARG D 52 13.54 19.31 0.98
C ARG D 52 13.16 19.60 -0.46
N LEU D 53 13.19 20.89 -0.84
CA LEU D 53 12.82 21.31 -2.18
C LEU D 53 13.76 20.77 -3.25
N MET D 54 15.06 20.73 -2.94
CA MET D 54 16.04 20.14 -3.84
C MET D 54 15.80 18.63 -4.01
N VAL D 55 15.50 17.94 -2.90
CA VAL D 55 15.14 16.51 -2.94
C VAL D 55 13.88 16.24 -3.77
N ILE D 56 12.81 17.00 -3.51
CA ILE D 56 11.54 16.90 -4.24
C ILE D 56 11.73 17.11 -5.73
N GLY D 57 12.40 18.22 -6.08
CA GLY D 57 12.73 18.55 -7.45
C GLY D 57 13.35 17.39 -8.19
N TYR D 58 14.36 16.78 -7.57
CA TYR D 58 15.09 15.68 -8.17
C TYR D 58 14.42 14.29 -8.02
N GLU D 59 13.68 14.09 -6.93
CA GLU D 59 13.03 12.79 -6.68
C GLU D 59 11.75 12.65 -7.48
N ASP D 60 10.87 13.64 -7.35
CA ASP D 60 9.49 13.51 -7.85
C ASP D 60 9.25 14.15 -9.20
N ILE D 61 10.04 15.16 -9.55
CA ILE D 61 9.88 15.80 -10.84
C ILE D 61 10.90 15.18 -11.77
N GLY D 62 12.18 15.32 -11.44
CA GLY D 62 13.26 14.58 -12.07
C GLY D 62 13.31 14.75 -13.56
N LEU D 63 13.11 13.66 -14.27
CA LEU D 63 13.13 13.66 -15.73
C LEU D 63 11.82 14.17 -16.37
N GLY D 64 10.78 14.33 -15.55
CA GLY D 64 9.53 14.99 -15.93
C GLY D 64 9.73 16.42 -16.41
N ASN D 65 10.64 17.13 -15.74
CA ASN D 65 11.02 18.50 -16.12
C ASN D 65 12.41 18.81 -15.56
N PRO D 66 13.47 18.34 -16.25
CA PRO D 66 14.86 18.50 -15.81
C PRO D 66 15.31 19.94 -15.55
N ALA D 67 14.83 20.89 -16.36
CA ALA D 67 15.16 22.29 -16.15
C ALA D 67 14.47 22.86 -14.91
N ALA D 68 13.27 22.38 -14.59
CA ALA D 68 12.59 22.83 -13.37
C ALA D 68 13.31 22.32 -12.14
N ALA D 69 13.78 21.08 -12.18
CA ALA D 69 14.56 20.49 -11.08
C ALA D 69 15.87 21.26 -10.85
N ALA D 70 16.54 21.61 -11.95
CA ALA D 70 17.78 22.39 -11.89
C ALA D 70 17.55 23.80 -11.34
N ARG D 71 16.43 24.42 -11.75
CA ARG D 71 16.06 25.76 -11.28
C ARG D 71 15.85 25.85 -9.76
N THR D 72 15.49 24.72 -9.14
CA THR D 72 15.37 24.64 -7.69
C THR D 72 16.68 25.02 -7.02
N VAL D 73 17.79 24.58 -7.61
CA VAL D 73 19.11 24.91 -7.10
C VAL D 73 19.37 26.42 -7.22
N ASN D 74 18.99 27.03 -8.35
CA ASN D 74 19.08 28.49 -8.51
C ASN D 74 18.29 29.23 -7.44
N ALA D 75 17.07 28.74 -7.17
CA ALA D 75 16.15 29.37 -6.22
C ALA D 75 16.66 29.24 -4.79
N VAL D 76 17.29 28.10 -4.50
CA VAL D 76 17.89 27.83 -3.20
C VAL D 76 19.08 28.75 -2.95
N LEU D 77 19.89 28.98 -3.98
CA LEU D 77 21.04 29.88 -3.87
C LEU D 77 20.59 31.32 -3.63
N ALA D 78 19.58 31.75 -4.41
CA ALA D 78 18.88 33.02 -4.19
C ALA D 78 18.38 33.12 -2.75
N ALA D 79 17.68 32.10 -2.29
CA ALA D 79 17.14 32.06 -0.93
C ALA D 79 18.20 32.23 0.17
N GLU D 80 19.34 31.56 0.01
CA GLU D 80 20.46 31.64 0.95
C GLU D 80 21.08 33.04 1.02
N LYS D 81 21.22 33.67 -0.14
CA LYS D 81 21.76 35.02 -0.24
C LYS D 81 20.77 36.08 0.24
N LEU D 82 19.47 35.82 0.10
CA LEU D 82 18.43 36.79 0.47
C LEU D 82 18.07 36.68 1.94
N GLY D 83 17.91 35.44 2.41
CA GLY D 83 17.41 35.16 3.75
C GLY D 83 15.93 35.45 3.86
N LEU D 84 15.30 34.93 4.91
CA LEU D 84 13.92 35.28 5.21
C LEU D 84 13.85 36.73 5.69
N PRO D 85 12.75 37.45 5.38
CA PRO D 85 11.52 37.00 4.68
C PRO D 85 11.57 36.92 3.15
N GLU D 86 12.51 37.62 2.51
CA GLU D 86 12.55 37.71 1.04
C GLU D 86 12.82 36.39 0.30
N ALA D 87 13.41 35.43 1.01
CA ALA D 87 13.74 34.12 0.48
C ALA D 87 12.50 33.30 0.16
N ARG D 88 11.38 33.62 0.81
CA ARG D 88 10.11 32.96 0.56
C ARG D 88 9.64 33.12 -0.89
N ILE D 89 10.07 34.20 -1.56
CA ILE D 89 9.65 34.50 -2.94
C ILE D 89 10.19 33.51 -4.02
N PRO D 90 11.53 33.32 -4.14
CA PRO D 90 12.00 32.29 -5.08
C PRO D 90 11.48 30.89 -4.79
N LEU D 91 11.34 30.59 -3.49
CA LEU D 91 10.85 29.30 -3.04
C LEU D 91 9.41 29.05 -3.41
N ALA D 92 8.55 30.06 -3.24
CA ALA D 92 7.16 29.98 -3.71
C ALA D 92 7.08 29.68 -5.21
N ASP D 93 7.91 30.37 -5.99
CA ASP D 93 7.92 30.25 -7.45
C ASP D 93 8.21 28.83 -7.91
N VAL D 94 9.26 28.22 -7.34
CA VAL D 94 9.64 26.86 -7.71
C VAL D 94 8.61 25.84 -7.22
N VAL D 95 7.95 26.14 -6.11
CA VAL D 95 6.92 25.27 -5.55
C VAL D 95 5.75 25.09 -6.53
N VAL D 96 5.22 26.19 -7.06
CA VAL D 96 4.12 26.16 -8.03
C VAL D 96 4.55 25.46 -9.33
N ASP D 97 5.78 25.77 -9.77
CA ASP D 97 6.39 25.16 -10.94
C ASP D 97 6.48 23.64 -10.82
N LEU D 98 7.04 23.17 -9.71
CA LEU D 98 7.20 21.74 -9.44
C LEU D 98 5.87 21.01 -9.30
N CYS D 99 4.89 21.67 -8.67
CA CYS D 99 3.54 21.11 -8.50
C CYS D 99 2.85 20.83 -9.82
N LEU D 100 3.04 21.72 -10.78
CA LEU D 100 2.33 21.60 -12.05
C LEU D 100 3.20 21.04 -13.18
N SER D 101 4.46 20.71 -12.85
CA SER D 101 5.37 20.06 -13.80
C SER D 101 5.07 18.56 -13.87
N PRO D 102 5.33 17.92 -15.04
CA PRO D 102 5.23 16.46 -15.14
C PRO D 102 6.10 15.76 -14.09
N LYS D 103 5.56 14.69 -13.52
CA LYS D 103 6.24 13.95 -12.46
C LYS D 103 6.89 12.69 -12.99
N SER D 104 8.13 12.48 -12.56
CA SER D 104 8.86 11.25 -12.82
C SER D 104 9.76 10.90 -11.64
N ASN D 105 9.62 9.67 -11.14
CA ASN D 105 10.59 9.13 -10.19
C ASN D 105 11.46 8.02 -10.80
N SER D 106 11.45 7.93 -12.14
CA SER D 106 12.07 6.79 -12.85
C SER D 106 13.56 6.62 -12.59
N ALA D 107 14.32 7.71 -12.62
CA ALA D 107 15.77 7.67 -12.39
C ALA D 107 16.11 7.31 -10.94
N TYR D 108 15.34 7.88 -10.02
CA TYR D 108 15.44 7.61 -8.60
C TYR D 108 15.18 6.12 -8.30
N MET D 109 14.11 5.58 -8.88
CA MET D 109 13.76 4.17 -8.71
C MET D 109 14.79 3.24 -9.38
N ALA D 110 15.37 3.71 -10.49
CA ALA D 110 16.38 2.96 -11.23
C ALA D 110 17.70 2.78 -10.48
N LEU D 111 18.18 3.84 -9.84
CA LEU D 111 19.42 3.75 -9.07
C LEU D 111 19.25 2.92 -7.80
N ASP D 112 18.10 3.05 -7.14
CA ASP D 112 17.79 2.22 -5.96
C ASP D 112 17.67 0.73 -6.30
N ALA D 113 17.21 0.43 -7.52
CA ALA D 113 17.22 -0.94 -8.04
C ALA D 113 18.65 -1.43 -8.30
N ALA D 114 19.51 -0.53 -8.78
CA ALA D 114 20.94 -0.81 -9.00
C ALA D 114 21.68 -1.00 -7.68
N LEU D 115 21.33 -0.19 -6.68
CA LEU D 115 21.91 -0.30 -5.33
C LEU D 115 21.53 -1.60 -4.64
N ALA D 116 20.30 -2.06 -4.88
CA ALA D 116 19.78 -3.30 -4.30
C ALA D 116 20.60 -4.53 -4.72
N ASP D 117 20.92 -4.60 -6.02
CA ASP D 117 21.73 -5.67 -6.58
C ASP D 117 23.15 -5.72 -5.99
N ILE D 118 23.71 -4.55 -5.70
CA ILE D 118 25.04 -4.45 -5.10
C ILE D 118 25.05 -4.92 -3.65
N ARG D 119 24.03 -4.49 -2.90
CA ARG D 119 23.91 -4.84 -1.49
C ARG D 119 23.57 -6.32 -1.27
N GLU D 120 22.93 -6.93 -2.26
CA GLU D 120 22.62 -8.36 -2.25
C GLU D 120 23.74 -9.21 -2.87
N GLY D 121 24.85 -8.55 -3.23
CA GLY D 121 26.04 -9.23 -3.77
C GLY D 121 25.89 -9.83 -5.15
N LYS D 122 24.92 -9.34 -5.91
CA LYS D 122 24.66 -9.80 -7.27
C LYS D 122 25.55 -9.13 -8.31
N ALA D 123 26.34 -8.16 -7.87
CA ALA D 123 27.29 -7.44 -8.73
C ALA D 123 28.51 -8.30 -9.07
N GLY D 124 29.15 -7.98 -10.19
CA GLY D 124 30.38 -8.64 -10.58
C GLY D 124 31.55 -7.68 -10.61
N ASP D 125 32.58 -8.05 -11.38
CA ASP D 125 33.75 -7.20 -11.57
C ASP D 125 33.63 -6.36 -12.84
N VAL D 126 34.36 -5.24 -12.85
CA VAL D 126 34.43 -4.36 -14.02
C VAL D 126 35.00 -5.15 -15.19
N PRO D 127 34.26 -5.22 -16.32
CA PRO D 127 34.74 -5.88 -17.55
C PRO D 127 36.09 -5.32 -17.99
N ASP D 128 36.96 -6.20 -18.47
CA ASP D 128 38.36 -5.86 -18.75
C ASP D 128 38.57 -4.65 -19.64
N HIS D 129 37.74 -4.54 -20.68
CA HIS D 129 37.83 -3.46 -21.64
C HIS D 129 37.36 -2.09 -21.11
N LEU D 130 36.71 -2.08 -19.95
CA LEU D 130 36.27 -0.83 -19.33
C LEU D 130 37.23 -0.32 -18.25
N ARG D 131 38.23 -1.13 -17.93
CA ARG D 131 39.19 -0.79 -16.89
C ARG D 131 40.10 0.36 -17.35
N ASP D 132 40.64 1.10 -16.39
CA ASP D 132 41.51 2.23 -16.68
C ASP D 132 42.82 1.77 -17.32
N SER D 133 43.10 2.31 -18.50
CA SER D 133 44.24 1.90 -19.32
C SER D 133 45.55 2.62 -18.97
N HIS D 134 45.48 3.53 -17.99
CA HIS D 134 46.67 4.25 -17.55
C HIS D 134 47.41 3.52 -16.43
N TYR D 135 46.79 2.47 -15.88
CA TYR D 135 47.39 1.70 -14.79
C TYR D 135 47.60 0.23 -15.18
N ASN D 142 43.33 -11.92 -23.44
N ASN D 142 45.14 -7.55 -19.79
CA ASN D 142 42.20 -12.02 -24.36
CA ASN D 142 44.17 -7.32 -20.85
C ASN D 142 42.42 -11.23 -25.65
C ASN D 142 43.21 -6.17 -20.50
N ARG D 143 41.89 -11.76 -26.74
N ARG D 143 43.64 -5.32 -19.58
CA ARG D 143 42.07 -11.17 -28.06
CA ARG D 143 42.82 -4.21 -19.09
C ARG D 143 40.90 -10.27 -28.38
C ARG D 143 42.81 -2.99 -20.03
N GLY D 144 40.99 -9.50 -29.43
N GLY D 144 41.66 -2.71 -20.61
CA GLY D 144 39.85 -8.75 -29.88
CA GLY D 144 41.51 -1.61 -21.56
C GLY D 144 39.98 -7.23 -29.82
C GLY D 144 41.49 -2.10 -22.99
N VAL D 145 38.90 -6.67 -30.26
N VAL D 145 42.07 -3.27 -23.21
CA VAL D 145 38.85 -5.27 -30.56
CA VAL D 145 42.18 -3.85 -24.55
C VAL D 145 39.21 -4.29 -29.43
C VAL D 145 40.80 -4.11 -25.16
N GLY D 146 39.22 -4.64 -28.15
N GLY D 146 40.59 -3.60 -26.37
CA GLY D 146 39.39 -3.80 -26.99
CA GLY D 146 39.35 -3.85 -27.10
C GLY D 146 38.26 -2.81 -26.89
C GLY D 146 38.28 -2.76 -26.99
N TYR D 147 38.48 -1.81 -26.07
CA TYR D 147 37.57 -0.73 -25.81
C TYR D 147 37.28 0.02 -27.11
N GLN D 148 36.01 0.13 -27.45
CA GLN D 148 35.62 0.97 -28.57
C GLN D 148 35.01 2.26 -28.07
N TYR D 149 35.45 3.35 -28.69
CA TYR D 149 35.13 4.72 -28.31
C TYR D 149 33.96 5.20 -29.19
N PRO D 150 32.76 5.34 -28.57
CA PRO D 150 31.49 5.69 -29.21
C PRO D 150 31.54 6.86 -30.18
N HIS D 151 32.37 7.87 -29.88
CA HIS D 151 32.47 9.07 -30.70
C HIS D 151 33.03 8.82 -32.12
N HIS D 152 33.80 7.74 -32.29
CA HIS D 152 34.30 7.34 -33.61
C HIS D 152 33.22 6.77 -34.53
N PHE D 153 32.02 6.51 -33.99
CA PHE D 153 30.98 5.76 -34.68
C PHE D 153 29.83 6.65 -35.15
N ASP D 154 28.99 6.08 -36.02
CA ASP D 154 27.75 6.73 -36.46
C ASP D 154 26.75 6.81 -35.31
N GLN D 155 26.08 7.96 -35.20
CA GLN D 155 25.16 8.30 -34.08
C GLN D 155 25.88 8.36 -32.72
N ALA D 156 27.21 8.41 -32.73
CA ALA D 156 28.08 8.33 -31.54
C ALA D 156 27.69 7.22 -30.56
N TRP D 157 27.41 6.04 -31.12
CA TRP D 157 27.03 4.87 -30.35
C TRP D 157 27.72 3.62 -30.91
N VAL D 158 28.10 2.72 -30.02
CA VAL D 158 28.66 1.43 -30.40
C VAL D 158 27.98 0.30 -29.60
N ASN D 159 27.66 -0.82 -30.27
CA ASN D 159 27.25 -2.05 -29.59
C ASN D 159 28.44 -2.59 -28.79
N GLN D 160 28.39 -2.37 -27.48
CA GLN D 160 29.48 -2.74 -26.58
C GLN D 160 28.91 -3.09 -25.21
N GLN D 161 29.51 -4.08 -24.55
CA GLN D 161 29.11 -4.47 -23.20
C GLN D 161 29.67 -3.51 -22.15
N TYR D 162 28.79 -3.00 -21.29
CA TYR D 162 29.22 -2.15 -20.19
C TYR D 162 28.85 -2.73 -18.82
N LEU D 163 27.75 -3.46 -18.76
CA LEU D 163 27.37 -4.19 -17.55
C LEU D 163 28.34 -5.33 -17.28
N PRO D 164 28.66 -5.60 -15.99
CA PRO D 164 29.46 -6.78 -15.66
C PRO D 164 28.74 -8.07 -16.07
N ASP D 165 29.50 -9.14 -16.26
CA ASP D 165 28.97 -10.43 -16.70
C ASP D 165 27.79 -10.93 -15.86
N LYS D 166 27.93 -10.84 -14.53
CA LYS D 166 26.87 -11.25 -13.60
C LYS D 166 25.56 -10.47 -13.73
N LEU D 167 25.64 -9.24 -14.23
CA LEU D 167 24.47 -8.38 -14.36
C LEU D 167 24.12 -8.06 -15.80
N LYS D 168 24.49 -8.95 -16.73
CA LYS D 168 24.32 -8.70 -18.17
C LYS D 168 22.86 -8.56 -18.61
N ASN D 169 21.93 -9.12 -17.82
CA ASN D 169 20.51 -9.08 -18.14
C ASN D 169 19.72 -8.02 -17.35
N ALA D 170 20.41 -7.30 -16.46
CA ALA D 170 19.78 -6.32 -15.56
C ALA D 170 19.08 -5.18 -16.29
N GLN D 171 17.92 -4.79 -15.76
CA GLN D 171 17.19 -3.62 -16.25
C GLN D 171 16.72 -2.80 -15.05
N TYR D 172 17.31 -1.63 -14.89
CA TYR D 172 16.97 -0.76 -13.77
C TYR D 172 16.03 0.36 -14.19
N TYR D 173 16.34 0.97 -15.34
CA TYR D 173 15.60 2.10 -15.82
C TYR D 173 14.40 1.69 -16.65
N GLN D 174 13.23 2.15 -16.23
CA GLN D 174 12.03 2.03 -17.02
C GLN D 174 11.44 3.41 -17.30
N PRO D 175 11.67 3.93 -18.52
CA PRO D 175 11.26 5.27 -18.95
C PRO D 175 9.78 5.56 -18.80
N LYS D 176 9.48 6.76 -18.32
CA LYS D 176 8.11 7.23 -18.22
C LYS D 176 7.85 8.24 -19.33
N ASP D 177 6.58 8.55 -19.55
CA ASP D 177 6.20 9.41 -20.66
C ASP D 177 5.29 10.56 -20.22
N THR D 178 5.31 10.86 -18.92
CA THR D 178 4.50 11.93 -18.33
C THR D 178 4.92 13.31 -18.81
N GLY D 179 6.19 13.45 -19.18
CA GLY D 179 6.66 14.68 -19.80
C GLY D 179 7.31 14.42 -21.14
N LYS D 180 7.32 15.45 -21.98
CA LYS D 180 7.90 15.40 -23.32
C LYS D 180 9.40 15.14 -23.32
N TYR D 181 10.11 15.62 -22.30
CA TYR D 181 11.55 15.44 -22.25
C TYR D 181 11.90 13.96 -22.10
N GLU D 182 11.24 13.28 -21.17
CA GLU D 182 11.50 11.87 -20.91
C GLU D 182 10.82 10.96 -21.95
N GLN D 183 9.74 11.43 -22.57
CA GLN D 183 9.20 10.77 -23.78
C GLN D 183 10.30 10.51 -24.81
N ALA D 184 11.06 11.56 -25.13
CA ALA D 184 12.19 11.50 -26.06
C ALA D 184 13.35 10.65 -25.55
N LEU D 185 13.68 10.77 -24.27
CA LEU D 185 14.76 9.97 -23.68
C LEU D 185 14.38 8.50 -23.72
N GLY D 186 13.12 8.21 -23.38
CA GLY D 186 12.54 6.87 -23.42
C GLY D 186 12.55 6.21 -24.79
N GLN D 187 12.24 7.00 -25.83
CA GLN D 187 12.30 6.53 -27.20
C GLN D 187 13.72 6.16 -27.60
N GLN D 188 14.67 6.97 -27.17
CA GLN D 188 16.10 6.74 -27.40
C GLN D 188 16.57 5.47 -26.67
N TYR D 189 16.03 5.25 -25.46
CA TYR D 189 16.32 4.05 -24.66
C TYR D 189 15.91 2.76 -25.37
N TYR D 190 14.73 2.77 -25.99
CA TYR D 190 14.24 1.62 -26.75
C TYR D 190 14.87 1.49 -28.13
N ARG D 191 15.26 2.62 -28.72
CA ARG D 191 15.97 2.65 -30.00
C ARG D 191 17.33 1.93 -29.89
N ILE D 192 18.02 2.17 -28.77
CA ILE D 192 19.25 1.48 -28.44
C ILE D 192 18.99 -0.02 -28.26
N LYS D 193 17.87 -0.37 -27.62
CA LYS D 193 17.48 -1.77 -27.43
CA LYS D 193 17.48 -1.77 -27.43
C LYS D 193 17.21 -2.47 -28.76
N GLU D 194 16.59 -1.75 -29.69
CA GLU D 194 16.34 -2.26 -31.05
C GLU D 194 17.64 -2.44 -31.83
N TRP D 195 18.61 -1.55 -31.59
CA TRP D 195 19.91 -1.61 -32.23
C TRP D 195 20.74 -2.81 -31.76
N LYS D 196 20.53 -3.23 -30.51
CA LYS D 196 21.31 -4.31 -29.92
C LYS D 196 20.80 -5.71 -30.30
N GLU D 197 19.63 -5.78 -30.92
CA GLU D 197 19.00 -7.06 -31.30
C GLU D 197 19.21 -7.40 -32.78
N ASP E 12 -24.39 -65.71 -2.01
CA ASP E 12 -24.36 -64.67 -3.09
C ASP E 12 -23.91 -63.31 -2.57
N ALA E 13 -22.96 -62.71 -3.29
CA ALA E 13 -22.44 -61.41 -2.91
C ALA E 13 -23.45 -60.31 -3.26
N HIS E 14 -23.34 -59.20 -2.54
CA HIS E 14 -24.19 -58.03 -2.69
C HIS E 14 -24.08 -57.44 -4.10
N TYR E 15 -22.85 -57.36 -4.61
CA TYR E 15 -22.60 -56.80 -5.94
C TYR E 15 -23.19 -57.62 -7.08
N ASP E 16 -23.40 -58.92 -6.85
CA ASP E 16 -24.07 -59.81 -7.80
C ASP E 16 -25.58 -59.62 -7.82
N VAL E 17 -26.16 -59.41 -6.63
CA VAL E 17 -27.61 -59.17 -6.48
C VAL E 17 -27.97 -57.82 -7.11
N ILE E 18 -27.10 -56.85 -6.86
CA ILE E 18 -27.18 -55.49 -7.37
C ILE E 18 -27.08 -55.47 -8.91
N SER E 19 -26.16 -56.29 -9.45
CA SER E 19 -26.01 -56.46 -10.88
C SER E 19 -27.28 -57.07 -11.49
N ALA E 20 -27.78 -58.13 -10.85
CA ALA E 20 -28.96 -58.86 -11.33
C ALA E 20 -30.23 -57.99 -11.31
N PHE E 21 -30.34 -57.15 -10.28
CA PHE E 21 -31.38 -56.14 -10.12
C PHE E 21 -31.40 -55.14 -11.29
N GLN E 22 -30.26 -54.54 -11.62
CA GLN E 22 -30.17 -53.60 -12.74
C GLN E 22 -30.48 -54.25 -14.08
N LYS E 23 -29.89 -55.42 -14.33
CA LYS E 23 -30.12 -56.17 -15.56
C LYS E 23 -31.58 -56.60 -15.76
N SER E 24 -32.26 -57.01 -14.69
CA SER E 24 -33.68 -57.37 -14.72
C SER E 24 -34.59 -56.19 -15.08
N ILE E 25 -34.31 -55.03 -14.49
CA ILE E 25 -35.08 -53.80 -14.80
C ILE E 25 -34.86 -53.36 -16.25
N ARG E 26 -33.58 -53.25 -16.64
CA ARG E 26 -33.14 -53.01 -18.03
C ARG E 26 -33.78 -54.03 -18.99
N GLY E 27 -33.96 -55.26 -18.49
CA GLY E 27 -34.56 -56.34 -19.28
C GLY E 27 -36.07 -56.47 -19.29
N SER E 28 -36.76 -55.51 -18.65
CA SER E 28 -38.22 -55.47 -18.57
C SER E 28 -38.90 -56.64 -17.83
N ASP E 29 -38.16 -57.26 -16.91
CA ASP E 29 -38.66 -58.40 -16.16
C ASP E 29 -39.08 -57.93 -14.76
N VAL E 30 -40.36 -57.58 -14.61
CA VAL E 30 -40.92 -57.11 -13.34
C VAL E 30 -40.67 -58.11 -12.21
N ASP E 31 -41.06 -59.36 -12.42
CA ASP E 31 -41.01 -60.41 -11.40
C ASP E 31 -39.60 -60.69 -10.92
N ALA E 32 -38.65 -60.70 -11.86
CA ALA E 32 -37.24 -60.82 -11.51
C ALA E 32 -36.71 -59.59 -10.79
N ALA E 33 -37.10 -58.40 -11.26
CA ALA E 33 -36.64 -57.17 -10.61
C ALA E 33 -37.13 -57.08 -9.17
N LEU E 34 -38.36 -57.52 -8.95
CA LEU E 34 -38.95 -57.53 -7.63
C LEU E 34 -38.33 -58.58 -6.71
N HIS E 35 -37.93 -59.73 -7.29
CA HIS E 35 -37.19 -60.74 -6.53
C HIS E 35 -35.87 -60.20 -5.98
N TYR E 36 -35.10 -59.53 -6.84
CA TYR E 36 -33.80 -58.99 -6.40
C TYR E 36 -33.96 -57.79 -5.49
N LEU E 37 -35.00 -56.99 -5.71
CA LEU E 37 -35.35 -55.89 -4.80
C LEU E 37 -35.62 -56.45 -3.40
N ALA E 38 -36.38 -57.53 -3.34
CA ALA E 38 -36.71 -58.21 -2.10
C ALA E 38 -35.45 -58.72 -1.37
N ARG E 39 -34.51 -59.30 -2.11
CA ARG E 39 -33.22 -59.70 -1.55
C ARG E 39 -32.44 -58.52 -0.97
N LEU E 40 -32.47 -57.39 -1.69
CA LEU E 40 -31.82 -56.16 -1.26
C LEU E 40 -32.48 -55.56 -0.03
N VAL E 41 -33.81 -55.49 -0.03
CA VAL E 41 -34.60 -55.08 1.12
C VAL E 41 -34.26 -55.90 2.37
N GLU E 42 -34.21 -57.23 2.23
CA GLU E 42 -33.85 -58.11 3.34
C GLU E 42 -32.43 -57.90 3.83
N ALA E 43 -31.52 -57.55 2.92
CA ALA E 43 -30.15 -57.23 3.31
C ALA E 43 -30.07 -55.91 4.10
N GLY E 44 -30.97 -54.98 3.79
CA GLY E 44 -31.19 -53.79 4.63
C GLY E 44 -30.32 -52.56 4.43
N ASP E 45 -29.61 -52.46 3.31
CA ASP E 45 -28.86 -51.25 3.00
C ASP E 45 -29.70 -50.41 2.05
N LEU E 46 -30.68 -49.71 2.63
CA LEU E 46 -31.63 -48.88 1.88
C LEU E 46 -30.97 -47.86 0.94
N ALA E 47 -29.94 -47.16 1.41
CA ALA E 47 -29.28 -46.10 0.62
C ALA E 47 -28.65 -46.63 -0.65
N SER E 48 -28.08 -47.84 -0.57
CA SER E 48 -27.48 -48.48 -1.74
CA SER E 48 -27.49 -48.49 -1.73
C SER E 48 -28.55 -48.85 -2.76
N ILE E 49 -29.71 -49.33 -2.28
CA ILE E 49 -30.84 -49.67 -3.18
C ILE E 49 -31.29 -48.40 -3.93
N CYS E 50 -31.40 -47.31 -3.18
CA CYS E 50 -31.81 -46.00 -3.66
C CYS E 50 -30.85 -45.44 -4.71
N ARG E 51 -29.56 -45.53 -4.44
CA ARG E 51 -28.53 -45.10 -5.36
CA ARG E 51 -28.51 -45.11 -5.35
C ARG E 51 -28.61 -45.87 -6.67
N ARG E 52 -28.70 -47.20 -6.57
CA ARG E 52 -28.75 -48.04 -7.75
CA ARG E 52 -28.76 -48.05 -7.75
C ARG E 52 -30.01 -47.83 -8.59
N LEU E 53 -31.16 -47.65 -7.92
CA LEU E 53 -32.42 -47.38 -8.59
C LEU E 53 -32.44 -46.07 -9.37
N MET E 54 -31.82 -45.02 -8.84
CA MET E 54 -31.70 -43.75 -9.56
C MET E 54 -30.80 -43.92 -10.79
N VAL E 55 -29.70 -44.66 -10.65
CA VAL E 55 -28.82 -45.00 -11.78
C VAL E 55 -29.57 -45.74 -12.89
N ILE E 56 -30.27 -46.81 -12.52
CA ILE E 56 -31.04 -47.60 -13.49
C ILE E 56 -32.07 -46.73 -14.23
N GLY E 57 -32.83 -45.95 -13.48
CA GLY E 57 -33.84 -45.06 -14.04
C GLY E 57 -33.32 -44.10 -15.08
N TYR E 58 -32.15 -43.53 -14.82
CA TYR E 58 -31.53 -42.58 -15.74
C TYR E 58 -30.66 -43.23 -16.84
N GLU E 59 -30.01 -44.33 -16.52
CA GLU E 59 -29.16 -45.05 -17.49
C GLU E 59 -30.00 -45.81 -18.51
N ASP E 60 -30.89 -46.66 -18.00
CA ASP E 60 -31.58 -47.63 -18.84
C ASP E 60 -32.93 -47.16 -19.36
N ILE E 61 -33.61 -46.32 -18.57
CA ILE E 61 -34.92 -45.81 -19.00
C ILE E 61 -34.69 -44.45 -19.68
N GLY E 62 -34.11 -43.51 -18.93
CA GLY E 62 -33.61 -42.26 -19.50
C GLY E 62 -34.65 -41.49 -20.30
N LEU E 63 -34.34 -41.28 -21.58
CA LEU E 63 -35.23 -40.55 -22.48
C LEU E 63 -36.46 -41.33 -22.96
N GLY E 64 -36.49 -42.64 -22.68
CA GLY E 64 -37.65 -43.49 -22.91
C GLY E 64 -38.86 -43.06 -22.10
N ASN E 65 -38.61 -42.53 -20.91
CA ASN E 65 -39.63 -41.98 -20.02
C ASN E 65 -39.00 -41.07 -18.96
N PRO E 66 -38.67 -39.81 -19.34
CA PRO E 66 -38.06 -38.82 -18.45
C PRO E 66 -38.85 -38.57 -17.16
N ALA E 67 -40.18 -38.59 -17.23
CA ALA E 67 -41.01 -38.44 -16.04
C ALA E 67 -40.78 -39.58 -15.05
N ALA E 68 -40.67 -40.82 -15.55
CA ALA E 68 -40.46 -42.00 -14.71
C ALA E 68 -39.09 -42.01 -14.06
N ALA E 69 -38.07 -41.58 -14.80
CA ALA E 69 -36.71 -41.47 -14.27
C ALA E 69 -36.66 -40.41 -13.17
N ALA E 70 -37.31 -39.27 -13.41
CA ALA E 70 -37.42 -38.19 -12.42
C ALA E 70 -38.18 -38.61 -11.16
N ARG E 71 -39.21 -39.44 -11.33
CA ARG E 71 -40.05 -39.94 -10.22
C ARG E 71 -39.32 -40.92 -9.29
N THR E 72 -38.23 -41.52 -9.80
CA THR E 72 -37.35 -42.36 -9.00
C THR E 72 -36.72 -41.54 -7.85
N VAL E 73 -36.41 -40.28 -8.12
CA VAL E 73 -35.85 -39.39 -7.12
C VAL E 73 -36.90 -39.06 -6.03
N ASN E 74 -38.14 -38.81 -6.43
CA ASN E 74 -39.24 -38.66 -5.46
C ASN E 74 -39.42 -39.89 -4.55
N ALA E 75 -39.35 -41.08 -5.15
CA ALA E 75 -39.50 -42.36 -4.42
C ALA E 75 -38.40 -42.57 -3.40
N VAL E 76 -37.17 -42.23 -3.79
CA VAL E 76 -35.99 -42.28 -2.94
C VAL E 76 -36.17 -41.31 -1.78
N LEU E 77 -36.68 -40.12 -2.08
CA LEU E 77 -36.92 -39.10 -1.04
C LEU E 77 -37.96 -39.59 -0.04
N ALA E 78 -39.01 -40.24 -0.53
CA ALA E 78 -39.98 -40.88 0.33
C ALA E 78 -39.28 -41.97 1.18
N ALA E 79 -38.52 -42.84 0.51
CA ALA E 79 -37.83 -43.96 1.13
C ALA E 79 -36.90 -43.55 2.27
N GLU E 80 -36.09 -42.51 2.04
CA GLU E 80 -35.23 -41.92 3.08
C GLU E 80 -36.04 -41.44 4.27
N LYS E 81 -37.12 -40.70 4.00
CA LYS E 81 -37.99 -40.15 5.06
C LYS E 81 -38.70 -41.24 5.87
N LEU E 82 -39.15 -42.29 5.18
CA LEU E 82 -39.86 -43.39 5.82
C LEU E 82 -38.94 -44.38 6.52
N GLY E 83 -37.88 -44.79 5.82
CA GLY E 83 -37.06 -45.90 6.27
C GLY E 83 -37.75 -47.24 6.10
N LEU E 84 -36.98 -48.32 6.18
CA LEU E 84 -37.54 -49.67 6.09
C LEU E 84 -38.33 -49.99 7.35
N PRO E 85 -39.38 -50.82 7.26
CA PRO E 85 -39.93 -51.55 6.10
C PRO E 85 -40.77 -50.74 5.09
N GLU E 86 -41.33 -49.61 5.51
CA GLU E 86 -42.24 -48.82 4.64
C GLU E 86 -41.59 -48.27 3.39
N ALA E 87 -40.27 -48.04 3.44
CA ALA E 87 -39.49 -47.59 2.28
C ALA E 87 -39.63 -48.49 1.06
N ARG E 88 -39.91 -49.77 1.28
CA ARG E 88 -39.95 -50.77 0.20
C ARG E 88 -41.08 -50.51 -0.79
N ILE E 89 -42.08 -49.77 -0.34
CA ILE E 89 -43.30 -49.53 -1.09
C ILE E 89 -43.13 -48.53 -2.26
N PRO E 90 -42.63 -47.28 -2.00
CA PRO E 90 -42.29 -46.46 -3.18
C PRO E 90 -41.28 -47.12 -4.11
N LEU E 91 -40.34 -47.90 -3.56
CA LEU E 91 -39.32 -48.57 -4.39
C LEU E 91 -39.94 -49.60 -5.31
N ALA E 92 -40.89 -50.40 -4.79
CA ALA E 92 -41.63 -51.37 -5.60
C ALA E 92 -42.37 -50.70 -6.73
N ASP E 93 -43.03 -49.59 -6.41
CA ASP E 93 -43.81 -48.84 -7.40
C ASP E 93 -42.95 -48.40 -8.57
N VAL E 94 -41.77 -47.85 -8.26
CA VAL E 94 -40.91 -47.33 -9.31
C VAL E 94 -40.21 -48.45 -10.08
N VAL E 95 -39.91 -49.56 -9.42
CA VAL E 95 -39.34 -50.73 -10.10
C VAL E 95 -40.25 -51.25 -11.23
N VAL E 96 -41.54 -51.38 -10.94
CA VAL E 96 -42.53 -51.86 -11.91
C VAL E 96 -42.69 -50.88 -13.08
N ASP E 97 -42.88 -49.60 -12.76
CA ASP E 97 -42.90 -48.51 -13.71
C ASP E 97 -41.70 -48.53 -14.66
N LEU E 98 -40.49 -48.62 -14.11
CA LEU E 98 -39.25 -48.64 -14.90
C LEU E 98 -39.12 -49.86 -15.80
N CYS E 99 -39.53 -51.01 -15.29
CA CYS E 99 -39.55 -52.28 -16.04
C CYS E 99 -40.44 -52.22 -17.29
N LEU E 100 -41.59 -51.57 -17.16
CA LEU E 100 -42.56 -51.58 -18.27
C LEU E 100 -42.59 -50.28 -19.06
N SER E 101 -41.64 -49.40 -18.78
CA SER E 101 -41.42 -48.16 -19.53
C SER E 101 -40.51 -48.41 -20.74
N PRO E 102 -40.62 -47.57 -21.79
CA PRO E 102 -39.64 -47.61 -22.89
C PRO E 102 -38.20 -47.41 -22.38
N LYS E 103 -37.28 -48.16 -22.98
CA LYS E 103 -35.88 -48.12 -22.59
CA LYS E 103 -35.88 -48.12 -22.59
C LYS E 103 -35.05 -47.31 -23.57
N SER E 104 -34.20 -46.44 -23.02
CA SER E 104 -33.26 -45.67 -23.81
C SER E 104 -31.97 -45.49 -23.02
N ASN E 105 -30.85 -45.87 -23.65
CA ASN E 105 -29.55 -45.55 -23.11
C ASN E 105 -28.85 -44.50 -23.98
N SER E 106 -29.63 -43.82 -24.82
CA SER E 106 -29.07 -42.95 -25.86
C SER E 106 -28.22 -41.80 -25.29
N ALA E 107 -28.74 -41.12 -24.28
CA ALA E 107 -28.08 -39.97 -23.68
C ALA E 107 -26.84 -40.40 -22.90
N TYR E 108 -26.98 -41.50 -22.18
CA TYR E 108 -25.90 -42.17 -21.48
C TYR E 108 -24.72 -42.49 -22.40
N MET E 109 -25.01 -43.16 -23.52
CA MET E 109 -23.95 -43.54 -24.44
CA MET E 109 -24.00 -43.56 -24.51
C MET E 109 -23.34 -42.36 -25.20
N ALA E 110 -24.15 -41.34 -25.47
CA ALA E 110 -23.71 -40.14 -26.15
C ALA E 110 -22.70 -39.33 -25.34
N LEU E 111 -22.86 -39.29 -24.01
CA LEU E 111 -21.94 -38.57 -23.16
C LEU E 111 -20.62 -39.34 -22.99
N ASP E 112 -20.73 -40.66 -22.84
CA ASP E 112 -19.55 -41.48 -22.74
C ASP E 112 -18.72 -41.45 -24.03
N ALA E 113 -19.38 -41.33 -25.19
CA ALA E 113 -18.71 -41.08 -26.46
C ALA E 113 -18.01 -39.72 -26.47
N ALA E 114 -18.67 -38.69 -25.93
CA ALA E 114 -18.09 -37.35 -25.81
C ALA E 114 -16.89 -37.31 -24.88
N LEU E 115 -16.97 -38.07 -23.78
CA LEU E 115 -15.85 -38.22 -22.82
C LEU E 115 -14.67 -38.98 -23.41
N ALA E 116 -14.95 -39.91 -24.33
CA ALA E 116 -13.93 -40.70 -24.99
C ALA E 116 -13.06 -39.82 -25.88
N ASP E 117 -13.71 -38.90 -26.59
CA ASP E 117 -12.99 -37.94 -27.44
C ASP E 117 -12.08 -36.99 -26.64
N ILE E 118 -12.50 -36.62 -25.43
CA ILE E 118 -11.68 -35.78 -24.58
C ILE E 118 -10.49 -36.54 -24.00
N ARG E 119 -10.74 -37.74 -23.49
CA ARG E 119 -9.69 -38.56 -22.89
C ARG E 119 -8.60 -38.94 -23.89
N GLU E 120 -8.97 -39.04 -25.15
CA GLU E 120 -8.05 -39.33 -26.26
C GLU E 120 -7.39 -38.07 -26.83
N GLY E 121 -7.69 -36.91 -26.23
CA GLY E 121 -7.06 -35.65 -26.59
C GLY E 121 -7.61 -34.97 -27.84
N LYS E 122 -8.74 -35.46 -28.35
CA LYS E 122 -9.34 -34.94 -29.59
C LYS E 122 -10.10 -33.62 -29.42
N ALA E 123 -10.21 -33.14 -28.20
CA ALA E 123 -10.91 -31.88 -27.93
C ALA E 123 -10.12 -30.68 -28.40
N GLY E 124 -10.83 -29.61 -28.76
CA GLY E 124 -10.21 -28.35 -29.10
C GLY E 124 -10.52 -27.31 -28.04
N ASP E 125 -10.23 -26.06 -28.34
CA ASP E 125 -10.54 -24.95 -27.45
C ASP E 125 -11.97 -24.47 -27.69
N VAL E 126 -12.55 -23.88 -26.64
CA VAL E 126 -13.83 -23.18 -26.74
C VAL E 126 -13.73 -22.10 -27.83
N PRO E 127 -14.58 -22.18 -28.87
CA PRO E 127 -14.65 -21.14 -29.90
C PRO E 127 -14.85 -19.75 -29.29
N ASP E 128 -14.18 -18.77 -29.88
CA ASP E 128 -14.08 -17.42 -29.32
C ASP E 128 -15.42 -16.75 -29.06
N HIS E 129 -16.39 -17.03 -29.92
CA HIS E 129 -17.72 -16.44 -29.78
C HIS E 129 -18.57 -17.08 -28.66
N LEU E 130 -18.05 -18.12 -28.04
CA LEU E 130 -18.76 -18.83 -26.96
C LEU E 130 -18.17 -18.56 -25.58
N ARG E 131 -17.03 -17.88 -25.56
CA ARG E 131 -16.38 -17.47 -24.31
C ARG E 131 -17.19 -16.43 -23.53
N ASP E 132 -16.94 -16.35 -22.23
CA ASP E 132 -17.66 -15.43 -21.36
C ASP E 132 -17.21 -13.99 -21.58
N SER E 133 -18.16 -13.15 -22.03
CA SER E 133 -17.90 -11.76 -22.37
C SER E 133 -17.63 -10.87 -21.14
N HIS E 134 -18.05 -11.35 -19.96
CA HIS E 134 -17.86 -10.63 -18.70
C HIS E 134 -16.41 -10.67 -18.18
N TYR E 135 -15.54 -11.39 -18.89
CA TYR E 135 -14.13 -11.49 -18.53
C TYR E 135 -13.24 -11.01 -19.68
N ARG E 143 -13.33 -10.29 -36.89
N ARG E 143 -13.48 -12.55 -27.89
CA ARG E 143 -14.50 -9.61 -37.47
CA ARG E 143 -14.01 -12.95 -26.59
C ARG E 143 -15.68 -10.55 -37.61
C ARG E 143 -15.53 -12.75 -26.52
N GLY E 144 -16.88 -10.03 -37.39
N GLY E 144 -16.26 -13.63 -27.21
CA GLY E 144 -18.07 -10.83 -37.56
CA GLY E 144 -17.72 -13.54 -27.24
C GLY E 144 -19.22 -10.56 -36.61
C GLY E 144 -18.19 -12.70 -28.40
N VAL E 145 -20.28 -11.34 -36.78
N VAL E 145 -17.25 -12.14 -29.15
CA VAL E 145 -21.52 -11.22 -36.06
CA VAL E 145 -17.59 -11.32 -30.31
C VAL E 145 -21.35 -11.43 -34.56
C VAL E 145 -18.24 -12.20 -31.37
N GLY E 146 -20.27 -12.10 -34.20
N GLY E 146 -19.39 -11.76 -31.84
CA GLY E 146 -20.05 -12.49 -32.81
CA GLY E 146 -20.10 -12.51 -32.87
C GLY E 146 -21.11 -13.46 -32.34
C GLY E 146 -21.16 -13.45 -32.36
N TYR E 147 -21.33 -13.52 -31.03
CA TYR E 147 -22.33 -14.41 -30.43
C TYR E 147 -23.76 -14.01 -30.77
N GLN E 148 -24.50 -14.95 -31.34
CA GLN E 148 -25.91 -14.75 -31.63
C GLN E 148 -26.79 -15.52 -30.65
N TYR E 149 -27.74 -14.80 -30.07
CA TYR E 149 -28.64 -15.27 -29.02
C TYR E 149 -29.89 -15.87 -29.67
N PRO E 150 -30.05 -17.21 -29.58
CA PRO E 150 -31.13 -17.97 -30.21
C PRO E 150 -32.53 -17.42 -30.00
N HIS E 151 -32.79 -16.86 -28.80
CA HIS E 151 -34.11 -16.34 -28.45
C HIS E 151 -34.61 -15.17 -29.33
N HIS E 152 -33.69 -14.46 -29.96
CA HIS E 152 -34.03 -13.39 -30.89
C HIS E 152 -34.60 -13.91 -32.21
N PHE E 153 -34.38 -15.20 -32.49
CA PHE E 153 -34.67 -15.76 -33.80
C PHE E 153 -35.99 -16.53 -33.84
N ASP E 154 -36.43 -16.82 -35.07
CA ASP E 154 -37.62 -17.63 -35.33
C ASP E 154 -37.35 -19.07 -34.92
N GLN E 155 -38.35 -19.70 -34.28
CA GLN E 155 -38.24 -21.05 -33.67
C GLN E 155 -37.19 -21.09 -32.54
N ALA E 156 -36.80 -19.92 -32.03
CA ALA E 156 -35.73 -19.76 -31.03
C ALA E 156 -34.47 -20.57 -31.32
N TRP E 157 -34.06 -20.56 -32.59
CA TRP E 157 -32.88 -21.28 -33.06
C TRP E 157 -32.06 -20.44 -34.05
N VAL E 158 -30.74 -20.62 -34.02
CA VAL E 158 -29.87 -19.98 -34.98
C VAL E 158 -28.80 -20.98 -35.48
N ASN E 159 -28.46 -20.89 -36.77
CA ASN E 159 -27.30 -21.60 -37.32
C ASN E 159 -26.04 -20.93 -36.81
N GLN E 160 -25.38 -21.61 -35.88
CA GLN E 160 -24.22 -21.09 -35.18
C GLN E 160 -23.37 -22.29 -34.76
N GLN E 161 -22.06 -22.15 -34.84
CA GLN E 161 -21.16 -23.23 -34.48
C GLN E 161 -21.03 -23.27 -32.97
N TYR E 162 -21.18 -24.46 -32.40
CA TYR E 162 -21.02 -24.64 -30.95
C TYR E 162 -19.88 -25.61 -30.61
N LEU E 163 -19.70 -26.63 -31.43
CA LEU E 163 -18.57 -27.56 -31.29
C LEU E 163 -17.28 -26.85 -31.66
N PRO E 164 -16.19 -27.12 -30.91
CA PRO E 164 -14.86 -26.63 -31.30
C PRO E 164 -14.47 -27.12 -32.69
N ASP E 165 -13.53 -26.40 -33.33
CA ASP E 165 -13.11 -26.68 -34.71
C ASP E 165 -12.62 -28.13 -34.90
N LYS E 166 -11.86 -28.63 -33.93
CA LYS E 166 -11.35 -30.01 -33.99
C LYS E 166 -12.43 -31.09 -33.94
N LEU E 167 -13.58 -30.75 -33.36
CA LEU E 167 -14.67 -31.71 -33.22
C LEU E 167 -15.92 -31.27 -33.99
N LYS E 168 -15.74 -30.54 -35.08
CA LYS E 168 -16.87 -29.97 -35.83
C LYS E 168 -17.76 -31.00 -36.55
N ASN E 169 -17.22 -32.20 -36.77
CA ASN E 169 -17.96 -33.28 -37.42
C ASN E 169 -18.42 -34.38 -36.45
N ALA E 170 -18.17 -34.18 -35.16
CA ALA E 170 -18.51 -35.16 -34.13
C ALA E 170 -20.02 -35.32 -33.97
N GLN E 171 -20.46 -36.58 -33.91
CA GLN E 171 -21.85 -36.92 -33.59
C GLN E 171 -21.86 -37.92 -32.46
N TYR E 172 -22.40 -37.50 -31.32
CA TYR E 172 -22.45 -38.36 -30.14
C TYR E 172 -23.84 -38.95 -29.97
N TYR E 173 -24.85 -38.11 -30.13
CA TYR E 173 -26.22 -38.51 -29.89
C TYR E 173 -26.88 -39.10 -31.12
N GLN E 174 -27.31 -40.34 -30.98
CA GLN E 174 -28.18 -40.98 -31.96
C GLN E 174 -29.50 -41.29 -31.28
N PRO E 175 -30.55 -40.51 -31.58
CA PRO E 175 -31.85 -40.66 -30.95
C PRO E 175 -32.49 -42.03 -31.17
N LYS E 176 -33.14 -42.52 -30.12
CA LYS E 176 -33.89 -43.76 -30.20
C LYS E 176 -35.37 -43.42 -30.29
N ASP E 177 -36.19 -44.40 -30.67
CA ASP E 177 -37.61 -44.15 -30.82
C ASP E 177 -38.45 -45.20 -30.08
N THR E 178 -37.90 -45.72 -28.99
CA THR E 178 -38.57 -46.73 -28.18
C THR E 178 -39.78 -46.16 -27.42
N GLY E 179 -39.77 -44.85 -27.20
CA GLY E 179 -40.90 -44.17 -26.59
C GLY E 179 -41.26 -42.91 -27.36
N LYS E 180 -42.46 -42.39 -27.11
CA LYS E 180 -43.00 -41.24 -27.81
C LYS E 180 -42.30 -39.92 -27.47
N TYR E 181 -41.73 -39.83 -26.27
CA TYR E 181 -41.05 -38.59 -25.87
C TYR E 181 -39.75 -38.39 -26.65
N GLU E 182 -38.91 -39.44 -26.69
CA GLU E 182 -37.67 -39.38 -27.44
C GLU E 182 -37.90 -39.39 -28.96
N GLN E 183 -39.01 -39.98 -29.40
CA GLN E 183 -39.49 -39.86 -30.78
C GLN E 183 -39.59 -38.41 -31.23
N ALA E 184 -40.21 -37.58 -30.40
CA ALA E 184 -40.35 -36.16 -30.70
C ALA E 184 -39.02 -35.40 -30.62
N LEU E 185 -38.17 -35.78 -29.66
CA LEU E 185 -36.85 -35.16 -29.51
C LEU E 185 -35.96 -35.50 -30.70
N GLY E 186 -36.07 -36.75 -31.15
CA GLY E 186 -35.36 -37.25 -32.33
C GLY E 186 -35.76 -36.54 -33.61
N GLN E 187 -37.05 -36.25 -33.74
CA GLN E 187 -37.57 -35.50 -34.87
C GLN E 187 -37.03 -34.08 -34.89
N GLN E 188 -36.92 -33.48 -33.70
CA GLN E 188 -36.34 -32.15 -33.55
C GLN E 188 -34.84 -32.15 -33.85
N TYR E 189 -34.15 -33.21 -33.43
CA TYR E 189 -32.73 -33.40 -33.72
C TYR E 189 -32.42 -33.39 -35.22
N TYR E 190 -33.15 -34.18 -36.00
CA TYR E 190 -32.94 -34.25 -37.45
C TYR E 190 -33.45 -33.03 -38.20
N ARG E 191 -34.51 -32.40 -37.66
CA ARG E 191 -35.03 -31.14 -38.18
C ARG E 191 -33.97 -30.05 -38.13
N ILE E 192 -33.26 -29.98 -37.00
CA ILE E 192 -32.12 -29.07 -36.84
C ILE E 192 -31.02 -29.42 -37.85
N LYS E 193 -30.76 -30.71 -38.04
CA LYS E 193 -29.76 -31.16 -39.01
C LYS E 193 -30.10 -30.77 -40.44
N GLU E 194 -31.39 -30.75 -40.74
CA GLU E 194 -31.93 -30.30 -42.03
C GLU E 194 -31.80 -28.79 -42.19
N TRP E 195 -32.06 -28.05 -41.10
CA TRP E 195 -31.94 -26.59 -41.10
C TRP E 195 -30.50 -26.14 -41.31
N LYS E 196 -29.56 -26.95 -40.84
CA LYS E 196 -28.15 -26.63 -40.96
C LYS E 196 -27.59 -26.85 -42.38
N GLU E 197 -28.29 -27.63 -43.18
CA GLU E 197 -27.85 -27.95 -44.55
C GLU E 197 -28.35 -26.95 -45.59
N ASP F 12 -7.68 -23.81 -20.89
CA ASP F 12 -9.00 -23.16 -21.21
C ASP F 12 -9.79 -22.93 -19.93
N ALA F 13 -10.20 -21.68 -19.69
CA ALA F 13 -10.81 -21.27 -18.43
C ALA F 13 -12.15 -21.96 -18.15
N HIS F 14 -12.39 -22.25 -16.86
CA HIS F 14 -13.60 -22.96 -16.45
CA HIS F 14 -13.59 -22.94 -16.43
C HIS F 14 -14.86 -22.16 -16.78
N TYR F 15 -14.79 -20.83 -16.70
CA TYR F 15 -15.95 -19.99 -16.95
C TYR F 15 -16.28 -19.87 -18.44
N ASP F 16 -15.29 -20.14 -19.29
CA ASP F 16 -15.50 -20.19 -20.73
C ASP F 16 -16.19 -21.49 -21.18
N VAL F 17 -15.80 -22.60 -20.56
CA VAL F 17 -16.42 -23.92 -20.77
C VAL F 17 -17.85 -23.91 -20.24
N ILE F 18 -18.02 -23.30 -19.05
CA ILE F 18 -19.33 -23.06 -18.42
C ILE F 18 -20.25 -22.26 -19.35
N SER F 19 -19.69 -21.21 -19.96
CA SER F 19 -20.41 -20.35 -20.89
C SER F 19 -20.84 -21.11 -22.15
N ALA F 20 -19.90 -21.87 -22.72
CA ALA F 20 -20.12 -22.62 -23.95
C ALA F 20 -21.13 -23.74 -23.76
N PHE F 21 -21.13 -24.33 -22.57
CA PHE F 21 -22.13 -25.29 -22.13
C PHE F 21 -23.55 -24.71 -22.15
N GLN F 22 -23.74 -23.51 -21.62
CA GLN F 22 -25.07 -22.86 -21.61
C GLN F 22 -25.50 -22.46 -23.02
N LYS F 23 -24.57 -21.86 -23.76
CA LYS F 23 -24.81 -21.40 -25.13
C LYS F 23 -25.20 -22.53 -26.07
N SER F 24 -24.58 -23.69 -25.89
CA SER F 24 -24.89 -24.88 -26.69
C SER F 24 -26.28 -25.45 -26.44
N ILE F 25 -26.68 -25.55 -25.16
CA ILE F 25 -28.01 -26.05 -24.81
C ILE F 25 -29.10 -25.09 -25.29
N ARG F 26 -28.95 -23.81 -24.94
CA ARG F 26 -29.79 -22.71 -25.45
C ARG F 26 -29.87 -22.73 -26.99
N GLY F 27 -28.76 -23.07 -27.63
CA GLY F 27 -28.69 -23.17 -29.10
C GLY F 27 -29.14 -24.49 -29.71
N SER F 28 -29.53 -25.43 -28.86
CA SER F 28 -30.08 -26.74 -29.24
C SER F 28 -29.08 -27.69 -29.90
N ASP F 29 -27.81 -27.56 -29.52
CA ASP F 29 -26.77 -28.44 -30.07
C ASP F 29 -26.46 -29.54 -29.04
N VAL F 30 -27.08 -30.69 -29.21
CA VAL F 30 -26.90 -31.81 -28.28
C VAL F 30 -25.44 -32.20 -28.15
N ASP F 31 -24.77 -32.33 -29.28
CA ASP F 31 -23.41 -32.87 -29.33
C ASP F 31 -22.39 -31.91 -28.74
N ALA F 32 -22.57 -30.62 -29.00
CA ALA F 32 -21.72 -29.60 -28.41
C ALA F 32 -21.96 -29.53 -26.90
N ALA F 33 -23.22 -29.57 -26.49
CA ALA F 33 -23.57 -29.50 -25.08
C ALA F 33 -23.03 -30.70 -24.30
N LEU F 34 -23.05 -31.87 -24.94
CA LEU F 34 -22.49 -33.06 -24.33
C LEU F 34 -20.97 -33.02 -24.32
N HIS F 35 -20.37 -32.39 -25.34
CA HIS F 35 -18.92 -32.19 -25.34
C HIS F 35 -18.49 -31.30 -24.18
N TYR F 36 -19.21 -30.20 -23.98
CA TYR F 36 -18.89 -29.30 -22.87
C TYR F 36 -19.25 -29.86 -21.51
N LEU F 37 -20.36 -30.62 -21.42
CA LEU F 37 -20.69 -31.36 -20.20
C LEU F 37 -19.55 -32.31 -19.83
N ALA F 38 -19.05 -33.02 -20.84
CA ALA F 38 -17.93 -33.93 -20.68
C ALA F 38 -16.66 -33.26 -20.15
N ARG F 39 -16.35 -32.06 -20.63
CA ARG F 39 -15.22 -31.30 -20.11
C ARG F 39 -15.43 -30.88 -18.64
N LEU F 40 -16.66 -30.47 -18.31
CA LEU F 40 -17.02 -30.12 -16.94
C LEU F 40 -16.97 -31.32 -16.01
N VAL F 41 -17.49 -32.46 -16.49
CA VAL F 41 -17.46 -33.72 -15.77
C VAL F 41 -16.01 -34.12 -15.47
N GLU F 42 -15.16 -34.03 -16.50
CA GLU F 42 -13.73 -34.34 -16.37
C GLU F 42 -12.99 -33.40 -15.41
N ALA F 43 -13.38 -32.13 -15.39
CA ALA F 43 -12.83 -31.15 -14.43
C ALA F 43 -13.19 -31.48 -12.98
N GLY F 44 -14.43 -31.92 -12.74
CA GLY F 44 -14.79 -32.51 -11.45
C GLY F 44 -15.71 -31.73 -10.51
N ASP F 45 -15.99 -30.48 -10.84
CA ASP F 45 -16.83 -29.62 -9.98
C ASP F 45 -18.30 -29.89 -10.29
N LEU F 46 -18.85 -30.91 -9.64
CA LEU F 46 -20.23 -31.37 -9.87
C LEU F 46 -21.29 -30.34 -9.46
N ALA F 47 -21.08 -29.71 -8.30
CA ALA F 47 -21.97 -28.65 -7.80
C ALA F 47 -22.16 -27.50 -8.80
N SER F 48 -21.08 -27.08 -9.45
CA SER F 48 -21.14 -26.03 -10.48
CA SER F 48 -21.14 -26.03 -10.48
C SER F 48 -21.93 -26.45 -11.71
N ILE F 49 -21.72 -27.68 -12.19
CA ILE F 49 -22.49 -28.20 -13.33
C ILE F 49 -23.98 -28.19 -12.96
N CYS F 50 -24.27 -28.67 -11.76
CA CYS F 50 -25.63 -28.78 -11.23
C CYS F 50 -26.31 -27.41 -11.17
N ARG F 51 -25.59 -26.40 -10.68
CA ARG F 51 -26.11 -25.04 -10.61
C ARG F 51 -26.38 -24.47 -11.98
N ARG F 52 -25.40 -24.56 -12.89
CA ARG F 52 -25.57 -24.05 -14.24
CA ARG F 52 -25.61 -24.02 -14.22
C ARG F 52 -26.71 -24.75 -14.98
N LEU F 53 -26.82 -26.06 -14.81
CA LEU F 53 -27.91 -26.83 -15.45
C LEU F 53 -29.30 -26.38 -15.03
N MET F 54 -29.48 -26.11 -13.75
CA MET F 54 -30.74 -25.56 -13.25
C MET F 54 -31.01 -24.16 -13.83
N VAL F 55 -29.96 -23.33 -13.91
CA VAL F 55 -30.09 -22.01 -14.55
C VAL F 55 -30.53 -22.11 -16.00
N ILE F 56 -29.83 -22.94 -16.76
CA ILE F 56 -30.16 -23.18 -18.18
C ILE F 56 -31.61 -23.61 -18.34
N GLY F 57 -32.02 -24.64 -17.60
CA GLY F 57 -33.36 -25.18 -17.69
C GLY F 57 -34.41 -24.11 -17.49
N TYR F 58 -34.23 -23.32 -16.44
CA TYR F 58 -35.20 -22.28 -16.11
C TYR F 58 -35.08 -21.03 -16.99
N GLU F 59 -33.87 -20.64 -17.32
CA GLU F 59 -33.62 -19.45 -18.14
C GLU F 59 -34.04 -19.65 -19.60
N ASP F 60 -33.50 -20.69 -20.22
CA ASP F 60 -33.58 -20.85 -21.67
C ASP F 60 -34.65 -21.79 -22.14
N ILE F 61 -35.10 -22.69 -21.27
CA ILE F 61 -36.22 -23.58 -21.62
C ILE F 61 -37.52 -23.02 -21.02
N GLY F 62 -37.58 -22.91 -19.69
CA GLY F 62 -38.62 -22.15 -19.00
C GLY F 62 -40.03 -22.60 -19.27
N LEU F 63 -40.83 -21.66 -19.79
CA LEU F 63 -42.21 -21.97 -20.20
C LEU F 63 -42.30 -22.79 -21.49
N GLY F 64 -41.17 -23.02 -22.16
CA GLY F 64 -41.07 -23.93 -23.30
C GLY F 64 -41.39 -25.37 -22.94
N ASN F 65 -40.88 -25.79 -21.77
CA ASN F 65 -41.13 -27.12 -21.24
C ASN F 65 -40.94 -27.11 -19.72
N PRO F 66 -41.95 -26.61 -18.97
CA PRO F 66 -41.82 -26.43 -17.52
C PRO F 66 -41.54 -27.72 -16.75
N ALA F 67 -42.05 -28.86 -17.23
CA ALA F 67 -41.75 -30.15 -16.60
C ALA F 67 -40.29 -30.56 -16.78
N ALA F 68 -39.71 -30.26 -17.94
CA ALA F 68 -38.29 -30.56 -18.19
C ALA F 68 -37.39 -29.68 -17.34
N ALA F 69 -37.77 -28.42 -17.19
CA ALA F 69 -37.07 -27.47 -16.34
C ALA F 69 -37.09 -27.95 -14.89
N ALA F 70 -38.24 -28.46 -14.45
CA ALA F 70 -38.41 -28.99 -13.10
C ALA F 70 -37.64 -30.29 -12.90
N ARG F 71 -37.55 -31.11 -13.96
CA ARG F 71 -36.83 -32.38 -13.89
C ARG F 71 -35.33 -32.20 -13.70
N THR F 72 -34.82 -31.02 -14.06
CA THR F 72 -33.42 -30.70 -13.83
CA THR F 72 -33.41 -30.68 -13.82
C THR F 72 -33.10 -30.75 -12.34
N VAL F 73 -34.04 -30.28 -11.50
CA VAL F 73 -33.86 -30.31 -10.05
C VAL F 73 -33.81 -31.76 -9.53
N ASN F 74 -34.67 -32.62 -10.07
CA ASN F 74 -34.66 -34.05 -9.74
C ASN F 74 -33.32 -34.69 -10.06
N ALA F 75 -32.82 -34.40 -11.25
CA ALA F 75 -31.54 -34.92 -11.74
C ALA F 75 -30.37 -34.43 -10.88
N VAL F 76 -30.45 -33.17 -10.47
CA VAL F 76 -29.44 -32.56 -9.57
C VAL F 76 -29.43 -33.23 -8.20
N LEU F 77 -30.62 -33.49 -7.65
CA LEU F 77 -30.76 -34.22 -6.39
C LEU F 77 -30.19 -35.63 -6.49
N ALA F 78 -30.43 -36.30 -7.62
CA ALA F 78 -29.83 -37.61 -7.92
C ALA F 78 -28.30 -37.51 -7.97
N ALA F 79 -27.80 -36.49 -8.68
CA ALA F 79 -26.36 -36.27 -8.86
C ALA F 79 -25.65 -36.03 -7.53
N GLU F 80 -26.25 -35.23 -6.66
CA GLU F 80 -25.75 -35.01 -5.30
C GLU F 80 -25.68 -36.31 -4.49
N LYS F 81 -26.71 -37.13 -4.60
CA LYS F 81 -26.77 -38.42 -3.90
C LYS F 81 -25.82 -39.47 -4.49
N LEU F 82 -25.49 -39.36 -5.77
CA LEU F 82 -24.63 -40.34 -6.44
C LEU F 82 -23.14 -39.96 -6.43
N GLY F 83 -22.86 -38.68 -6.68
CA GLY F 83 -21.50 -38.23 -6.95
C GLY F 83 -20.99 -38.71 -8.30
N LEU F 84 -19.88 -38.14 -8.74
CA LEU F 84 -19.23 -38.59 -9.96
C LEU F 84 -18.52 -39.92 -9.63
N PRO F 85 -18.45 -40.87 -10.58
CA PRO F 85 -18.84 -40.81 -11.99
C PRO F 85 -20.33 -40.97 -12.32
N GLU F 86 -21.12 -41.59 -11.42
CA GLU F 86 -22.52 -41.91 -11.76
C GLU F 86 -23.46 -40.73 -11.94
N ALA F 87 -23.13 -39.60 -11.31
CA ALA F 87 -23.88 -38.35 -11.44
C ALA F 87 -23.99 -37.85 -12.87
N ARG F 88 -23.06 -38.26 -13.73
CA ARG F 88 -23.01 -37.81 -15.13
C ARG F 88 -24.21 -38.33 -15.93
N ILE F 89 -24.80 -39.43 -15.46
CA ILE F 89 -25.90 -40.08 -16.14
C ILE F 89 -27.22 -39.28 -16.11
N PRO F 90 -27.76 -38.94 -14.89
CA PRO F 90 -28.91 -38.04 -14.95
C PRO F 90 -28.65 -36.75 -15.71
N LEU F 91 -27.45 -36.18 -15.54
CA LEU F 91 -27.04 -34.94 -16.20
C LEU F 91 -27.08 -34.99 -17.71
N ALA F 92 -26.53 -36.06 -18.29
CA ALA F 92 -26.62 -36.29 -19.74
C ALA F 92 -28.06 -36.36 -20.22
N ASP F 93 -28.91 -37.04 -19.45
CA ASP F 93 -30.33 -37.21 -19.82
C ASP F 93 -31.05 -35.87 -19.93
N VAL F 94 -30.85 -35.02 -18.92
CA VAL F 94 -31.50 -33.72 -18.91
CA VAL F 94 -31.48 -33.68 -18.88
C VAL F 94 -30.87 -32.74 -19.91
N VAL F 95 -29.56 -32.88 -20.16
CA VAL F 95 -28.88 -32.04 -21.16
C VAL F 95 -29.52 -32.24 -22.56
N VAL F 96 -29.68 -33.49 -22.97
CA VAL F 96 -30.33 -33.84 -24.23
C VAL F 96 -31.79 -33.36 -24.28
N ASP F 97 -32.52 -33.57 -23.18
CA ASP F 97 -33.91 -33.13 -23.07
C ASP F 97 -34.02 -31.61 -23.24
N LEU F 98 -33.17 -30.87 -22.54
CA LEU F 98 -33.17 -29.42 -22.61
C LEU F 98 -32.77 -28.90 -24.00
N CYS F 99 -31.76 -29.53 -24.62
CA CYS F 99 -31.36 -29.21 -25.99
C CYS F 99 -32.49 -29.31 -27.00
N LEU F 100 -33.29 -30.36 -26.89
CA LEU F 100 -34.32 -30.62 -27.91
C LEU F 100 -35.74 -30.19 -27.52
N SER F 101 -35.87 -29.58 -26.35
CA SER F 101 -37.15 -29.04 -25.88
C SER F 101 -37.33 -27.63 -26.41
N PRO F 102 -38.60 -27.18 -26.58
CA PRO F 102 -38.85 -25.78 -26.96
C PRO F 102 -38.18 -24.78 -25.99
N LYS F 103 -37.63 -23.72 -26.57
CA LYS F 103 -36.92 -22.69 -25.83
C LYS F 103 -37.81 -21.49 -25.54
N SER F 104 -37.77 -21.03 -24.30
CA SER F 104 -38.43 -19.80 -23.92
C SER F 104 -37.65 -19.06 -22.84
N ASN F 105 -37.32 -17.80 -23.14
CA ASN F 105 -36.77 -16.87 -22.16
C ASN F 105 -37.79 -15.82 -21.70
N SER F 106 -39.05 -15.99 -22.14
CA SER F 106 -40.08 -14.96 -21.98
C SER F 106 -40.34 -14.51 -20.54
N ALA F 107 -40.36 -15.47 -19.60
CA ALA F 107 -40.62 -15.16 -18.19
C ALA F 107 -39.44 -14.49 -17.51
N TYR F 108 -38.25 -15.00 -17.82
CA TYR F 108 -36.97 -14.44 -17.36
C TYR F 108 -36.83 -12.99 -17.80
N MET F 109 -37.14 -12.72 -19.07
CA MET F 109 -37.06 -11.37 -19.61
C MET F 109 -38.17 -10.46 -19.11
N ALA F 110 -39.31 -11.06 -18.76
CA ALA F 110 -40.44 -10.33 -18.21
C ALA F 110 -40.16 -9.80 -16.79
N LEU F 111 -39.50 -10.61 -15.97
CA LEU F 111 -39.14 -10.18 -14.61
C LEU F 111 -38.03 -9.14 -14.63
N ASP F 112 -37.06 -9.30 -15.52
CA ASP F 112 -35.96 -8.34 -15.66
C ASP F 112 -36.45 -6.96 -16.14
N ALA F 113 -37.47 -6.95 -16.99
CA ALA F 113 -38.16 -5.72 -17.39
C ALA F 113 -38.92 -5.08 -16.21
N ALA F 114 -39.42 -5.91 -15.30
CA ALA F 114 -40.08 -5.43 -14.08
C ALA F 114 -39.08 -4.89 -13.05
N LEU F 115 -37.91 -5.52 -12.97
CA LEU F 115 -36.83 -5.08 -12.08
C LEU F 115 -36.23 -3.76 -12.54
N ALA F 116 -36.15 -3.57 -13.86
CA ALA F 116 -35.67 -2.34 -14.47
C ALA F 116 -36.53 -1.13 -14.09
N ASP F 117 -37.85 -1.30 -14.14
CA ASP F 117 -38.81 -0.27 -13.74
C ASP F 117 -38.69 0.15 -12.27
N ILE F 118 -38.32 -0.79 -11.39
CA ILE F 118 -38.14 -0.50 -9.97
C ILE F 118 -36.83 0.22 -9.71
N ARG F 119 -35.76 -0.23 -10.35
CA ARG F 119 -34.43 0.35 -10.19
C ARG F 119 -34.34 1.76 -10.78
N GLU F 120 -35.14 2.03 -11.81
CA GLU F 120 -35.25 3.36 -12.38
C GLU F 120 -36.28 4.24 -11.62
N GLY F 121 -36.86 3.68 -10.55
CA GLY F 121 -37.79 4.42 -9.68
C GLY F 121 -39.15 4.73 -10.29
N LYS F 122 -39.57 3.94 -11.27
CA LYS F 122 -40.86 4.13 -11.95
C LYS F 122 -42.01 3.43 -11.23
N ALA F 123 -41.68 2.69 -10.18
CA ALA F 123 -42.69 1.98 -9.39
C ALA F 123 -43.40 2.90 -8.42
N GLY F 124 -44.63 2.53 -8.06
CA GLY F 124 -45.42 3.29 -7.11
C GLY F 124 -45.64 2.54 -5.80
N ASP F 125 -46.81 2.74 -5.21
CA ASP F 125 -47.19 2.07 -3.98
C ASP F 125 -48.22 0.97 -4.23
N VAL F 126 -48.29 0.03 -3.29
CA VAL F 126 -49.28 -1.04 -3.30
C VAL F 126 -50.66 -0.39 -3.15
N PRO F 127 -51.57 -0.65 -4.12
CA PRO F 127 -52.96 -0.19 -4.07
C PRO F 127 -53.63 -0.65 -2.77
N ASP F 128 -54.46 0.23 -2.20
CA ASP F 128 -54.99 0.02 -0.85
C ASP F 128 -55.78 -1.29 -0.67
N HIS F 129 -56.51 -1.70 -1.71
CA HIS F 129 -57.29 -2.95 -1.69
C HIS F 129 -56.42 -4.21 -1.73
N LEU F 130 -55.15 -4.07 -2.06
CA LEU F 130 -54.22 -5.20 -2.10
C LEU F 130 -53.39 -5.34 -0.84
N ARG F 131 -53.43 -4.33 0.03
CA ARG F 131 -52.69 -4.34 1.29
C ARG F 131 -53.19 -5.39 2.27
N ASP F 132 -52.35 -5.74 3.24
CA ASP F 132 -52.68 -6.81 4.19
C ASP F 132 -53.74 -6.34 5.19
N SER F 133 -54.89 -7.01 5.16
CA SER F 133 -56.06 -6.62 5.94
C SER F 133 -55.90 -6.90 7.44
N HIS F 134 -55.03 -7.85 7.78
CA HIS F 134 -54.76 -8.21 9.17
C HIS F 134 -53.99 -7.10 9.92
N TYR F 135 -53.31 -6.24 9.16
CA TYR F 135 -52.63 -5.07 9.70
C TYR F 135 -53.38 -3.80 9.30
N ASN F 142 -61.99 6.27 1.73
CA ASN F 142 -61.88 5.27 0.67
C ASN F 142 -63.08 4.33 0.62
N ARG F 143 -64.05 4.65 -0.25
CA ARG F 143 -65.28 3.85 -0.41
C ARG F 143 -65.16 2.83 -1.53
N GLY F 144 -65.96 1.77 -1.43
CA GLY F 144 -66.06 0.80 -2.53
C GLY F 144 -66.03 -0.64 -2.10
N VAL F 145 -65.92 -1.52 -3.10
CA VAL F 145 -66.02 -2.97 -2.94
C VAL F 145 -64.89 -3.62 -2.11
N GLY F 146 -63.76 -2.93 -2.00
CA GLY F 146 -62.58 -3.46 -1.34
C GLY F 146 -61.99 -4.60 -2.17
N TYR F 147 -61.16 -5.42 -1.53
CA TYR F 147 -60.57 -6.56 -2.21
C TYR F 147 -61.62 -7.58 -2.63
N GLN F 148 -61.65 -7.90 -3.92
CA GLN F 148 -62.49 -8.99 -4.45
C GLN F 148 -61.67 -10.27 -4.64
N TYR F 149 -62.22 -11.38 -4.16
CA TYR F 149 -61.54 -12.66 -4.09
C TYR F 149 -61.97 -13.50 -5.29
N PRO F 150 -61.06 -13.69 -6.27
CA PRO F 150 -61.32 -14.29 -7.58
C PRO F 150 -62.02 -15.64 -7.54
N HIS F 151 -61.77 -16.43 -6.49
CA HIS F 151 -62.38 -17.76 -6.36
C HIS F 151 -63.92 -17.77 -6.23
N HIS F 152 -64.49 -16.64 -5.81
CA HIS F 152 -65.95 -16.49 -5.73
C HIS F 152 -66.61 -16.34 -7.11
N PHE F 153 -65.79 -16.06 -8.13
CA PHE F 153 -66.26 -15.66 -9.46
C PHE F 153 -66.24 -16.79 -10.50
N ASP F 154 -66.94 -16.57 -11.61
CA ASP F 154 -66.92 -17.47 -12.76
C ASP F 154 -65.50 -17.48 -13.35
N GLN F 155 -65.05 -18.69 -13.70
CA GLN F 155 -63.69 -18.95 -14.23
C GLN F 155 -62.59 -18.62 -13.23
N ALA F 156 -62.97 -18.46 -11.96
CA ALA F 156 -62.11 -17.98 -10.87
C ALA F 156 -61.31 -16.72 -11.24
N TRP F 157 -62.00 -15.75 -11.83
CA TRP F 157 -61.37 -14.51 -12.28
C TRP F 157 -62.28 -13.29 -12.06
N VAL F 158 -61.65 -12.17 -11.69
CA VAL F 158 -62.35 -10.89 -11.55
C VAL F 158 -61.55 -9.74 -12.19
N ASN F 159 -62.24 -8.86 -12.91
CA ASN F 159 -61.63 -7.60 -13.34
C ASN F 159 -61.35 -6.77 -12.11
N GLN F 160 -60.06 -6.65 -11.81
CA GLN F 160 -59.59 -5.96 -10.62
C GLN F 160 -58.19 -5.46 -10.93
N GLN F 161 -57.86 -4.27 -10.43
CA GLN F 161 -56.55 -3.66 -10.60
C GLN F 161 -55.56 -4.27 -9.63
N TYR F 162 -54.42 -4.72 -10.15
CA TYR F 162 -53.35 -5.27 -9.32
C TYR F 162 -52.05 -4.45 -9.41
N LEU F 163 -51.70 -3.98 -10.60
CA LEU F 163 -50.56 -3.07 -10.77
C LEU F 163 -50.77 -1.74 -10.05
N PRO F 164 -49.68 -1.16 -9.49
CA PRO F 164 -49.74 0.21 -8.94
C PRO F 164 -50.19 1.24 -9.99
N ASP F 165 -50.78 2.34 -9.51
CA ASP F 165 -51.28 3.41 -10.38
C ASP F 165 -50.25 3.89 -11.40
N LYS F 166 -49.01 4.08 -10.93
CA LYS F 166 -47.88 4.52 -11.77
C LYS F 166 -47.50 3.53 -12.88
N LEU F 167 -47.82 2.25 -12.69
CA LEU F 167 -47.48 1.22 -13.66
C LEU F 167 -48.70 0.58 -14.30
N LYS F 168 -49.83 1.29 -14.34
CA LYS F 168 -51.10 0.71 -14.83
C LYS F 168 -51.08 0.25 -16.29
N ASN F 169 -50.18 0.82 -17.09
CA ASN F 169 -50.05 0.50 -18.51
C ASN F 169 -48.88 -0.43 -18.85
N ALA F 170 -48.15 -0.89 -17.83
CA ALA F 170 -46.95 -1.72 -18.03
C ALA F 170 -47.25 -3.09 -18.62
N GLN F 171 -46.36 -3.54 -19.50
CA GLN F 171 -46.43 -4.87 -20.08
C GLN F 171 -45.05 -5.50 -20.05
N TYR F 172 -44.87 -6.46 -19.15
CA TYR F 172 -43.57 -7.12 -18.98
C TYR F 172 -43.53 -8.44 -19.75
N TYR F 173 -44.60 -9.21 -19.64
CA TYR F 173 -44.67 -10.53 -20.25
C TYR F 173 -45.23 -10.49 -21.67
N GLN F 174 -44.43 -10.98 -22.60
CA GLN F 174 -44.90 -11.24 -23.95
C GLN F 174 -44.74 -12.72 -24.25
N PRO F 175 -45.87 -13.43 -24.39
CA PRO F 175 -45.87 -14.88 -24.56
C PRO F 175 -45.21 -15.33 -25.86
N LYS F 176 -44.50 -16.44 -25.81
CA LYS F 176 -43.98 -17.09 -27.01
C LYS F 176 -44.81 -18.35 -27.29
N ASP F 177 -44.58 -18.96 -28.43
CA ASP F 177 -45.41 -20.09 -28.85
C ASP F 177 -44.58 -21.27 -29.36
N THR F 178 -43.29 -21.26 -29.00
CA THR F 178 -42.33 -22.29 -29.39
C THR F 178 -42.70 -23.68 -28.87
N GLY F 179 -43.47 -23.73 -27.79
CA GLY F 179 -44.08 -24.96 -27.32
C GLY F 179 -45.55 -24.80 -27.02
N LYS F 180 -46.24 -25.94 -26.95
CA LYS F 180 -47.69 -26.00 -26.73
C LYS F 180 -48.14 -25.56 -25.34
N TYR F 181 -47.24 -25.68 -24.35
CA TYR F 181 -47.57 -25.25 -23.01
C TYR F 181 -47.70 -23.74 -22.94
N GLU F 182 -46.68 -23.03 -23.44
CA GLU F 182 -46.72 -21.57 -23.47
C GLU F 182 -47.70 -21.00 -24.50
N GLN F 183 -47.99 -21.78 -25.56
CA GLN F 183 -49.09 -21.46 -26.48
C GLN F 183 -50.41 -21.29 -25.72
N ALA F 184 -50.70 -22.27 -24.85
CA ALA F 184 -51.94 -22.28 -24.07
C ALA F 184 -51.94 -21.21 -22.99
N LEU F 185 -50.78 -20.99 -22.37
CA LEU F 185 -50.62 -19.93 -21.38
C LEU F 185 -50.81 -18.57 -22.06
N GLY F 186 -50.22 -18.43 -23.25
CA GLY F 186 -50.30 -17.21 -24.05
C GLY F 186 -51.71 -16.84 -24.44
N GLN F 187 -52.50 -17.84 -24.82
CA GLN F 187 -53.90 -17.65 -25.20
C GLN F 187 -54.73 -17.20 -24.01
N GLN F 188 -54.43 -17.74 -22.84
CA GLN F 188 -55.05 -17.34 -21.59
C GLN F 188 -54.69 -15.89 -21.23
N TYR F 189 -53.42 -15.54 -21.42
CA TYR F 189 -52.94 -14.17 -21.20
C TYR F 189 -53.69 -13.13 -22.05
N TYR F 190 -53.93 -13.46 -23.31
CA TYR F 190 -54.66 -12.57 -24.22
C TYR F 190 -56.19 -12.63 -24.03
N ARG F 191 -56.69 -13.78 -23.56
CA ARG F 191 -58.09 -13.95 -23.19
C ARG F 191 -58.48 -13.00 -22.05
N ILE F 192 -57.59 -12.90 -21.05
CA ILE F 192 -57.74 -11.99 -19.91
C ILE F 192 -57.70 -10.52 -20.36
N LYS F 193 -56.79 -10.19 -21.27
CA LYS F 193 -56.74 -8.84 -21.87
C LYS F 193 -58.00 -8.49 -22.64
N GLU F 194 -58.58 -9.47 -23.34
CA GLU F 194 -59.85 -9.31 -24.04
C GLU F 194 -61.02 -9.15 -23.07
N TRP F 195 -60.94 -9.86 -21.94
CA TRP F 195 -61.94 -9.72 -20.87
C TRP F 195 -61.93 -8.32 -20.26
N LYS F 196 -60.74 -7.77 -20.06
CA LYS F 196 -60.58 -6.46 -19.43
C LYS F 196 -61.00 -5.26 -20.31
N GLU F 197 -61.40 -5.52 -21.55
CA GLU F 197 -61.84 -4.46 -22.46
C GLU F 197 -63.36 -4.41 -22.63
N ASP G 12 -42.96 1.42 1.67
CA ASP G 12 -44.10 0.48 1.57
C ASP G 12 -43.74 -0.86 2.22
N ALA G 13 -44.58 -1.30 3.15
CA ALA G 13 -44.24 -2.42 4.06
C ALA G 13 -44.10 -3.79 3.40
N HIS G 14 -43.29 -4.63 4.04
CA HIS G 14 -42.96 -5.98 3.57
C HIS G 14 -44.18 -6.88 3.46
N TYR G 15 -45.09 -6.79 4.44
CA TYR G 15 -46.31 -7.59 4.49
CA TYR G 15 -46.29 -7.61 4.45
C TYR G 15 -47.32 -7.21 3.38
N ASP G 16 -47.26 -5.96 2.94
CA ASP G 16 -48.16 -5.45 1.88
C ASP G 16 -47.74 -5.92 0.49
N VAL G 17 -46.43 -5.93 0.22
CA VAL G 17 -45.88 -6.42 -1.03
C VAL G 17 -46.13 -7.93 -1.15
N ILE G 18 -45.93 -8.62 -0.02
CA ILE G 18 -46.22 -10.04 0.12
C ILE G 18 -47.70 -10.33 -0.16
N SER G 19 -48.59 -9.51 0.40
CA SER G 19 -50.03 -9.62 0.19
C SER G 19 -50.41 -9.37 -1.27
N ALA G 20 -49.80 -8.35 -1.87
CA ALA G 20 -50.10 -7.98 -3.25
C ALA G 20 -49.62 -9.02 -4.26
N PHE G 21 -48.46 -9.62 -3.99
CA PHE G 21 -47.89 -10.71 -4.77
C PHE G 21 -48.87 -11.87 -4.92
N GLN G 22 -49.38 -12.35 -3.78
CA GLN G 22 -50.35 -13.44 -3.74
C GLN G 22 -51.64 -13.11 -4.47
N LYS G 23 -52.22 -11.94 -4.17
CA LYS G 23 -53.45 -11.47 -4.80
C LYS G 23 -53.36 -11.36 -6.32
N SER G 24 -52.24 -10.85 -6.83
CA SER G 24 -51.99 -10.75 -8.26
C SER G 24 -51.88 -12.10 -8.96
N ILE G 25 -51.23 -13.06 -8.32
CA ILE G 25 -51.12 -14.42 -8.87
C ILE G 25 -52.48 -15.09 -8.85
N ARG G 26 -53.15 -15.05 -7.69
CA ARG G 26 -54.54 -15.53 -7.54
C ARG G 26 -55.49 -14.89 -8.55
N GLY G 27 -55.24 -13.62 -8.84
CA GLY G 27 -56.05 -12.85 -9.78
C GLY G 27 -55.60 -12.87 -11.22
N SER G 28 -54.62 -13.73 -11.51
CA SER G 28 -54.15 -14.02 -12.88
C SER G 28 -53.52 -12.84 -13.61
N ASP G 29 -52.84 -11.96 -12.87
CA ASP G 29 -52.20 -10.80 -13.49
C ASP G 29 -50.69 -11.00 -13.51
N VAL G 30 -50.17 -11.48 -14.63
CA VAL G 30 -48.73 -11.80 -14.78
C VAL G 30 -47.87 -10.59 -14.49
N ASP G 31 -48.19 -9.49 -15.15
CA ASP G 31 -47.41 -8.26 -15.08
C ASP G 31 -47.35 -7.66 -13.69
N ALA G 32 -48.48 -7.72 -12.98
CA ALA G 32 -48.53 -7.22 -11.59
C ALA G 32 -47.79 -8.15 -10.64
N ALA G 33 -47.96 -9.47 -10.83
CA ALA G 33 -47.25 -10.47 -10.04
C ALA G 33 -45.73 -10.38 -10.19
N LEU G 34 -45.28 -10.13 -11.41
CA LEU G 34 -43.86 -9.95 -11.69
C LEU G 34 -43.32 -8.66 -11.10
N HIS G 35 -44.13 -7.60 -11.09
CA HIS G 35 -43.76 -6.34 -10.46
C HIS G 35 -43.52 -6.55 -8.97
N TYR G 36 -44.48 -7.22 -8.30
CA TYR G 36 -44.36 -7.51 -6.87
C TYR G 36 -43.25 -8.51 -6.58
N LEU G 37 -43.04 -9.46 -7.50
CA LEU G 37 -41.88 -10.36 -7.39
C LEU G 37 -40.59 -9.54 -7.43
N ALA G 38 -40.51 -8.60 -8.39
CA ALA G 38 -39.32 -7.76 -8.55
C ALA G 38 -39.02 -6.91 -7.31
N ARG G 39 -40.05 -6.33 -6.70
CA ARG G 39 -39.92 -5.62 -5.42
C ARG G 39 -39.34 -6.51 -4.33
N LEU G 40 -39.83 -7.74 -4.24
CA LEU G 40 -39.36 -8.73 -3.28
C LEU G 40 -37.93 -9.21 -3.55
N VAL G 41 -37.59 -9.37 -4.83
CA VAL G 41 -36.22 -9.67 -5.25
C VAL G 41 -35.28 -8.53 -4.85
N GLU G 42 -35.72 -7.29 -5.07
CA GLU G 42 -34.94 -6.10 -4.71
C GLU G 42 -34.65 -5.97 -3.21
N ALA G 43 -35.62 -6.35 -2.38
CA ALA G 43 -35.45 -6.34 -0.93
C ALA G 43 -34.53 -7.48 -0.47
N GLY G 44 -34.41 -8.52 -1.29
CA GLY G 44 -33.46 -9.59 -1.06
C GLY G 44 -33.86 -10.65 -0.05
N ASP G 45 -35.15 -10.71 0.28
CA ASP G 45 -35.64 -11.81 1.11
C ASP G 45 -36.12 -12.93 0.18
N LEU G 46 -35.18 -13.83 -0.14
CA LEU G 46 -35.46 -14.96 -1.00
C LEU G 46 -36.38 -15.97 -0.31
N ALA G 47 -36.16 -16.17 0.99
CA ALA G 47 -36.92 -17.15 1.75
C ALA G 47 -38.39 -16.84 1.85
N SER G 48 -38.74 -15.55 1.91
CA SER G 48 -40.12 -15.14 1.97
C SER G 48 -40.85 -15.30 0.65
N ILE G 49 -40.13 -15.12 -0.46
CA ILE G 49 -40.69 -15.32 -1.79
C ILE G 49 -41.03 -16.80 -1.97
N CYS G 50 -40.08 -17.65 -1.61
CA CYS G 50 -40.20 -19.09 -1.71
C CYS G 50 -41.35 -19.62 -0.86
N ARG G 51 -41.41 -19.18 0.40
CA ARG G 51 -42.51 -19.51 1.30
CA ARG G 51 -42.51 -19.50 1.30
C ARG G 51 -43.86 -19.16 0.70
N ARG G 52 -43.99 -17.91 0.25
CA ARG G 52 -45.24 -17.42 -0.32
C ARG G 52 -45.60 -18.12 -1.64
N LEU G 53 -44.62 -18.37 -2.50
CA LEU G 53 -44.87 -19.09 -3.75
C LEU G 53 -45.45 -20.48 -3.55
N MET G 54 -44.89 -21.23 -2.60
CA MET G 54 -45.40 -22.55 -2.25
C MET G 54 -46.83 -22.46 -1.70
N VAL G 55 -47.08 -21.48 -0.83
CA VAL G 55 -48.44 -21.23 -0.32
C VAL G 55 -49.43 -20.88 -1.44
N ILE G 56 -49.05 -19.97 -2.34
CA ILE G 56 -49.91 -19.59 -3.47
C ILE G 56 -50.21 -20.77 -4.39
N GLY G 57 -49.17 -21.51 -4.79
CA GLY G 57 -49.30 -22.65 -5.70
C GLY G 57 -50.32 -23.64 -5.20
N TYR G 58 -50.26 -23.94 -3.90
CA TYR G 58 -51.11 -24.92 -3.30
C TYR G 58 -52.47 -24.38 -2.87
N GLU G 59 -52.50 -23.17 -2.32
CA GLU G 59 -53.76 -22.55 -1.91
C GLU G 59 -54.61 -22.13 -3.10
N ASP G 60 -54.02 -21.41 -4.03
CA ASP G 60 -54.79 -20.75 -5.08
C ASP G 60 -54.86 -21.47 -6.40
N ILE G 61 -53.84 -22.27 -6.70
CA ILE G 61 -53.82 -23.06 -7.93
C ILE G 61 -54.28 -24.48 -7.63
N GLY G 62 -53.64 -25.13 -6.65
CA GLY G 62 -54.11 -26.42 -6.12
C GLY G 62 -54.55 -27.43 -7.18
N LEU G 63 -55.80 -27.87 -7.08
CA LEU G 63 -56.33 -28.89 -7.98
C LEU G 63 -56.57 -28.41 -9.40
N GLY G 64 -56.49 -27.08 -9.59
CA GLY G 64 -56.55 -26.44 -10.91
C GLY G 64 -55.40 -26.84 -11.81
N ASN G 65 -54.23 -27.07 -11.22
CA ASN G 65 -53.06 -27.59 -11.93
C ASN G 65 -52.07 -28.18 -10.92
N PRO G 66 -52.31 -29.43 -10.47
CA PRO G 66 -51.45 -30.05 -9.45
C PRO G 66 -49.98 -30.17 -9.82
N ALA G 67 -49.67 -30.33 -11.12
CA ALA G 67 -48.28 -30.41 -11.56
C ALA G 67 -47.56 -29.06 -11.43
N ALA G 68 -48.26 -27.97 -11.75
CA ALA G 68 -47.74 -26.62 -11.55
C ALA G 68 -47.51 -26.30 -10.08
N ALA G 69 -48.40 -26.79 -9.22
CA ALA G 69 -48.28 -26.61 -7.76
C ALA G 69 -47.04 -27.34 -7.25
N ALA G 70 -46.85 -28.58 -7.71
CA ALA G 70 -45.70 -29.39 -7.33
C ALA G 70 -44.37 -28.81 -7.84
N ARG G 71 -44.43 -28.21 -9.03
CA ARG G 71 -43.26 -27.61 -9.67
C ARG G 71 -42.74 -26.37 -8.94
N THR G 72 -43.58 -25.78 -8.10
CA THR G 72 -43.17 -24.65 -7.27
CA THR G 72 -43.16 -24.65 -7.25
C THR G 72 -42.09 -25.10 -6.28
N VAL G 73 -42.26 -26.30 -5.74
CA VAL G 73 -41.29 -26.91 -4.81
C VAL G 73 -39.97 -27.15 -5.53
N ASN G 74 -40.04 -27.64 -6.78
CA ASN G 74 -38.85 -27.83 -7.60
C ASN G 74 -38.09 -26.53 -7.78
N ALA G 75 -38.82 -25.47 -8.15
CA ALA G 75 -38.23 -24.14 -8.36
C ALA G 75 -37.67 -23.52 -7.09
N VAL G 76 -38.33 -23.77 -5.96
CA VAL G 76 -37.89 -23.30 -4.65
C VAL G 76 -36.58 -23.98 -4.26
N LEU G 77 -36.52 -25.30 -4.42
CA LEU G 77 -35.26 -26.04 -4.24
C LEU G 77 -34.13 -25.54 -5.15
N ALA G 78 -34.45 -25.26 -6.41
CA ALA G 78 -33.50 -24.62 -7.34
C ALA G 78 -33.04 -23.25 -6.81
N ALA G 79 -34.00 -22.39 -6.45
CA ALA G 79 -33.75 -21.06 -5.88
C ALA G 79 -32.83 -21.08 -4.66
N GLU G 80 -33.04 -22.05 -3.79
CA GLU G 80 -32.24 -22.21 -2.58
C GLU G 80 -30.78 -22.58 -2.89
N LYS G 81 -30.59 -23.48 -3.85
CA LYS G 81 -29.25 -23.90 -4.25
C LYS G 81 -28.55 -22.85 -5.08
N LEU G 82 -29.32 -21.97 -5.73
CA LEU G 82 -28.73 -20.93 -6.57
C LEU G 82 -28.38 -19.68 -5.79
N GLY G 83 -29.31 -19.29 -4.91
CA GLY G 83 -29.28 -17.99 -4.27
C GLY G 83 -29.59 -16.89 -5.27
N LEU G 84 -29.75 -15.67 -4.79
CA LEU G 84 -29.93 -14.51 -5.65
C LEU G 84 -28.56 -14.03 -6.14
N PRO G 85 -28.49 -13.44 -7.36
CA PRO G 85 -29.57 -13.06 -8.29
C PRO G 85 -30.17 -14.20 -9.12
N GLU G 86 -29.47 -15.33 -9.26
CA GLU G 86 -29.89 -16.39 -10.20
C GLU G 86 -31.21 -17.07 -9.82
N ALA G 87 -31.56 -17.03 -8.53
CA ALA G 87 -32.79 -17.62 -8.02
C ALA G 87 -34.05 -17.00 -8.61
N ARG G 88 -33.93 -15.76 -9.08
CA ARG G 88 -35.05 -15.03 -9.65
C ARG G 88 -35.61 -15.69 -10.92
N ILE G 89 -34.77 -16.49 -11.61
CA ILE G 89 -35.15 -17.12 -12.87
C ILE G 89 -36.18 -18.25 -12.72
N PRO G 90 -35.88 -19.31 -11.91
CA PRO G 90 -36.96 -20.29 -11.65
C PRO G 90 -38.24 -19.73 -11.00
N LEU G 91 -38.10 -18.72 -10.14
CA LEU G 91 -39.24 -18.11 -9.49
C LEU G 91 -40.15 -17.35 -10.47
N ALA G 92 -39.53 -16.63 -11.42
CA ALA G 92 -40.27 -15.96 -12.50
C ALA G 92 -41.06 -16.94 -13.35
N ASP G 93 -40.40 -18.02 -13.77
CA ASP G 93 -41.05 -19.09 -14.54
C ASP G 93 -42.31 -19.62 -13.88
N VAL G 94 -42.21 -19.89 -12.58
CA VAL G 94 -43.32 -20.43 -11.82
C VAL G 94 -44.44 -19.43 -11.62
N VAL G 95 -44.08 -18.17 -11.37
CA VAL G 95 -45.02 -17.06 -11.23
C VAL G 95 -45.91 -16.94 -12.47
N VAL G 96 -45.28 -16.95 -13.64
CA VAL G 96 -46.01 -16.86 -14.91
C VAL G 96 -46.92 -18.07 -15.09
N ASP G 97 -46.37 -19.27 -14.92
CA ASP G 97 -47.13 -20.53 -14.93
C ASP G 97 -48.36 -20.51 -13.99
N LEU G 98 -48.16 -20.13 -12.73
CA LEU G 98 -49.26 -20.07 -11.75
C LEU G 98 -50.37 -19.06 -12.10
N CYS G 99 -49.96 -17.88 -12.57
CA CYS G 99 -50.86 -16.81 -13.01
C CYS G 99 -51.78 -17.26 -14.13
N LEU G 100 -51.29 -18.05 -15.07
CA LEU G 100 -52.09 -18.41 -16.23
C LEU G 100 -52.66 -19.82 -16.17
N SER G 101 -52.46 -20.48 -15.03
CA SER G 101 -53.01 -21.81 -14.78
C SER G 101 -54.41 -21.69 -14.22
N PRO G 102 -55.26 -22.73 -14.38
CA PRO G 102 -56.57 -22.76 -13.73
C PRO G 102 -56.45 -22.68 -12.21
N LYS G 103 -57.34 -21.92 -11.58
CA LYS G 103 -57.26 -21.67 -10.15
C LYS G 103 -58.26 -22.54 -9.38
N SER G 104 -57.82 -23.04 -8.22
CA SER G 104 -58.72 -23.79 -7.35
C SER G 104 -58.35 -23.64 -5.89
N ASN G 105 -59.33 -23.24 -5.08
CA ASN G 105 -59.18 -23.21 -3.64
C ASN G 105 -60.00 -24.31 -2.94
N SER G 106 -60.60 -25.19 -3.74
CA SER G 106 -61.58 -26.18 -3.25
C SER G 106 -61.07 -27.07 -2.13
N ALA G 107 -59.87 -27.62 -2.32
CA ALA G 107 -59.26 -28.51 -1.34
C ALA G 107 -58.89 -27.75 -0.07
N TYR G 108 -58.42 -26.52 -0.24
CA TYR G 108 -58.08 -25.60 0.85
C TYR G 108 -59.32 -25.27 1.68
N MET G 109 -60.41 -24.91 1.01
CA MET G 109 -61.64 -24.57 1.71
CA MET G 109 -61.66 -24.57 1.67
C MET G 109 -62.36 -25.77 2.31
N ALA G 110 -62.12 -26.96 1.75
CA ALA G 110 -62.70 -28.19 2.28
C ALA G 110 -62.08 -28.59 3.62
N LEU G 111 -60.75 -28.48 3.73
CA LEU G 111 -60.08 -28.85 4.96
C LEU G 111 -60.44 -27.88 6.10
N ASP G 112 -60.48 -26.59 5.79
CA ASP G 112 -60.90 -25.58 6.75
C ASP G 112 -62.36 -25.75 7.22
N ALA G 113 -63.21 -26.31 6.36
CA ALA G 113 -64.57 -26.69 6.75
C ALA G 113 -64.56 -27.88 7.72
N ALA G 114 -63.64 -28.81 7.49
CA ALA G 114 -63.45 -29.97 8.37
C ALA G 114 -62.84 -29.57 9.72
N LEU G 115 -61.91 -28.61 9.69
CA LEU G 115 -61.25 -28.11 10.90
C LEU G 115 -62.24 -27.37 11.80
N ALA G 116 -63.19 -26.66 11.17
CA ALA G 116 -64.22 -25.91 11.86
C ALA G 116 -65.12 -26.81 12.73
N ASP G 117 -65.58 -27.92 12.13
CA ASP G 117 -66.40 -28.91 12.83
C ASP G 117 -65.69 -29.51 14.05
N ILE G 118 -64.39 -29.74 13.94
CA ILE G 118 -63.59 -30.26 15.04
C ILE G 118 -63.45 -29.24 16.18
N ARG G 119 -63.22 -27.97 15.83
CA ARG G 119 -63.08 -26.91 16.81
C ARG G 119 -64.40 -26.60 17.51
N GLU G 120 -65.49 -26.77 16.77
CA GLU G 120 -66.84 -26.62 17.31
C GLU G 120 -67.34 -27.88 18.03
N GLY G 121 -66.46 -28.87 18.14
CA GLY G 121 -66.75 -30.12 18.87
C GLY G 121 -67.76 -31.05 18.22
N LYS G 122 -68.08 -30.78 16.96
CA LYS G 122 -69.03 -31.60 16.19
C LYS G 122 -68.46 -32.95 15.74
N ALA G 123 -67.17 -33.15 15.97
CA ALA G 123 -66.49 -34.40 15.65
C ALA G 123 -66.94 -35.55 16.55
N GLY G 124 -66.86 -36.78 16.02
CA GLY G 124 -67.16 -37.95 16.81
C GLY G 124 -65.93 -38.80 17.01
N ASP G 125 -66.15 -40.08 17.33
CA ASP G 125 -65.07 -41.04 17.46
C ASP G 125 -64.86 -41.78 16.14
N VAL G 126 -63.65 -42.31 15.96
CA VAL G 126 -63.32 -43.19 14.86
C VAL G 126 -64.26 -44.41 14.91
N PRO G 127 -65.01 -44.68 13.81
CA PRO G 127 -65.81 -45.89 13.73
C PRO G 127 -64.95 -47.13 13.97
N ASP G 128 -65.51 -48.08 14.72
CA ASP G 128 -64.79 -49.26 15.22
C ASP G 128 -64.05 -50.06 14.15
N HIS G 129 -64.65 -50.17 12.97
CA HIS G 129 -64.05 -50.90 11.85
C HIS G 129 -62.85 -50.18 11.20
N LEU G 130 -62.64 -48.91 11.54
CA LEU G 130 -61.52 -48.14 11.00
C LEU G 130 -60.33 -48.03 11.95
N ARG G 131 -60.49 -48.54 13.16
CA ARG G 131 -59.46 -48.47 14.18
C ARG G 131 -58.33 -49.44 13.86
N ASP G 132 -57.15 -49.17 14.38
CA ASP G 132 -55.99 -50.01 14.11
C ASP G 132 -56.19 -51.41 14.69
N SER G 133 -56.11 -52.40 13.81
CA SER G 133 -56.36 -53.81 14.15
C SER G 133 -55.15 -54.50 14.79
N HIS G 134 -53.98 -53.86 14.70
CA HIS G 134 -52.78 -54.35 15.37
C HIS G 134 -52.81 -54.05 16.88
N TYR G 135 -53.71 -53.14 17.28
CA TYR G 135 -53.99 -52.85 18.68
C TYR G 135 -55.42 -53.25 19.01
N ARG G 143 -71.06 -57.14 14.88
N ARG G 143 -61.77 -53.96 17.94
CA ARG G 143 -71.30 -58.50 14.42
CA ARG G 143 -60.71 -53.39 17.11
C ARG G 143 -71.52 -58.68 12.91
C ARG G 143 -60.74 -53.99 15.72
N GLY G 144 -70.63 -58.15 12.07
N GLY G 144 -61.51 -53.36 14.83
CA GLY G 144 -70.59 -58.55 10.68
CA GLY G 144 -61.24 -53.46 13.41
C GLY G 144 -69.24 -58.32 9.98
C GLY G 144 -61.99 -54.52 12.62
N VAL G 145 -69.30 -57.71 8.81
N VAL G 145 -63.04 -55.09 13.19
CA VAL G 145 -68.34 -57.90 7.73
CA VAL G 145 -63.80 -56.11 12.49
C VAL G 145 -66.95 -57.42 8.03
C VAL G 145 -64.84 -55.60 11.50
N GLY G 146 -66.80 -56.62 9.08
N GLY G 146 -65.03 -56.34 10.43
CA GLY G 146 -65.57 -55.97 9.46
CA GLY G 146 -65.83 -55.86 9.33
C GLY G 146 -65.13 -54.97 8.43
C GLY G 146 -65.16 -54.92 8.38
N TYR G 147 -63.92 -54.53 8.58
CA TYR G 147 -63.28 -53.63 7.63
C TYR G 147 -63.13 -54.33 6.28
N GLN G 148 -63.64 -53.68 5.24
CA GLN G 148 -63.48 -54.14 3.88
C GLN G 148 -62.37 -53.35 3.17
N TYR G 149 -61.43 -54.10 2.60
CA TYR G 149 -60.25 -53.57 1.91
C TYR G 149 -60.62 -53.38 0.43
N PRO G 150 -60.71 -52.11 -0.03
CA PRO G 150 -61.25 -51.70 -1.34
C PRO G 150 -60.54 -52.26 -2.56
N HIS G 151 -59.26 -52.62 -2.42
CA HIS G 151 -58.49 -53.22 -3.51
C HIS G 151 -58.98 -54.60 -3.93
N HIS G 152 -59.78 -55.25 -3.07
CA HIS G 152 -60.41 -56.53 -3.42
C HIS G 152 -61.63 -56.38 -4.31
N PHE G 153 -62.16 -55.16 -4.39
CA PHE G 153 -63.43 -54.88 -5.04
C PHE G 153 -63.27 -54.31 -6.45
N ASP G 154 -64.36 -54.35 -7.21
CA ASP G 154 -64.42 -53.78 -8.57
C ASP G 154 -64.19 -52.27 -8.52
N GLN G 155 -63.37 -51.78 -9.45
CA GLN G 155 -62.95 -50.36 -9.54
C GLN G 155 -62.11 -49.92 -8.33
N ALA G 156 -61.61 -50.90 -7.56
CA ALA G 156 -60.97 -50.68 -6.27
C ALA G 156 -61.76 -49.75 -5.31
N TRP G 157 -63.07 -49.98 -5.24
CA TRP G 157 -63.95 -49.18 -4.39
C TRP G 157 -65.02 -50.04 -3.71
N VAL G 158 -65.23 -49.78 -2.42
CA VAL G 158 -66.31 -50.42 -1.66
C VAL G 158 -67.22 -49.38 -0.97
N ASN G 159 -68.53 -49.61 -1.04
CA ASN G 159 -69.49 -48.87 -0.21
C ASN G 159 -69.22 -49.22 1.25
N GLN G 160 -68.65 -48.25 1.97
CA GLN G 160 -68.27 -48.42 3.36
C GLN G 160 -68.31 -47.03 4.02
N GLN G 161 -68.75 -46.98 5.27
CA GLN G 161 -68.75 -45.74 6.04
C GLN G 161 -67.34 -45.41 6.51
N TYR G 162 -66.91 -44.18 6.28
CA TYR G 162 -65.62 -43.70 6.78
C TYR G 162 -65.75 -42.53 7.77
N LEU G 163 -66.71 -41.64 7.52
CA LEU G 163 -67.03 -40.56 8.45
C LEU G 163 -67.55 -41.10 9.79
N PRO G 164 -67.24 -40.41 10.90
CA PRO G 164 -67.86 -40.76 12.18
C PRO G 164 -69.38 -40.56 12.13
N ASP G 165 -70.10 -41.25 13.01
CA ASP G 165 -71.57 -41.25 13.00
C ASP G 165 -72.17 -39.84 13.10
N LYS G 166 -71.60 -39.01 13.99
CA LYS G 166 -72.01 -37.61 14.15
C LYS G 166 -71.81 -36.77 12.89
N LEU G 167 -70.83 -37.13 12.07
CA LEU G 167 -70.55 -36.39 10.84
C LEU G 167 -70.92 -37.14 9.58
N LYS G 168 -71.84 -38.10 9.67
CA LYS G 168 -72.16 -38.97 8.53
C LYS G 168 -72.78 -38.24 7.33
N ASN G 169 -73.34 -37.07 7.57
CA ASN G 169 -73.93 -36.24 6.52
C ASN G 169 -73.05 -35.05 6.09
N ALA G 170 -71.83 -34.99 6.63
CA ALA G 170 -70.91 -33.88 6.35
C ALA G 170 -70.41 -33.88 4.92
N GLN G 171 -70.49 -32.71 4.27
CA GLN G 171 -69.93 -32.54 2.95
C GLN G 171 -69.03 -31.30 2.94
N TYR G 172 -67.72 -31.55 2.99
CA TYR G 172 -66.72 -30.48 3.04
C TYR G 172 -66.24 -30.06 1.66
N TYR G 173 -66.06 -31.04 0.78
CA TYR G 173 -65.46 -30.81 -0.52
C TYR G 173 -66.49 -30.62 -1.62
N GLN G 174 -66.43 -29.47 -2.28
CA GLN G 174 -67.25 -29.24 -3.46
C GLN G 174 -66.34 -28.98 -4.65
N PRO G 175 -66.30 -29.96 -5.57
CA PRO G 175 -65.37 -29.91 -6.70
C PRO G 175 -65.61 -28.76 -7.66
N LYS G 176 -64.51 -28.25 -8.19
CA LYS G 176 -64.55 -27.19 -9.18
CA LYS G 176 -64.54 -27.18 -9.18
C LYS G 176 -64.18 -27.73 -10.55
N ASP G 177 -64.42 -26.94 -11.59
CA ASP G 177 -64.15 -27.38 -12.97
C ASP G 177 -63.41 -26.30 -13.77
N THR G 178 -62.58 -25.53 -13.09
CA THR G 178 -61.78 -24.49 -13.76
C THR G 178 -60.64 -25.07 -14.59
N GLY G 179 -60.28 -26.31 -14.32
CA GLY G 179 -59.30 -27.03 -15.13
C GLY G 179 -59.71 -28.46 -15.36
N LYS G 180 -59.11 -29.08 -16.39
CA LYS G 180 -59.43 -30.45 -16.81
C LYS G 180 -59.11 -31.49 -15.76
N TYR G 181 -58.13 -31.21 -14.90
CA TYR G 181 -57.75 -32.18 -13.88
C TYR G 181 -58.84 -32.35 -12.80
N GLU G 182 -59.29 -31.24 -12.22
CA GLU G 182 -60.32 -31.29 -11.17
C GLU G 182 -61.69 -31.66 -11.72
N GLN G 183 -61.92 -31.34 -13.01
CA GLN G 183 -63.10 -31.82 -13.75
C GLN G 183 -63.24 -33.33 -13.63
N ALA G 184 -62.16 -34.03 -13.93
CA ALA G 184 -62.11 -35.49 -13.87
C ALA G 184 -62.24 -35.99 -12.44
N LEU G 185 -61.66 -35.26 -11.50
CA LEU G 185 -61.75 -35.63 -10.08
C LEU G 185 -63.18 -35.45 -9.62
N GLY G 186 -63.78 -34.32 -9.99
CA GLY G 186 -65.17 -34.01 -9.71
C GLY G 186 -66.14 -35.04 -10.26
N GLN G 187 -65.92 -35.44 -11.52
CA GLN G 187 -66.67 -36.52 -12.16
C GLN G 187 -66.62 -37.81 -11.36
N GLN G 188 -65.44 -38.13 -10.83
CA GLN G 188 -65.25 -39.30 -9.97
C GLN G 188 -65.92 -39.14 -8.60
N TYR G 189 -65.86 -37.93 -8.04
CA TYR G 189 -66.51 -37.61 -6.77
C TYR G 189 -68.03 -37.85 -6.83
N TYR G 190 -68.66 -37.38 -7.92
CA TYR G 190 -70.10 -37.52 -8.06
C TYR G 190 -70.53 -38.92 -8.46
N ARG G 191 -69.66 -39.62 -9.20
CA ARG G 191 -69.83 -41.04 -9.52
C ARG G 191 -69.91 -41.90 -8.26
N ILE G 192 -69.04 -41.61 -7.29
CA ILE G 192 -69.05 -42.30 -5.99
C ILE G 192 -70.37 -42.04 -5.24
N LYS G 193 -70.82 -40.79 -5.23
CA LYS G 193 -72.10 -40.42 -4.60
C LYS G 193 -73.30 -41.13 -5.23
N GLU G 194 -73.25 -41.33 -6.56
CA GLU G 194 -74.26 -42.10 -7.28
C GLU G 194 -74.20 -43.60 -6.97
N TRP G 195 -72.98 -44.13 -6.83
CA TRP G 195 -72.77 -45.52 -6.42
C TRP G 195 -73.29 -45.83 -5.01
N LYS G 196 -73.34 -44.80 -4.16
CA LYS G 196 -73.77 -44.96 -2.77
C LYS G 196 -75.29 -44.83 -2.59
N GLU G 197 -76.03 -44.77 -3.69
CA GLU G 197 -77.49 -44.68 -3.66
C GLU G 197 -78.18 -45.84 -4.39
N ASP H 12 -59.73 -40.30 21.91
CA ASP H 12 -59.50 -41.26 20.78
C ASP H 12 -58.02 -41.32 20.39
N ALA H 13 -57.53 -42.54 20.18
CA ALA H 13 -56.10 -42.80 20.02
C ALA H 13 -55.53 -42.33 18.68
N HIS H 14 -54.27 -41.91 18.72
CA HIS H 14 -53.54 -41.37 17.58
C HIS H 14 -53.44 -42.40 16.45
N TYR H 15 -53.07 -43.62 16.81
CA TYR H 15 -52.95 -44.74 15.86
C TYR H 15 -54.28 -45.09 15.17
N ASP H 16 -55.40 -44.83 15.85
CA ASP H 16 -56.72 -45.08 15.29
C ASP H 16 -57.12 -44.01 14.29
N VAL H 17 -56.68 -42.78 14.55
CA VAL H 17 -56.91 -41.63 13.65
C VAL H 17 -56.06 -41.79 12.39
N ILE H 18 -54.80 -42.17 12.60
CA ILE H 18 -53.85 -42.52 11.54
C ILE H 18 -54.41 -43.63 10.64
N SER H 19 -54.90 -44.71 11.28
CA SER H 19 -55.53 -45.82 10.57
C SER H 19 -56.76 -45.39 9.76
N ALA H 20 -57.60 -44.56 10.37
CA ALA H 20 -58.85 -44.11 9.75
C ALA H 20 -58.59 -43.17 8.57
N PHE H 21 -57.55 -42.35 8.69
CA PHE H 21 -57.03 -41.48 7.63
C PHE H 21 -56.63 -42.27 6.38
N GLN H 22 -55.78 -43.29 6.55
CA GLN H 22 -55.34 -44.15 5.45
C GLN H 22 -56.51 -44.87 4.77
N LYS H 23 -57.38 -45.47 5.58
CA LYS H 23 -58.53 -46.23 5.09
C LYS H 23 -59.53 -45.35 4.32
N SER H 24 -59.73 -44.12 4.79
CA SER H 24 -60.62 -43.15 4.11
C SER H 24 -60.08 -42.76 2.73
N ILE H 25 -58.78 -42.51 2.65
CA ILE H 25 -58.13 -42.17 1.38
C ILE H 25 -58.15 -43.36 0.43
N ARG H 26 -57.61 -44.50 0.91
CA ARG H 26 -57.72 -45.80 0.22
C ARG H 26 -59.15 -46.10 -0.23
N GLY H 27 -60.13 -45.67 0.57
CA GLY H 27 -61.54 -45.86 0.28
C GLY H 27 -62.23 -44.79 -0.56
N SER H 28 -61.44 -43.82 -1.04
CA SER H 28 -61.89 -42.76 -1.95
C SER H 28 -62.89 -41.77 -1.33
N ASP H 29 -62.79 -41.57 -0.02
CA ASP H 29 -63.75 -40.71 0.70
C ASP H 29 -63.09 -39.42 1.11
N VAL H 30 -63.21 -38.41 0.23
CA VAL H 30 -62.62 -37.08 0.42
C VAL H 30 -62.94 -36.47 1.79
N ASP H 31 -64.21 -36.48 2.14
CA ASP H 31 -64.68 -35.79 3.36
C ASP H 31 -64.22 -36.45 4.65
N ALA H 32 -64.27 -37.79 4.68
CA ALA H 32 -63.75 -38.52 5.82
C ALA H 32 -62.25 -38.32 5.96
N ALA H 33 -61.54 -38.36 4.83
CA ALA H 33 -60.09 -38.17 4.80
C ALA H 33 -59.67 -36.79 5.31
N LEU H 34 -60.41 -35.77 4.89
CA LEU H 34 -60.19 -34.41 5.34
C LEU H 34 -60.54 -34.23 6.80
N HIS H 35 -61.62 -34.88 7.24
CA HIS H 35 -61.97 -34.91 8.66
C HIS H 35 -60.81 -35.47 9.49
N TYR H 36 -60.25 -36.60 9.05
CA TYR H 36 -59.13 -37.22 9.77
C TYR H 36 -57.82 -36.45 9.68
N LEU H 37 -57.59 -35.83 8.52
CA LEU H 37 -56.48 -34.91 8.34
C LEU H 37 -56.58 -33.75 9.34
N ALA H 38 -57.79 -33.19 9.44
CA ALA H 38 -58.10 -32.11 10.37
C ALA H 38 -57.85 -32.45 11.85
N ARG H 39 -58.17 -33.67 12.26
CA ARG H 39 -57.90 -34.13 13.63
C ARG H 39 -56.40 -34.17 13.91
N LEU H 40 -55.64 -34.60 12.90
CA LEU H 40 -54.19 -34.71 12.97
C LEU H 40 -53.50 -33.35 12.99
N VAL H 41 -53.94 -32.46 12.11
CA VAL H 41 -53.53 -31.05 12.07
C VAL H 41 -53.76 -30.36 13.42
N GLU H 42 -54.95 -30.58 13.99
CA GLU H 42 -55.31 -30.04 15.30
C GLU H 42 -54.44 -30.58 16.43
N ALA H 43 -54.11 -31.87 16.36
CA ALA H 43 -53.14 -32.50 17.27
C ALA H 43 -51.71 -32.00 17.05
N GLY H 44 -51.44 -31.46 15.87
CA GLY H 44 -50.18 -30.79 15.58
C GLY H 44 -49.04 -31.66 15.09
N ASP H 45 -49.28 -32.96 14.93
CA ASP H 45 -48.22 -33.87 14.49
C ASP H 45 -48.04 -33.84 12.99
N LEU H 46 -47.24 -32.89 12.51
CA LEU H 46 -46.97 -32.73 11.09
C LEU H 46 -46.17 -33.90 10.52
N ALA H 47 -45.15 -34.35 11.27
CA ALA H 47 -44.30 -35.46 10.82
C ALA H 47 -45.07 -36.75 10.56
N SER H 48 -46.07 -37.05 11.39
CA SER H 48 -46.86 -38.26 11.21
C SER H 48 -47.89 -38.15 10.08
N ILE H 49 -48.41 -36.95 9.83
CA ILE H 49 -49.27 -36.72 8.65
C ILE H 49 -48.46 -36.98 7.38
N CYS H 50 -47.28 -36.36 7.33
CA CYS H 50 -46.37 -36.45 6.19
C CYS H 50 -45.89 -37.86 5.85
N ARG H 51 -45.46 -38.62 6.86
CA ARG H 51 -45.05 -40.01 6.69
C ARG H 51 -46.19 -40.84 6.12
N ARG H 52 -47.34 -40.74 6.77
CA ARG H 52 -48.51 -41.53 6.40
C ARG H 52 -49.02 -41.22 5.00
N LEU H 53 -49.05 -39.93 4.63
CA LEU H 53 -49.43 -39.52 3.26
C LEU H 53 -48.51 -40.11 2.20
N MET H 54 -47.22 -40.13 2.48
CA MET H 54 -46.25 -40.73 1.55
C MET H 54 -46.45 -42.25 1.45
N VAL H 55 -46.79 -42.90 2.56
CA VAL H 55 -47.10 -44.33 2.56
C VAL H 55 -48.37 -44.63 1.77
N ILE H 56 -49.44 -43.86 2.04
CA ILE H 56 -50.72 -44.04 1.37
C ILE H 56 -50.60 -43.83 -0.15
N GLY H 57 -50.02 -42.70 -0.56
CA GLY H 57 -49.83 -42.37 -1.97
C GLY H 57 -49.14 -43.48 -2.76
N TYR H 58 -48.12 -44.07 -2.17
CA TYR H 58 -47.37 -45.14 -2.80
C TYR H 58 -47.98 -46.55 -2.64
N GLU H 59 -48.54 -46.84 -1.47
CA GLU H 59 -49.16 -48.14 -1.22
C GLU H 59 -50.50 -48.30 -1.94
N ASP H 60 -51.37 -47.32 -1.78
CA ASP H 60 -52.75 -47.44 -2.22
C ASP H 60 -53.04 -46.83 -3.58
N ILE H 61 -52.30 -45.79 -3.96
CA ILE H 61 -52.53 -45.16 -5.27
C ILE H 61 -51.56 -45.79 -6.26
N GLY H 62 -50.27 -45.71 -5.95
CA GLY H 62 -49.22 -46.44 -6.65
C GLY H 62 -49.26 -46.24 -8.15
N LEU H 63 -49.41 -47.32 -8.89
CA LEU H 63 -49.45 -47.28 -10.36
C LEU H 63 -50.77 -46.77 -10.93
N GLY H 64 -51.79 -46.67 -10.07
CA GLY H 64 -53.04 -45.99 -10.35
C GLY H 64 -52.82 -44.58 -10.85
N ASN H 65 -51.93 -43.84 -10.18
CA ASN H 65 -51.53 -42.49 -10.59
C ASN H 65 -50.11 -42.18 -10.07
N PRO H 66 -49.07 -42.63 -10.81
CA PRO H 66 -47.68 -42.45 -10.38
C PRO H 66 -47.25 -41.00 -10.16
N ALA H 67 -47.71 -40.08 -11.02
CA ALA H 67 -47.43 -38.66 -10.85
C ALA H 67 -48.04 -38.10 -9.56
N ALA H 68 -49.27 -38.54 -9.22
CA ALA H 68 -49.92 -38.13 -7.96
C ALA H 68 -49.18 -38.62 -6.72
N ALA H 69 -48.67 -39.85 -6.79
CA ALA H 69 -47.87 -40.44 -5.71
C ALA H 69 -46.58 -39.65 -5.56
N ALA H 70 -45.93 -39.33 -6.69
CA ALA H 70 -44.73 -38.49 -6.69
C ALA H 70 -44.97 -37.08 -6.14
N ARG H 71 -46.14 -36.51 -6.44
CA ARG H 71 -46.49 -35.16 -6.02
C ARG H 71 -46.69 -35.01 -4.52
N THR H 72 -46.98 -36.13 -3.85
CA THR H 72 -47.12 -36.21 -2.40
C THR H 72 -45.81 -35.83 -1.74
N VAL H 73 -44.70 -36.31 -2.31
CA VAL H 73 -43.35 -36.00 -1.82
C VAL H 73 -43.09 -34.50 -1.89
N ASN H 74 -43.46 -33.86 -3.00
CA ASN H 74 -43.37 -32.41 -3.16
C ASN H 74 -44.16 -31.65 -2.09
N ALA H 75 -45.41 -32.10 -1.88
CA ALA H 75 -46.32 -31.53 -0.87
C ALA H 75 -45.73 -31.63 0.52
N VAL H 76 -45.19 -32.81 0.85
CA VAL H 76 -44.50 -33.07 2.11
C VAL H 76 -43.30 -32.13 2.28
N LEU H 77 -42.53 -31.96 1.20
CA LEU H 77 -41.37 -31.04 1.22
C LEU H 77 -41.80 -29.59 1.47
N ALA H 78 -42.92 -29.18 0.87
CA ALA H 78 -43.51 -27.87 1.11
C ALA H 78 -44.02 -27.75 2.55
N ALA H 79 -44.74 -28.77 3.00
CA ALA H 79 -45.30 -28.82 4.34
C ALA H 79 -44.24 -28.69 5.44
N GLU H 80 -43.13 -29.41 5.27
CA GLU H 80 -42.00 -29.32 6.19
C GLU H 80 -41.40 -27.91 6.21
N LYS H 81 -41.29 -27.30 5.03
CA LYS H 81 -40.71 -25.96 4.88
C LYS H 81 -41.63 -24.87 5.45
N LEU H 82 -42.91 -25.09 5.40
CA LEU H 82 -43.88 -24.13 5.82
C LEU H 82 -44.20 -24.17 7.30
N GLY H 83 -44.31 -25.36 7.86
CA GLY H 83 -44.90 -25.56 9.15
C GLY H 83 -46.40 -25.42 9.17
N LEU H 84 -47.00 -25.84 10.26
CA LEU H 84 -48.38 -25.55 10.51
C LEU H 84 -48.43 -24.10 10.94
N PRO H 85 -49.35 -23.35 10.41
CA PRO H 85 -50.63 -23.85 9.96
C PRO H 85 -50.69 -23.96 8.47
N GLU H 86 -49.78 -23.29 7.79
CA GLU H 86 -49.78 -23.22 6.35
C GLU H 86 -49.48 -24.57 5.71
N ALA H 87 -48.81 -25.44 6.45
CA ALA H 87 -48.50 -26.80 5.96
C ALA H 87 -49.73 -27.59 5.56
N ARG H 88 -50.86 -27.30 6.23
CA ARG H 88 -52.12 -27.99 6.02
C ARG H 88 -52.62 -27.89 4.58
N ILE H 89 -52.18 -26.84 3.87
CA ILE H 89 -52.67 -26.52 2.52
C ILE H 89 -52.17 -27.46 1.39
N PRO H 90 -50.82 -27.63 1.22
CA PRO H 90 -50.40 -28.68 0.28
C PRO H 90 -50.90 -30.09 0.66
N LEU H 91 -50.96 -30.37 1.95
CA LEU H 91 -51.44 -31.67 2.44
C LEU H 91 -52.90 -31.92 2.06
N ALA H 92 -53.74 -30.89 2.19
CA ALA H 92 -55.15 -30.97 1.76
C ALA H 92 -55.28 -31.20 0.26
N ASP H 93 -54.48 -30.49 -0.53
CA ASP H 93 -54.47 -30.67 -1.99
C ASP H 93 -54.21 -32.11 -2.41
N VAL H 94 -53.21 -32.74 -1.80
CA VAL H 94 -52.83 -34.09 -2.20
C VAL H 94 -53.74 -35.16 -1.62
N VAL H 95 -54.31 -34.90 -0.44
CA VAL H 95 -55.32 -35.78 0.16
C VAL H 95 -56.51 -35.97 -0.82
N VAL H 96 -56.99 -34.87 -1.39
CA VAL H 96 -58.10 -34.92 -2.35
C VAL H 96 -57.73 -35.62 -3.65
N ASP H 97 -56.56 -35.25 -4.19
CA ASP H 97 -55.97 -35.89 -5.36
C ASP H 97 -55.89 -37.41 -5.21
N LEU H 98 -55.32 -37.87 -4.08
CA LEU H 98 -55.17 -39.29 -3.81
C LEU H 98 -56.50 -40.02 -3.65
N CYS H 99 -57.44 -39.40 -2.95
CA CYS H 99 -58.81 -39.91 -2.77
C CYS H 99 -59.52 -40.18 -4.10
N LEU H 100 -59.36 -39.27 -5.06
CA LEU H 100 -60.11 -39.40 -6.32
C LEU H 100 -59.28 -39.92 -7.50
N SER H 101 -58.04 -40.34 -7.23
CA SER H 101 -57.17 -40.99 -8.21
C SER H 101 -57.45 -42.49 -8.28
N PRO H 102 -57.18 -43.13 -9.43
CA PRO H 102 -57.28 -44.60 -9.48
C PRO H 102 -56.36 -45.26 -8.46
N LYS H 103 -56.90 -46.28 -7.77
CA LYS H 103 -56.17 -46.97 -6.72
C LYS H 103 -55.53 -48.22 -7.28
N SER H 104 -54.30 -48.47 -6.88
CA SER H 104 -53.62 -49.73 -7.19
C SER H 104 -52.64 -50.10 -6.10
N ASN H 105 -52.83 -51.29 -5.53
CA ASN H 105 -51.83 -51.87 -4.62
C ASN H 105 -50.97 -52.95 -5.30
N SER H 106 -51.01 -53.00 -6.62
CA SER H 106 -50.45 -54.14 -7.39
C SER H 106 -48.95 -54.35 -7.18
N ALA H 107 -48.18 -53.27 -7.30
CA ALA H 107 -46.73 -53.30 -7.10
C ALA H 107 -46.34 -53.67 -5.66
N TYR H 108 -47.09 -53.13 -4.72
CA TYR H 108 -46.88 -53.33 -3.28
C TYR H 108 -47.07 -54.81 -2.91
N MET H 109 -48.16 -55.40 -3.41
CA MET H 109 -48.46 -56.81 -3.24
C MET H 109 -47.47 -57.74 -3.96
N ALA H 110 -47.07 -57.34 -5.16
CA ALA H 110 -46.11 -58.08 -5.95
C ALA H 110 -44.80 -58.25 -5.19
N LEU H 111 -44.29 -57.15 -4.63
CA LEU H 111 -43.08 -57.21 -3.82
C LEU H 111 -43.24 -58.06 -2.57
N ASP H 112 -44.37 -57.93 -1.88
CA ASP H 112 -44.65 -58.76 -0.71
C ASP H 112 -44.69 -60.25 -1.05
N ALA H 113 -45.18 -60.58 -2.25
CA ALA H 113 -45.14 -61.96 -2.74
C ALA H 113 -43.71 -62.44 -3.01
N ALA H 114 -42.87 -61.54 -3.53
CA ALA H 114 -41.46 -61.82 -3.75
C ALA H 114 -40.71 -62.01 -2.44
N LEU H 115 -41.04 -61.18 -1.45
CA LEU H 115 -40.48 -61.29 -0.09
C LEU H 115 -40.88 -62.61 0.59
N ALA H 116 -42.12 -63.05 0.36
CA ALA H 116 -42.65 -64.29 0.91
C ALA H 116 -41.89 -65.52 0.43
N ASP H 117 -41.59 -65.57 -0.87
CA ASP H 117 -40.77 -66.63 -1.46
C ASP H 117 -39.35 -66.71 -0.87
N ILE H 118 -38.75 -65.55 -0.63
CA ILE H 118 -37.40 -65.48 -0.05
C ILE H 118 -37.39 -65.93 1.41
N ARG H 119 -38.40 -65.53 2.16
CA ARG H 119 -38.50 -65.87 3.58
C ARG H 119 -38.83 -67.35 3.80
N GLU H 120 -39.48 -67.96 2.81
CA GLU H 120 -39.85 -69.38 2.87
C GLU H 120 -38.80 -70.31 2.24
N GLY H 121 -37.64 -69.75 1.90
CA GLY H 121 -36.53 -70.51 1.31
C GLY H 121 -36.78 -71.05 -0.10
N LYS H 122 -37.68 -70.41 -0.84
CA LYS H 122 -38.06 -70.87 -2.17
C LYS H 122 -37.20 -70.26 -3.27
N ALA H 123 -36.33 -69.33 -2.91
CA ALA H 123 -35.49 -68.64 -3.88
C ALA H 123 -34.18 -69.38 -4.13
N GLY H 124 -33.56 -69.10 -5.28
CA GLY H 124 -32.26 -69.67 -5.64
C GLY H 124 -31.20 -68.60 -5.81
N ASP H 125 -30.07 -68.98 -6.38
CA ASP H 125 -28.94 -68.08 -6.60
C ASP H 125 -29.07 -67.25 -7.87
N VAL H 126 -28.37 -66.11 -7.88
CA VAL H 126 -28.24 -65.26 -9.06
C VAL H 126 -27.67 -66.09 -10.22
N PRO H 127 -28.41 -66.17 -11.36
CA PRO H 127 -27.90 -66.86 -12.54
C PRO H 127 -26.58 -66.26 -12.99
N ASP H 128 -25.66 -67.14 -13.41
CA ASP H 128 -24.29 -66.79 -13.76
C ASP H 128 -24.14 -65.63 -14.76
N HIS H 129 -25.07 -65.53 -15.72
CA HIS H 129 -24.98 -64.50 -16.75
C HIS H 129 -25.42 -63.13 -16.23
N LEU H 130 -26.00 -63.10 -15.04
CA LEU H 130 -26.44 -61.84 -14.42
C LEU H 130 -25.44 -61.26 -13.43
N ARG H 131 -24.38 -62.02 -13.16
CA ARG H 131 -23.40 -61.66 -12.16
C ARG H 131 -22.51 -60.51 -12.61
N ASP H 132 -21.91 -59.81 -11.64
CA ASP H 132 -21.04 -58.67 -11.91
C ASP H 132 -19.70 -59.16 -12.48
N SER H 133 -19.47 -58.79 -13.74
CA SER H 133 -18.29 -59.22 -14.49
C SER H 133 -17.01 -58.51 -14.05
N HIS H 134 -17.15 -57.37 -13.39
CA HIS H 134 -16.02 -56.60 -12.85
C HIS H 134 -15.32 -57.32 -11.69
N TYR H 135 -15.94 -58.38 -11.19
CA TYR H 135 -15.37 -59.23 -10.15
C TYR H 135 -15.27 -60.66 -10.64
N ARG H 143 -20.86 -72.73 -21.91
N ARG H 143 -19.21 -66.13 -15.23
CA ARG H 143 -20.79 -72.13 -23.25
CA ARG H 143 -19.37 -64.83 -14.58
C ARG H 143 -22.06 -71.35 -23.57
C ARG H 143 -19.72 -63.75 -15.62
N GLY H 144 -21.95 -70.37 -24.45
N GLY H 144 -21.01 -63.58 -15.85
CA GLY H 144 -23.11 -69.62 -24.85
CA GLY H 144 -21.48 -62.61 -16.84
C GLY H 144 -22.93 -68.12 -25.03
C GLY H 144 -21.37 -63.18 -18.23
N VAL H 145 -24.06 -67.45 -25.20
N VAL H 145 -20.89 -64.42 -18.33
CA VAL H 145 -24.14 -66.05 -25.55
CA VAL H 145 -20.73 -65.05 -19.63
C VAL H 145 -23.67 -65.12 -24.43
C VAL H 145 -22.10 -65.31 -20.25
N GLY H 146 -23.55 -65.68 -23.23
N GLY H 146 -22.30 -64.78 -21.45
CA GLY H 146 -23.33 -64.85 -22.06
CA GLY H 146 -23.56 -64.95 -22.14
C GLY H 146 -24.39 -63.77 -22.02
C GLY H 146 -24.61 -63.88 -21.85
N TYR H 147 -24.24 -62.84 -21.08
CA TYR H 147 -25.17 -61.73 -20.87
C TYR H 147 -25.44 -60.93 -22.16
N GLN H 148 -26.72 -60.75 -22.45
CA GLN H 148 -27.17 -59.93 -23.58
C GLN H 148 -27.78 -58.62 -23.11
N TYR H 149 -27.30 -57.53 -23.70
CA TYR H 149 -27.64 -56.16 -23.34
C TYR H 149 -28.79 -55.71 -24.22
N PRO H 150 -29.99 -55.54 -23.64
CA PRO H 150 -31.26 -55.32 -24.37
C PRO H 150 -31.27 -54.12 -25.31
N HIS H 151 -30.50 -53.08 -24.99
CA HIS H 151 -30.39 -51.86 -25.80
C HIS H 151 -29.86 -52.10 -27.23
N HIS H 152 -29.14 -53.20 -27.43
CA HIS H 152 -28.68 -53.64 -28.75
C HIS H 152 -29.80 -54.24 -29.61
N PHE H 153 -30.92 -54.57 -28.99
CA PHE H 153 -32.00 -55.30 -29.65
C PHE H 153 -33.18 -54.41 -30.05
N ASP H 154 -34.06 -54.98 -30.87
CA ASP H 154 -35.31 -54.33 -31.31
C ASP H 154 -36.26 -54.13 -30.13
N GLN H 155 -36.83 -52.92 -30.06
CA GLN H 155 -37.72 -52.50 -28.95
C GLN H 155 -36.99 -52.47 -27.60
N ALA H 156 -35.66 -52.47 -27.64
CA ALA H 156 -34.77 -52.59 -26.48
C ALA H 156 -35.17 -53.71 -25.51
N TRP H 157 -35.48 -54.88 -26.06
CA TRP H 157 -35.83 -56.05 -25.27
C TRP H 157 -35.17 -57.30 -25.86
N VAL H 158 -34.67 -58.16 -24.97
CA VAL H 158 -34.15 -59.47 -25.36
C VAL H 158 -34.82 -60.60 -24.53
N ASN H 159 -35.14 -61.71 -25.19
CA ASN H 159 -35.58 -62.92 -24.49
C ASN H 159 -34.39 -63.51 -23.73
N GLN H 160 -34.44 -63.35 -22.41
CA GLN H 160 -33.32 -63.71 -21.53
C GLN H 160 -33.86 -64.06 -20.17
N GLN H 161 -33.26 -65.06 -19.52
CA GLN H 161 -33.63 -65.44 -18.16
C GLN H 161 -33.08 -64.44 -17.14
N TYR H 162 -33.96 -63.99 -16.24
CA TYR H 162 -33.56 -63.08 -15.17
C TYR H 162 -33.88 -63.65 -13.79
N LEU H 163 -34.98 -64.40 -13.68
CA LEU H 163 -35.32 -65.12 -12.45
C LEU H 163 -34.33 -66.27 -12.21
N PRO H 164 -34.00 -66.56 -10.93
CA PRO H 164 -33.23 -67.77 -10.62
C PRO H 164 -33.99 -69.04 -11.05
N ASP H 165 -33.25 -70.13 -11.24
CA ASP H 165 -33.81 -71.41 -11.73
C ASP H 165 -34.98 -71.91 -10.87
N LYS H 166 -34.82 -71.83 -9.55
CA LYS H 166 -35.87 -72.23 -8.60
C LYS H 166 -37.16 -71.42 -8.71
N LEU H 167 -37.06 -70.20 -9.24
CA LEU H 167 -38.20 -69.30 -9.34
C LEU H 167 -38.61 -69.00 -10.77
N LYS H 168 -38.22 -69.85 -11.72
CA LYS H 168 -38.46 -69.57 -13.14
C LYS H 168 -39.94 -69.47 -13.53
N ASN H 169 -40.81 -70.06 -12.71
CA ASN H 169 -42.26 -70.01 -12.94
C ASN H 169 -43.00 -69.00 -12.06
N ALA H 170 -42.24 -68.20 -11.30
CA ALA H 170 -42.84 -67.22 -10.40
C ALA H 170 -43.57 -66.11 -11.15
N GLN H 171 -44.71 -65.71 -10.61
CA GLN H 171 -45.43 -64.58 -11.14
C GLN H 171 -45.93 -63.77 -9.96
N TYR H 172 -45.23 -62.68 -9.65
CA TYR H 172 -45.59 -61.83 -8.50
C TYR H 172 -46.51 -60.70 -8.92
N TYR H 173 -46.21 -60.10 -10.06
CA TYR H 173 -46.96 -58.96 -10.54
C TYR H 173 -48.19 -59.33 -11.35
N GLN H 174 -49.35 -58.94 -10.83
CA GLN H 174 -50.59 -59.01 -11.59
C GLN H 174 -51.14 -57.59 -11.80
N PRO H 175 -50.99 -57.09 -13.04
CA PRO H 175 -51.38 -55.72 -13.37
C PRO H 175 -52.87 -55.46 -13.16
N LYS H 176 -53.19 -54.24 -12.75
CA LYS H 176 -54.56 -53.81 -12.61
C LYS H 176 -54.87 -52.83 -13.73
N ASP H 177 -56.14 -52.50 -13.90
CA ASP H 177 -56.57 -51.63 -14.99
C ASP H 177 -57.46 -50.49 -14.48
N THR H 178 -57.30 -50.17 -13.19
CA THR H 178 -58.11 -49.14 -12.53
C THR H 178 -57.77 -47.72 -13.04
N GLY H 179 -56.60 -47.58 -13.64
CA GLY H 179 -56.22 -46.32 -14.30
C GLY H 179 -55.48 -46.53 -15.61
N LYS H 180 -55.53 -45.52 -16.48
CA LYS H 180 -54.91 -45.53 -17.81
C LYS H 180 -53.41 -45.84 -17.85
N TYR H 181 -52.67 -45.42 -16.82
CA TYR H 181 -51.22 -45.64 -16.79
C TYR H 181 -50.84 -47.10 -16.61
N GLU H 182 -51.42 -47.76 -15.61
CA GLU H 182 -51.18 -49.18 -15.37
C GLU H 182 -51.87 -50.08 -16.41
N GLN H 183 -52.91 -49.55 -17.07
CA GLN H 183 -53.52 -50.21 -18.23
C GLN H 183 -52.45 -50.47 -19.30
N ALA H 184 -51.67 -49.43 -19.60
CA ALA H 184 -50.61 -49.47 -20.60
C ALA H 184 -49.40 -50.27 -20.16
N LEU H 185 -49.08 -50.21 -18.86
CA LEU H 185 -47.99 -51.01 -18.29
C LEU H 185 -48.37 -52.48 -18.38
N GLY H 186 -49.62 -52.77 -18.01
CA GLY H 186 -50.19 -54.11 -18.07
C GLY H 186 -50.22 -54.71 -19.46
N GLN H 187 -50.48 -53.90 -20.47
CA GLN H 187 -50.44 -54.35 -21.86
C GLN H 187 -49.03 -54.75 -22.26
N GLN H 188 -48.05 -53.94 -21.85
CA GLN H 188 -46.64 -54.22 -22.10
C GLN H 188 -46.15 -55.47 -21.35
N TYR H 189 -46.68 -55.68 -20.14
CA TYR H 189 -46.42 -56.88 -19.35
C TYR H 189 -46.85 -58.16 -20.09
N TYR H 190 -48.06 -58.15 -20.63
CA TYR H 190 -48.59 -59.30 -21.35
C TYR H 190 -47.98 -59.48 -22.73
N ARG H 191 -47.66 -58.36 -23.40
CA ARG H 191 -46.93 -58.33 -24.67
C ARG H 191 -45.58 -59.05 -24.56
N ILE H 192 -44.83 -58.73 -23.51
CA ILE H 192 -43.57 -59.40 -23.18
C ILE H 192 -43.80 -60.90 -22.97
N LYS H 193 -44.88 -61.26 -22.28
CA LYS H 193 -45.23 -62.66 -22.05
C LYS H 193 -45.60 -63.40 -23.35
N GLU H 194 -46.20 -62.68 -24.30
CA GLU H 194 -46.48 -63.22 -25.64
C GLU H 194 -45.20 -63.43 -26.44
N TRP H 195 -44.25 -62.49 -26.30
CA TRP H 195 -42.96 -62.56 -26.99
C TRP H 195 -42.14 -63.77 -26.55
N LYS H 196 -42.26 -64.13 -25.28
CA LYS H 196 -41.50 -65.23 -24.70
C LYS H 196 -42.05 -66.63 -25.04
N GLU H 197 -43.16 -66.68 -25.78
CA GLU H 197 -43.77 -67.96 -26.19
C GLU H 197 -43.52 -68.29 -27.65
N ASP I 12 12.87 10.50 19.93
CA ASP I 12 13.03 11.89 20.44
C ASP I 12 12.85 12.95 19.34
N ALA I 13 12.14 14.02 19.71
CA ALA I 13 11.91 15.15 18.82
C ALA I 13 13.22 15.88 18.53
N HIS I 14 13.32 16.46 17.34
CA HIS I 14 14.54 17.12 16.90
C HIS I 14 14.83 18.40 17.69
N TYR I 15 13.75 19.07 18.14
CA TYR I 15 13.84 20.29 18.95
CA TYR I 15 13.89 20.29 18.93
C TYR I 15 14.42 20.05 20.34
N ASP I 16 14.14 18.87 20.91
CA ASP I 16 14.64 18.51 22.24
C ASP I 16 16.13 18.18 22.25
N VAL I 17 16.60 17.54 21.18
CA VAL I 17 18.02 17.21 21.02
C VAL I 17 18.80 18.51 20.85
N ILE I 18 18.27 19.37 19.99
CA ILE I 18 18.80 20.71 19.73
C ILE I 18 18.84 21.55 21.01
N SER I 19 17.77 21.47 21.81
CA SER I 19 17.71 22.12 23.11
C SER I 19 18.76 21.57 24.06
N ALA I 20 18.87 20.23 24.12
CA ALA I 20 19.81 19.56 25.01
C ALA I 20 21.27 19.85 24.65
N PHE I 21 21.53 19.97 23.35
CA PHE I 21 22.82 20.36 22.81
C PHE I 21 23.28 21.73 23.34
N GLN I 22 22.41 22.73 23.24
CA GLN I 22 22.72 24.08 23.72
C GLN I 22 22.94 24.12 25.22
N LYS I 23 22.05 23.45 25.97
CA LYS I 23 22.10 23.44 27.43
C LYS I 23 23.35 22.74 27.98
N SER I 24 23.80 21.69 27.30
CA SER I 24 25.05 20.99 27.64
C SER I 24 26.30 21.83 27.38
N ILE I 25 26.30 22.60 26.30
CA ILE I 25 27.44 23.51 26.03
C ILE I 25 27.39 24.67 27.03
N ARG I 26 26.22 25.29 27.16
CA ARG I 26 25.99 26.30 28.20
C ARG I 26 26.39 25.77 29.58
N GLY I 27 26.09 24.50 29.83
CA GLY I 27 26.36 23.87 31.12
C GLY I 27 27.75 23.29 31.30
N SER I 28 28.63 23.52 30.32
CA SER I 28 30.04 23.06 30.35
C SER I 28 30.27 21.54 30.39
N ASP I 29 29.32 20.77 29.87
CA ASP I 29 29.46 19.30 29.82
C ASP I 29 29.87 18.83 28.43
N VAL I 30 31.17 18.59 28.24
CA VAL I 30 31.74 18.18 26.94
C VAL I 30 31.10 16.90 26.44
N ASP I 31 31.05 15.91 27.33
CA ASP I 31 30.58 14.56 26.99
C ASP I 31 29.11 14.53 26.57
N ALA I 32 28.28 15.32 27.24
CA ALA I 32 26.87 15.40 26.88
C ALA I 32 26.68 16.15 25.57
N ALA I 33 27.37 17.29 25.44
CA ALA I 33 27.37 18.07 24.20
C ALA I 33 27.80 17.27 22.96
N LEU I 34 28.83 16.43 23.12
CA LEU I 34 29.29 15.56 22.04
C LEU I 34 28.31 14.43 21.74
N HIS I 35 27.62 13.93 22.76
CA HIS I 35 26.54 12.98 22.54
C HIS I 35 25.41 13.59 21.72
N TYR I 36 24.97 14.79 22.09
CA TYR I 36 23.89 15.43 21.35
C TYR I 36 24.35 15.88 19.96
N LEU I 37 25.62 16.30 19.86
CA LEU I 37 26.23 16.55 18.56
C LEU I 37 26.18 15.29 17.69
N ALA I 38 26.63 14.17 18.25
CA ALA I 38 26.63 12.89 17.55
C ALA I 38 25.24 12.45 17.11
N ARG I 39 24.23 12.68 17.95
CA ARG I 39 22.82 12.41 17.61
C ARG I 39 22.38 13.20 16.39
N LEU I 40 22.79 14.48 16.37
CA LEU I 40 22.45 15.39 15.28
C LEU I 40 23.23 15.08 14.02
N VAL I 41 24.49 14.70 14.17
CA VAL I 41 25.31 14.21 13.04
C VAL I 41 24.67 12.96 12.42
N GLU I 42 24.27 12.02 13.28
CA GLU I 42 23.57 10.79 12.84
C GLU I 42 22.26 11.03 12.11
N ALA I 43 21.53 12.06 12.53
CA ALA I 43 20.31 12.47 11.85
C ALA I 43 20.62 13.11 10.49
N GLY I 44 21.83 13.63 10.34
CA GLY I 44 22.30 14.14 9.05
C GLY I 44 21.86 15.57 8.73
N ASP I 45 21.41 16.29 9.75
CA ASP I 45 20.97 17.66 9.57
C ASP I 45 22.12 18.62 9.93
N LEU I 46 23.04 18.79 8.99
CA LEU I 46 24.24 19.59 9.21
C LEU I 46 23.94 21.07 9.41
N ALA I 47 23.05 21.61 8.57
CA ALA I 47 22.71 23.04 8.60
C ALA I 47 22.08 23.49 9.90
N SER I 48 21.45 22.57 10.63
CA SER I 48 20.81 22.91 11.89
C SER I 48 21.79 22.79 13.07
N ILE I 49 22.80 21.93 12.93
CA ILE I 49 23.90 21.90 13.89
C ILE I 49 24.65 23.22 13.76
N CYS I 50 24.93 23.60 12.52
CA CYS I 50 25.65 24.83 12.20
C CYS I 50 24.95 26.07 12.73
N ARG I 51 23.65 26.20 12.45
CA ARG I 51 22.85 27.31 12.97
CA ARG I 51 22.83 27.30 12.97
C ARG I 51 22.90 27.41 14.49
N ARG I 52 22.75 26.27 15.17
N ARG I 52 22.72 26.28 15.18
CA ARG I 52 22.70 26.23 16.63
CA ARG I 52 22.68 26.26 16.64
C ARG I 52 24.04 26.52 17.28
C ARG I 52 24.05 26.53 17.28
N LEU I 53 25.12 25.96 16.72
CA LEU I 53 26.48 26.20 17.22
C LEU I 53 26.87 27.68 17.20
N MET I 54 26.50 28.36 16.11
CA MET I 54 26.71 29.81 16.00
C MET I 54 25.88 30.58 17.05
N VAL I 55 24.64 30.15 17.28
CA VAL I 55 23.81 30.73 18.35
C VAL I 55 24.42 30.51 19.76
N ILE I 56 24.80 29.27 20.09
CA ILE I 56 25.38 28.95 21.40
C ILE I 56 26.65 29.75 21.64
N GLY I 57 27.54 29.75 20.65
CA GLY I 57 28.84 30.41 20.76
C GLY I 57 28.70 31.88 21.08
N TYR I 58 27.79 32.54 20.36
CA TYR I 58 27.54 33.95 20.59
C TYR I 58 26.65 34.21 21.81
N GLU I 59 25.65 33.37 22.05
CA GLU I 59 24.73 33.57 23.18
C GLU I 59 25.37 33.26 24.54
N ASP I 60 25.96 32.07 24.65
CA ASP I 60 26.36 31.55 25.94
C ASP I 60 27.83 31.74 26.26
N ILE I 61 28.66 31.81 25.22
CA ILE I 61 30.08 32.05 25.43
C ILE I 61 30.36 33.54 25.28
N GLY I 62 29.97 34.10 24.13
CA GLY I 62 29.98 35.56 23.89
C GLY I 62 31.27 36.26 24.26
N LEU I 63 31.15 37.23 25.18
CA LEU I 63 32.30 38.00 25.65
C LEU I 63 33.24 37.20 26.55
N GLY I 64 32.75 36.03 27.00
CA GLY I 64 33.57 35.07 27.75
C GLY I 64 34.80 34.61 26.98
N ASN I 65 34.65 34.50 25.66
CA ASN I 65 35.75 34.17 24.75
C ASN I 65 35.36 34.53 23.29
N PRO I 66 35.49 35.84 22.92
CA PRO I 66 35.08 36.32 21.60
C PRO I 66 35.74 35.60 20.42
N ALA I 67 37.00 35.21 20.58
CA ALA I 67 37.73 34.47 19.56
C ALA I 67 37.13 33.08 19.32
N ALA I 68 36.80 32.37 20.41
CA ALA I 68 36.12 31.07 20.31
C ALA I 68 34.76 31.16 19.63
N ALA I 69 34.03 32.24 19.88
CA ALA I 69 32.71 32.46 19.27
C ALA I 69 32.83 32.73 17.77
N ALA I 70 33.81 33.56 17.40
CA ALA I 70 34.07 33.86 15.99
C ALA I 70 34.57 32.64 15.23
N ARG I 71 35.35 31.79 15.91
CA ARG I 71 35.88 30.56 15.31
C ARG I 71 34.80 29.52 15.00
N THR I 72 33.64 29.65 15.65
CA THR I 72 32.47 28.82 15.31
C THR I 72 32.02 29.10 13.88
N VAL I 73 32.17 30.34 13.42
CA VAL I 73 31.86 30.72 12.02
C VAL I 73 32.87 30.08 11.04
N ASN I 74 34.15 30.11 11.40
CA ASN I 74 35.19 29.44 10.60
C ASN I 74 34.90 27.94 10.45
N ALA I 75 34.51 27.32 11.55
CA ALA I 75 34.22 25.90 11.59
C ALA I 75 32.96 25.55 10.78
N VAL I 76 31.95 26.41 10.86
CA VAL I 76 30.72 26.30 10.08
C VAL I 76 31.00 26.42 8.58
N LEU I 77 31.76 27.43 8.17
CA LEU I 77 32.17 27.57 6.76
C LEU I 77 32.93 26.36 6.25
N ALA I 78 33.82 25.82 7.08
CA ALA I 78 34.52 24.56 6.80
C ALA I 78 33.55 23.38 6.69
N ALA I 79 32.67 23.25 7.67
CA ALA I 79 31.66 22.19 7.70
C ALA I 79 30.83 22.18 6.42
N GLU I 80 30.43 23.37 5.97
CA GLU I 80 29.63 23.52 4.76
C GLU I 80 30.36 23.09 3.48
N LYS I 81 31.64 23.45 3.37
CA LYS I 81 32.43 23.08 2.20
C LYS I 81 32.79 21.60 2.21
N LEU I 82 32.92 21.03 3.41
CA LEU I 82 33.22 19.61 3.56
C LEU I 82 31.98 18.74 3.37
N GLY I 83 30.91 19.08 4.08
CA GLY I 83 29.74 18.24 4.22
C GLY I 83 30.02 17.05 5.12
N LEU I 84 28.97 16.38 5.55
CA LEU I 84 29.09 15.14 6.32
C LEU I 84 29.63 14.00 5.41
N PRO I 85 30.50 13.12 5.95
CA PRO I 85 30.93 12.97 7.34
C PRO I 85 32.03 13.89 7.84
N GLU I 86 32.87 14.42 6.95
CA GLU I 86 34.09 15.15 7.37
C GLU I 86 33.79 16.43 8.16
N ALA I 87 32.61 17.01 7.91
CA ALA I 87 32.13 18.22 8.60
C ALA I 87 32.10 18.09 10.12
N ARG I 88 31.97 16.85 10.60
CA ARG I 88 31.84 16.58 12.03
C ARG I 88 33.10 16.95 12.79
N ILE I 89 34.23 16.97 12.09
CA ILE I 89 35.54 17.22 12.72
C ILE I 89 35.72 18.68 13.20
N PRO I 90 35.56 19.69 12.31
CA PRO I 90 35.58 21.07 12.87
C PRO I 90 34.52 21.32 13.94
N LEU I 91 33.34 20.72 13.77
CA LEU I 91 32.24 20.90 14.72
C LEU I 91 32.56 20.29 16.08
N ALA I 92 33.26 19.15 16.10
CA ALA I 92 33.76 18.55 17.35
C ALA I 92 34.71 19.48 18.11
N ASP I 93 35.70 20.02 17.41
CA ASP I 93 36.69 20.92 18.00
C ASP I 93 36.05 22.14 18.68
N VAL I 94 35.13 22.79 17.98
CA VAL I 94 34.51 23.99 18.54
C VAL I 94 33.55 23.70 19.67
N VAL I 95 32.88 22.54 19.61
CA VAL I 95 32.01 22.08 20.70
C VAL I 95 32.80 21.95 22.00
N VAL I 96 33.95 21.28 21.94
CA VAL I 96 34.78 21.15 23.15
C VAL I 96 35.26 22.50 23.68
N ASP I 97 35.85 23.29 22.78
CA ASP I 97 36.32 24.66 23.06
C ASP I 97 35.23 25.51 23.72
N LEU I 98 34.04 25.55 23.14
CA LEU I 98 32.92 26.30 23.71
C LEU I 98 32.48 25.79 25.09
N CYS I 99 32.43 24.47 25.27
CA CYS I 99 32.09 23.85 26.56
C CYS I 99 33.04 24.29 27.67
N LEU I 100 34.32 24.37 27.35
CA LEU I 100 35.34 24.61 28.37
C LEU I 100 35.89 26.04 28.40
N SER I 101 35.27 26.93 27.62
CA SER I 101 35.59 28.35 27.61
C SER I 101 34.77 29.07 28.68
N PRO I 102 35.22 30.26 29.14
CA PRO I 102 34.39 31.08 30.03
C PRO I 102 33.06 31.46 29.39
N LYS I 103 32.01 31.47 30.19
CA LYS I 103 30.65 31.71 29.72
C LYS I 103 30.22 33.14 30.04
N SER I 104 29.56 33.78 29.06
CA SER I 104 28.95 35.09 29.27
C SER I 104 27.71 35.24 28.41
N ASN I 105 26.61 35.64 29.03
CA ASN I 105 25.40 36.00 28.29
C ASN I 105 25.07 37.49 28.40
N SER I 106 26.02 38.26 28.93
CA SER I 106 25.85 39.68 29.23
C SER I 106 25.38 40.53 28.05
N ALA I 107 26.02 40.39 26.89
CA ALA I 107 25.63 41.15 25.68
C ALA I 107 24.27 40.74 25.14
N TYR I 108 24.03 39.43 25.09
CA TYR I 108 22.73 38.85 24.70
C TYR I 108 21.59 39.43 25.55
N MET I 109 21.78 39.40 26.88
CA MET I 109 20.79 39.95 27.81
C MET I 109 20.63 41.46 27.72
N ALA I 110 21.74 42.16 27.54
CA ALA I 110 21.75 43.61 27.39
C ALA I 110 20.91 44.07 26.21
N LEU I 111 21.12 43.47 25.03
CA LEU I 111 20.32 43.81 23.86
C LEU I 111 18.83 43.45 24.03
N ASP I 112 18.56 42.30 24.63
CA ASP I 112 17.17 41.89 24.88
C ASP I 112 16.41 42.81 25.84
N ALA I 113 17.14 43.43 26.78
CA ALA I 113 16.59 44.48 27.64
C ALA I 113 16.33 45.76 26.82
N ALA I 114 17.25 46.10 25.93
CA ALA I 114 17.11 47.24 25.03
C ALA I 114 15.90 47.08 24.09
N LEU I 115 15.71 45.87 23.57
CA LEU I 115 14.57 45.54 22.72
C LEU I 115 13.22 45.62 23.45
N ALA I 116 13.23 45.25 24.73
CA ALA I 116 12.04 45.27 25.58
C ALA I 116 11.52 46.69 25.78
N ASP I 117 12.44 47.63 26.01
CA ASP I 117 12.11 49.04 26.16
C ASP I 117 11.48 49.66 24.91
N ILE I 118 11.91 49.23 23.73
CA ILE I 118 11.38 49.74 22.46
C ILE I 118 9.99 49.16 22.18
N ARG I 119 9.81 47.88 22.51
CA ARG I 119 8.52 47.21 22.36
C ARG I 119 7.48 47.73 23.36
N GLU I 120 7.95 48.21 24.51
CA GLU I 120 7.11 48.86 25.50
C GLU I 120 6.94 50.36 25.22
N GLY I 121 7.50 50.82 24.11
CA GLY I 121 7.37 52.21 23.65
C GLY I 121 8.07 53.26 24.51
N LYS I 122 9.17 52.86 25.15
CA LYS I 122 9.91 53.76 26.03
C LYS I 122 11.01 54.53 25.28
N ALA I 123 11.15 54.23 23.98
CA ALA I 123 12.16 54.86 23.12
C ALA I 123 11.92 56.35 22.91
N GLY I 124 13.00 57.06 22.60
CA GLY I 124 12.91 58.48 22.30
C GLY I 124 13.50 58.85 20.95
N ASP I 125 13.56 60.14 20.68
CA ASP I 125 14.14 60.64 19.43
C ASP I 125 15.65 60.62 19.50
N VAL I 126 16.28 60.44 18.34
CA VAL I 126 17.73 60.61 18.21
C VAL I 126 18.06 62.05 18.58
N PRO I 127 18.93 62.26 19.59
CA PRO I 127 19.32 63.62 19.96
C PRO I 127 19.92 64.36 18.77
N ASP I 128 19.55 65.63 18.61
CA ASP I 128 19.88 66.45 17.44
C ASP I 128 21.34 66.39 17.01
N HIS I 129 22.24 66.38 17.99
CA HIS I 129 23.67 66.33 17.73
C HIS I 129 24.19 64.97 17.25
N LEU I 130 23.30 63.97 17.18
CA LEU I 130 23.65 62.62 16.68
C LEU I 130 23.00 62.29 15.35
N ARG I 131 22.22 63.23 14.83
CA ARG I 131 21.57 63.07 13.54
C ARG I 131 22.59 63.20 12.42
N ASP I 132 22.25 62.68 11.25
CA ASP I 132 23.11 62.71 10.07
C ASP I 132 23.23 64.15 9.53
N SER I 133 24.45 64.68 9.56
CA SER I 133 24.73 66.05 9.14
C SER I 133 24.68 66.26 7.62
N HIS I 134 24.79 65.17 6.87
CA HIS I 134 24.71 65.21 5.41
C HIS I 134 23.25 65.38 4.93
N TYR I 135 22.30 65.07 5.81
CA TYR I 135 20.87 65.24 5.54
C TYR I 135 20.22 66.29 6.44
N GLY I 144 22.95 68.37 12.98
CA GLY I 144 23.96 67.69 13.79
C GLY I 144 24.90 68.65 14.50
N VAL I 145 24.38 69.81 14.90
CA VAL I 145 25.17 70.84 15.59
C VAL I 145 25.49 70.45 17.04
N GLY I 146 26.74 70.66 17.43
CA GLY I 146 27.21 70.38 18.78
C GLY I 146 27.98 69.07 18.93
N TYR I 147 28.04 68.28 17.86
CA TYR I 147 28.69 66.96 17.91
C TYR I 147 30.20 67.03 18.12
N GLN I 148 30.64 66.36 19.19
CA GLN I 148 32.05 66.22 19.52
C GLN I 148 32.57 64.87 18.99
N TYR I 149 33.67 64.92 18.25
CA TYR I 149 34.26 63.75 17.59
C TYR I 149 35.37 63.20 18.48
N PRO I 150 35.11 62.03 19.12
CA PRO I 150 35.96 61.44 20.17
C PRO I 150 37.44 61.25 19.82
N HIS I 151 37.74 60.98 18.55
CA HIS I 151 39.13 60.75 18.10
C HIS I 151 40.02 61.98 18.25
N HIS I 152 39.39 63.17 18.35
CA HIS I 152 40.09 64.43 18.59
C HIS I 152 40.50 64.62 20.05
N PHE I 153 39.97 63.77 20.93
CA PHE I 153 40.17 63.92 22.37
C PHE I 153 41.15 62.90 22.95
N ASP I 154 41.59 63.13 24.18
CA ASP I 154 42.47 62.22 24.93
C ASP I 154 41.77 60.89 25.21
N GLN I 155 42.51 59.79 25.08
CA GLN I 155 42.01 58.41 25.21
C GLN I 155 40.97 58.04 24.15
N ALA I 156 40.85 58.89 23.12
CA ALA I 156 39.80 58.84 22.10
C ALA I 156 38.38 58.78 22.66
N TRP I 157 38.15 59.52 23.74
CA TRP I 157 36.86 59.56 24.40
C TRP I 157 36.46 61.00 24.77
N VAL I 158 35.20 61.33 24.56
CA VAL I 158 34.62 62.60 25.00
C VAL I 158 33.32 62.35 25.80
N ASN I 159 33.10 63.16 26.84
CA ASN I 159 31.83 63.17 27.58
C ASN I 159 30.74 63.77 26.68
N GLN I 160 29.75 62.95 26.34
CA GLN I 160 28.69 63.34 25.41
C GLN I 160 27.47 62.44 25.61
N GLN I 161 26.28 63.02 25.48
CA GLN I 161 25.03 62.26 25.54
C GLN I 161 24.85 61.46 24.25
N TYR I 162 24.51 60.19 24.40
CA TYR I 162 24.23 59.32 23.26
C TYR I 162 22.82 58.71 23.30
N LEU I 163 22.36 58.30 24.48
CA LEU I 163 20.98 57.84 24.67
C LEU I 163 20.00 58.99 24.41
N PRO I 164 18.79 58.67 23.90
CA PRO I 164 17.74 59.71 23.85
C PRO I 164 17.39 60.22 25.24
N ASP I 165 16.82 61.43 25.31
CA ASP I 165 16.40 62.05 26.57
C ASP I 165 15.50 61.14 27.40
N LYS I 166 14.50 60.54 26.75
CA LYS I 166 13.56 59.61 27.39
C LYS I 166 14.23 58.41 28.07
N LEU I 167 15.41 58.04 27.57
CA LEU I 167 16.11 56.86 28.05
C LEU I 167 17.48 57.13 28.67
N LYS I 168 17.74 58.38 29.05
CA LYS I 168 19.08 58.76 29.52
C LYS I 168 19.56 58.05 30.81
N ASN I 169 18.61 57.49 31.57
CA ASN I 169 18.94 56.73 32.78
C ASN I 169 18.98 55.21 32.57
N ALA I 170 18.80 54.78 31.33
CA ALA I 170 18.78 53.34 31.00
C ALA I 170 20.12 52.64 31.15
N GLN I 171 20.07 51.43 31.71
CA GLN I 171 21.25 50.57 31.74
C GLN I 171 20.89 49.18 31.27
N TYR I 172 21.65 48.69 30.31
CA TYR I 172 21.36 47.39 29.74
C TYR I 172 22.52 46.45 29.99
N TYR I 173 23.74 46.96 29.81
CA TYR I 173 24.94 46.14 29.94
C TYR I 173 25.46 46.12 31.36
N GLN I 174 25.50 44.93 31.94
CA GLN I 174 26.19 44.68 33.20
C GLN I 174 27.30 43.65 32.96
N PRO I 175 28.55 44.13 32.91
CA PRO I 175 29.72 43.31 32.61
C PRO I 175 29.96 42.18 33.60
N LYS I 176 30.26 41.00 33.06
CA LYS I 176 30.62 39.84 33.86
CA LYS I 176 30.62 39.84 33.86
C LYS I 176 32.13 39.70 33.90
N ASP I 177 32.62 38.83 34.77
CA ASP I 177 34.07 38.67 34.94
C ASP I 177 34.54 37.20 34.92
N THR I 178 33.81 36.37 34.19
CA THR I 178 34.10 34.94 34.09
C THR I 178 35.35 34.63 33.26
N GLY I 179 35.76 35.59 32.45
CA GLY I 179 37.00 35.48 31.67
C GLY I 179 37.74 36.80 31.60
N LYS I 180 39.03 36.72 31.33
CA LYS I 180 39.94 37.87 31.37
C LYS I 180 39.65 38.94 30.32
N TYR I 181 39.01 38.56 29.22
CA TYR I 181 38.68 39.51 28.18
C TYR I 181 37.57 40.47 28.63
N GLU I 182 36.49 39.93 29.19
CA GLU I 182 35.36 40.76 29.63
C GLU I 182 35.68 41.53 30.91
N GLN I 183 36.64 41.01 31.69
CA GLN I 183 37.20 41.71 32.84
C GLN I 183 37.77 43.06 32.40
N ALA I 184 38.61 43.03 31.36
CA ALA I 184 39.21 44.23 30.79
C ALA I 184 38.18 45.16 30.17
N LEU I 185 37.15 44.59 29.52
CA LEU I 185 36.06 45.39 28.94
C LEU I 185 35.25 46.06 30.04
N GLY I 186 34.98 45.30 31.11
CA GLY I 186 34.20 45.75 32.25
C GLY I 186 34.90 46.83 33.04
N GLN I 187 36.22 46.70 33.18
CA GLN I 187 37.07 47.74 33.76
C GLN I 187 36.99 49.05 32.98
N GLN I 188 36.91 48.95 31.66
CA GLN I 188 36.76 50.12 30.80
C GLN I 188 35.36 50.71 30.90
N TYR I 189 34.35 49.84 31.03
CA TYR I 189 32.96 50.24 31.21
C TYR I 189 32.76 51.14 32.44
N TYR I 190 33.31 50.71 33.57
CA TYR I 190 33.20 51.44 34.83
C TYR I 190 34.11 52.67 34.89
N ARG I 191 35.28 52.59 34.26
CA ARG I 191 36.20 53.70 34.10
C ARG I 191 35.53 54.90 33.43
N ILE I 192 34.73 54.62 32.39
CA ILE I 192 33.96 55.63 31.65
C ILE I 192 32.89 56.29 32.52
N LYS I 193 32.23 55.49 33.36
CA LYS I 193 31.23 55.99 34.31
C LYS I 193 31.84 56.90 35.37
N GLU I 194 33.08 56.59 35.76
CA GLU I 194 33.87 57.46 36.64
C GLU I 194 34.27 58.77 35.97
N TRP I 195 34.59 58.69 34.67
CA TRP I 195 34.93 59.88 33.87
C TRP I 195 33.75 60.84 33.67
N LYS I 196 32.54 60.29 33.67
CA LYS I 196 31.32 61.11 33.48
C LYS I 196 30.87 61.83 34.75
N GLU I 197 31.54 61.52 35.87
CA GLU I 197 31.22 62.13 37.16
C GLU I 197 32.26 63.17 37.58
N ASN J 10 11.08 57.58 18.87
CA ASN J 10 10.37 56.69 17.91
C ASN J 10 9.95 57.43 16.64
N GLY J 11 10.05 56.74 15.50
CA GLY J 11 9.69 57.32 14.21
C GLY J 11 10.71 58.32 13.67
N ASP J 12 11.98 58.11 14.00
CA ASP J 12 13.07 58.89 13.43
C ASP J 12 13.40 58.36 12.04
N ALA J 13 14.12 59.16 11.26
CA ALA J 13 14.65 58.73 9.96
C ALA J 13 15.66 57.60 10.18
N HIS J 14 15.66 56.66 9.23
CA HIS J 14 16.55 55.51 9.23
C HIS J 14 18.02 55.93 9.31
N TYR J 15 18.36 56.98 8.56
CA TYR J 15 19.71 57.51 8.50
C TYR J 15 20.19 58.15 9.80
N ASP J 16 19.27 58.67 10.59
CA ASP J 16 19.58 59.25 11.90
C ASP J 16 19.89 58.18 12.94
N VAL J 17 19.18 57.06 12.86
CA VAL J 17 19.40 55.92 13.76
C VAL J 17 20.75 55.26 13.44
N ILE J 18 21.04 55.08 12.15
CA ILE J 18 22.33 54.57 11.66
C ILE J 18 23.49 55.46 12.11
N SER J 19 23.30 56.77 12.02
CA SER J 19 24.29 57.75 12.45
C SER J 19 24.51 57.70 13.97
N ALA J 20 23.42 57.65 14.73
CA ALA J 20 23.48 57.61 16.19
C ALA J 20 24.14 56.33 16.69
N PHE J 21 23.84 55.22 16.01
CA PHE J 21 24.47 53.92 16.21
C PHE J 21 26.00 54.00 16.12
N GLN J 22 26.49 54.57 15.02
CA GLN J 22 27.93 54.73 14.77
C GLN J 22 28.58 55.61 15.84
N LYS J 23 27.97 56.76 16.09
CA LYS J 23 28.48 57.72 17.07
C LYS J 23 28.53 57.18 18.49
N SER J 24 27.55 56.37 18.87
CA SER J 24 27.53 55.72 20.19
C SER J 24 28.65 54.70 20.37
N ILE J 25 28.89 53.87 19.35
CA ILE J 25 29.98 52.90 19.41
C ILE J 25 31.31 53.63 19.41
N ARG J 26 31.46 54.57 18.47
CA ARG J 26 32.65 55.43 18.41
C ARG J 26 32.85 56.17 19.73
N GLY J 27 31.75 56.58 20.36
CA GLY J 27 31.81 57.28 21.63
C GLY J 27 31.82 56.41 22.89
N SER J 28 31.99 55.10 22.71
CA SER J 28 32.12 54.12 23.81
C SER J 28 30.89 53.97 24.72
N ASP J 29 29.71 54.24 24.20
CA ASP J 29 28.48 54.12 24.99
C ASP J 29 27.70 52.86 24.61
N VAL J 30 27.90 51.81 25.42
CA VAL J 30 27.34 50.49 25.17
C VAL J 30 25.82 50.51 25.12
N ASP J 31 25.24 51.13 26.15
CA ASP J 31 23.79 51.18 26.32
C ASP J 31 23.08 51.95 25.21
N ALA J 32 23.68 53.05 24.77
CA ALA J 32 23.15 53.80 23.64
C ALA J 32 23.27 53.00 22.34
N ALA J 33 24.46 52.44 22.10
CA ALA J 33 24.71 51.60 20.93
C ALA J 33 23.72 50.45 20.83
N LEU J 34 23.49 49.77 21.96
CA LEU J 34 22.51 48.68 22.01
C LEU J 34 21.07 49.17 21.86
N HIS J 35 20.77 50.36 22.37
CA HIS J 35 19.47 50.97 22.11
C HIS J 35 19.26 51.19 20.61
N TYR J 36 20.25 51.77 19.94
CA TYR J 36 20.16 52.00 18.49
C TYR J 36 20.23 50.72 17.66
N LEU J 37 20.97 49.72 18.14
CA LEU J 37 20.94 48.38 17.57
C LEU J 37 19.53 47.80 17.64
N ALA J 38 18.92 47.90 18.83
CA ALA J 38 17.58 47.37 19.08
C ALA J 38 16.50 48.02 18.20
N ARG J 39 16.63 49.33 17.97
CA ARG J 39 15.75 50.05 17.05
C ARG J 39 15.91 49.55 15.62
N LEU J 40 17.15 49.25 15.23
CA LEU J 40 17.44 48.80 13.88
C LEU J 40 16.97 47.37 13.65
N VAL J 41 17.23 46.51 14.64
CA VAL J 41 16.72 45.13 14.71
C VAL J 41 15.19 45.08 14.61
N GLU J 42 14.52 45.96 15.35
CA GLU J 42 13.06 46.04 15.35
C GLU J 42 12.47 46.49 13.99
N ALA J 43 13.14 47.43 13.33
CA ALA J 43 12.79 47.79 11.95
C ALA J 43 13.15 46.69 10.94
N GLY J 44 13.99 45.76 11.35
CA GLY J 44 14.26 44.53 10.60
C GLY J 44 15.10 44.61 9.35
N ASP J 45 15.93 45.64 9.23
CA ASP J 45 16.88 45.73 8.10
C ASP J 45 18.25 45.26 8.58
N LEU J 46 18.44 43.94 8.52
CA LEU J 46 19.65 43.28 8.97
C LEU J 46 20.86 43.71 8.13
N ALA J 47 20.65 43.82 6.82
CA ALA J 47 21.72 44.17 5.89
C ALA J 47 22.41 45.49 6.23
N SER J 48 21.62 46.50 6.60
CA SER J 48 22.18 47.81 6.91
C SER J 48 22.83 47.86 8.30
N ILE J 49 22.33 47.07 9.23
CA ILE J 49 23.04 46.87 10.50
C ILE J 49 24.43 46.26 10.25
N CYS J 50 24.46 45.19 9.45
CA CYS J 50 25.69 44.47 9.11
C CYS J 50 26.73 45.35 8.41
N ARG J 51 26.31 46.13 7.41
CA ARG J 51 27.21 47.03 6.69
CA ARG J 51 27.18 47.05 6.68
C ARG J 51 27.80 48.09 7.61
N ARG J 52 26.94 48.78 8.36
CA ARG J 52 27.39 49.84 9.26
C ARG J 52 28.34 49.34 10.34
N LEU J 53 28.05 48.16 10.89
CA LEU J 53 28.86 47.57 11.94
C LEU J 53 30.28 47.25 11.46
N MET J 54 30.36 46.76 10.21
CA MET J 54 31.65 46.52 9.57
C MET J 54 32.41 47.84 9.28
N VAL J 55 31.68 48.89 8.91
CA VAL J 55 32.30 50.20 8.74
C VAL J 55 32.82 50.75 10.07
N ILE J 56 32.00 50.63 11.14
CA ILE J 56 32.39 51.15 12.46
C ILE J 56 33.63 50.43 12.99
N GLY J 57 33.62 49.10 12.94
CA GLY J 57 34.74 48.28 13.41
C GLY J 57 36.06 48.66 12.75
N TYR J 58 36.02 48.85 11.44
CA TYR J 58 37.23 49.20 10.71
C TYR J 58 37.57 50.70 10.79
N GLU J 59 36.55 51.57 10.79
CA GLU J 59 36.79 53.01 10.85
C GLU J 59 37.21 53.51 12.23
N ASP J 60 36.45 53.14 13.26
CA ASP J 60 36.58 53.78 14.58
C ASP J 60 37.39 52.98 15.58
N ILE J 61 37.40 51.65 15.41
CA ILE J 61 38.22 50.78 16.24
C ILE J 61 39.53 50.53 15.51
N GLY J 62 39.46 50.00 14.27
CA GLY J 62 40.63 49.84 13.40
C GLY J 62 41.84 49.17 14.04
N LEU J 63 42.97 49.88 14.06
CA LEU J 63 44.20 49.37 14.69
C LEU J 63 44.17 49.38 16.23
N GLY J 64 43.15 50.02 16.80
CA GLY J 64 42.87 49.97 18.23
C GLY J 64 42.67 48.55 18.72
N ASN J 65 41.99 47.74 17.89
CA ASN J 65 41.79 46.32 18.12
C ASN J 65 41.48 45.62 16.79
N PRO J 66 42.53 45.26 16.02
CA PRO J 66 42.35 44.63 14.70
C PRO J 66 41.58 43.32 14.72
N ALA J 67 41.78 42.50 15.75
CA ALA J 67 41.05 41.23 15.93
C ALA J 67 39.55 41.44 16.14
N ALA J 68 39.18 42.41 16.99
CA ALA J 68 37.77 42.74 17.20
C ALA J 68 37.08 43.25 15.94
N ALA J 69 37.81 44.06 15.16
CA ALA J 69 37.33 44.56 13.89
C ALA J 69 37.11 43.41 12.89
N ALA J 70 38.06 42.48 12.86
CA ALA J 70 37.94 41.28 12.03
C ALA J 70 36.80 40.37 12.50
N ARG J 71 36.56 40.33 13.81
CA ARG J 71 35.49 39.49 14.37
C ARG J 71 34.10 39.98 14.02
N THR J 72 34.00 41.27 13.68
CA THR J 72 32.77 41.88 13.19
C THR J 72 32.37 41.24 11.85
N VAL J 73 33.36 40.83 11.06
CA VAL J 73 33.08 40.13 9.81
C VAL J 73 32.48 38.75 10.10
N ASN J 74 33.04 38.05 11.10
CA ASN J 74 32.52 36.73 11.50
C ASN J 74 31.10 36.80 12.03
N ALA J 75 30.84 37.81 12.85
CA ALA J 75 29.52 38.06 13.40
C ALA J 75 28.50 38.33 12.30
N VAL J 76 28.89 39.17 11.35
CA VAL J 76 28.08 39.48 10.17
C VAL J 76 27.75 38.24 9.33
N LEU J 77 28.73 37.38 9.11
CA LEU J 77 28.48 36.11 8.41
C LEU J 77 27.50 35.21 9.15
N ALA J 78 27.65 35.11 10.47
CA ALA J 78 26.71 34.37 11.30
C ALA J 78 25.31 34.96 11.19
N ALA J 79 25.23 36.28 11.30
CA ALA J 79 23.95 36.99 11.29
C ALA J 79 23.21 36.77 9.97
N GLU J 80 23.94 36.77 8.86
CA GLU J 80 23.37 36.49 7.55
C GLU J 80 22.80 35.07 7.46
N LYS J 81 23.55 34.11 8.01
CA LYS J 81 23.13 32.71 7.97
C LYS J 81 21.97 32.41 8.92
N LEU J 82 21.93 33.11 10.04
CA LEU J 82 20.87 32.92 11.04
C LEU J 82 19.60 33.65 10.62
N GLY J 83 19.77 34.91 10.23
CA GLY J 83 18.64 35.81 9.98
C GLY J 83 18.04 36.25 11.30
N LEU J 84 17.18 37.26 11.25
CA LEU J 84 16.47 37.71 12.46
C LEU J 84 15.38 36.69 12.82
N PRO J 85 15.10 36.49 14.13
CA PRO J 85 15.57 37.21 15.33
C PRO J 85 16.96 36.82 15.85
N GLU J 86 17.41 35.60 15.60
CA GLU J 86 18.68 35.09 16.19
C GLU J 86 19.96 35.81 15.76
N ALA J 87 19.90 36.50 14.62
CA ALA J 87 21.00 37.33 14.11
C ALA J 87 21.43 38.41 15.08
N ARG J 88 20.52 38.83 15.96
CA ARG J 88 20.76 39.90 16.90
C ARG J 88 21.86 39.56 17.90
N ILE J 89 22.05 38.27 18.15
CA ILE J 89 22.96 37.77 19.19
C ILE J 89 24.46 38.00 18.87
N PRO J 90 24.95 37.54 17.68
CA PRO J 90 26.32 37.92 17.34
C PRO J 90 26.54 39.44 17.24
N LEU J 91 25.53 40.15 16.77
CA LEU J 91 25.61 41.60 16.62
C LEU J 91 25.72 42.27 17.98
N ALA J 92 25.02 41.73 18.98
CA ALA J 92 25.09 42.26 20.34
C ALA J 92 26.48 42.12 20.91
N ASP J 93 27.10 40.95 20.74
CA ASP J 93 28.46 40.71 21.28
C ASP J 93 29.49 41.63 20.68
N VAL J 94 29.38 41.90 19.37
CA VAL J 94 30.38 42.73 18.73
C VAL J 94 30.17 44.20 18.99
N VAL J 95 28.92 44.61 19.19
CA VAL J 95 28.63 46.00 19.53
C VAL J 95 29.30 46.36 20.86
N VAL J 96 29.16 45.49 21.86
CA VAL J 96 29.77 45.71 23.19
C VAL J 96 31.30 45.69 23.13
N ASP J 97 31.85 44.66 22.50
CA ASP J 97 33.29 44.54 22.26
C ASP J 97 33.88 45.80 21.59
N LEU J 98 33.25 46.31 20.54
CA LEU J 98 33.73 47.49 19.83
C LEU J 98 33.64 48.75 20.68
N CYS J 99 32.53 48.90 21.40
CA CYS J 99 32.32 49.98 22.36
C CYS J 99 33.44 50.13 23.39
N LEU J 100 33.90 49.01 23.95
CA LEU J 100 34.89 49.06 25.03
C LEU J 100 36.30 48.67 24.57
N SER J 101 36.49 48.58 23.26
CA SER J 101 37.81 48.40 22.67
C SER J 101 38.50 49.76 22.47
N PRO J 102 39.85 49.78 22.48
CA PRO J 102 40.58 50.99 22.12
C PRO J 102 40.18 51.50 20.74
N LYS J 103 40.09 52.82 20.60
CA LYS J 103 39.61 53.43 19.39
C LYS J 103 40.76 54.00 18.61
N SER J 104 40.73 53.80 17.30
CA SER J 104 41.72 54.39 16.41
C SER J 104 41.14 54.63 15.03
N ASN J 105 41.20 55.88 14.58
CA ASN J 105 40.81 56.21 13.21
C ASN J 105 42.00 56.54 12.30
N SER J 106 43.20 56.22 12.81
CA SER J 106 44.46 56.63 12.18
C SER J 106 44.64 56.15 10.74
N ALA J 107 44.34 54.87 10.47
CA ALA J 107 44.53 54.29 9.15
C ALA J 107 43.51 54.83 8.15
N TYR J 108 42.28 54.98 8.66
CA TYR J 108 41.19 55.60 7.94
C TYR J 108 41.57 57.01 7.47
N MET J 109 42.05 57.85 8.40
CA MET J 109 42.47 59.22 8.09
C MET J 109 43.71 59.27 7.22
N ALA J 110 44.66 58.37 7.46
CA ALA J 110 45.87 58.27 6.66
C ALA J 110 45.56 58.02 5.19
N LEU J 111 44.65 57.10 4.90
CA LEU J 111 44.23 56.82 3.52
C LEU J 111 43.45 57.95 2.88
N ASP J 112 42.58 58.61 3.65
CA ASP J 112 41.82 59.73 3.11
C ASP J 112 42.73 60.91 2.75
N ALA J 113 43.79 61.08 3.53
CA ALA J 113 44.86 62.02 3.23
C ALA J 113 45.58 61.66 1.93
N ALA J 114 45.94 60.38 1.78
CA ALA J 114 46.55 59.88 0.53
C ALA J 114 45.68 60.09 -0.70
N LEU J 115 44.38 59.85 -0.55
CA LEU J 115 43.41 60.04 -1.62
C LEU J 115 43.24 61.51 -2.01
N ALA J 116 43.37 62.40 -1.03
CA ALA J 116 43.28 63.84 -1.23
C ALA J 116 44.41 64.36 -2.10
N ASP J 117 45.62 63.87 -1.84
CA ASP J 117 46.80 64.15 -2.68
C ASP J 117 46.61 63.74 -4.14
N ILE J 118 46.01 62.56 -4.34
CA ILE J 118 45.77 62.05 -5.69
C ILE J 118 44.71 62.86 -6.43
N ARG J 119 43.64 63.21 -5.72
CA ARG J 119 42.55 63.99 -6.31
C ARG J 119 42.91 65.44 -6.60
N GLU J 120 43.94 65.95 -5.92
CA GLU J 120 44.46 67.29 -6.16
C GLU J 120 45.61 67.29 -7.19
N GLY J 121 45.86 66.13 -7.79
CA GLY J 121 46.82 66.00 -8.87
C GLY J 121 48.28 65.93 -8.42
N LYS J 122 48.50 65.67 -7.14
CA LYS J 122 49.86 65.69 -6.57
C LYS J 122 50.64 64.39 -6.73
N ALA J 123 50.03 63.37 -7.33
CA ALA J 123 50.71 62.08 -7.53
C ALA J 123 51.67 62.11 -8.73
N GLY J 124 52.73 61.31 -8.63
CA GLY J 124 53.68 61.16 -9.71
C GLY J 124 53.73 59.74 -10.22
N ASP J 125 54.73 59.46 -11.06
CA ASP J 125 54.92 58.12 -11.62
C ASP J 125 55.49 57.14 -10.63
N VAL J 126 55.22 55.87 -10.87
CA VAL J 126 55.84 54.79 -10.11
C VAL J 126 57.34 54.85 -10.41
N PRO J 127 58.17 54.98 -9.35
CA PRO J 127 59.62 54.98 -9.51
C PRO J 127 60.09 53.74 -10.25
N ASP J 128 60.99 53.93 -11.21
CA ASP J 128 61.45 52.87 -12.12
C ASP J 128 61.83 51.55 -11.43
N HIS J 129 62.53 51.64 -10.31
CA HIS J 129 62.96 50.46 -9.57
C HIS J 129 61.81 49.65 -8.96
N LEU J 130 60.61 50.24 -8.88
CA LEU J 130 59.42 49.53 -8.38
C LEU J 130 58.52 48.95 -9.46
N ARG J 131 58.81 49.27 -10.72
CA ARG J 131 58.03 48.80 -11.87
C ARG J 131 58.09 47.28 -12.04
N ASP J 132 57.02 46.71 -12.59
CA ASP J 132 56.89 45.27 -12.83
C ASP J 132 57.88 44.82 -13.92
N SER J 133 58.91 44.07 -13.50
CA SER J 133 59.99 43.61 -14.37
C SER J 133 59.56 42.59 -15.42
N HIS J 134 58.45 41.89 -15.15
CA HIS J 134 57.92 40.86 -16.05
C HIS J 134 57.27 41.42 -17.33
N TYR J 135 57.27 42.75 -17.46
CA TYR J 135 56.78 43.43 -18.66
C TYR J 135 57.85 44.32 -19.29
N ARG J 143 63.09 49.43 -15.84
CA ARG J 143 61.92 48.65 -15.47
C ARG J 143 62.22 47.61 -14.41
N GLY J 144 62.40 48.09 -13.18
CA GLY J 144 62.73 47.24 -12.03
C GLY J 144 64.22 47.22 -11.73
N VAL J 145 64.97 48.03 -12.46
CA VAL J 145 66.44 48.02 -12.37
C VAL J 145 66.93 48.75 -11.10
N GLY J 146 67.59 47.99 -10.23
CA GLY J 146 68.11 48.51 -8.97
C GLY J 146 67.24 48.17 -7.76
N TYR J 147 66.22 47.34 -7.95
CA TYR J 147 65.30 46.96 -6.86
C TYR J 147 65.97 46.08 -5.81
N GLN J 148 65.80 46.47 -4.55
CA GLN J 148 66.28 45.66 -3.43
C GLN J 148 65.12 44.93 -2.75
N TYR J 149 65.29 43.62 -2.56
CA TYR J 149 64.27 42.73 -2.02
C TYR J 149 64.50 42.65 -0.52
N PRO J 150 63.60 43.26 0.28
CA PRO J 150 63.74 43.40 1.74
C PRO J 150 64.04 42.12 2.51
N HIS J 151 63.46 40.98 2.09
CA HIS J 151 63.68 39.69 2.74
C HIS J 151 65.14 39.21 2.72
N HIS J 152 65.96 39.76 1.81
CA HIS J 152 67.37 39.41 1.71
C HIS J 152 68.25 40.10 2.76
N PHE J 153 67.66 41.01 3.54
CA PHE J 153 68.40 41.86 4.46
C PHE J 153 68.03 41.62 5.92
N ASP J 154 68.88 42.14 6.83
CA ASP J 154 68.63 42.09 8.27
CA ASP J 154 68.64 42.11 8.28
C ASP J 154 67.32 42.80 8.64
N GLN J 155 66.58 42.19 9.57
CA GLN J 155 65.24 42.65 10.02
C GLN J 155 64.17 42.57 8.93
N ALA J 156 64.53 41.95 7.79
CA ALA J 156 63.73 41.95 6.56
C ALA J 156 63.32 43.34 6.10
N TRP J 157 64.29 44.25 6.10
CA TRP J 157 64.07 45.65 5.74
C TRP J 157 65.29 46.23 5.03
N VAL J 158 65.03 47.08 4.05
CA VAL J 158 66.09 47.80 3.36
C VAL J 158 65.71 49.27 3.14
N ASN J 159 66.70 50.16 3.25
CA ASN J 159 66.52 51.56 2.90
C ASN J 159 66.35 51.70 1.40
N GLN J 160 65.14 52.08 1.00
CA GLN J 160 64.76 52.17 -0.41
C GLN J 160 63.62 53.16 -0.52
N GLN J 161 63.59 53.91 -1.61
CA GLN J 161 62.50 54.84 -1.88
C GLN J 161 61.30 54.06 -2.41
N TYR J 162 60.12 54.36 -1.85
CA TYR J 162 58.89 53.72 -2.31
C TYR J 162 57.86 54.74 -2.82
N LEU J 163 57.76 55.91 -2.20
CA LEU J 163 56.90 56.98 -2.71
C LEU J 163 57.45 57.51 -4.05
N PRO J 164 56.55 57.99 -4.93
CA PRO J 164 57.05 58.71 -6.12
C PRO J 164 57.79 60.01 -5.72
N ASP J 165 58.69 60.46 -6.59
CA ASP J 165 59.51 61.67 -6.35
C ASP J 165 58.73 62.89 -5.87
N LYS J 166 57.64 63.21 -6.57
CA LYS J 166 56.71 64.29 -6.20
C LYS J 166 56.15 64.22 -4.78
N LEU J 167 56.06 63.01 -4.25
CA LEU J 167 55.47 62.76 -2.93
C LEU J 167 56.46 62.26 -1.91
N LYS J 168 57.77 62.48 -2.16
CA LYS J 168 58.83 61.96 -1.29
CA LYS J 168 58.87 62.01 -1.30
C LYS J 168 58.73 62.44 0.16
N ASN J 169 58.11 63.60 0.38
CA ASN J 169 57.98 64.16 1.73
C ASN J 169 56.60 64.01 2.36
N ALA J 170 55.69 63.33 1.65
CA ALA J 170 54.35 63.06 2.17
C ALA J 170 54.36 62.20 3.42
N GLN J 171 53.55 62.58 4.40
CA GLN J 171 53.31 61.74 5.57
C GLN J 171 51.82 61.62 5.82
N TYR J 172 51.31 60.39 5.75
CA TYR J 172 49.88 60.16 5.90
C TYR J 172 49.56 59.52 7.24
N TYR J 173 50.27 58.45 7.57
CA TYR J 173 50.08 57.73 8.83
C TYR J 173 50.73 58.45 9.99
N GLN J 174 49.91 58.81 10.97
CA GLN J 174 50.38 59.22 12.29
C GLN J 174 49.80 58.27 13.35
N PRO J 175 50.65 57.37 13.89
CA PRO J 175 50.24 56.31 14.81
C PRO J 175 49.68 56.82 16.12
N LYS J 176 48.72 56.08 16.66
CA LYS J 176 48.14 56.39 17.95
C LYS J 176 48.61 55.35 18.95
N ASP J 177 48.31 55.59 20.22
CA ASP J 177 48.78 54.71 21.29
C ASP J 177 47.67 54.29 22.25
N THR J 178 46.43 54.35 21.77
CA THR J 178 45.23 54.01 22.56
C THR J 178 45.09 52.52 22.90
N GLY J 179 45.76 51.66 22.14
CA GLY J 179 45.83 50.24 22.44
C GLY J 179 47.23 49.70 22.21
N LYS J 180 47.53 48.58 22.86
CA LYS J 180 48.87 47.97 22.84
C LYS J 180 49.32 47.49 21.45
N TYR J 181 48.37 47.14 20.60
CA TYR J 181 48.69 46.71 19.24
C TYR J 181 49.25 47.86 18.39
N GLU J 182 48.52 48.98 18.31
CA GLU J 182 48.98 50.15 17.55
C GLU J 182 50.19 50.83 18.23
N GLN J 183 50.29 50.65 19.55
CA GLN J 183 51.50 51.05 20.28
C GLN J 183 52.73 50.38 19.67
N ALA J 184 52.64 49.06 19.47
CA ALA J 184 53.75 48.27 18.95
C ALA J 184 54.02 48.55 17.48
N LEU J 185 52.97 48.82 16.72
CA LEU J 185 53.12 49.20 15.31
C LEU J 185 53.77 50.58 15.23
N GLY J 186 53.34 51.48 16.11
CA GLY J 186 53.86 52.84 16.19
C GLY J 186 55.35 52.90 16.47
N GLN J 187 55.82 52.01 17.34
CA GLN J 187 57.23 51.84 17.62
C GLN J 187 58.02 51.38 16.40
N GLN J 188 57.45 50.45 15.63
CA GLN J 188 58.07 49.99 14.39
C GLN J 188 58.11 51.10 13.34
N TYR J 189 57.03 51.89 13.27
CA TYR J 189 56.97 53.05 12.39
C TYR J 189 58.11 54.04 12.65
N TYR J 190 58.36 54.33 13.93
CA TYR J 190 59.38 55.31 14.31
C TYR J 190 60.80 54.76 14.23
N ARG J 191 60.96 53.48 14.57
CA ARG J 191 62.19 52.73 14.37
C ARG J 191 62.67 52.76 12.91
N ILE J 192 61.73 52.59 11.97
CA ILE J 192 62.04 52.68 10.53
C ILE J 192 62.49 54.09 10.12
N LYS J 193 61.86 55.11 10.71
CA LYS J 193 62.24 56.50 10.46
C LYS J 193 63.62 56.82 10.99
N GLU J 194 63.96 56.23 12.14
CA GLU J 194 65.30 56.33 12.72
C GLU J 194 66.35 55.62 11.86
N TRP J 195 65.98 54.48 11.29
CA TRP J 195 66.84 53.73 10.38
C TRP J 195 67.20 54.51 9.12
N LYS J 196 66.21 55.24 8.59
CA LYS J 196 66.39 56.03 7.38
C LYS J 196 67.23 57.29 7.59
N GLU J 197 67.51 57.63 8.85
CA GLU J 197 68.33 58.78 9.21
C GLU J 197 69.70 58.37 9.75
N ASP K 12 50.34 55.86 -15.69
CA ASP K 12 50.98 54.55 -15.38
C ASP K 12 50.06 53.37 -15.64
N ALA K 13 50.64 52.26 -16.05
CA ALA K 13 49.91 51.02 -16.22
C ALA K 13 49.53 50.45 -14.85
N HIS K 14 48.39 49.74 -14.82
CA HIS K 14 47.87 49.10 -13.62
C HIS K 14 48.88 48.14 -12.99
N TYR K 15 49.60 47.39 -13.83
CA TYR K 15 50.56 46.39 -13.33
C TYR K 15 51.76 47.00 -12.60
N ASP K 16 52.15 48.22 -12.98
CA ASP K 16 53.19 48.96 -12.27
C ASP K 16 52.76 49.45 -10.89
N VAL K 17 51.50 49.88 -10.75
CA VAL K 17 50.95 50.35 -9.47
C VAL K 17 50.79 49.16 -8.52
N ILE K 18 50.27 48.06 -9.04
CA ILE K 18 50.13 46.79 -8.32
C ILE K 18 51.48 46.31 -7.77
N SER K 19 52.51 46.41 -8.63
CA SER K 19 53.88 46.07 -8.26
C SER K 19 54.38 46.97 -7.13
N ALA K 20 54.21 48.28 -7.29
CA ALA K 20 54.67 49.28 -6.32
C ALA K 20 53.97 49.14 -4.96
N PHE K 21 52.67 48.84 -5.02
CA PHE K 21 51.85 48.54 -3.85
C PHE K 21 52.41 47.34 -3.08
N GLN K 22 52.73 46.26 -3.78
CA GLN K 22 53.28 45.06 -3.14
C GLN K 22 54.64 45.32 -2.50
N LYS K 23 55.53 45.94 -3.27
CA LYS K 23 56.89 46.28 -2.83
C LYS K 23 56.93 47.26 -1.63
N SER K 24 56.02 48.23 -1.63
CA SER K 24 55.87 49.17 -0.49
C SER K 24 55.52 48.46 0.82
N ILE K 25 54.51 47.60 0.79
CA ILE K 25 54.07 46.84 1.96
C ILE K 25 55.19 45.93 2.45
N ARG K 26 55.74 45.13 1.52
CA ARG K 26 56.92 44.30 1.75
C ARG K 26 58.07 45.13 2.31
N GLY K 27 58.22 46.35 1.78
CA GLY K 27 59.28 47.24 2.21
C GLY K 27 59.01 48.04 3.48
N SER K 28 57.89 47.77 4.14
CA SER K 28 57.45 48.43 5.38
C SER K 28 57.20 49.94 5.26
N ASP K 29 56.80 50.40 4.09
CA ASP K 29 56.55 51.82 3.87
C ASP K 29 55.04 52.13 3.87
N VAL K 30 54.51 52.47 5.05
CA VAL K 30 53.09 52.77 5.21
C VAL K 30 52.58 53.85 4.26
N ASP K 31 53.29 54.98 4.22
CA ASP K 31 52.85 56.13 3.45
C ASP K 31 52.84 55.84 1.95
N ALA K 32 53.85 55.12 1.49
CA ALA K 32 53.90 54.69 0.08
C ALA K 32 52.81 53.67 -0.24
N ALA K 33 52.68 52.65 0.60
CA ALA K 33 51.62 51.65 0.44
C ALA K 33 50.21 52.26 0.43
N LEU K 34 49.93 53.20 1.32
CA LEU K 34 48.63 53.87 1.34
C LEU K 34 48.43 54.75 0.12
N HIS K 35 49.51 55.34 -0.37
CA HIS K 35 49.46 56.10 -1.62
C HIS K 35 49.12 55.22 -2.83
N TYR K 36 49.76 54.06 -2.95
CA TYR K 36 49.47 53.14 -4.04
C TYR K 36 48.08 52.51 -3.92
N LEU K 37 47.64 52.24 -2.68
CA LEU K 37 46.26 51.84 -2.42
C LEU K 37 45.28 52.91 -2.90
N ALA K 38 45.59 54.17 -2.59
CA ALA K 38 44.75 55.29 -3.00
C ALA K 38 44.61 55.43 -4.53
N ARG K 39 45.70 55.17 -5.26
N ARG K 39 45.70 55.17 -5.26
CA ARG K 39 45.67 55.12 -6.73
CA ARG K 39 45.66 55.14 -6.74
C ARG K 39 44.76 54.01 -7.24
C ARG K 39 44.80 53.99 -7.28
N LEU K 40 44.86 52.85 -6.60
CA LEU K 40 44.08 51.67 -6.97
C LEU K 40 42.58 51.81 -6.67
N VAL K 41 42.27 52.42 -5.52
CA VAL K 41 40.91 52.80 -5.15
C VAL K 41 40.29 53.77 -6.17
N GLU K 42 41.06 54.80 -6.55
CA GLU K 42 40.64 55.75 -7.58
C GLU K 42 40.38 55.12 -8.96
N ALA K 43 41.17 54.11 -9.30
CA ALA K 43 40.96 53.35 -10.54
C ALA K 43 39.68 52.48 -10.51
N GLY K 44 39.26 52.08 -9.31
CA GLY K 44 37.94 51.46 -9.12
C GLY K 44 37.76 49.96 -9.32
N ASP K 45 38.86 49.20 -9.38
CA ASP K 45 38.78 47.74 -9.47
C ASP K 45 39.07 47.12 -8.11
N LEU K 46 38.04 47.06 -7.27
CA LEU K 46 38.13 46.59 -5.90
C LEU K 46 38.60 45.13 -5.76
N ALA K 47 38.11 44.28 -6.65
CA ALA K 47 38.38 42.85 -6.62
C ALA K 47 39.85 42.56 -6.87
N SER K 48 40.47 43.38 -7.72
CA SER K 48 41.91 43.25 -7.98
CA SER K 48 41.91 43.27 -7.98
C SER K 48 42.74 43.75 -6.79
N ILE K 49 42.30 44.84 -6.16
CA ILE K 49 42.95 45.34 -4.94
C ILE K 49 42.92 44.26 -3.86
N CYS K 50 41.75 43.63 -3.71
CA CYS K 50 41.53 42.54 -2.77
C CYS K 50 42.39 41.30 -3.02
N ARG K 51 42.52 40.89 -4.28
CA ARG K 51 43.35 39.73 -4.65
C ARG K 51 44.79 40.01 -4.29
N ARG K 52 45.26 41.18 -4.69
CA ARG K 52 46.62 41.62 -4.41
C ARG K 52 46.98 41.68 -2.92
N LEU K 53 46.11 42.27 -2.10
CA LEU K 53 46.33 42.36 -0.66
C LEU K 53 46.47 41.02 0.03
N MET K 54 45.61 40.07 -0.37
CA MET K 54 45.67 38.71 0.17
C MET K 54 46.99 38.02 -0.21
N VAL K 55 47.44 38.23 -1.44
CA VAL K 55 48.75 37.73 -1.89
C VAL K 55 49.88 38.33 -1.05
N ILE K 56 49.86 39.65 -0.88
CA ILE K 56 50.91 40.36 -0.17
C ILE K 56 51.05 39.87 1.27
N GLY K 57 49.93 39.82 1.98
CA GLY K 57 49.91 39.40 3.38
C GLY K 57 50.38 37.98 3.60
N TYR K 58 49.94 37.08 2.72
CA TYR K 58 50.42 35.71 2.77
C TYR K 58 51.87 35.54 2.23
N GLU K 59 52.24 36.31 1.21
CA GLU K 59 53.59 36.20 0.63
C GLU K 59 54.70 36.81 1.48
N ASP K 60 54.46 38.04 1.92
CA ASP K 60 55.52 38.87 2.50
C ASP K 60 55.48 38.94 4.00
N ILE K 61 54.28 38.77 4.57
CA ILE K 61 54.11 38.77 6.02
C ILE K 61 54.05 37.32 6.47
N GLY K 62 53.05 36.58 5.99
CA GLY K 62 53.00 35.13 6.15
C GLY K 62 53.15 34.68 7.59
N LEU K 63 54.24 33.96 7.86
CA LEU K 63 54.52 33.45 9.19
C LEU K 63 55.04 34.49 10.19
N GLY K 64 55.47 35.65 9.68
CA GLY K 64 55.79 36.82 10.50
C GLY K 64 54.63 37.31 11.35
N ASN K 65 53.41 37.08 10.86
CA ASN K 65 52.18 37.39 11.57
C ASN K 65 50.99 36.67 10.92
N PRO K 66 50.79 35.37 11.23
CA PRO K 66 49.69 34.60 10.64
C PRO K 66 48.29 35.18 10.88
N ALA K 67 48.04 35.72 12.07
CA ALA K 67 46.75 36.35 12.38
C ALA K 67 46.45 37.56 11.49
N ALA K 68 47.47 38.36 11.20
CA ALA K 68 47.32 39.54 10.34
C ALA K 68 47.16 39.18 8.87
N ALA K 69 47.84 38.13 8.41
CA ALA K 69 47.62 37.63 7.05
C ALA K 69 46.19 37.09 6.91
N ALA K 70 45.74 36.35 7.92
CA ALA K 70 44.35 35.85 7.98
C ALA K 70 43.31 36.97 8.04
N ARG K 71 43.63 38.06 8.75
CA ARG K 71 42.70 39.21 8.88
C ARG K 71 42.46 39.97 7.57
N THR K 72 43.35 39.78 6.59
CA THR K 72 43.18 40.37 5.26
C THR K 72 41.97 39.78 4.53
N VAL K 73 41.71 38.49 4.79
CA VAL K 73 40.54 37.82 4.23
C VAL K 73 39.25 38.41 4.79
N ASN K 74 39.22 38.64 6.11
CA ASN K 74 38.08 39.31 6.75
C ASN K 74 37.82 40.68 6.12
N ALA K 75 38.90 41.46 5.95
CA ALA K 75 38.84 42.80 5.35
C ALA K 75 38.32 42.77 3.92
N VAL K 76 38.82 41.81 3.15
CA VAL K 76 38.35 41.56 1.78
C VAL K 76 36.85 41.22 1.76
N LEU K 77 36.42 40.36 2.69
CA LEU K 77 35.01 39.99 2.80
C LEU K 77 34.18 41.21 3.18
N ALA K 78 34.72 42.05 4.07
CA ALA K 78 34.05 43.30 4.45
C ALA K 78 33.94 44.21 3.22
N ALA K 79 35.05 44.34 2.49
CA ALA K 79 35.13 45.18 1.30
C ALA K 79 34.15 44.78 0.20
N GLU K 80 34.06 43.47 -0.06
CA GLU K 80 33.10 42.92 -1.04
C GLU K 80 31.66 43.28 -0.69
N LYS K 81 31.30 43.09 0.58
CA LYS K 81 29.97 43.38 1.09
C LYS K 81 29.61 44.86 1.07
N LEU K 82 30.62 45.71 1.27
CA LEU K 82 30.40 47.15 1.33
C LEU K 82 30.41 47.80 -0.05
N GLY K 83 31.42 47.45 -0.84
CA GLY K 83 31.72 48.14 -2.07
C GLY K 83 32.39 49.47 -1.79
N LEU K 84 33.06 50.03 -2.79
CA LEU K 84 33.64 51.36 -2.69
C LEU K 84 32.49 52.38 -2.65
N PRO K 85 32.66 53.51 -1.91
CA PRO K 85 33.87 53.97 -1.22
C PRO K 85 34.16 53.34 0.15
N GLU K 86 33.16 52.80 0.84
CA GLU K 86 33.34 52.31 2.23
C GLU K 86 34.37 51.19 2.36
N ALA K 87 34.53 50.42 1.29
CA ALA K 87 35.44 49.28 1.21
C ALA K 87 36.89 49.63 1.49
N ARG K 88 37.24 50.90 1.27
CA ARG K 88 38.61 51.40 1.41
C ARG K 88 39.09 51.34 2.86
N ILE K 89 38.14 51.37 3.79
CA ILE K 89 38.42 51.50 5.21
C ILE K 89 39.03 50.22 5.81
N PRO K 90 38.37 49.04 5.64
CA PRO K 90 39.09 47.82 6.04
C PRO K 90 40.42 47.63 5.34
N LEU K 91 40.52 48.04 4.07
CA LEU K 91 41.76 47.88 3.31
C LEU K 91 42.89 48.76 3.86
N ALA K 92 42.55 50.00 4.23
CA ALA K 92 43.49 50.92 4.89
C ALA K 92 44.08 50.32 6.15
N ASP K 93 43.21 49.77 7.00
CA ASP K 93 43.61 49.15 8.26
C ASP K 93 44.59 48.00 8.09
N VAL K 94 44.28 47.09 7.17
CA VAL K 94 45.12 45.92 6.96
C VAL K 94 46.44 46.26 6.29
N VAL K 95 46.43 47.23 5.38
CA VAL K 95 47.66 47.75 4.78
C VAL K 95 48.65 48.23 5.85
N VAL K 96 48.18 49.07 6.78
CA VAL K 96 49.03 49.59 7.85
C VAL K 96 49.56 48.45 8.72
N ASP K 97 48.67 47.52 9.08
CA ASP K 97 49.00 46.35 9.86
C ASP K 97 50.10 45.51 9.19
N LEU K 98 49.94 45.24 7.89
CA LEU K 98 50.89 44.42 7.15
C LEU K 98 52.23 45.11 6.97
N CYS K 99 52.18 46.42 6.74
CA CYS K 99 53.39 47.26 6.64
C CYS K 99 54.29 47.18 7.86
N LEU K 100 53.70 47.19 9.05
CA LEU K 100 54.48 47.33 10.26
C LEU K 100 54.60 46.02 11.03
N SER K 101 54.11 44.94 10.44
CA SER K 101 54.22 43.60 11.02
C SER K 101 55.54 42.96 10.61
N PRO K 102 56.06 41.99 11.40
CA PRO K 102 57.24 41.24 10.97
C PRO K 102 57.05 40.57 9.61
N LYS K 103 58.10 40.61 8.79
CA LYS K 103 58.05 40.05 7.43
CA LYS K 103 58.05 40.05 7.43
C LYS K 103 58.68 38.68 7.38
N SER K 104 58.00 37.76 6.68
CA SER K 104 58.53 36.44 6.41
C SER K 104 58.03 35.93 5.08
N ASN K 105 58.96 35.58 4.20
CA ASN K 105 58.63 34.90 2.96
C ASN K 105 59.02 33.43 3.02
N SER K 106 59.24 32.91 4.24
CA SER K 106 59.85 31.60 4.44
C SER K 106 59.04 30.45 3.87
N ALA K 107 57.74 30.42 4.20
CA ALA K 107 56.85 29.37 3.70
C ALA K 107 56.68 29.43 2.18
N TYR K 108 56.54 30.64 1.66
CA TYR K 108 56.34 30.91 0.24
C TYR K 108 57.53 30.43 -0.61
N MET K 109 58.74 30.74 -0.15
CA MET K 109 59.97 30.33 -0.84
CA MET K 109 59.98 30.33 -0.82
C MET K 109 60.21 28.82 -0.70
N ALA K 110 59.78 28.26 0.43
CA ALA K 110 59.87 26.82 0.69
C ALA K 110 59.00 26.01 -0.27
N LEU K 111 57.74 26.41 -0.45
CA LEU K 111 56.89 25.73 -1.42
C LEU K 111 57.37 25.89 -2.85
N ASP K 112 57.87 27.08 -3.20
CA ASP K 112 58.30 27.34 -4.57
C ASP K 112 59.54 26.55 -4.97
N ALA K 113 60.39 26.24 -3.99
CA ALA K 113 61.51 25.34 -4.18
C ALA K 113 61.01 23.92 -4.41
N ALA K 114 59.99 23.52 -3.67
CA ALA K 114 59.40 22.19 -3.79
C ALA K 114 58.71 21.98 -5.13
N LEU K 115 58.11 23.04 -5.64
CA LEU K 115 57.43 23.03 -6.93
C LEU K 115 58.41 22.93 -8.10
N ALA K 116 59.54 23.62 -7.97
CA ALA K 116 60.62 23.59 -8.95
C ALA K 116 61.21 22.19 -9.09
N ASP K 117 61.37 21.49 -7.97
CA ASP K 117 61.78 20.09 -7.95
C ASP K 117 60.85 19.16 -8.74
N ILE K 118 59.54 19.33 -8.54
CA ILE K 118 58.53 18.50 -9.19
C ILE K 118 58.41 18.80 -10.70
N ARG K 119 58.64 20.05 -11.08
CA ARG K 119 58.66 20.44 -12.49
C ARG K 119 59.90 19.94 -13.22
N GLU K 120 60.98 19.71 -12.46
CA GLU K 120 62.20 19.08 -12.97
C GLU K 120 62.12 17.55 -12.88
N GLY K 121 60.94 17.05 -12.50
CA GLY K 121 60.66 15.62 -12.46
C GLY K 121 61.24 14.85 -11.29
N LYS K 122 61.68 15.56 -10.24
CA LYS K 122 62.43 14.93 -9.14
C LYS K 122 61.58 14.11 -8.13
N ALA K 123 60.26 14.12 -8.32
CA ALA K 123 59.30 13.38 -7.46
C ALA K 123 59.49 11.86 -7.44
N GLY K 124 59.03 11.23 -6.36
CA GLY K 124 59.13 9.78 -6.19
C GLY K 124 57.80 9.17 -5.77
N ASP K 125 57.81 7.86 -5.50
CA ASP K 125 56.63 7.14 -5.03
C ASP K 125 56.22 7.58 -3.64
N VAL K 126 54.91 7.55 -3.37
CA VAL K 126 54.43 7.71 -2.03
C VAL K 126 54.91 6.43 -1.31
N PRO K 127 55.73 6.58 -0.24
CA PRO K 127 56.15 5.41 0.52
C PRO K 127 54.95 4.59 0.97
N ASP K 128 55.08 3.26 0.89
CA ASP K 128 53.97 2.33 1.09
C ASP K 128 53.20 2.51 2.39
N HIS K 129 53.92 2.84 3.48
CA HIS K 129 53.30 3.09 4.78
C HIS K 129 52.48 4.40 4.86
N LEU K 130 52.60 5.24 3.83
CA LEU K 130 51.85 6.49 3.77
C LEU K 130 50.66 6.43 2.82
N ARG K 131 50.54 5.33 2.07
CA ARG K 131 49.43 5.12 1.16
C ARG K 131 48.11 4.91 1.91
N ASP K 132 47.00 5.23 1.23
CA ASP K 132 45.67 5.08 1.81
C ASP K 132 45.29 3.60 1.99
N SER K 133 45.02 3.22 3.24
CA SER K 133 44.67 1.84 3.58
C SER K 133 43.26 1.44 3.15
N HIS K 134 42.40 2.43 2.90
CA HIS K 134 41.00 2.20 2.48
C HIS K 134 40.87 1.73 1.04
N TYR K 135 41.99 1.65 0.31
CA TYR K 135 42.01 1.21 -1.07
C TYR K 135 42.86 -0.04 -1.25
N ASN K 142 51.70 -4.18 0.96
CA ASN K 142 52.46 -3.14 1.64
C ASN K 142 51.70 -1.84 1.93
N ARG K 143 50.48 -1.74 1.37
CA ARG K 143 49.67 -0.51 1.41
C ARG K 143 49.21 -0.07 2.81
N GLY K 144 50.02 0.77 3.44
CA GLY K 144 49.70 1.32 4.76
C GLY K 144 50.31 0.59 5.95
N VAL K 145 50.95 -0.54 5.70
CA VAL K 145 51.52 -1.36 6.77
C VAL K 145 52.87 -0.80 7.26
N GLY K 146 53.03 -0.74 8.59
CA GLY K 146 54.18 -0.12 9.22
C GLY K 146 53.89 1.28 9.76
N TYR K 147 52.77 1.87 9.32
CA TYR K 147 52.39 3.25 9.67
C TYR K 147 52.19 3.47 11.17
N GLN K 148 52.90 4.46 11.70
CA GLN K 148 52.77 4.87 13.08
C GLN K 148 52.01 6.19 13.17
N TYR K 149 50.95 6.19 13.98
CA TYR K 149 50.06 7.33 14.19
C TYR K 149 50.65 8.20 15.29
N PRO K 150 51.14 9.41 14.93
CA PRO K 150 51.86 10.29 15.86
C PRO K 150 51.12 10.59 17.18
N HIS K 151 49.79 10.66 17.12
CA HIS K 151 48.97 10.98 18.29
C HIS K 151 49.08 9.94 19.41
N HIS K 152 49.44 8.71 19.05
CA HIS K 152 49.65 7.64 20.05
C HIS K 152 50.91 7.83 20.90
N PHE K 153 51.79 8.73 20.49
CA PHE K 153 53.12 8.87 21.10
C PHE K 153 53.27 10.11 21.98
N ASP K 154 54.38 10.17 22.71
CA ASP K 154 54.74 11.35 23.52
C ASP K 154 55.04 12.55 22.64
N GLN K 155 54.49 13.71 23.04
CA GLN K 155 54.59 14.99 22.31
C GLN K 155 53.81 15.00 20.98
N ALA K 156 53.02 13.95 20.77
CA ALA K 156 52.28 13.68 19.52
C ALA K 156 53.17 13.64 18.27
N TRP K 157 54.35 13.05 18.42
CA TRP K 157 55.33 12.96 17.33
C TRP K 157 55.95 11.56 17.26
N VAL K 158 56.29 11.12 16.05
CA VAL K 158 57.01 9.86 15.87
C VAL K 158 58.09 9.97 14.77
N ASN K 159 59.24 9.35 15.02
CA ASN K 159 60.30 9.24 14.01
C ASN K 159 59.85 8.32 12.89
N GLN K 160 59.62 8.90 11.72
CA GLN K 160 59.01 8.21 10.58
C GLN K 160 59.38 8.96 9.30
N GLN K 161 59.61 8.21 8.23
CA GLN K 161 59.85 8.76 6.91
C GLN K 161 58.54 9.23 6.30
N TYR K 162 58.54 10.44 5.74
CA TYR K 162 57.38 10.96 5.00
C TYR K 162 57.74 11.33 3.56
N LEU K 163 58.92 11.89 3.36
CA LEU K 163 59.44 12.17 2.01
C LEU K 163 59.66 10.85 1.26
N PRO K 164 59.42 10.85 -0.07
CA PRO K 164 59.79 9.71 -0.92
C PRO K 164 61.29 9.41 -0.84
N ASP K 165 61.66 8.15 -1.05
CA ASP K 165 63.08 7.73 -1.05
C ASP K 165 63.93 8.63 -1.93
N LYS K 166 63.45 8.89 -3.15
CA LYS K 166 64.11 9.80 -4.11
C LYS K 166 64.37 11.22 -3.61
N LEU K 167 63.64 11.63 -2.57
CA LEU K 167 63.75 13.00 -2.04
C LEU K 167 63.93 13.03 -0.54
N LYS K 168 64.56 12.01 0.03
CA LYS K 168 64.67 11.95 1.49
C LYS K 168 65.69 12.91 2.09
N ASN K 169 66.52 13.53 1.24
CA ASN K 169 67.44 14.58 1.67
C ASN K 169 66.96 15.99 1.30
N ALA K 170 65.74 16.10 0.80
CA ALA K 170 65.16 17.40 0.42
C ALA K 170 64.91 18.30 1.63
N GLN K 171 65.34 19.56 1.49
CA GLN K 171 65.05 20.58 2.49
C GLN K 171 64.50 21.81 1.78
N TYR K 172 63.31 22.25 2.19
CA TYR K 172 62.68 23.41 1.59
C TYR K 172 62.52 24.56 2.59
N TYR K 173 62.12 24.24 3.81
CA TYR K 173 61.85 25.24 4.83
C TYR K 173 63.08 25.70 5.62
N GLN K 174 63.35 27.00 5.53
CA GLN K 174 64.35 27.65 6.37
C GLN K 174 63.62 28.67 7.25
N PRO K 175 63.40 28.32 8.54
CA PRO K 175 62.68 29.18 9.47
C PRO K 175 63.34 30.53 9.72
N LYS K 176 62.52 31.57 9.69
CA LYS K 176 62.96 32.91 10.03
C LYS K 176 62.60 33.25 11.47
N ASP K 177 63.07 34.41 11.93
CA ASP K 177 62.90 34.79 13.32
C ASP K 177 62.55 36.27 13.49
N THR K 178 62.01 36.87 12.43
CA THR K 178 61.64 38.29 12.42
C THR K 178 60.42 38.58 13.31
N GLY K 179 59.62 37.57 13.56
CA GLY K 179 58.50 37.65 14.50
C GLY K 179 58.55 36.52 15.52
N LYS K 180 57.82 36.69 16.61
CA LYS K 180 57.81 35.73 17.71
C LYS K 180 57.06 34.43 17.41
N TYR K 181 56.06 34.50 16.54
CA TYR K 181 55.31 33.30 16.15
C TYR K 181 56.19 32.30 15.39
N GLU K 182 56.95 32.78 14.41
CA GLU K 182 57.81 31.93 13.62
C GLU K 182 59.11 31.56 14.36
N GLN K 183 59.49 32.39 15.34
CA GLN K 183 60.57 32.05 16.27
C GLN K 183 60.27 30.73 16.98
N ALA K 184 59.06 30.64 17.53
CA ALA K 184 58.60 29.43 18.20
C ALA K 184 58.44 28.26 17.24
N LEU K 185 57.96 28.52 16.02
CA LEU K 185 57.85 27.50 14.97
C LEU K 185 59.22 26.98 14.57
N GLY K 186 60.18 27.89 14.45
CA GLY K 186 61.56 27.56 14.12
C GLY K 186 62.25 26.71 15.16
N GLN K 187 61.96 26.99 16.43
CA GLN K 187 62.48 26.22 17.56
C GLN K 187 61.96 24.79 17.54
N GLN K 188 60.68 24.63 17.21
CA GLN K 188 60.07 23.31 17.06
C GLN K 188 60.64 22.56 15.88
N TYR K 189 60.93 23.28 14.80
CA TYR K 189 61.54 22.71 13.59
C TYR K 189 62.91 22.08 13.85
N TYR K 190 63.78 22.80 14.56
CA TYR K 190 65.12 22.31 14.90
C TYR K 190 65.12 21.25 16.00
N ARG K 191 64.12 21.33 16.88
CA ARG K 191 63.86 20.32 17.91
C ARG K 191 63.59 18.94 17.31
N ILE K 192 62.79 18.91 16.24
CA ILE K 192 62.46 17.66 15.53
C ILE K 192 63.70 17.06 14.85
N LYS K 193 64.52 17.93 14.27
CA LYS K 193 65.78 17.52 13.66
C LYS K 193 66.73 16.90 14.67
N GLU K 194 66.81 17.51 15.86
CA GLU K 194 67.56 16.96 17.00
C GLU K 194 67.02 15.61 17.46
N TRP K 195 65.69 15.46 17.42
CA TRP K 195 65.03 14.21 17.77
C TRP K 195 65.31 13.11 16.75
N LYS K 196 65.45 13.49 15.49
CA LYS K 196 65.66 12.53 14.40
C LYS K 196 67.10 12.01 14.28
N GLU K 197 67.99 12.53 15.12
CA GLU K 197 69.39 12.11 15.15
C GLU K 197 69.65 11.08 16.26
N ALA L 4 45.02 10.09 -17.10
CA ALA L 4 43.95 11.12 -17.27
C ALA L 4 43.03 11.23 -16.04
N LEU L 5 43.08 10.22 -15.18
CA LEU L 5 42.27 10.20 -13.96
C LEU L 5 43.00 10.85 -12.77
N THR L 6 44.33 10.90 -12.87
CA THR L 6 45.18 11.56 -11.88
C THR L 6 46.41 12.13 -12.57
N HIS L 7 46.76 13.37 -12.20
CA HIS L 7 47.82 14.10 -12.86
C HIS L 7 49.01 14.38 -11.94
N ASP L 8 49.28 13.44 -11.03
CA ASP L 8 50.49 13.45 -10.20
C ASP L 8 51.70 13.14 -11.06
N LYS L 9 52.76 13.94 -10.87
CA LYS L 9 54.00 13.87 -11.67
CA LYS L 9 53.99 13.85 -11.68
C LYS L 9 54.65 12.48 -11.67
N ASN L 10 54.60 11.80 -10.53
CA ASN L 10 55.15 10.45 -10.41
C ASN L 10 54.17 9.36 -10.88
N GLY L 11 52.90 9.73 -11.02
CA GLY L 11 51.87 8.80 -11.45
C GLY L 11 51.19 8.04 -10.31
N ASP L 12 51.48 8.47 -9.08
CA ASP L 12 50.80 7.96 -7.89
C ASP L 12 49.34 8.35 -7.91
N ALA L 13 48.48 7.50 -7.35
CA ALA L 13 47.05 7.76 -7.22
C ALA L 13 46.80 9.00 -6.36
N HIS L 14 45.77 9.75 -6.74
CA HIS L 14 45.42 11.01 -6.07
CA HIS L 14 45.42 11.01 -6.07
C HIS L 14 45.19 10.80 -4.57
N TYR L 15 44.49 9.73 -4.20
CA TYR L 15 44.19 9.41 -2.82
C TYR L 15 45.41 9.03 -1.99
N ASP L 16 46.45 8.50 -2.64
CA ASP L 16 47.70 8.22 -1.96
C ASP L 16 48.52 9.47 -1.65
N VAL L 17 48.50 10.44 -2.58
CA VAL L 17 49.18 11.73 -2.38
C VAL L 17 48.44 12.55 -1.31
N ILE L 18 47.11 12.54 -1.37
CA ILE L 18 46.24 13.18 -0.37
CA ILE L 18 46.26 13.19 -0.36
C ILE L 18 46.54 12.60 1.02
N SER L 19 46.61 11.28 1.11
CA SER L 19 46.92 10.58 2.35
C SER L 19 48.32 10.93 2.90
N ALA L 20 49.32 10.90 2.02
CA ALA L 20 50.70 11.24 2.37
C ALA L 20 50.82 12.68 2.87
N PHE L 21 50.13 13.59 2.20
CA PHE L 21 49.97 14.99 2.62
C PHE L 21 49.45 15.14 4.05
N GLN L 22 48.35 14.46 4.38
CA GLN L 22 47.78 14.53 5.73
C GLN L 22 48.74 13.97 6.76
N LYS L 23 49.30 12.81 6.47
CA LYS L 23 50.21 12.12 7.40
C LYS L 23 51.50 12.91 7.66
N SER L 24 52.01 13.60 6.64
CA SER L 24 53.18 14.47 6.77
C SER L 24 52.93 15.66 7.71
N ILE L 25 51.77 16.30 7.57
CA ILE L 25 51.41 17.41 8.46
C ILE L 25 51.19 16.91 9.88
N ARG L 26 50.36 15.88 10.02
CA ARG L 26 50.15 15.17 11.28
C ARG L 26 51.48 14.77 11.92
N GLY L 27 52.38 14.23 11.09
CA GLY L 27 53.72 13.85 11.54
C GLY L 27 54.77 14.94 11.66
N SER L 28 54.36 16.20 11.49
CA SER L 28 55.21 17.38 11.70
C SER L 28 56.39 17.54 10.74
N ASP L 29 56.28 16.98 9.53
CA ASP L 29 57.35 17.07 8.54
C ASP L 29 57.00 18.15 7.52
N VAL L 30 57.62 19.31 7.70
CA VAL L 30 57.35 20.48 6.84
C VAL L 30 57.74 20.19 5.41
N ASP L 31 58.94 19.64 5.22
CA ASP L 31 59.51 19.46 3.89
C ASP L 31 58.73 18.41 3.09
N ALA L 32 58.30 17.35 3.77
CA ALA L 32 57.45 16.33 3.16
C ALA L 32 56.08 16.89 2.81
N ALA L 33 55.46 17.58 3.77
CA ALA L 33 54.15 18.19 3.53
C ALA L 33 54.14 19.20 2.38
N LEU L 34 55.19 20.02 2.27
CA LEU L 34 55.33 20.97 1.17
C LEU L 34 55.59 20.26 -0.16
N HIS L 35 56.36 19.16 -0.13
CA HIS L 35 56.55 18.34 -1.32
C HIS L 35 55.22 17.77 -1.83
N TYR L 36 54.43 17.20 -0.91
CA TYR L 36 53.12 16.66 -1.26
C TYR L 36 52.11 17.73 -1.64
N LEU L 37 52.16 18.89 -0.99
CA LEU L 37 51.36 20.06 -1.39
C LEU L 37 51.70 20.45 -2.83
N ALA L 38 53.00 20.51 -3.12
CA ALA L 38 53.52 20.87 -4.44
C ALA L 38 53.07 19.90 -5.53
N ARG L 39 53.03 18.61 -5.24
CA ARG L 39 52.47 17.62 -6.15
C ARG L 39 50.99 17.82 -6.42
N LEU L 40 50.25 18.13 -5.36
CA LEU L 40 48.82 18.37 -5.46
C LEU L 40 48.50 19.64 -6.25
N VAL L 41 49.34 20.66 -6.06
CA VAL L 41 49.25 21.94 -6.76
C VAL L 41 49.51 21.72 -8.25
N GLU L 42 50.56 20.96 -8.57
CA GLU L 42 50.91 20.59 -9.94
C GLU L 42 49.82 19.82 -10.66
N ALA L 43 49.16 18.91 -9.95
CA ALA L 43 48.04 18.15 -10.50
C ALA L 43 46.82 19.02 -10.77
N GLY L 44 46.67 20.10 -9.99
CA GLY L 44 45.75 21.17 -10.33
C GLY L 44 44.37 21.21 -9.70
N ASP L 45 44.06 20.27 -8.81
CA ASP L 45 42.74 20.20 -8.16
C ASP L 45 42.77 20.97 -6.84
N LEU L 46 42.53 22.27 -6.95
CA LEU L 46 42.62 23.20 -5.82
C LEU L 46 41.55 22.94 -4.77
N ALA L 47 40.35 22.62 -5.23
CA ALA L 47 39.23 22.33 -4.33
C ALA L 47 39.46 21.14 -3.39
N SER L 48 40.18 20.13 -3.87
CA SER L 48 40.49 18.95 -3.05
CA SER L 48 40.52 18.94 -3.08
C SER L 48 41.59 19.26 -2.05
N ILE L 49 42.61 20.01 -2.47
CA ILE L 49 43.66 20.45 -1.54
C ILE L 49 43.05 21.24 -0.38
N CYS L 50 42.19 22.19 -0.72
CA CYS L 50 41.52 23.03 0.25
C CYS L 50 40.69 22.25 1.25
N ARG L 51 39.91 21.30 0.73
CA ARG L 51 39.07 20.45 1.57
C ARG L 51 39.92 19.62 2.51
N ARG L 52 41.01 19.06 1.98
CA ARG L 52 41.90 18.24 2.79
CA ARG L 52 41.89 18.24 2.80
C ARG L 52 42.65 19.06 3.85
N LEU L 53 43.06 20.27 3.48
CA LEU L 53 43.70 21.16 4.45
C LEU L 53 42.81 21.49 5.65
N MET L 54 41.52 21.78 5.40
CA MET L 54 40.58 22.05 6.49
C MET L 54 40.39 20.82 7.41
N VAL L 55 40.22 19.65 6.81
CA VAL L 55 40.17 18.37 7.55
C VAL L 55 41.41 18.16 8.43
N ILE L 56 42.59 18.35 7.85
CA ILE L 56 43.87 18.17 8.55
C ILE L 56 43.99 19.14 9.73
N GLY L 57 43.65 20.40 9.47
CA GLY L 57 43.71 21.44 10.49
C GLY L 57 42.87 21.10 11.69
N TYR L 58 41.64 20.68 11.42
CA TYR L 58 40.70 20.39 12.48
C TYR L 58 40.90 19.01 13.16
N GLU L 59 41.33 18.02 12.39
CA GLU L 59 41.55 16.67 12.93
C GLU L 59 42.83 16.54 13.75
N ASP L 60 43.94 17.01 13.20
CA ASP L 60 45.24 16.70 13.76
C ASP L 60 45.85 17.80 14.58
N ILE L 61 45.44 19.04 14.32
CA ILE L 61 45.90 20.15 15.14
C ILE L 61 44.80 20.46 16.15
N GLY L 62 43.59 20.77 15.66
CA GLY L 62 42.40 20.92 16.50
C GLY L 62 42.58 21.83 17.70
N LEU L 63 42.38 21.26 18.89
CA LEU L 63 42.61 21.99 20.15
C LEU L 63 44.08 22.28 20.50
N GLY L 64 45.00 21.73 19.71
CA GLY L 64 46.43 22.05 19.81
C GLY L 64 46.74 23.49 19.46
N ASN L 65 46.01 24.01 18.47
CA ASN L 65 46.10 25.41 18.07
C ASN L 65 44.82 25.81 17.34
N PRO L 66 43.75 26.12 18.09
CA PRO L 66 42.45 26.45 17.51
C PRO L 66 42.46 27.61 16.53
N ALA L 67 43.30 28.62 16.79
CA ALA L 67 43.44 29.76 15.87
C ALA L 67 44.07 29.34 14.53
N ALA L 68 45.07 28.46 14.59
CA ALA L 68 45.70 27.94 13.38
C ALA L 68 44.75 27.10 12.54
N ALA L 69 43.90 26.32 13.21
CA ALA L 69 42.91 25.49 12.53
C ALA L 69 41.86 26.37 11.85
N ALA L 70 41.42 27.42 12.57
CA ALA L 70 40.51 28.42 12.03
C ALA L 70 41.09 29.19 10.86
N ARG L 71 42.38 29.52 10.95
CA ARG L 71 43.07 30.26 9.87
C ARG L 71 43.19 29.46 8.55
N THR L 72 42.94 28.15 8.62
CA THR L 72 42.94 27.30 7.44
C THR L 72 41.75 27.66 6.57
N VAL L 73 40.65 28.04 7.20
CA VAL L 73 39.46 28.51 6.49
C VAL L 73 39.70 29.86 5.80
N ASN L 74 40.35 30.80 6.51
CA ASN L 74 40.78 32.08 5.90
C ASN L 74 41.63 31.84 4.66
N ALA L 75 42.61 30.94 4.76
CA ALA L 75 43.51 30.65 3.65
C ALA L 75 42.81 30.01 2.46
N VAL L 76 41.79 29.20 2.75
CA VAL L 76 41.00 28.51 1.73
C VAL L 76 40.10 29.50 0.99
N LEU L 77 39.48 30.40 1.74
CA LEU L 77 38.71 31.49 1.16
C LEU L 77 39.55 32.36 0.24
N ALA L 78 40.78 32.68 0.66
CA ALA L 78 41.74 33.40 -0.20
C ALA L 78 42.06 32.59 -1.47
N ALA L 79 42.41 31.33 -1.28
CA ALA L 79 42.76 30.41 -2.37
C ALA L 79 41.65 30.30 -3.41
N GLU L 80 40.41 30.21 -2.94
CA GLU L 80 39.23 30.22 -3.81
C GLU L 80 39.12 31.51 -4.64
N LYS L 81 39.39 32.65 -4.00
CA LYS L 81 39.34 33.95 -4.68
C LYS L 81 40.52 34.19 -5.62
N LEU L 82 41.66 33.55 -5.33
CA LEU L 82 42.89 33.74 -6.10
C LEU L 82 43.00 32.74 -7.26
N GLY L 83 42.69 31.48 -6.96
CA GLY L 83 42.94 30.39 -7.88
C GLY L 83 44.42 30.12 -8.01
N LEU L 84 44.77 29.00 -8.64
CA LEU L 84 46.17 28.69 -8.92
C LEU L 84 46.66 29.59 -10.06
N PRO L 85 47.95 29.99 -10.04
CA PRO L 85 49.03 29.64 -9.12
C PRO L 85 49.05 30.37 -7.76
N GLU L 86 48.45 31.56 -7.68
CA GLU L 86 48.63 32.39 -6.49
C GLU L 86 48.01 31.82 -5.20
N ALA L 87 47.06 30.91 -5.36
CA ALA L 87 46.43 30.17 -4.26
C ALA L 87 47.40 29.35 -3.44
N ARG L 88 48.54 29.01 -4.05
CA ARG L 88 49.54 28.18 -3.39
C ARG L 88 50.17 28.88 -2.18
N ILE L 89 50.23 30.22 -2.24
CA ILE L 89 50.87 31.02 -1.20
C ILE L 89 50.16 30.92 0.18
N PRO L 90 48.86 31.31 0.29
CA PRO L 90 48.24 31.06 1.61
C PRO L 90 48.33 29.61 2.10
N LEU L 91 48.22 28.66 1.17
CA LEU L 91 48.27 27.23 1.50
C LEU L 91 49.62 26.80 2.08
N ALA L 92 50.71 27.24 1.46
CA ALA L 92 52.06 27.07 1.98
C ALA L 92 52.20 27.56 3.41
N ASP L 93 51.67 28.76 3.67
CA ASP L 93 51.72 29.38 4.99
C ASP L 93 51.04 28.56 6.05
N VAL L 94 49.84 28.08 5.77
CA VAL L 94 49.07 27.32 6.74
C VAL L 94 49.63 25.92 6.93
N VAL L 95 50.24 25.37 5.88
CA VAL L 95 50.86 24.04 5.97
C VAL L 95 52.04 24.00 6.96
N VAL L 96 52.96 24.96 6.83
CA VAL L 96 54.07 25.11 7.75
C VAL L 96 53.57 25.32 9.16
N ASP L 97 52.61 26.24 9.32
CA ASP L 97 51.95 26.55 10.57
C ASP L 97 51.38 25.29 11.22
N LEU L 98 50.63 24.50 10.46
CA LEU L 98 50.00 23.28 10.96
C LEU L 98 51.02 22.19 11.30
N CYS L 99 52.04 22.02 10.46
CA CYS L 99 53.15 21.07 10.72
C CYS L 99 53.86 21.34 12.04
N LEU L 100 54.03 22.61 12.37
CA LEU L 100 54.86 22.98 13.52
C LEU L 100 54.08 23.43 14.75
N SER L 101 52.76 23.38 14.67
CA SER L 101 51.87 23.67 15.79
C SER L 101 51.67 22.40 16.62
N PRO L 102 51.37 22.56 17.93
CA PRO L 102 50.99 21.41 18.76
C PRO L 102 49.84 20.61 18.14
N LYS L 103 49.92 19.28 18.25
CA LYS L 103 48.95 18.38 17.65
C LYS L 103 47.97 17.87 18.68
N SER L 104 46.69 17.84 18.31
CA SER L 104 45.65 17.24 19.14
C SER L 104 44.54 16.64 18.29
N ASN L 105 44.25 15.37 18.52
CA ASN L 105 43.10 14.71 17.91
C ASN L 105 42.03 14.38 18.94
N SER L 106 42.18 14.95 20.13
CA SER L 106 41.33 14.68 21.28
C SER L 106 39.83 14.86 20.97
N ALA L 107 39.48 15.98 20.36
CA ALA L 107 38.08 16.30 20.09
C ALA L 107 37.51 15.43 18.98
N TYR L 108 38.33 15.21 17.95
CA TYR L 108 38.02 14.27 16.86
C TYR L 108 37.67 12.88 17.40
N MET L 109 38.60 12.30 18.17
CA MET L 109 38.45 10.98 18.78
C MET L 109 37.28 10.90 19.78
N ALA L 110 37.00 12.01 20.46
CA ALA L 110 35.90 12.08 21.41
C ALA L 110 34.52 12.00 20.75
N LEU L 111 34.36 12.71 19.64
CA LEU L 111 33.08 12.67 18.92
C LEU L 111 32.84 11.34 18.24
N ASP L 112 33.90 10.74 17.68
CA ASP L 112 33.80 9.43 17.02
C ASP L 112 33.41 8.30 17.97
N ALA L 113 33.83 8.43 19.23
CA ALA L 113 33.42 7.51 20.30
C ALA L 113 31.97 7.75 20.69
N ALA L 114 31.53 9.01 20.65
CA ALA L 114 30.12 9.34 20.90
C ALA L 114 29.22 8.80 19.79
N LEU L 115 29.71 8.87 18.56
CA LEU L 115 29.00 8.38 17.38
C LEU L 115 28.90 6.85 17.34
N ALA L 116 29.93 6.17 17.84
CA ALA L 116 29.96 4.71 17.91
C ALA L 116 28.88 4.16 18.84
N ASP L 117 28.66 4.83 19.97
CA ASP L 117 27.64 4.45 20.94
C ASP L 117 26.23 4.56 20.37
N ILE L 118 26.01 5.57 19.53
CA ILE L 118 24.71 5.80 18.92
C ILE L 118 24.43 4.78 17.82
N ARG L 119 25.47 4.40 17.09
CA ARG L 119 25.36 3.34 16.08
C ARG L 119 25.24 1.95 16.69
N GLU L 120 25.65 1.82 17.95
CA GLU L 120 25.43 0.60 18.74
C GLU L 120 24.16 0.70 19.58
N GLY L 121 23.34 1.72 19.29
CA GLY L 121 22.04 1.93 19.93
C GLY L 121 22.05 2.13 21.44
N LYS L 122 23.14 2.66 21.98
CA LYS L 122 23.29 2.79 23.43
C LYS L 122 22.58 4.03 23.98
N ALA L 123 22.32 4.99 23.10
CA ALA L 123 21.71 6.28 23.44
C ALA L 123 20.31 6.18 24.05
N GLY L 124 19.95 7.19 24.85
CA GLY L 124 18.66 7.24 25.50
C GLY L 124 17.93 8.53 25.25
N ASP L 125 16.86 8.75 26.00
CA ASP L 125 16.02 9.92 25.84
C ASP L 125 16.65 11.19 26.42
N VAL L 126 16.30 12.33 25.85
CA VAL L 126 16.68 13.62 26.41
C VAL L 126 16.00 13.73 27.77
N PRO L 127 16.79 13.97 28.84
CA PRO L 127 16.26 14.20 30.19
C PRO L 127 15.25 15.34 30.17
N ASP L 128 14.14 15.12 30.87
CA ASP L 128 12.97 16.00 30.81
C ASP L 128 13.29 17.47 31.08
N HIS L 129 14.20 17.72 32.02
CA HIS L 129 14.62 19.07 32.37
C HIS L 129 15.48 19.76 31.29
N LEU L 130 15.77 19.06 30.20
CA LEU L 130 16.56 19.63 29.10
C LEU L 130 15.76 19.74 27.82
N ARG L 131 14.51 19.32 27.85
CA ARG L 131 13.61 19.43 26.70
C ARG L 131 13.18 20.87 26.49
N ASP L 132 12.81 21.20 25.26
CA ASP L 132 12.38 22.54 24.86
C ASP L 132 11.04 22.90 25.51
N SER L 133 11.06 23.95 26.34
CA SER L 133 9.88 24.36 27.12
C SER L 133 8.81 25.09 26.31
N HIS L 134 9.18 25.53 25.10
CA HIS L 134 8.26 26.24 24.21
C HIS L 134 7.30 25.30 23.47
N TYR L 135 7.60 24.00 23.50
CA TYR L 135 6.74 22.98 22.89
C TYR L 135 6.10 22.08 23.92
N ASN L 142 6.42 18.98 33.42
CA ASN L 142 7.10 17.82 32.83
C ASN L 142 8.25 18.22 31.91
N ARG L 143 7.96 19.07 30.93
CA ARG L 143 8.94 19.47 29.91
C ARG L 143 9.72 20.73 30.30
N GLY L 144 10.89 20.53 30.89
CA GLY L 144 11.79 21.63 31.24
C GLY L 144 11.77 22.06 32.69
N VAL L 145 10.95 21.40 33.52
CA VAL L 145 10.87 21.72 34.95
C VAL L 145 12.11 21.22 35.70
N GLY L 146 12.62 22.09 36.58
CA GLY L 146 13.83 21.81 37.33
C GLY L 146 15.11 22.23 36.63
N TYR L 147 14.98 22.80 35.43
CA TYR L 147 16.15 23.28 34.67
C TYR L 147 16.83 24.46 35.35
N GLN L 148 18.11 24.28 35.64
CA GLN L 148 18.93 25.34 36.21
C GLN L 148 19.77 26.01 35.12
N TYR L 149 19.63 27.32 35.01
CA TYR L 149 20.29 28.13 33.98
C TYR L 149 21.65 28.57 34.52
N PRO L 150 22.74 28.00 33.97
CA PRO L 150 24.12 28.19 34.45
C PRO L 150 24.57 29.63 34.66
N HIS L 151 24.13 30.54 33.79
CA HIS L 151 24.52 31.96 33.90
C HIS L 151 24.06 32.66 35.20
N HIS L 152 23.03 32.10 35.85
CA HIS L 152 22.53 32.62 37.13
C HIS L 152 23.45 32.36 38.32
N PHE L 153 24.41 31.45 38.13
CA PHE L 153 25.23 30.94 39.23
C PHE L 153 26.66 31.48 39.21
N ASP L 154 27.40 31.22 40.30
CA ASP L 154 28.82 31.55 40.41
C ASP L 154 29.65 30.73 39.41
N GLN L 155 30.60 31.40 38.76
CA GLN L 155 31.47 30.84 37.71
C GLN L 155 30.71 30.44 36.43
N ALA L 156 29.46 30.91 36.33
CA ALA L 156 28.51 30.54 35.26
C ALA L 156 28.36 29.02 35.06
N TRP L 157 28.30 28.28 36.16
CA TRP L 157 28.22 26.82 36.14
C TRP L 157 27.29 26.32 37.25
N VAL L 158 26.54 25.25 36.94
CA VAL L 158 25.70 24.57 37.92
C VAL L 158 25.80 23.04 37.77
N ASN L 159 25.81 22.34 38.91
CA ASN L 159 25.73 20.88 38.94
C ASN L 159 24.35 20.43 38.46
N GLN L 160 24.33 19.77 37.30
CA GLN L 160 23.11 19.40 36.60
C GLN L 160 23.41 18.26 35.63
N GLN L 161 22.52 17.27 35.58
CA GLN L 161 22.68 16.13 34.67
C GLN L 161 22.35 16.56 33.25
N TYR L 162 23.29 16.31 32.33
CA TYR L 162 23.05 16.62 30.93
C TYR L 162 22.96 15.39 30.03
N LEU L 163 23.79 14.40 30.32
CA LEU L 163 23.72 13.11 29.62
C LEU L 163 22.39 12.39 29.92
N PRO L 164 21.85 11.66 28.92
CA PRO L 164 20.70 10.77 29.16
C PRO L 164 21.03 9.72 30.24
N ASP L 165 19.99 9.21 30.89
CA ASP L 165 20.14 8.21 31.96
C ASP L 165 20.94 7.00 31.50
N LYS L 166 20.61 6.49 30.31
CA LYS L 166 21.33 5.36 29.71
C LYS L 166 22.83 5.60 29.48
N LEU L 167 23.25 6.86 29.42
CA LEU L 167 24.65 7.21 29.15
C LEU L 167 25.31 8.04 30.24
N LYS L 168 24.73 8.09 31.44
CA LYS L 168 25.24 8.99 32.47
C LYS L 168 26.70 8.72 32.91
N ASN L 169 27.21 7.53 32.58
CA ASN L 169 28.59 7.17 32.86
C ASN L 169 29.55 7.30 31.68
N ALA L 170 29.06 7.81 30.55
CA ALA L 170 29.86 7.93 29.34
C ALA L 170 30.97 8.97 29.45
N GLN L 171 32.17 8.61 29.00
CA GLN L 171 33.27 9.54 28.90
C GLN L 171 33.91 9.44 27.53
N TYR L 172 33.92 10.55 26.80
CA TYR L 172 34.45 10.59 25.44
C TYR L 172 35.70 11.45 25.33
N TYR L 173 35.68 12.62 25.96
CA TYR L 173 36.79 13.54 25.86
C TYR L 173 37.83 13.30 26.93
N GLN L 174 39.05 13.01 26.48
CA GLN L 174 40.21 12.91 27.36
C GLN L 174 41.23 13.97 26.92
N PRO L 175 41.27 15.10 27.67
CA PRO L 175 42.08 16.27 27.33
C PRO L 175 43.56 15.98 27.15
N LYS L 176 44.15 16.57 26.11
CA LYS L 176 45.58 16.48 25.88
C LYS L 176 46.25 17.77 26.33
N ASP L 177 47.57 17.73 26.49
CA ASP L 177 48.32 18.87 27.02
C ASP L 177 49.51 19.27 26.13
N THR L 178 49.45 18.89 24.85
CA THR L 178 50.52 19.18 23.89
C THR L 178 50.68 20.66 23.55
N GLY L 179 49.62 21.43 23.77
CA GLY L 179 49.64 22.88 23.65
C GLY L 179 48.97 23.56 24.84
N LYS L 180 49.32 24.82 25.06
CA LYS L 180 48.87 25.57 26.23
C LYS L 180 47.38 25.88 26.24
N TYR L 181 46.77 25.94 25.05
CA TYR L 181 45.34 26.20 24.96
C TYR L 181 44.55 25.04 25.56
N GLU L 182 44.89 23.81 25.18
CA GLU L 182 44.20 22.62 25.68
C GLU L 182 44.64 22.27 27.10
N GLN L 183 45.82 22.73 27.50
CA GLN L 183 46.26 22.64 28.89
C GLN L 183 45.26 23.36 29.78
N ALA L 184 44.90 24.58 29.39
CA ALA L 184 43.96 25.39 30.16
C ALA L 184 42.54 24.86 30.08
N LEU L 185 42.16 24.34 28.91
CA LEU L 185 40.84 23.72 28.73
C LEU L 185 40.77 22.45 29.57
N GLY L 186 41.86 21.69 29.54
CA GLY L 186 41.99 20.44 30.29
C GLY L 186 41.84 20.62 31.78
N GLN L 187 42.48 21.66 32.31
CA GLN L 187 42.40 22.01 33.73
C GLN L 187 40.96 22.31 34.14
N GLN L 188 40.25 23.04 33.28
CA GLN L 188 38.83 23.37 33.48
C GLN L 188 37.95 22.11 33.47
N TYR L 189 38.24 21.18 32.56
CA TYR L 189 37.54 19.89 32.49
C TYR L 189 37.65 19.05 33.77
N TYR L 190 38.84 19.06 34.38
CA TYR L 190 39.08 18.33 35.62
C TYR L 190 38.60 19.09 36.86
N ARG L 191 38.57 20.41 36.75
CA ARG L 191 38.02 21.28 37.79
C ARG L 191 36.51 21.06 37.95
N ILE L 192 35.82 20.83 36.83
CA ILE L 192 34.38 20.58 36.83
C ILE L 192 34.05 19.21 37.43
N LYS L 193 34.87 18.21 37.12
CA LYS L 193 34.71 16.88 37.71
C LYS L 193 34.97 16.84 39.22
N GLU L 194 35.89 17.69 39.68
CA GLU L 194 36.13 17.87 41.12
C GLU L 194 34.99 18.64 41.80
N TRP L 195 34.35 19.55 41.05
CA TRP L 195 33.16 20.26 41.54
C TRP L 195 31.96 19.34 41.69
N LYS L 196 31.84 18.35 40.81
CA LYS L 196 30.69 17.43 40.79
C LYS L 196 30.78 16.33 41.85
N GLU L 197 31.85 16.32 42.64
CA GLU L 197 32.06 15.32 43.68
C GLU L 197 31.91 15.89 45.10
N ASP M 12 -46.24 -4.04 15.85
CA ASP M 12 -44.90 -3.60 15.37
C ASP M 12 -44.53 -4.15 14.00
N ALA M 13 -43.67 -3.41 13.30
CA ALA M 13 -43.17 -3.83 11.99
C ALA M 13 -42.10 -4.92 12.13
N HIS M 14 -42.05 -5.79 11.12
CA HIS M 14 -41.13 -6.93 11.06
C HIS M 14 -39.65 -6.51 11.18
N TYR M 15 -39.28 -5.46 10.46
CA TYR M 15 -37.89 -4.99 10.41
CA TYR M 15 -37.88 -4.98 10.41
C TYR M 15 -37.38 -4.44 11.75
N ASP M 16 -38.29 -3.83 12.52
CA ASP M 16 -37.97 -3.28 13.84
C ASP M 16 -37.62 -4.34 14.88
N VAL M 17 -38.39 -5.43 14.89
CA VAL M 17 -38.20 -6.55 15.82
C VAL M 17 -36.90 -7.28 15.47
N ILE M 18 -36.67 -7.42 14.18
CA ILE M 18 -35.44 -7.98 13.63
C ILE M 18 -34.22 -7.13 14.02
N SER M 19 -34.37 -5.80 13.96
CA SER M 19 -33.37 -4.84 14.39
C SER M 19 -33.10 -4.93 15.90
N ALA M 20 -34.17 -4.99 16.69
CA ALA M 20 -34.08 -5.07 18.15
C ALA M 20 -33.45 -6.37 18.63
N PHE M 21 -33.71 -7.44 17.88
CA PHE M 21 -33.09 -8.74 18.08
C PHE M 21 -31.56 -8.65 18.00
N GLN M 22 -31.05 -8.06 16.91
CA GLN M 22 -29.61 -7.89 16.70
C GLN M 22 -28.96 -7.01 17.76
N LYS M 23 -29.58 -5.86 18.03
CA LYS M 23 -29.06 -4.88 18.99
C LYS M 23 -29.00 -5.44 20.40
N SER M 24 -30.01 -6.24 20.77
CA SER M 24 -30.04 -6.92 22.10
C SER M 24 -28.90 -7.93 22.28
N ILE M 25 -28.63 -8.73 21.25
CA ILE M 25 -27.54 -9.71 21.30
C ILE M 25 -26.19 -9.00 21.30
N ARG M 26 -26.04 -8.02 20.41
CA ARG M 26 -24.87 -7.15 20.37
C ARG M 26 -24.67 -6.47 21.72
N GLY M 27 -25.79 -6.07 22.35
CA GLY M 27 -25.78 -5.41 23.66
C GLY M 27 -25.64 -6.31 24.88
N SER M 28 -25.56 -7.63 24.66
CA SER M 28 -25.39 -8.64 25.71
C SER M 28 -26.60 -8.78 26.64
N ASP M 29 -27.78 -8.46 26.14
CA ASP M 29 -29.02 -8.54 26.92
C ASP M 29 -29.76 -9.84 26.60
N VAL M 30 -29.50 -10.87 27.38
CA VAL M 30 -30.10 -12.20 27.17
C VAL M 30 -31.62 -12.12 27.11
N ASP M 31 -32.20 -11.50 28.12
CA ASP M 31 -33.64 -11.45 28.33
C ASP M 31 -34.35 -10.67 27.23
N ALA M 32 -33.73 -9.59 26.78
CA ALA M 32 -34.28 -8.82 25.67
C ALA M 32 -34.16 -9.59 24.37
N ALA M 33 -32.99 -10.20 24.14
CA ALA M 33 -32.77 -11.05 22.99
C ALA M 33 -33.77 -12.21 22.90
N LEU M 34 -33.97 -12.93 24.01
CA LEU M 34 -34.94 -14.02 24.04
C LEU M 34 -36.39 -13.53 23.93
N HIS M 35 -36.68 -12.33 24.44
CA HIS M 35 -37.99 -11.72 24.20
C HIS M 35 -38.25 -11.49 22.70
N TYR M 36 -37.30 -10.86 22.01
CA TYR M 36 -37.46 -10.61 20.57
C TYR M 36 -37.37 -11.87 19.71
N LEU M 37 -36.57 -12.85 20.16
CA LEU M 37 -36.60 -14.18 19.58
C LEU M 37 -38.02 -14.77 19.67
N ALA M 38 -38.60 -14.69 20.86
CA ALA M 38 -39.93 -15.21 21.12
C ALA M 38 -41.01 -14.56 20.26
N ARG M 39 -40.89 -13.24 20.05
CA ARG M 39 -41.77 -12.51 19.11
C ARG M 39 -41.68 -13.06 17.69
N LEU M 40 -40.46 -13.39 17.27
CA LEU M 40 -40.20 -13.90 15.93
C LEU M 40 -40.65 -15.35 15.79
N VAL M 41 -40.41 -16.14 16.82
CA VAL M 41 -40.92 -17.51 16.90
C VAL M 41 -42.45 -17.52 16.82
N GLU M 42 -43.09 -16.66 17.61
CA GLU M 42 -44.55 -16.49 17.61
C GLU M 42 -45.10 -16.04 16.26
N ALA M 43 -44.38 -15.14 15.59
CA ALA M 43 -44.72 -14.72 14.22
C ALA M 43 -44.58 -15.86 13.20
N GLY M 44 -43.71 -16.82 13.51
CA GLY M 44 -43.59 -18.05 12.72
C GLY M 44 -42.70 -17.94 11.49
N ASP M 45 -41.84 -16.92 11.49
CA ASP M 45 -40.91 -16.71 10.38
CA ASP M 45 -40.91 -16.71 10.37
C ASP M 45 -39.52 -17.25 10.73
N LEU M 46 -39.40 -18.58 10.67
CA LEU M 46 -38.16 -19.28 11.04
C LEU M 46 -36.95 -18.81 10.23
N ALA M 47 -37.16 -18.62 8.93
CA ALA M 47 -36.09 -18.26 8.00
C ALA M 47 -35.44 -16.90 8.28
N SER M 48 -36.23 -15.96 8.82
CA SER M 48 -35.72 -14.64 9.18
CA SER M 48 -35.72 -14.64 9.18
C SER M 48 -34.88 -14.69 10.45
N ILE M 49 -35.30 -15.51 11.42
CA ILE M 49 -34.52 -15.69 12.65
C ILE M 49 -33.17 -16.32 12.32
N CYS M 50 -33.19 -17.38 11.53
CA CYS M 50 -31.99 -18.09 11.10
C CYS M 50 -30.99 -17.17 10.40
N ARG M 51 -31.48 -16.40 9.41
CA ARG M 51 -30.63 -15.47 8.67
CA ARG M 51 -30.66 -15.44 8.67
C ARG M 51 -30.00 -14.41 9.58
N ARG M 52 -30.82 -13.77 10.42
CA ARG M 52 -30.31 -12.74 11.31
CA ARG M 52 -30.31 -12.74 11.30
C ARG M 52 -29.33 -13.31 12.33
N LEU M 53 -29.61 -14.50 12.82
CA LEU M 53 -28.76 -15.11 13.87
C LEU M 53 -27.34 -15.36 13.36
N MET M 54 -27.24 -15.87 12.13
CA MET M 54 -25.96 -16.09 11.48
C MET M 54 -25.24 -14.77 11.20
N VAL M 55 -25.99 -13.73 10.79
CA VAL M 55 -25.41 -12.39 10.61
C VAL M 55 -24.86 -11.85 11.94
N ILE M 56 -25.65 -11.94 13.02
CA ILE M 56 -25.24 -11.47 14.36
C ILE M 56 -24.01 -12.22 14.87
N GLY M 57 -24.05 -13.54 14.77
CA GLY M 57 -22.94 -14.37 15.22
C GLY M 57 -21.64 -13.99 14.54
N TYR M 58 -21.71 -13.76 13.25
CA TYR M 58 -20.52 -13.42 12.48
C TYR M 58 -20.13 -11.93 12.58
N GLU M 59 -21.13 -11.04 12.64
CA GLU M 59 -20.85 -9.60 12.69
C GLU M 59 -20.41 -9.13 14.07
N ASP M 60 -21.20 -9.46 15.07
CA ASP M 60 -21.04 -8.87 16.40
C ASP M 60 -20.19 -9.68 17.37
N ILE M 61 -20.17 -10.99 17.18
CA ILE M 61 -19.39 -11.85 18.04
C ILE M 61 -18.07 -12.14 17.34
N GLY M 62 -18.13 -12.75 16.16
CA GLY M 62 -17.00 -12.84 15.23
C GLY M 62 -15.78 -13.53 15.80
N LEU M 63 -14.67 -12.79 15.82
CA LEU M 63 -13.41 -13.27 16.38
C LEU M 63 -13.37 -13.31 17.92
N GLY M 64 -14.36 -12.67 18.54
CA GLY M 64 -14.60 -12.76 19.98
C GLY M 64 -14.93 -14.17 20.47
N ASN M 65 -15.57 -14.96 19.61
CA ASN M 65 -15.82 -16.38 19.84
C ASN M 65 -16.16 -17.07 18.50
N PRO M 66 -15.12 -17.44 17.71
CA PRO M 66 -15.28 -18.07 16.41
C PRO M 66 -16.07 -19.37 16.44
N ALA M 67 -15.89 -20.17 17.49
CA ALA M 67 -16.64 -21.41 17.64
C ALA M 67 -18.11 -21.18 17.91
N ALA M 68 -18.43 -20.12 18.67
CA ALA M 68 -19.84 -19.82 18.94
C ALA M 68 -20.54 -19.32 17.68
N ALA M 69 -19.82 -18.55 16.86
CA ALA M 69 -20.34 -18.03 15.60
C ALA M 69 -20.61 -19.13 14.58
N ALA M 70 -19.70 -20.10 14.52
CA ALA M 70 -19.83 -21.28 13.68
C ALA M 70 -20.94 -22.21 14.18
N ARG M 71 -21.12 -22.28 15.50
CA ARG M 71 -22.17 -23.13 16.08
C ARG M 71 -23.57 -22.63 15.74
N THR M 72 -23.65 -21.35 15.41
CA THR M 72 -24.88 -20.73 14.92
C THR M 72 -25.35 -21.40 13.63
N VAL M 73 -24.42 -21.83 12.78
CA VAL M 73 -24.76 -22.53 11.52
C VAL M 73 -25.27 -23.94 11.83
N ASN M 74 -24.65 -24.61 12.80
CA ASN M 74 -25.14 -25.92 13.26
C ASN M 74 -26.57 -25.85 13.76
N ALA M 75 -26.84 -24.81 14.55
CA ALA M 75 -28.16 -24.62 15.15
C ALA M 75 -29.22 -24.31 14.08
N VAL M 76 -28.83 -23.49 13.09
CA VAL M 76 -29.69 -23.16 11.95
C VAL M 76 -30.03 -24.38 11.09
N LEU M 77 -29.04 -25.24 10.86
CA LEU M 77 -29.28 -26.51 10.19
C LEU M 77 -30.22 -27.40 10.98
N ALA M 78 -30.03 -27.46 12.31
CA ALA M 78 -30.93 -28.22 13.18
C ALA M 78 -32.34 -27.65 13.09
N ALA M 79 -32.47 -26.33 13.15
CA ALA M 79 -33.75 -25.63 13.12
C ALA M 79 -34.53 -25.88 11.84
N GLU M 80 -33.82 -25.90 10.71
CA GLU M 80 -34.43 -26.20 9.41
C GLU M 80 -34.96 -27.63 9.35
N LYS M 81 -34.15 -28.57 9.81
CA LYS M 81 -34.54 -29.98 9.85
C LYS M 81 -35.69 -30.25 10.81
N LEU M 82 -35.75 -29.49 11.91
CA LEU M 82 -36.80 -29.66 12.92
C LEU M 82 -38.09 -28.94 12.54
N GLY M 83 -37.96 -27.69 12.12
CA GLY M 83 -39.11 -26.81 11.94
C GLY M 83 -39.64 -26.35 13.28
N LEU M 84 -40.44 -25.29 13.26
CA LEU M 84 -41.15 -24.83 14.45
C LEU M 84 -42.25 -25.85 14.80
N PRO M 85 -42.55 -26.06 16.12
CA PRO M 85 -42.03 -25.36 17.31
C PRO M 85 -40.64 -25.78 17.82
N GLU M 86 -40.19 -27.00 17.50
CA GLU M 86 -38.96 -27.53 18.12
C GLU M 86 -37.67 -26.80 17.76
N ALA M 87 -37.69 -26.10 16.62
CA ALA M 87 -36.58 -25.27 16.12
C ALA M 87 -36.22 -24.14 17.07
N ARG M 88 -37.18 -23.70 17.89
CA ARG M 88 -36.94 -22.63 18.87
C ARG M 88 -35.82 -23.01 19.85
N ILE M 89 -35.64 -24.31 20.09
CA ILE M 89 -34.70 -24.83 21.09
C ILE M 89 -33.21 -24.62 20.75
N PRO M 90 -32.72 -25.09 19.57
CA PRO M 90 -31.34 -24.70 19.21
C PRO M 90 -31.14 -23.19 19.12
N LEU M 91 -32.14 -22.47 18.63
CA LEU M 91 -32.04 -21.03 18.48
C LEU M 91 -31.91 -20.32 19.83
N ALA M 92 -32.66 -20.78 20.84
CA ALA M 92 -32.55 -20.28 22.22
C ALA M 92 -31.15 -20.45 22.79
N ASP M 93 -30.55 -21.61 22.53
CA ASP M 93 -29.23 -21.94 23.05
C ASP M 93 -28.15 -21.03 22.51
N VAL M 94 -28.20 -20.79 21.19
CA VAL M 94 -27.15 -19.99 20.57
C VAL M 94 -27.28 -18.53 20.90
N VAL M 95 -28.52 -18.06 21.05
CA VAL M 95 -28.81 -16.69 21.46
C VAL M 95 -28.16 -16.35 22.81
N VAL M 96 -28.34 -17.22 23.81
CA VAL M 96 -27.72 -17.00 25.11
C VAL M 96 -26.19 -17.03 25.02
N ASP M 97 -25.66 -17.99 24.26
CA ASP M 97 -24.23 -18.11 23.99
C ASP M 97 -23.66 -16.84 23.36
N LEU M 98 -24.31 -16.35 22.31
CA LEU M 98 -23.87 -15.15 21.62
C LEU M 98 -23.93 -13.92 22.53
N CYS M 99 -25.03 -13.77 23.26
CA CYS M 99 -25.22 -12.69 24.25
C CYS M 99 -24.09 -12.56 25.27
N LEU M 100 -23.64 -13.69 25.80
CA LEU M 100 -22.67 -13.66 26.89
C LEU M 100 -21.26 -13.96 26.42
N SER M 101 -21.07 -14.02 25.11
CA SER M 101 -19.76 -14.21 24.49
C SER M 101 -19.07 -12.86 24.27
N PRO M 102 -17.71 -12.85 24.29
CA PRO M 102 -16.97 -11.66 23.89
C PRO M 102 -17.38 -11.16 22.51
N LYS M 103 -17.45 -9.84 22.37
CA LYS M 103 -17.91 -9.21 21.16
C LYS M 103 -16.73 -8.65 20.37
N SER M 104 -16.77 -8.87 19.06
CA SER M 104 -15.81 -8.30 18.13
C SER M 104 -16.48 -8.07 16.79
N ASN M 105 -16.44 -6.82 16.33
CA ASN M 105 -16.82 -6.50 14.97
C ASN M 105 -15.60 -6.16 14.10
N SER M 106 -14.41 -6.50 14.62
CA SER M 106 -13.15 -6.14 13.98
CA SER M 106 -13.13 -6.17 13.98
C SER M 106 -13.04 -6.57 12.51
N ALA M 107 -13.27 -7.86 12.25
CA ALA M 107 -13.17 -8.41 10.89
C ALA M 107 -14.19 -7.81 9.94
N TYR M 108 -15.41 -7.66 10.44
CA TYR M 108 -16.53 -7.06 9.71
C TYR M 108 -16.23 -5.63 9.27
N MET M 109 -15.73 -4.82 10.22
CA MET M 109 -15.37 -3.43 9.94
C MET M 109 -14.19 -3.36 8.97
N ALA M 110 -13.26 -4.31 9.09
CA ALA M 110 -12.08 -4.39 8.23
C ALA M 110 -12.42 -4.60 6.75
N LEU M 111 -13.26 -5.59 6.45
CA LEU M 111 -13.70 -5.82 5.08
C LEU M 111 -14.49 -4.64 4.51
N ASP M 112 -15.35 -4.03 5.32
CA ASP M 112 -16.15 -2.88 4.87
C ASP M 112 -15.29 -1.66 4.54
N ALA M 113 -14.17 -1.54 5.25
CA ALA M 113 -13.14 -0.55 4.93
C ALA M 113 -12.46 -0.88 3.61
N ALA M 114 -12.15 -2.16 3.40
CA ALA M 114 -11.51 -2.62 2.15
C ALA M 114 -12.42 -2.48 0.95
N LEU M 115 -13.72 -2.70 1.16
CA LEU M 115 -14.74 -2.57 0.11
C LEU M 115 -14.97 -1.11 -0.29
N ALA M 116 -14.85 -0.20 0.67
CA ALA M 116 -15.01 1.22 0.45
C ALA M 116 -13.93 1.78 -0.48
N ASP M 117 -12.69 1.33 -0.27
CA ASP M 117 -11.55 1.70 -1.11
C ASP M 117 -11.73 1.28 -2.56
N ILE M 118 -12.23 0.06 -2.77
CA ILE M 118 -12.45 -0.47 -4.11
C ILE M 118 -13.57 0.28 -4.84
N ARG M 119 -14.66 0.56 -4.12
CA ARG M 119 -15.78 1.33 -4.64
C ARG M 119 -15.42 2.79 -4.93
N GLU M 120 -14.39 3.30 -4.25
CA GLU M 120 -13.82 4.62 -4.53
C GLU M 120 -12.68 4.55 -5.55
N GLY M 121 -12.48 3.37 -6.14
CA GLY M 121 -11.49 3.17 -7.21
C GLY M 121 -10.04 3.30 -6.80
N LYS M 122 -9.74 2.98 -5.53
CA LYS M 122 -8.37 3.08 -5.03
C LYS M 122 -7.58 1.79 -5.26
N ALA M 123 -8.23 0.80 -5.87
CA ALA M 123 -7.63 -0.51 -6.15
C ALA M 123 -6.53 -0.46 -7.20
N GLY M 124 -5.49 -1.27 -7.00
CA GLY M 124 -4.41 -1.39 -7.96
C GLY M 124 -4.45 -2.71 -8.71
N ASP M 125 -3.32 -3.09 -9.28
CA ASP M 125 -3.18 -4.35 -9.99
C ASP M 125 -2.54 -5.41 -9.10
N VAL M 126 -2.87 -6.67 -9.38
CA VAL M 126 -2.26 -7.78 -8.69
C VAL M 126 -0.76 -7.74 -9.02
N PRO M 127 0.10 -7.64 -7.99
CA PRO M 127 1.55 -7.61 -8.22
C PRO M 127 2.01 -8.86 -8.95
N ASP M 128 2.81 -8.66 -10.00
CA ASP M 128 3.23 -9.72 -10.94
C ASP M 128 3.57 -11.07 -10.32
N HIS M 129 4.24 -11.05 -9.17
CA HIS M 129 4.65 -12.25 -8.46
C HIS M 129 3.52 -12.98 -7.70
N LEU M 130 2.31 -12.42 -7.72
CA LEU M 130 1.15 -13.05 -7.10
C LEU M 130 0.14 -13.52 -8.15
N ARG M 131 0.45 -13.27 -9.41
CA ARG M 131 -0.39 -13.70 -10.51
C ARG M 131 -0.29 -15.23 -10.68
N ASP M 132 -1.32 -15.80 -11.30
CA ASP M 132 -1.40 -17.24 -11.55
C ASP M 132 -0.35 -17.68 -12.57
N SER M 133 0.58 -18.54 -12.14
CA SER M 133 1.68 -19.01 -12.98
C SER M 133 1.25 -20.04 -14.02
N HIS M 134 0.06 -20.62 -13.83
CA HIS M 134 -0.51 -21.59 -14.77
C HIS M 134 -1.09 -20.91 -16.01
N TYR M 135 -1.22 -19.58 -15.97
CA TYR M 135 -1.73 -18.79 -17.09
C TYR M 135 -0.75 -17.68 -17.46
N ARG M 143 5.61 -13.07 -14.36
CA ARG M 143 4.23 -13.51 -14.21
C ARG M 143 4.17 -14.71 -13.26
N GLY M 144 4.48 -14.44 -11.99
CA GLY M 144 4.61 -15.50 -10.98
C GLY M 144 6.05 -15.66 -10.51
N VAL M 145 6.98 -15.09 -11.27
CA VAL M 145 8.40 -15.17 -10.95
C VAL M 145 8.75 -14.22 -9.77
N GLY M 146 9.58 -14.71 -8.86
CA GLY M 146 9.95 -13.97 -7.66
C GLY M 146 9.14 -14.37 -6.43
N TYR M 147 8.10 -15.17 -6.64
CA TYR M 147 7.21 -15.60 -5.55
C TYR M 147 7.88 -16.52 -4.56
N GLN M 148 7.79 -16.16 -3.28
CA GLN M 148 8.30 -16.99 -2.20
C GLN M 148 7.14 -17.65 -1.46
N TYR M 149 7.26 -18.97 -1.30
CA TYR M 149 6.24 -19.84 -0.74
C TYR M 149 6.49 -19.97 0.76
N PRO M 150 5.63 -19.35 1.59
CA PRO M 150 5.79 -19.24 3.04
C PRO M 150 6.11 -20.54 3.80
N HIS M 151 5.53 -21.66 3.37
CA HIS M 151 5.76 -22.97 4.02
C HIS M 151 7.23 -23.42 3.98
N HIS M 152 8.00 -22.91 3.02
CA HIS M 152 9.44 -23.21 2.92
C HIS M 152 10.29 -22.53 3.99
N PHE M 153 9.72 -21.56 4.69
CA PHE M 153 10.47 -20.71 5.62
C PHE M 153 10.16 -21.03 7.08
N ASP M 154 10.98 -20.47 7.97
CA ASP M 154 10.79 -20.59 9.42
C ASP M 154 9.51 -19.88 9.87
N GLN M 155 8.78 -20.53 10.79
CA GLN M 155 7.44 -20.09 11.27
C GLN M 155 6.36 -20.07 10.19
N ALA M 156 6.67 -20.69 9.04
CA ALA M 156 5.84 -20.66 7.82
C ALA M 156 5.44 -19.23 7.39
N TRP M 157 6.41 -18.32 7.47
CA TRP M 157 6.19 -16.93 7.10
C TRP M 157 7.38 -16.39 6.32
N VAL M 158 7.09 -15.56 5.31
CA VAL M 158 8.13 -14.87 4.55
C VAL M 158 7.77 -13.39 4.35
N ASN M 159 8.76 -12.50 4.48
CA ASN M 159 8.57 -11.08 4.17
C ASN M 159 8.36 -10.88 2.67
N GLN M 160 7.17 -10.44 2.30
CA GLN M 160 6.74 -10.38 0.91
C GLN M 160 5.57 -9.41 0.78
N GLN M 161 5.56 -8.65 -0.31
CA GLN M 161 4.44 -7.75 -0.62
C GLN M 161 3.25 -8.54 -1.12
N TYR M 162 2.06 -8.20 -0.62
CA TYR M 162 0.82 -8.83 -1.07
C TYR M 162 -0.21 -7.83 -1.56
N LEU M 163 -0.28 -6.68 -0.88
CA LEU M 163 -1.09 -5.56 -1.35
C LEU M 163 -0.53 -5.02 -2.66
N PRO M 164 -1.40 -4.53 -3.57
CA PRO M 164 -0.93 -3.80 -4.75
C PRO M 164 -0.11 -2.56 -4.36
N ASP M 165 0.71 -2.06 -5.29
CA ASP M 165 1.52 -0.85 -5.06
C ASP M 165 0.68 0.34 -4.60
N LYS M 166 -0.45 0.56 -5.29
CA LYS M 166 -1.37 1.67 -5.00
C LYS M 166 -1.96 1.64 -3.59
N LEU M 167 -1.98 0.45 -2.98
CA LEU M 167 -2.60 0.25 -1.68
C LEU M 167 -1.64 -0.32 -0.65
N LYS M 168 -0.33 -0.16 -0.85
CA LYS M 168 0.64 -0.79 0.05
C LYS M 168 0.72 -0.19 1.46
N ASN M 169 0.10 0.99 1.64
CA ASN M 169 -0.02 1.60 2.96
C ASN M 169 -1.36 1.36 3.64
N ALA M 170 -2.24 0.61 2.98
CA ALA M 170 -3.59 0.34 3.50
C ALA M 170 -3.57 -0.47 4.79
N GLN M 171 -4.41 -0.06 5.74
CA GLN M 171 -4.65 -0.83 6.95
C GLN M 171 -6.14 -0.93 7.20
N TYR M 172 -6.65 -2.16 7.23
CA TYR M 172 -8.09 -2.41 7.41
C TYR M 172 -8.39 -3.05 8.76
N TYR M 173 -7.60 -4.05 9.13
CA TYR M 173 -7.79 -4.77 10.37
C TYR M 173 -7.09 -4.14 11.57
N GLN M 174 -7.89 -3.70 12.53
CA GLN M 174 -7.36 -3.33 13.83
C GLN M 174 -7.92 -4.29 14.87
N PRO M 175 -7.08 -5.22 15.37
CA PRO M 175 -7.49 -6.26 16.31
C PRO M 175 -8.02 -5.72 17.62
N LYS M 176 -9.08 -6.35 18.12
CA LYS M 176 -9.59 -6.08 19.46
C LYS M 176 -9.13 -7.21 20.36
N ASP M 177 -9.30 -7.02 21.66
CA ASP M 177 -8.77 -7.97 22.64
C ASP M 177 -9.81 -8.43 23.67
N THR M 178 -11.09 -8.35 23.29
CA THR M 178 -12.23 -8.67 24.16
C THR M 178 -12.35 -10.16 24.51
N GLY M 179 -11.72 -11.00 23.69
CA GLY M 179 -11.66 -12.44 23.98
C GLY M 179 -10.26 -12.94 23.76
N LYS M 180 -9.94 -14.06 24.41
CA LYS M 180 -8.61 -14.65 24.38
C LYS M 180 -8.17 -15.18 23.01
N TYR M 181 -9.14 -15.58 22.19
CA TYR M 181 -8.84 -16.07 20.84
C TYR M 181 -8.30 -14.95 19.95
N GLU M 182 -8.97 -13.82 19.93
CA GLU M 182 -8.50 -12.68 19.15
C GLU M 182 -7.34 -11.95 19.83
N GLN M 183 -7.23 -12.07 21.17
CA GLN M 183 -6.03 -11.63 21.88
C GLN M 183 -4.79 -12.28 21.27
N ALA M 184 -4.87 -13.60 21.08
CA ALA M 184 -3.79 -14.36 20.45
C ALA M 184 -3.58 -13.98 18.99
N LEU M 185 -4.67 -13.75 18.26
CA LEU M 185 -4.58 -13.36 16.85
C LEU M 185 -3.97 -11.97 16.73
N GLY M 186 -4.36 -11.08 17.65
CA GLY M 186 -3.86 -9.71 17.72
C GLY M 186 -2.36 -9.64 17.93
N GLN M 187 -1.86 -10.48 18.85
CA GLN M 187 -0.42 -10.63 19.10
C GLN M 187 0.34 -11.06 17.84
N GLN M 188 -0.28 -11.96 17.07
CA GLN M 188 0.28 -12.45 15.82
C GLN M 188 0.28 -11.37 14.74
N TYR M 189 -0.76 -10.54 14.71
CA TYR M 189 -0.84 -9.40 13.79
C TYR M 189 0.29 -8.38 14.02
N TYR M 190 0.64 -8.15 15.29
CA TYR M 190 1.71 -7.21 15.65
C TYR M 190 3.10 -7.83 15.64
N ARG M 191 3.16 -9.16 15.79
CA ARG M 191 4.40 -9.92 15.64
C ARG M 191 4.89 -9.85 14.19
N ILE M 192 3.96 -9.94 13.24
CA ILE M 192 4.27 -9.86 11.80
C ILE M 192 4.74 -8.46 11.38
N LYS M 193 4.08 -7.43 11.93
CA LYS M 193 4.48 -6.04 11.68
C LYS M 193 5.87 -5.73 12.22
N GLU M 194 6.21 -6.29 13.39
CA GLU M 194 7.55 -6.23 13.96
C GLU M 194 8.59 -6.99 13.11
N TRP M 195 8.18 -8.12 12.53
CA TRP M 195 9.05 -8.90 11.64
C TRP M 195 9.35 -8.16 10.35
N LYS M 196 8.39 -7.34 9.90
CA LYS M 196 8.57 -6.54 8.68
C LYS M 196 9.36 -5.25 8.96
N GLU M 197 9.66 -5.00 10.23
CA GLU M 197 10.48 -3.85 10.64
C GLU M 197 11.85 -4.30 11.17
N ASP N 12 -7.92 -6.56 -14.48
CA ASP N 12 -7.24 -7.74 -13.89
C ASP N 12 -8.07 -9.02 -14.00
N ALA N 13 -7.43 -10.09 -14.49
CA ALA N 13 -8.06 -11.39 -14.66
C ALA N 13 -8.54 -12.00 -13.34
N HIS N 14 -9.64 -12.73 -13.41
CA HIS N 14 -10.25 -13.38 -12.26
C HIS N 14 -9.30 -14.33 -11.56
N TYR N 15 -8.52 -15.08 -12.34
CA TYR N 15 -7.61 -16.08 -11.81
C TYR N 15 -6.41 -15.49 -11.08
N ASP N 16 -6.02 -14.27 -11.46
CA ASP N 16 -4.96 -13.55 -10.75
C ASP N 16 -5.39 -13.08 -9.37
N VAL N 17 -6.64 -12.58 -9.26
CA VAL N 17 -7.20 -12.12 -7.99
C VAL N 17 -7.41 -13.30 -7.05
N ILE N 18 -7.91 -14.41 -7.61
CA ILE N 18 -8.09 -15.67 -6.91
C ILE N 18 -6.74 -16.18 -6.37
N SER N 19 -5.72 -16.11 -7.22
CA SER N 19 -4.35 -16.48 -6.88
C SER N 19 -3.77 -15.59 -5.78
N ALA N 20 -3.93 -14.28 -5.92
CA ALA N 20 -3.42 -13.31 -4.95
C ALA N 20 -4.13 -13.40 -3.60
N PHE N 21 -5.42 -13.78 -3.63
CA PHE N 21 -6.20 -14.03 -2.43
C PHE N 21 -5.64 -15.20 -1.62
N GLN N 22 -5.35 -16.30 -2.32
CA GLN N 22 -4.78 -17.49 -1.68
C GLN N 22 -3.40 -17.23 -1.10
N LYS N 23 -2.56 -16.57 -1.89
CA LYS N 23 -1.19 -16.28 -1.47
C LYS N 23 -1.09 -15.31 -0.29
N SER N 24 -2.03 -14.37 -0.20
CA SER N 24 -2.09 -13.41 0.91
C SER N 24 -2.44 -14.06 2.24
N ILE N 25 -3.44 -14.95 2.22
CA ILE N 25 -3.83 -15.69 3.42
C ILE N 25 -2.71 -16.61 3.83
N ARG N 26 -2.21 -17.41 2.87
CA ARG N 26 -1.06 -18.29 3.08
C ARG N 26 0.13 -17.47 3.61
N GLY N 27 0.32 -16.28 3.06
CA GLY N 27 1.38 -15.38 3.47
C GLY N 27 1.15 -14.59 4.74
N SER N 28 -0.01 -14.79 5.37
CA SER N 28 -0.40 -14.20 6.67
C SER N 28 -0.70 -12.70 6.64
N ASP N 29 -1.09 -12.18 5.48
CA ASP N 29 -1.35 -10.74 5.34
C ASP N 29 -2.86 -10.47 5.33
N VAL N 30 -3.38 -10.05 6.49
CA VAL N 30 -4.82 -9.78 6.64
C VAL N 30 -5.34 -8.74 5.68
N ASP N 31 -4.63 -7.60 5.62
CA ASP N 31 -5.07 -6.44 4.85
C ASP N 31 -5.11 -6.67 3.34
N ALA N 32 -4.13 -7.42 2.85
CA ALA N 32 -4.11 -7.81 1.44
C ALA N 32 -5.20 -8.83 1.12
N ALA N 33 -5.31 -9.85 1.98
CA ALA N 33 -6.36 -10.87 1.86
C ALA N 33 -7.77 -10.30 1.86
N LEU N 34 -8.03 -9.33 2.73
CA LEU N 34 -9.32 -8.63 2.73
C LEU N 34 -9.51 -7.73 1.51
N HIS N 35 -8.42 -7.12 1.02
CA HIS N 35 -8.49 -6.36 -0.21
C HIS N 35 -8.91 -7.27 -1.38
N TYR N 36 -8.30 -8.45 -1.48
CA TYR N 36 -8.64 -9.39 -2.53
C TYR N 36 -10.01 -10.04 -2.35
N LEU N 37 -10.40 -10.29 -1.10
CA LEU N 37 -11.78 -10.69 -0.78
C LEU N 37 -12.77 -9.64 -1.29
N ALA N 38 -12.49 -8.36 -0.98
CA ALA N 38 -13.36 -7.24 -1.38
C ALA N 38 -13.48 -7.09 -2.90
N ARG N 39 -12.39 -7.34 -3.63
CA ARG N 39 -12.40 -7.34 -5.10
C ARG N 39 -13.26 -8.46 -5.64
N LEU N 40 -13.21 -9.60 -4.97
CA LEU N 40 -14.03 -10.76 -5.32
C LEU N 40 -15.51 -10.60 -4.94
N VAL N 41 -15.76 -10.04 -3.75
CA VAL N 41 -17.11 -9.70 -3.31
C VAL N 41 -17.76 -8.71 -4.29
N GLU N 42 -17.00 -7.70 -4.70
CA GLU N 42 -17.46 -6.70 -5.67
C GLU N 42 -17.71 -7.28 -7.07
N ALA N 43 -16.92 -8.26 -7.47
CA ALA N 43 -17.14 -9.00 -8.72
C ALA N 43 -18.35 -9.95 -8.64
N GLY N 44 -18.75 -10.30 -7.42
CA GLY N 44 -20.01 -11.01 -7.16
C GLY N 44 -20.11 -12.48 -7.52
N ASP N 45 -18.98 -13.18 -7.59
CA ASP N 45 -18.99 -14.64 -7.73
C ASP N 45 -18.71 -15.26 -6.37
N LEU N 46 -19.79 -15.50 -5.63
CA LEU N 46 -19.72 -15.99 -4.25
C LEU N 46 -19.24 -17.43 -4.20
N ALA N 47 -19.66 -18.21 -5.18
CA ALA N 47 -19.32 -19.63 -5.23
C ALA N 47 -17.83 -19.88 -5.42
N SER N 48 -17.16 -19.02 -6.17
CA SER N 48 -15.69 -19.10 -6.32
C SER N 48 -14.92 -18.64 -5.08
N ILE N 49 -15.40 -17.59 -4.42
CA ILE N 49 -14.84 -17.16 -3.12
C ILE N 49 -14.87 -18.33 -2.14
N CYS N 50 -16.06 -18.89 -1.97
CA CYS N 50 -16.31 -20.02 -1.08
C CYS N 50 -15.45 -21.25 -1.39
N ARG N 51 -15.36 -21.62 -2.67
CA ARG N 51 -14.51 -22.74 -3.11
CA ARG N 51 -14.52 -22.75 -3.07
C ARG N 51 -13.07 -22.52 -2.70
N ARG N 52 -12.53 -21.35 -3.08
CA ARG N 52 -11.14 -21.03 -2.83
C ARG N 52 -10.82 -20.95 -1.34
N LEU N 53 -11.72 -20.38 -0.54
CA LEU N 53 -11.54 -20.29 0.90
C LEU N 53 -11.47 -21.65 1.57
N MET N 54 -12.34 -22.57 1.15
CA MET N 54 -12.29 -23.95 1.65
C MET N 54 -10.95 -24.63 1.26
N VAL N 55 -10.54 -24.46 0.01
CA VAL N 55 -9.21 -24.92 -0.44
C VAL N 55 -8.07 -24.32 0.40
N ILE N 56 -8.09 -23.01 0.60
CA ILE N 56 -7.04 -22.31 1.37
C ILE N 56 -6.97 -22.81 2.81
N GLY N 57 -8.13 -22.85 3.47
CA GLY N 57 -8.21 -23.29 4.86
C GLY N 57 -7.60 -24.66 5.07
N TYR N 58 -7.88 -25.57 4.14
CA TYR N 58 -7.40 -26.94 4.27
C TYR N 58 -5.99 -27.13 3.70
N GLU N 59 -5.69 -26.45 2.60
CA GLU N 59 -4.35 -26.55 2.01
C GLU N 59 -3.27 -25.86 2.85
N ASP N 60 -3.53 -24.63 3.27
CA ASP N 60 -2.47 -23.77 3.83
C ASP N 60 -2.48 -23.68 5.35
N ILE N 61 -3.66 -23.86 5.94
CA ILE N 61 -3.78 -23.81 7.40
C ILE N 61 -3.81 -25.25 7.91
N GLY N 62 -4.74 -26.04 7.38
CA GLY N 62 -4.75 -27.50 7.59
C GLY N 62 -4.59 -27.94 9.02
N LEU N 63 -3.52 -28.68 9.30
CA LEU N 63 -3.28 -29.19 10.64
C LEU N 63 -2.73 -28.13 11.61
N GLY N 64 -2.44 -26.94 11.10
CA GLY N 64 -2.05 -25.80 11.91
C GLY N 64 -3.19 -25.30 12.79
N ASN N 65 -4.42 -25.43 12.28
CA ASN N 65 -5.63 -25.13 13.03
C ASN N 65 -6.83 -25.85 12.41
N PRO N 66 -6.99 -27.17 12.72
CA PRO N 66 -8.07 -27.97 12.16
C PRO N 66 -9.47 -27.44 12.45
N ALA N 67 -9.67 -26.86 13.63
CA ALA N 67 -10.96 -26.24 13.95
C ALA N 67 -11.27 -25.03 13.06
N ALA N 68 -10.24 -24.24 12.73
CA ALA N 68 -10.40 -23.06 11.88
C ALA N 68 -10.67 -23.41 10.41
N ALA N 69 -10.02 -24.47 9.92
CA ALA N 69 -10.29 -24.99 8.57
C ALA N 69 -11.73 -25.52 8.47
N ALA N 70 -12.17 -26.20 9.53
CA ALA N 70 -13.56 -26.71 9.62
C ALA N 70 -14.59 -25.60 9.69
N ARG N 71 -14.27 -24.51 10.40
CA ARG N 71 -15.18 -23.35 10.49
C ARG N 71 -15.37 -22.62 9.15
N THR N 72 -14.40 -22.80 8.24
CA THR N 72 -14.49 -22.26 6.89
C THR N 72 -15.67 -22.88 6.17
N VAL N 73 -15.95 -24.15 6.44
CA VAL N 73 -17.16 -24.81 5.94
C VAL N 73 -18.42 -24.23 6.60
N ASN N 74 -18.39 -24.01 7.92
CA ASN N 74 -19.50 -23.37 8.60
C ASN N 74 -19.82 -22.01 7.97
N ALA N 75 -18.77 -21.18 7.81
CA ALA N 75 -18.91 -19.85 7.21
C ALA N 75 -19.42 -19.85 5.76
N VAL N 76 -18.91 -20.79 4.96
CA VAL N 76 -19.36 -21.01 3.58
C VAL N 76 -20.83 -21.44 3.55
N LEU N 77 -21.22 -22.33 4.47
CA LEU N 77 -22.63 -22.68 4.60
C LEU N 77 -23.52 -21.45 4.94
N ALA N 78 -23.06 -20.61 5.88
CA ALA N 78 -23.77 -19.36 6.19
C ALA N 78 -23.83 -18.42 4.97
N ALA N 79 -22.69 -18.26 4.29
CA ALA N 79 -22.60 -17.37 3.14
C ALA N 79 -23.51 -17.79 1.99
N GLU N 80 -23.61 -19.10 1.74
CA GLU N 80 -24.56 -19.64 0.77
C GLU N 80 -26.02 -19.36 1.14
N LYS N 81 -26.33 -19.49 2.43
CA LYS N 81 -27.68 -19.26 2.92
C LYS N 81 -28.02 -17.78 2.88
N LEU N 82 -27.04 -16.94 3.19
CA LEU N 82 -27.29 -15.51 3.28
C LEU N 82 -27.32 -14.83 1.93
N GLY N 83 -26.35 -15.19 1.07
CA GLY N 83 -26.14 -14.50 -0.19
C GLY N 83 -25.47 -13.16 0.07
N LEU N 84 -24.85 -12.60 -0.96
CA LEU N 84 -24.33 -11.23 -0.91
C LEU N 84 -25.49 -10.21 -0.85
N PRO N 85 -25.32 -9.07 -0.14
CA PRO N 85 -24.12 -8.55 0.53
C PRO N 85 -23.75 -9.23 1.85
N GLU N 86 -24.71 -9.76 2.61
CA GLU N 86 -24.40 -10.22 3.98
C GLU N 86 -23.51 -11.47 4.08
N ALA N 87 -23.37 -12.19 2.97
CA ALA N 87 -22.45 -13.33 2.87
C ALA N 87 -21.01 -12.94 3.15
N ARG N 88 -20.70 -11.67 2.95
CA ARG N 88 -19.35 -11.13 3.14
C ARG N 88 -18.87 -11.19 4.60
N ILE N 89 -19.80 -11.18 5.54
CA ILE N 89 -19.48 -11.11 6.97
C ILE N 89 -18.83 -12.40 7.55
N PRO N 90 -19.49 -13.58 7.39
CA PRO N 90 -18.75 -14.80 7.78
C PRO N 90 -17.41 -14.99 7.06
N LEU N 91 -17.33 -14.55 5.81
CA LEU N 91 -16.09 -14.70 5.02
C LEU N 91 -14.95 -13.85 5.54
N ALA N 92 -15.25 -12.59 5.86
CA ALA N 92 -14.29 -11.69 6.50
C ALA N 92 -13.72 -12.28 7.78
N ASP N 93 -14.61 -12.81 8.63
CA ASP N 93 -14.24 -13.47 9.88
C ASP N 93 -13.24 -14.61 9.68
N VAL N 94 -13.51 -15.47 8.72
CA VAL N 94 -12.67 -16.64 8.51
C VAL N 94 -11.36 -16.30 7.79
N VAL N 95 -11.40 -15.33 6.88
CA VAL N 95 -10.17 -14.80 6.28
C VAL N 95 -9.18 -14.34 7.35
N VAL N 96 -9.65 -13.49 8.27
CA VAL N 96 -8.79 -12.97 9.33
C VAL N 96 -8.23 -14.12 10.16
N ASP N 97 -9.12 -15.01 10.59
CA ASP N 97 -8.76 -16.17 11.39
C ASP N 97 -7.70 -17.03 10.68
N LEU N 98 -7.92 -17.31 9.38
CA LEU N 98 -6.99 -18.11 8.59
C LEU N 98 -5.64 -17.42 8.42
N CYS N 99 -5.66 -16.11 8.15
CA CYS N 99 -4.42 -15.32 8.01
C CYS N 99 -3.51 -15.38 9.25
N LEU N 100 -4.09 -15.41 10.43
CA LEU N 100 -3.32 -15.27 11.66
C LEU N 100 -3.23 -16.58 12.44
N SER N 101 -3.68 -17.66 11.82
CA SER N 101 -3.57 -18.99 12.41
C SER N 101 -2.25 -19.63 12.00
N PRO N 102 -1.73 -20.57 12.83
CA PRO N 102 -0.55 -21.32 12.40
C PRO N 102 -0.80 -22.07 11.09
N LYS N 103 0.21 -22.08 10.22
CA LYS N 103 0.09 -22.62 8.87
C LYS N 103 0.71 -24.00 8.78
N SER N 104 0.06 -24.88 8.04
CA SER N 104 0.60 -26.21 7.75
C SER N 104 0.13 -26.70 6.39
N ASN N 105 1.08 -27.13 5.56
CA ASN N 105 0.75 -27.76 4.29
C ASN N 105 1.21 -29.22 4.29
N SER N 106 1.49 -29.74 5.49
CA SER N 106 2.09 -31.06 5.67
C SER N 106 1.23 -32.20 5.17
N ALA N 107 -0.06 -32.17 5.49
CA ALA N 107 -1.00 -33.22 5.08
C ALA N 107 -1.23 -33.17 3.58
N TYR N 108 -1.35 -31.94 3.08
CA TYR N 108 -1.51 -31.64 1.65
C TYR N 108 -0.36 -32.23 0.83
N MET N 109 0.86 -31.98 1.28
CA MET N 109 2.08 -32.46 0.60
C MET N 109 2.27 -33.96 0.78
N ALA N 110 1.87 -34.49 1.92
CA ALA N 110 1.90 -35.92 2.18
C ALA N 110 1.04 -36.74 1.19
N LEU N 111 -0.19 -36.30 0.94
CA LEU N 111 -1.06 -37.01 0.01
C LEU N 111 -0.58 -36.90 -1.43
N ASP N 112 -0.07 -35.73 -1.79
CA ASP N 112 0.48 -35.50 -3.12
C ASP N 112 1.70 -36.36 -3.44
N ALA N 113 2.50 -36.63 -2.40
CA ALA N 113 3.62 -37.57 -2.50
C ALA N 113 3.14 -39.01 -2.63
N ALA N 114 2.05 -39.36 -1.95
CA ALA N 114 1.47 -40.70 -2.05
C ALA N 114 0.89 -40.92 -3.44
N LEU N 115 0.22 -39.88 -3.94
CA LEU N 115 -0.39 -39.88 -5.27
C LEU N 115 0.63 -40.00 -6.39
N ALA N 116 1.79 -39.35 -6.21
CA ALA N 116 2.92 -39.42 -7.15
C ALA N 116 3.42 -40.84 -7.32
N ASP N 117 3.56 -41.56 -6.20
CA ASP N 117 3.98 -42.96 -6.21
C ASP N 117 3.03 -43.86 -7.00
N ILE N 118 1.72 -43.64 -6.85
CA ILE N 118 0.70 -44.43 -7.55
C ILE N 118 0.68 -44.17 -9.05
N ARG N 119 0.89 -42.90 -9.44
CA ARG N 119 0.96 -42.52 -10.84
C ARG N 119 2.22 -43.04 -11.52
N GLU N 120 3.30 -43.18 -10.75
CA GLU N 120 4.53 -43.78 -11.25
C GLU N 120 4.53 -45.31 -11.09
N GLY N 121 3.36 -45.86 -10.83
CA GLY N 121 3.14 -47.31 -10.76
C GLY N 121 3.82 -48.03 -9.62
N LYS N 122 4.25 -47.29 -8.60
CA LYS N 122 5.03 -47.85 -7.49
C LYS N 122 4.19 -48.62 -6.45
N ALA N 123 2.87 -48.58 -6.63
CA ALA N 123 1.93 -49.22 -5.71
C ALA N 123 1.96 -50.75 -5.80
N GLY N 124 1.72 -51.38 -4.67
CA GLY N 124 1.60 -52.83 -4.60
C GLY N 124 0.20 -53.25 -4.22
N ASP N 125 0.02 -54.55 -4.06
CA ASP N 125 -1.28 -55.11 -3.67
C ASP N 125 -1.59 -54.87 -2.20
N VAL N 126 -2.88 -54.88 -1.86
CA VAL N 126 -3.30 -54.83 -0.48
C VAL N 126 -2.81 -56.11 0.21
N PRO N 127 -2.00 -55.96 1.29
CA PRO N 127 -1.54 -57.14 2.04
C PRO N 127 -2.71 -58.00 2.51
N ASP N 128 -2.54 -59.32 2.44
CA ASP N 128 -3.60 -60.29 2.69
C ASP N 128 -4.36 -60.11 4.01
N HIS N 129 -3.62 -59.80 5.08
CA HIS N 129 -4.22 -59.61 6.39
C HIS N 129 -5.12 -58.37 6.50
N LEU N 130 -5.03 -57.47 5.53
CA LEU N 130 -5.87 -56.26 5.50
C LEU N 130 -7.07 -56.35 4.57
N ARG N 131 -7.14 -57.44 3.79
CA ARG N 131 -8.25 -57.69 2.88
C ARG N 131 -9.56 -57.93 3.63
N ASP N 132 -10.67 -57.58 2.98
CA ASP N 132 -12.01 -57.70 3.57
C ASP N 132 -12.43 -59.16 3.72
N SER N 133 -12.63 -59.58 4.97
CA SER N 133 -12.96 -60.98 5.29
C SER N 133 -14.39 -61.37 4.92
N HIS N 134 -15.25 -60.37 4.71
CA HIS N 134 -16.66 -60.58 4.33
C HIS N 134 -16.83 -61.01 2.86
N TYR N 135 -15.71 -61.11 2.13
CA TYR N 135 -15.71 -61.59 0.74
C TYR N 135 -14.80 -62.79 0.54
N ASN N 142 -4.16 -66.54 3.44
CA ASN N 142 -5.46 -66.22 2.87
C ASN N 142 -6.00 -64.83 3.26
N ARG N 143 -7.25 -64.57 2.90
CA ARG N 143 -7.89 -63.26 3.02
C ARG N 143 -8.26 -62.89 4.45
N GLY N 144 -7.59 -61.87 4.98
CA GLY N 144 -7.88 -61.34 6.31
C GLY N 144 -7.26 -62.08 7.50
N VAL N 145 -6.64 -63.23 7.23
CA VAL N 145 -6.05 -64.05 8.29
C VAL N 145 -4.73 -63.43 8.78
N GLY N 146 -4.60 -63.32 10.10
CA GLY N 146 -3.45 -62.69 10.73
C GLY N 146 -3.77 -61.33 11.35
N TYR N 147 -4.85 -60.70 10.88
CA TYR N 147 -5.23 -59.34 11.29
C TYR N 147 -5.40 -59.16 12.80
N GLN N 148 -4.71 -58.15 13.33
CA GLN N 148 -4.84 -57.74 14.73
C GLN N 148 -5.61 -56.42 14.82
N TYR N 149 -6.63 -56.41 15.66
CA TYR N 149 -7.56 -55.30 15.84
C TYR N 149 -7.05 -54.41 16.98
N PRO N 150 -6.55 -53.20 16.64
CA PRO N 150 -5.88 -52.28 17.58
C PRO N 150 -6.62 -52.01 18.89
N HIS N 151 -7.94 -51.93 18.85
CA HIS N 151 -8.76 -51.66 20.04
C HIS N 151 -8.66 -52.74 21.13
N HIS N 152 -8.17 -53.93 20.77
CA HIS N 152 -7.97 -55.00 21.73
C HIS N 152 -6.68 -54.83 22.53
N PHE N 153 -5.80 -53.95 22.06
CA PHE N 153 -4.48 -53.77 22.63
C PHE N 153 -4.33 -52.50 23.47
N ASP N 154 -3.28 -52.45 24.29
CA ASP N 154 -2.93 -51.27 25.09
C ASP N 154 -2.58 -50.08 24.19
N GLN N 155 -3.04 -48.89 24.61
CA GLN N 155 -2.92 -47.63 23.85
C GLN N 155 -3.75 -47.62 22.56
N ALA N 156 -4.59 -48.65 22.40
CA ALA N 156 -5.33 -48.95 21.18
C ALA N 156 -4.46 -48.97 19.91
N TRP N 157 -3.28 -49.57 20.04
CA TRP N 157 -2.31 -49.65 18.95
C TRP N 157 -1.67 -51.04 18.92
N VAL N 158 -1.37 -51.52 17.72
CA VAL N 158 -0.64 -52.78 17.56
C VAL N 158 0.39 -52.67 16.43
N ASN N 159 1.57 -53.26 16.63
CA ASN N 159 2.59 -53.33 15.60
C ASN N 159 2.14 -54.26 14.48
N GLN N 160 1.92 -53.67 13.31
CA GLN N 160 1.33 -54.36 12.18
C GLN N 160 1.70 -53.63 10.90
N GLN N 161 1.96 -54.39 9.84
CA GLN N 161 2.18 -53.81 8.52
C GLN N 161 0.84 -53.34 7.95
N TYR N 162 0.84 -52.14 7.38
CA TYR N 162 -0.33 -51.60 6.69
C TYR N 162 -0.03 -51.18 5.25
N LEU N 163 1.16 -50.65 5.03
CA LEU N 163 1.63 -50.39 3.67
C LEU N 163 1.83 -51.70 2.90
N PRO N 164 1.59 -51.69 1.58
CA PRO N 164 1.99 -52.84 0.73
C PRO N 164 3.50 -53.10 0.77
N ASP N 165 3.88 -54.35 0.49
CA ASP N 165 5.27 -54.79 0.45
C ASP N 165 6.17 -53.86 -0.33
N LYS N 166 5.74 -53.53 -1.56
CA LYS N 166 6.47 -52.61 -2.44
C LYS N 166 6.71 -51.21 -1.86
N LEU N 167 5.86 -50.78 -0.92
CA LEU N 167 5.92 -49.43 -0.36
C LEU N 167 6.29 -49.38 1.11
N LYS N 168 6.69 -50.50 1.69
CA LYS N 168 6.89 -50.56 3.15
C LYS N 168 7.96 -49.62 3.72
N ASN N 169 8.74 -49.00 2.84
CA ASN N 169 9.74 -48.00 3.23
C ASN N 169 9.33 -46.56 2.90
N ALA N 170 8.09 -46.37 2.47
CA ALA N 170 7.59 -45.05 2.10
C ALA N 170 7.30 -44.17 3.30
N GLN N 171 7.62 -42.89 3.16
CA GLN N 171 7.27 -41.87 4.14
C GLN N 171 6.72 -40.68 3.39
N TYR N 172 5.48 -40.31 3.69
CA TYR N 172 4.84 -39.19 3.00
C TYR N 172 4.64 -38.03 3.96
N TYR N 173 4.26 -38.35 5.19
CA TYR N 173 3.97 -37.32 6.19
C TYR N 173 5.19 -36.97 7.03
N GLN N 174 5.60 -35.71 6.92
CA GLN N 174 6.57 -35.14 7.83
C GLN N 174 5.86 -34.04 8.61
N PRO N 175 5.66 -34.27 9.92
CA PRO N 175 4.92 -33.34 10.77
C PRO N 175 5.63 -32.02 10.95
N LYS N 176 4.82 -30.96 10.97
CA LYS N 176 5.30 -29.62 11.27
CA LYS N 176 5.29 -29.62 11.26
C LYS N 176 4.92 -29.26 12.69
N ASP N 177 5.46 -28.16 13.20
CA ASP N 177 5.22 -27.76 14.60
C ASP N 177 4.87 -26.29 14.78
N THR N 178 4.23 -25.71 13.76
CA THR N 178 3.87 -24.30 13.78
C THR N 178 2.69 -23.99 14.72
N GLY N 179 1.86 -25.00 14.98
CA GLY N 179 0.79 -24.88 15.95
C GLY N 179 0.82 -26.00 16.97
N LYS N 180 0.14 -25.81 18.09
CA LYS N 180 0.15 -26.76 19.20
C LYS N 180 -0.53 -28.09 18.89
N TYR N 181 -1.51 -28.07 17.97
CA TYR N 181 -2.26 -29.27 17.62
C TYR N 181 -1.40 -30.28 16.85
N GLU N 182 -0.65 -29.80 15.86
CA GLU N 182 0.22 -30.69 15.06
C GLU N 182 1.51 -31.01 15.81
N GLN N 183 1.89 -30.15 16.76
CA GLN N 183 2.95 -30.48 17.73
C GLN N 183 2.61 -31.76 18.46
N ALA N 184 1.37 -31.85 18.95
CA ALA N 184 0.89 -33.03 19.68
C ALA N 184 0.65 -34.24 18.76
N LEU N 185 0.21 -33.97 17.53
CA LEU N 185 0.06 -35.03 16.53
C LEU N 185 1.44 -35.59 16.14
N GLY N 186 2.39 -34.68 15.94
CA GLY N 186 3.77 -35.00 15.58
C GLY N 186 4.50 -35.81 16.65
N GLN N 187 4.20 -35.51 17.92
CA GLN N 187 4.71 -36.27 19.06
C GLN N 187 4.17 -37.70 19.06
N GLN N 188 2.92 -37.87 18.65
CA GLN N 188 2.34 -39.20 18.53
C GLN N 188 2.93 -39.98 17.36
N TYR N 189 3.13 -39.30 16.22
CA TYR N 189 3.76 -39.89 15.03
C TYR N 189 5.15 -40.48 15.30
N TYR N 190 5.98 -39.76 16.05
CA TYR N 190 7.35 -40.22 16.34
C TYR N 190 7.42 -41.28 17.43
N ARG N 191 6.47 -41.22 18.36
CA ARG N 191 6.29 -42.25 19.39
C ARG N 191 5.91 -43.60 18.80
N ILE N 192 5.00 -43.60 17.81
CA ILE N 192 4.61 -44.82 17.08
C ILE N 192 5.82 -45.46 16.37
N LYS N 193 6.67 -44.62 15.79
CA LYS N 193 7.89 -45.10 15.14
C LYS N 193 8.92 -45.65 16.12
N GLU N 194 8.99 -45.07 17.32
CA GLU N 194 9.80 -45.59 18.42
C GLU N 194 9.28 -46.94 18.91
N TRP N 195 7.95 -47.09 18.95
CA TRP N 195 7.31 -48.37 19.28
C TRP N 195 7.61 -49.46 18.26
N LYS N 196 7.69 -49.07 16.99
CA LYS N 196 7.91 -50.01 15.88
C LYS N 196 9.35 -50.52 15.72
N GLU N 197 10.20 -50.21 16.69
CA GLU N 197 11.61 -50.64 16.67
C GLU N 197 11.92 -51.71 17.72
N GLY O 11 -3.78 -53.86 -9.33
CA GLY O 11 -5.22 -53.48 -9.35
C GLY O 11 -6.07 -54.38 -8.46
N ASP O 12 -6.27 -53.95 -7.21
CA ASP O 12 -7.09 -54.68 -6.24
C ASP O 12 -8.56 -54.33 -6.35
N ALA O 13 -9.41 -55.20 -5.79
CA ALA O 13 -10.83 -54.94 -5.62
C ALA O 13 -11.04 -53.72 -4.73
N HIS O 14 -12.06 -52.93 -5.07
CA HIS O 14 -12.38 -51.71 -4.35
C HIS O 14 -12.64 -51.97 -2.87
N TYR O 15 -13.34 -53.07 -2.57
CA TYR O 15 -13.66 -53.43 -1.19
C TYR O 15 -12.44 -53.79 -0.35
N ASP O 16 -11.36 -54.24 -1.00
CA ASP O 16 -10.10 -54.52 -0.32
C ASP O 16 -9.33 -53.25 0.02
N VAL O 17 -9.30 -52.30 -0.93
CA VAL O 17 -8.67 -51.00 -0.75
C VAL O 17 -9.41 -50.18 0.32
N ILE O 18 -10.74 -50.28 0.30
CA ILE O 18 -11.62 -49.71 1.33
C ILE O 18 -11.26 -50.25 2.72
N SER O 19 -11.06 -51.55 2.79
CA SER O 19 -10.76 -52.24 4.02
C SER O 19 -9.39 -51.84 4.57
N ALA O 20 -8.41 -51.79 3.68
CA ALA O 20 -7.04 -51.43 4.03
C ALA O 20 -6.95 -49.99 4.52
N PHE O 21 -7.69 -49.10 3.85
CA PHE O 21 -7.86 -47.72 4.24
C PHE O 21 -8.37 -47.54 5.66
N GLN O 22 -9.44 -48.25 6.02
CA GLN O 22 -10.00 -48.18 7.36
C GLN O 22 -9.03 -48.72 8.40
N LYS O 23 -8.48 -49.90 8.12
CA LYS O 23 -7.54 -50.58 9.04
C LYS O 23 -6.27 -49.79 9.33
N SER O 24 -5.74 -49.10 8.32
CA SER O 24 -4.59 -48.21 8.49
C SER O 24 -4.86 -47.01 9.39
N ILE O 25 -6.00 -46.35 9.21
CA ILE O 25 -6.40 -45.24 10.09
C ILE O 25 -6.63 -45.73 11.52
N ARG O 26 -7.46 -46.76 11.67
CA ARG O 26 -7.63 -47.49 12.94
C ARG O 26 -6.29 -47.90 13.57
N GLY O 27 -5.35 -48.32 12.72
CA GLY O 27 -4.04 -48.74 13.17
C GLY O 27 -2.98 -47.64 13.29
N SER O 28 -3.40 -46.38 13.17
CA SER O 28 -2.56 -45.19 13.40
C SER O 28 -1.41 -44.99 12.41
N ASP O 29 -1.52 -45.57 11.22
CA ASP O 29 -0.46 -45.52 10.22
C ASP O 29 -0.78 -44.46 9.18
N VAL O 30 -0.20 -43.28 9.34
CA VAL O 30 -0.47 -42.13 8.46
C VAL O 30 -0.12 -42.43 7.02
N ASP O 31 1.06 -43.01 6.81
CA ASP O 31 1.61 -43.20 5.47
C ASP O 31 0.84 -44.26 4.69
N ALA O 32 0.43 -45.31 5.38
CA ALA O 32 -0.42 -46.34 4.77
C ALA O 32 -1.82 -45.80 4.46
N ALA O 33 -2.43 -45.13 5.43
CA ALA O 33 -3.73 -44.50 5.22
C ALA O 33 -3.75 -43.52 4.03
N LEU O 34 -2.73 -42.67 3.95
CA LEU O 34 -2.58 -41.74 2.82
C LEU O 34 -2.31 -42.43 1.48
N HIS O 35 -1.57 -43.54 1.52
CA HIS O 35 -1.42 -44.38 0.33
C HIS O 35 -2.76 -44.93 -0.16
N TYR O 36 -3.57 -45.46 0.76
CA TYR O 36 -4.87 -46.02 0.39
C TYR O 36 -5.89 -44.97 -0.02
N LEU O 37 -5.83 -43.80 0.62
CA LEU O 37 -6.60 -42.64 0.19
C LEU O 37 -6.23 -42.28 -1.25
N ALA O 38 -4.93 -42.27 -1.55
CA ALA O 38 -4.46 -41.96 -2.90
C ALA O 38 -4.94 -42.96 -3.95
N ARG O 39 -5.01 -44.22 -3.62
CA ARG O 39 -5.60 -45.21 -4.48
CA ARG O 39 -5.57 -45.25 -4.43
C ARG O 39 -7.04 -44.93 -4.79
N LEU O 40 -7.75 -44.59 -3.74
CA LEU O 40 -9.17 -44.33 -3.84
C LEU O 40 -9.46 -43.08 -4.63
N VAL O 41 -8.70 -42.04 -4.37
CA VAL O 41 -8.76 -40.82 -5.13
C VAL O 41 -8.54 -41.04 -6.62
N GLU O 42 -7.58 -41.87 -6.97
CA GLU O 42 -7.26 -42.21 -8.33
C GLU O 42 -8.35 -42.97 -9.02
N ALA O 43 -8.99 -43.87 -8.34
CA ALA O 43 -10.17 -44.52 -8.84
C ALA O 43 -11.37 -43.64 -9.14
N GLY O 44 -11.55 -42.57 -8.40
CA GLY O 44 -12.46 -41.52 -8.77
C GLY O 44 -13.85 -41.48 -8.15
N ASP O 45 -14.14 -42.34 -7.19
CA ASP O 45 -15.44 -42.33 -6.50
C ASP O 45 -15.33 -41.58 -5.16
N LEU O 46 -15.52 -40.26 -5.21
CA LEU O 46 -15.33 -39.40 -4.05
C LEU O 46 -16.38 -39.63 -2.96
N ALA O 47 -17.63 -39.86 -3.38
CA ALA O 47 -18.75 -40.05 -2.46
C ALA O 47 -18.59 -41.31 -1.63
N SER O 48 -17.96 -42.32 -2.24
CA SER O 48 -17.56 -43.54 -1.54
C SER O 48 -16.50 -43.25 -0.49
N ILE O 49 -15.44 -42.52 -0.86
CA ILE O 49 -14.34 -42.16 0.08
C ILE O 49 -14.87 -41.41 1.31
N CYS O 50 -15.68 -40.39 1.03
CA CYS O 50 -16.37 -39.59 2.02
C CYS O 50 -17.19 -40.41 3.02
N ARG O 51 -17.94 -41.38 2.51
CA ARG O 51 -18.72 -42.29 3.36
C ARG O 51 -17.86 -43.14 4.28
N ARG O 52 -16.74 -43.66 3.74
CA ARG O 52 -15.83 -44.49 4.52
CA ARG O 52 -15.82 -44.49 4.52
C ARG O 52 -15.13 -43.68 5.62
N LEU O 53 -14.71 -42.46 5.27
CA LEU O 53 -14.04 -41.58 6.21
C LEU O 53 -14.89 -41.21 7.41
N MET O 54 -16.15 -40.88 7.14
CA MET O 54 -17.11 -40.55 8.21
C MET O 54 -17.35 -41.77 9.10
N VAL O 55 -17.43 -42.96 8.49
CA VAL O 55 -17.56 -44.21 9.23
C VAL O 55 -16.33 -44.47 10.10
N ILE O 56 -15.14 -44.27 9.56
CA ILE O 56 -13.88 -44.51 10.29
C ILE O 56 -13.71 -43.55 11.47
N GLY O 57 -13.96 -42.27 11.22
CA GLY O 57 -13.87 -41.26 12.28
C GLY O 57 -14.81 -41.52 13.44
N TYR O 58 -16.02 -41.99 13.13
CA TYR O 58 -17.00 -42.28 14.16
C TYR O 58 -16.85 -43.67 14.79
N GLU O 59 -16.42 -44.65 14.01
CA GLU O 59 -16.22 -46.01 14.54
C GLU O 59 -14.94 -46.13 15.38
N ASP O 60 -13.83 -45.68 14.81
CA ASP O 60 -12.51 -45.98 15.36
C ASP O 60 -11.90 -44.86 16.18
N ILE O 61 -12.31 -43.62 15.91
CA ILE O 61 -11.84 -42.48 16.68
C ILE O 61 -12.90 -42.16 17.73
N GLY O 62 -14.09 -41.75 17.28
CA GLY O 62 -15.27 -41.63 18.13
C GLY O 62 -15.06 -40.74 19.34
N LEU O 63 -15.26 -41.32 20.54
CA LEU O 63 -15.06 -40.60 21.81
C LEU O 63 -13.60 -40.30 22.16
N GLY O 64 -12.68 -40.95 21.45
CA GLY O 64 -11.25 -40.66 21.53
C GLY O 64 -10.96 -39.21 21.16
N ASN O 65 -11.67 -38.71 20.15
CA ASN O 65 -11.62 -37.30 19.79
C ASN O 65 -12.91 -36.89 19.05
N PRO O 66 -13.99 -36.58 19.79
CA PRO O 66 -15.29 -36.19 19.22
C PRO O 66 -15.23 -35.05 18.23
N ALA O 67 -14.39 -34.05 18.51
CA ALA O 67 -14.22 -32.90 17.62
C ALA O 67 -13.64 -33.29 16.27
N ALA O 68 -12.61 -34.14 16.28
CA ALA O 68 -12.00 -34.68 15.06
C ALA O 68 -12.97 -35.53 14.25
N ALA O 69 -13.79 -36.34 14.93
CA ALA O 69 -14.84 -37.12 14.25
C ALA O 69 -15.86 -36.22 13.56
N ALA O 70 -16.29 -35.16 14.25
CA ALA O 70 -17.23 -34.19 13.70
C ALA O 70 -16.68 -33.42 12.50
N ARG O 71 -15.38 -33.10 12.57
CA ARG O 71 -14.70 -32.37 11.50
C ARG O 71 -14.56 -33.14 10.17
N THR O 72 -14.77 -34.46 10.20
CA THR O 72 -14.79 -35.27 8.99
CA THR O 72 -14.79 -35.26 8.98
C THR O 72 -16.03 -34.91 8.16
N VAL O 73 -17.10 -34.53 8.84
CA VAL O 73 -18.32 -34.11 8.16
C VAL O 73 -18.08 -32.78 7.44
N ASN O 74 -17.48 -31.81 8.14
CA ASN O 74 -17.01 -30.54 7.56
C ASN O 74 -16.13 -30.76 6.31
N ALA O 75 -15.13 -31.62 6.47
CA ALA O 75 -14.24 -32.03 5.37
C ALA O 75 -14.99 -32.61 4.18
N VAL O 76 -15.95 -33.49 4.47
CA VAL O 76 -16.78 -34.16 3.46
C VAL O 76 -17.69 -33.18 2.74
N LEU O 77 -18.28 -32.25 3.50
CA LEU O 77 -19.06 -31.17 2.89
C LEU O 77 -18.19 -30.32 1.96
N ALA O 78 -16.97 -30.01 2.37
CA ALA O 78 -16.04 -29.26 1.52
C ALA O 78 -15.70 -30.05 0.26
N ALA O 79 -15.38 -31.34 0.46
CA ALA O 79 -15.11 -32.26 -0.65
C ALA O 79 -16.22 -32.31 -1.69
N GLU O 80 -17.47 -32.41 -1.22
CA GLU O 80 -18.65 -32.40 -2.09
C GLU O 80 -18.73 -31.14 -2.96
N LYS O 81 -18.53 -30.00 -2.31
CA LYS O 81 -18.60 -28.69 -2.97
C LYS O 81 -17.43 -28.42 -3.93
N LEU O 82 -16.26 -28.97 -3.61
CA LEU O 82 -15.08 -28.83 -4.45
C LEU O 82 -15.08 -29.81 -5.62
N GLY O 83 -15.31 -31.09 -5.31
CA GLY O 83 -15.04 -32.17 -6.24
C GLY O 83 -13.54 -32.37 -6.39
N LEU O 84 -13.15 -33.54 -6.91
CA LEU O 84 -11.77 -33.85 -7.25
C LEU O 84 -11.30 -32.96 -8.41
N PRO O 85 -10.01 -32.57 -8.44
CA PRO O 85 -8.92 -32.97 -7.55
C PRO O 85 -8.83 -32.23 -6.19
N GLU O 86 -9.37 -31.01 -6.08
CA GLU O 86 -9.23 -30.21 -4.86
C GLU O 86 -9.84 -30.83 -3.61
N ALA O 87 -10.82 -31.72 -3.80
CA ALA O 87 -11.47 -32.44 -2.70
C ALA O 87 -10.52 -33.30 -1.90
N ARG O 88 -9.39 -33.67 -2.51
CA ARG O 88 -8.39 -34.54 -1.85
C ARG O 88 -7.78 -33.88 -0.63
N ILE O 89 -7.74 -32.55 -0.65
CA ILE O 89 -7.05 -31.74 0.35
C ILE O 89 -7.72 -31.80 1.74
N PRO O 90 -9.01 -31.43 1.86
CA PRO O 90 -9.62 -31.66 3.18
C PRO O 90 -9.50 -33.10 3.66
N LEU O 91 -9.58 -34.06 2.74
CA LEU O 91 -9.56 -35.47 3.11
C LEU O 91 -8.20 -35.86 3.66
N ALA O 92 -7.14 -35.33 3.07
CA ALA O 92 -5.77 -35.54 3.57
C ALA O 92 -5.61 -35.05 4.99
N ASP O 93 -6.09 -33.83 5.28
CA ASP O 93 -5.99 -33.25 6.63
C ASP O 93 -6.70 -34.10 7.68
N VAL O 94 -7.90 -34.58 7.34
CA VAL O 94 -8.66 -35.38 8.31
C VAL O 94 -8.11 -36.78 8.45
N VAL O 95 -7.62 -37.38 7.36
CA VAL O 95 -6.95 -38.68 7.43
C VAL O 95 -5.78 -38.64 8.45
N VAL O 96 -4.89 -37.66 8.30
CA VAL O 96 -3.77 -37.49 9.22
C VAL O 96 -4.25 -37.29 10.66
N ASP O 97 -5.16 -36.34 10.85
CA ASP O 97 -5.77 -36.06 12.14
C ASP O 97 -6.35 -37.32 12.81
N LEU O 98 -7.13 -38.11 12.06
CA LEU O 98 -7.74 -39.32 12.60
C LEU O 98 -6.72 -40.39 12.98
N CYS O 99 -5.72 -40.58 12.11
CA CYS O 99 -4.61 -41.50 12.33
C CYS O 99 -3.88 -41.26 13.66
N LEU O 100 -3.68 -39.99 14.02
CA LEU O 100 -2.87 -39.66 15.18
C LEU O 100 -3.66 -39.18 16.41
N SER O 101 -4.99 -39.15 16.29
CA SER O 101 -5.86 -38.90 17.43
C SER O 101 -6.03 -40.18 18.27
N PRO O 102 -6.36 -40.04 19.58
CA PRO O 102 -6.74 -41.20 20.39
C PRO O 102 -7.87 -42.02 19.78
N LYS O 103 -7.75 -43.33 19.90
CA LYS O 103 -8.69 -44.29 19.32
C LYS O 103 -9.67 -44.80 20.36
N SER O 104 -10.94 -44.86 19.97
CA SER O 104 -11.98 -45.44 20.81
C SER O 104 -13.10 -46.03 19.98
N ASN O 105 -13.37 -47.31 20.18
CA ASN O 105 -14.51 -47.97 19.58
C ASN O 105 -15.63 -48.23 20.59
N SER O 106 -15.53 -47.61 21.76
CA SER O 106 -16.37 -47.94 22.92
C SER O 106 -17.86 -47.75 22.68
N ALA O 107 -18.23 -46.62 22.07
CA ALA O 107 -19.64 -46.32 21.79
C ALA O 107 -20.20 -47.19 20.67
N TYR O 108 -19.38 -47.43 19.65
CA TYR O 108 -19.70 -48.33 18.55
C TYR O 108 -20.04 -49.73 19.07
N MET O 109 -19.12 -50.30 19.86
CA MET O 109 -19.33 -51.62 20.46
C MET O 109 -20.52 -51.70 21.42
N ALA O 110 -20.72 -50.66 22.22
CA ALA O 110 -21.85 -50.57 23.14
C ALA O 110 -23.20 -50.68 22.43
N LEU O 111 -23.40 -49.89 21.37
CA LEU O 111 -24.67 -49.91 20.63
C LEU O 111 -24.90 -51.25 19.93
N ASP O 112 -23.83 -51.82 19.38
CA ASP O 112 -23.94 -53.11 18.71
C ASP O 112 -24.27 -54.26 19.65
N ALA O 113 -23.84 -54.14 20.91
CA ALA O 113 -24.24 -55.09 21.94
C ALA O 113 -25.73 -54.91 22.29
N ALA O 114 -26.16 -53.66 22.43
CA ALA O 114 -27.58 -53.34 22.63
C ALA O 114 -28.47 -53.85 21.51
N LEU O 115 -27.99 -53.69 20.26
CA LEU O 115 -28.70 -54.15 19.07
C LEU O 115 -28.82 -55.67 19.02
N ALA O 116 -27.75 -56.34 19.45
CA ALA O 116 -27.70 -57.80 19.51
C ALA O 116 -28.74 -58.38 20.45
N ASP O 117 -28.92 -57.75 21.61
CA ASP O 117 -29.94 -58.15 22.59
C ASP O 117 -31.36 -58.03 22.03
N ILE O 118 -31.61 -56.94 21.31
CA ILE O 118 -32.91 -56.69 20.70
C ILE O 118 -33.24 -57.67 19.56
N ARG O 119 -32.22 -58.05 18.80
CA ARG O 119 -32.36 -59.08 17.76
C ARG O 119 -32.60 -60.49 18.32
N GLU O 120 -32.15 -60.71 19.56
CA GLU O 120 -32.46 -61.92 20.31
C GLU O 120 -33.78 -61.79 21.10
N GLY O 121 -34.49 -60.67 20.86
CA GLY O 121 -35.80 -60.40 21.47
C GLY O 121 -35.80 -60.13 22.96
N LYS O 122 -34.66 -59.70 23.51
CA LYS O 122 -34.51 -59.56 24.96
C LYS O 122 -35.22 -58.34 25.57
N ALA O 123 -35.50 -57.34 24.73
CA ALA O 123 -36.17 -56.08 25.13
C ALA O 123 -37.51 -56.23 25.87
N GLY O 124 -37.88 -55.19 26.62
CA GLY O 124 -39.15 -55.17 27.35
C GLY O 124 -39.92 -53.88 27.14
N ASP O 125 -41.07 -53.78 27.82
CA ASP O 125 -41.92 -52.58 27.79
C ASP O 125 -41.19 -51.34 28.27
N VAL O 126 -41.48 -50.21 27.64
CA VAL O 126 -41.09 -48.91 28.16
C VAL O 126 -41.74 -48.77 29.54
N PRO O 127 -40.93 -48.56 30.60
CA PRO O 127 -41.46 -48.34 31.94
C PRO O 127 -42.49 -47.20 31.95
N ASP O 128 -43.58 -47.41 32.66
CA ASP O 128 -44.75 -46.52 32.62
C ASP O 128 -44.42 -45.04 32.85
N HIS O 129 -43.49 -44.78 33.78
CA HIS O 129 -43.04 -43.42 34.09
C HIS O 129 -42.19 -42.76 32.98
N LEU O 130 -41.86 -43.52 31.93
CA LEU O 130 -41.10 -42.98 30.81
C LEU O 130 -41.92 -42.81 29.54
N ARG O 131 -43.16 -43.28 29.57
CA ARG O 131 -44.08 -43.14 28.46
C ARG O 131 -44.46 -41.67 28.24
N ASP O 132 -44.88 -41.36 27.02
CA ASP O 132 -45.27 -40.01 26.64
C ASP O 132 -46.61 -39.61 27.28
N SER O 133 -46.58 -38.54 28.07
CA SER O 133 -47.76 -38.09 28.83
C SER O 133 -48.83 -37.40 27.97
N HIS O 134 -48.46 -36.96 26.76
CA HIS O 134 -49.37 -36.24 25.87
C HIS O 134 -50.38 -37.15 25.17
N TYR O 135 -50.13 -38.46 25.20
CA TYR O 135 -51.02 -39.45 24.60
C TYR O 135 -51.82 -40.21 25.66
N ARG O 143 -49.58 -43.79 32.46
CA ARG O 143 -48.92 -43.03 31.40
C ARG O 143 -48.17 -41.81 31.96
N GLY O 144 -46.98 -42.06 32.52
CA GLY O 144 -46.08 -40.97 32.95
C GLY O 144 -46.03 -40.62 34.42
N VAL O 145 -46.79 -41.33 35.25
CA VAL O 145 -46.84 -40.99 36.69
C VAL O 145 -45.62 -41.50 37.47
N GLY O 146 -45.02 -40.60 38.24
CA GLY O 146 -43.84 -40.88 39.01
C GLY O 146 -42.54 -40.38 38.39
N TYR O 147 -42.63 -39.82 37.17
CA TYR O 147 -41.44 -39.32 36.45
C TYR O 147 -40.78 -38.14 37.16
N GLN O 148 -39.49 -38.28 37.44
CA GLN O 148 -38.70 -37.21 38.02
C GLN O 148 -37.83 -36.55 36.93
N TYR O 149 -37.94 -35.24 36.83
CA TYR O 149 -37.26 -34.46 35.80
C TYR O 149 -35.91 -34.01 36.36
N PRO O 150 -34.81 -34.59 35.84
CA PRO O 150 -33.44 -34.43 36.38
C PRO O 150 -32.97 -32.97 36.56
N HIS O 151 -33.41 -32.08 35.68
CA HIS O 151 -33.05 -30.65 35.76
C HIS O 151 -33.55 -29.94 37.03
N HIS O 152 -34.51 -30.54 37.73
CA HIS O 152 -35.03 -30.01 39.01
C HIS O 152 -34.11 -30.32 40.19
N PHE O 153 -33.12 -31.18 39.97
CA PHE O 153 -32.30 -31.72 41.04
C PHE O 153 -30.88 -31.20 41.03
N ASP O 154 -30.17 -31.44 42.13
CA ASP O 154 -28.73 -31.15 42.23
C ASP O 154 -27.95 -31.96 41.19
N GLN O 155 -26.95 -31.31 40.59
CA GLN O 155 -26.10 -31.89 39.53
C GLN O 155 -26.85 -32.21 38.22
N ALA O 156 -28.10 -31.78 38.13
CA ALA O 156 -29.04 -32.13 37.05
C ALA O 156 -29.19 -33.66 36.84
N TRP O 157 -29.30 -34.38 37.96
CA TRP O 157 -29.38 -35.83 37.96
C TRP O 157 -30.28 -36.33 39.09
N VAL O 158 -31.06 -37.37 38.79
CA VAL O 158 -31.90 -38.03 39.78
C VAL O 158 -31.82 -39.55 39.62
N ASN O 159 -31.81 -40.27 40.75
CA ASN O 159 -31.92 -41.72 40.72
C ASN O 159 -33.31 -42.14 40.20
N GLN O 160 -33.30 -42.85 39.06
CA GLN O 160 -34.53 -43.22 38.35
C GLN O 160 -34.21 -44.39 37.42
N GLN O 161 -35.16 -45.31 37.27
CA GLN O 161 -35.01 -46.42 36.34
C GLN O 161 -35.30 -45.96 34.92
N TYR O 162 -34.39 -46.27 33.99
CA TYR O 162 -34.61 -45.98 32.56
C TYR O 162 -34.74 -47.21 31.68
N LEU O 163 -33.89 -48.21 31.92
CA LEU O 163 -34.00 -49.51 31.25
C LEU O 163 -35.35 -50.18 31.56
N PRO O 164 -35.91 -50.95 30.59
CA PRO O 164 -37.06 -51.82 30.86
C PRO O 164 -36.74 -52.84 31.95
N ASP O 165 -37.76 -53.28 32.67
CA ASP O 165 -37.60 -54.25 33.78
C ASP O 165 -36.80 -55.47 33.36
N LYS O 166 -37.12 -55.99 32.17
CA LYS O 166 -36.45 -57.14 31.56
C LYS O 166 -34.94 -56.95 31.34
N LEU O 167 -34.51 -55.70 31.21
CA LEU O 167 -33.12 -55.37 30.91
C LEU O 167 -32.42 -54.53 32.00
N LYS O 168 -32.97 -54.52 33.21
CA LYS O 168 -32.46 -53.63 34.27
C LYS O 168 -31.00 -53.87 34.65
N ASN O 169 -30.48 -55.06 34.37
CA ASN O 169 -29.09 -55.41 34.64
C ASN O 169 -28.14 -55.24 33.45
N ALA O 170 -28.66 -54.76 32.33
CA ALA O 170 -27.86 -54.59 31.11
C ALA O 170 -26.74 -53.56 31.26
N GLN O 171 -25.57 -53.91 30.73
CA GLN O 171 -24.45 -52.99 30.61
C GLN O 171 -23.89 -53.12 29.20
N TYR O 172 -23.78 -51.99 28.51
CA TYR O 172 -23.26 -51.98 27.15
C TYR O 172 -22.00 -51.14 27.04
N TYR O 173 -22.03 -49.97 27.67
CA TYR O 173 -20.91 -49.06 27.59
C TYR O 173 -19.85 -49.36 28.63
N GLN O 174 -18.64 -49.61 28.15
CA GLN O 174 -17.47 -49.68 29.00
C GLN O 174 -16.47 -48.64 28.49
N PRO O 175 -16.36 -47.52 29.22
CA PRO O 175 -15.53 -46.37 28.86
C PRO O 175 -14.06 -46.68 28.70
N LYS O 176 -13.43 -46.04 27.72
CA LYS O 176 -12.01 -46.15 27.51
CA LYS O 176 -12.00 -46.15 27.50
C LYS O 176 -11.33 -44.89 28.04
N ASP O 177 -10.00 -44.91 28.14
CA ASP O 177 -9.26 -43.77 28.67
C ASP O 177 -8.07 -43.39 27.80
N THR O 178 -8.17 -43.70 26.49
CA THR O 178 -7.10 -43.43 25.53
C THR O 178 -6.95 -41.93 25.22
N GLY O 179 -8.02 -41.18 25.47
CA GLY O 179 -8.02 -39.73 25.31
C GLY O 179 -8.71 -39.05 26.48
N LYS O 180 -8.34 -37.79 26.72
CA LYS O 180 -8.80 -37.02 27.88
C LYS O 180 -10.30 -36.73 27.89
N TYR O 181 -10.90 -36.66 26.70
CA TYR O 181 -12.33 -36.46 26.62
C TYR O 181 -13.09 -37.64 27.23
N GLU O 182 -12.75 -38.87 26.81
CA GLU O 182 -13.43 -40.06 27.31
C GLU O 182 -12.98 -40.40 28.75
N GLN O 183 -11.80 -39.92 29.13
CA GLN O 183 -11.35 -39.99 30.53
C GLN O 183 -12.36 -39.27 31.42
N ALA O 184 -12.73 -38.05 31.02
CA ALA O 184 -13.68 -37.24 31.75
C ALA O 184 -15.10 -37.81 31.71
N LEU O 185 -15.51 -38.30 30.53
CA LEU O 185 -16.84 -38.93 30.37
C LEU O 185 -16.94 -40.20 31.21
N GLY O 186 -15.87 -40.97 31.20
CA GLY O 186 -15.78 -42.24 31.92
C GLY O 186 -15.88 -42.07 33.42
N GLN O 187 -15.25 -41.00 33.92
CA GLN O 187 -15.35 -40.64 35.33
C GLN O 187 -16.78 -40.30 35.72
N GLN O 188 -17.48 -39.59 34.85
CA GLN O 188 -18.89 -39.25 35.05
C GLN O 188 -19.77 -40.50 35.08
N TYR O 189 -19.48 -41.46 34.19
CA TYR O 189 -20.17 -42.76 34.14
C TYR O 189 -20.07 -43.55 35.46
N TYR O 190 -18.87 -43.62 36.02
CA TYR O 190 -18.62 -44.37 37.26
C TYR O 190 -19.18 -43.67 38.50
N ARG O 191 -19.09 -42.35 38.52
CA ARG O 191 -19.65 -41.50 39.57
C ARG O 191 -21.18 -41.62 39.68
N ILE O 192 -21.86 -41.75 38.55
CA ILE O 192 -23.32 -41.98 38.51
C ILE O 192 -23.68 -43.33 39.13
N LYS O 193 -22.87 -44.35 38.84
CA LYS O 193 -23.05 -45.68 39.42
C LYS O 193 -22.83 -45.69 40.94
N GLU O 194 -21.86 -44.91 41.40
CA GLU O 194 -21.59 -44.72 42.82
C GLU O 194 -22.70 -43.95 43.52
N TRP O 195 -23.31 -43.00 42.81
CA TRP O 195 -24.48 -42.27 43.30
C TRP O 195 -25.69 -43.20 43.49
N LYS O 196 -25.84 -44.17 42.60
CA LYS O 196 -26.96 -45.13 42.63
C LYS O 196 -26.85 -46.16 43.75
N GLU O 197 -25.67 -46.31 44.34
CA GLU O 197 -25.45 -47.24 45.44
C GLU O 197 -25.59 -46.58 46.81
N ALA P 4 -47.85 -52.68 9.80
CA ALA P 4 -48.11 -52.13 11.17
C ALA P 4 -47.67 -50.67 11.28
N LEU P 5 -48.18 -50.00 12.30
CA LEU P 5 -47.87 -48.59 12.54
C LEU P 5 -46.66 -48.37 13.46
N THR P 6 -46.33 -49.40 14.25
CA THR P 6 -45.08 -49.45 15.01
C THR P 6 -44.22 -50.62 14.52
N HIS P 7 -42.89 -50.46 14.63
CA HIS P 7 -41.97 -51.56 14.30
C HIS P 7 -40.99 -51.86 15.42
N ASP P 8 -41.34 -51.40 16.63
CA ASP P 8 -40.63 -51.73 17.86
C ASP P 8 -40.68 -53.23 18.13
N LYS P 9 -39.55 -53.77 18.56
CA LYS P 9 -39.38 -55.18 18.81
C LYS P 9 -40.36 -55.69 19.87
N ASN P 10 -40.54 -54.92 20.92
CA ASN P 10 -41.48 -55.22 21.99
C ASN P 10 -42.92 -54.83 21.63
N GLY P 11 -43.08 -54.05 20.55
CA GLY P 11 -44.40 -53.60 20.12
C GLY P 11 -44.93 -52.42 20.90
N ASP P 12 -44.03 -51.68 21.56
CA ASP P 12 -44.39 -50.41 22.20
C ASP P 12 -44.68 -49.37 21.13
N ALA P 13 -45.55 -48.41 21.45
CA ALA P 13 -45.80 -47.28 20.57
C ALA P 13 -44.50 -46.51 20.31
N HIS P 14 -44.33 -46.03 19.09
CA HIS P 14 -43.10 -45.37 18.66
C HIS P 14 -42.80 -44.12 19.50
N TYR P 15 -43.87 -43.38 19.85
CA TYR P 15 -43.73 -42.17 20.67
C TYR P 15 -43.31 -42.44 22.12
N ASP P 16 -43.58 -43.64 22.62
CA ASP P 16 -43.14 -44.06 23.95
C ASP P 16 -41.64 -44.41 23.99
N VAL P 17 -41.14 -45.01 22.91
CA VAL P 17 -39.73 -45.40 22.80
C VAL P 17 -38.89 -44.12 22.65
N ILE P 18 -39.42 -43.21 21.82
CA ILE P 18 -38.90 -41.88 21.57
C ILE P 18 -38.81 -41.05 22.86
N SER P 19 -39.86 -41.10 23.67
CA SER P 19 -39.91 -40.43 24.96
C SER P 19 -38.89 -41.01 25.95
N ALA P 20 -38.83 -42.34 26.01
CA ALA P 20 -37.89 -43.07 26.88
C ALA P 20 -36.44 -42.78 26.52
N PHE P 21 -36.17 -42.65 25.21
CA PHE P 21 -34.89 -42.25 24.66
C PHE P 21 -34.43 -40.87 25.16
N GLN P 22 -35.31 -39.87 25.06
CA GLN P 22 -34.99 -38.52 25.54
C GLN P 22 -34.73 -38.52 27.03
N LYS P 23 -35.62 -39.17 27.77
CA LYS P 23 -35.56 -39.18 29.24
C LYS P 23 -34.31 -39.90 29.74
N SER P 24 -33.92 -40.99 29.08
CA SER P 24 -32.65 -41.70 29.36
C SER P 24 -31.42 -40.83 29.15
N ILE P 25 -31.36 -40.10 28.04
CA ILE P 25 -30.21 -39.21 27.77
C ILE P 25 -30.17 -38.06 28.76
N ARG P 26 -31.30 -37.37 28.91
CA ARG P 26 -31.50 -36.35 29.93
C ARG P 26 -31.15 -36.88 31.33
N GLY P 27 -31.56 -38.12 31.59
CA GLY P 27 -31.30 -38.77 32.87
C GLY P 27 -29.93 -39.37 33.04
N SER P 28 -29.04 -39.11 32.07
CA SER P 28 -27.64 -39.55 32.09
C SER P 28 -27.40 -41.08 32.12
N ASP P 29 -28.37 -41.84 31.62
CA ASP P 29 -28.25 -43.31 31.59
C ASP P 29 -27.81 -43.78 30.20
N VAL P 30 -26.51 -44.06 30.07
CA VAL P 30 -25.92 -44.47 28.78
C VAL P 30 -26.52 -45.75 28.23
N ASP P 31 -26.62 -46.76 29.09
CA ASP P 31 -27.05 -48.09 28.70
C ASP P 31 -28.51 -48.12 28.28
N ALA P 32 -29.35 -47.38 29.00
CA ALA P 32 -30.77 -47.26 28.66
C ALA P 32 -30.95 -46.52 27.36
N ALA P 33 -30.22 -45.41 27.19
CA ALA P 33 -30.30 -44.62 25.97
C ALA P 33 -29.80 -45.40 24.73
N LEU P 34 -28.78 -46.24 24.90
CA LEU P 34 -28.28 -47.07 23.81
C LEU P 34 -29.24 -48.21 23.52
N HIS P 35 -29.86 -48.75 24.57
CA HIS P 35 -30.94 -49.70 24.38
C HIS P 35 -32.07 -49.09 23.58
N TYR P 36 -32.52 -47.91 23.96
CA TYR P 36 -33.63 -47.25 23.24
C TYR P 36 -33.27 -46.81 21.82
N LEU P 37 -32.05 -46.32 21.63
CA LEU P 37 -31.54 -46.04 20.29
C LEU P 37 -31.59 -47.30 19.43
N ALA P 38 -31.14 -48.42 20.00
CA ALA P 38 -31.15 -49.71 19.33
C ALA P 38 -32.55 -50.16 18.92
N ARG P 39 -33.55 -49.88 19.76
CA ARG P 39 -34.96 -50.16 19.42
C ARG P 39 -35.39 -49.34 18.21
N LEU P 40 -34.94 -48.09 18.19
CA LEU P 40 -35.31 -47.13 17.15
C LEU P 40 -34.60 -47.41 15.83
N VAL P 41 -33.33 -47.78 15.92
CA VAL P 41 -32.56 -48.22 14.76
C VAL P 41 -33.20 -49.46 14.13
N GLU P 42 -33.54 -50.43 14.97
CA GLU P 42 -34.18 -51.68 14.54
C GLU P 42 -35.54 -51.44 13.87
N ALA P 43 -36.31 -50.50 14.41
CA ALA P 43 -37.58 -50.08 13.80
C ALA P 43 -37.38 -49.46 12.40
N GLY P 44 -36.31 -48.68 12.22
CA GLY P 44 -35.90 -48.26 10.88
C GLY P 44 -36.13 -46.81 10.48
N ASP P 45 -36.80 -46.04 11.33
CA ASP P 45 -37.09 -44.64 11.02
C ASP P 45 -35.91 -43.76 11.43
N LEU P 46 -34.91 -43.69 10.55
CA LEU P 46 -33.68 -42.94 10.82
C LEU P 46 -33.92 -41.45 11.00
N ALA P 47 -34.78 -40.88 10.15
CA ALA P 47 -35.04 -39.44 10.12
C ALA P 47 -35.65 -38.93 11.42
N SER P 48 -36.43 -39.77 12.09
CA SER P 48 -37.06 -39.40 13.35
CA SER P 48 -37.06 -39.40 13.35
C SER P 48 -36.07 -39.48 14.51
N ILE P 49 -35.17 -40.46 14.45
CA ILE P 49 -34.08 -40.61 15.46
C ILE P 49 -33.20 -39.37 15.43
N CYS P 50 -32.78 -39.01 14.22
CA CYS P 50 -32.01 -37.80 13.94
C CYS P 50 -32.65 -36.51 14.46
N ARG P 51 -33.95 -36.36 14.24
CA ARG P 51 -34.68 -35.19 14.75
C ARG P 51 -34.69 -35.11 16.27
N ARG P 52 -34.94 -36.25 16.93
CA ARG P 52 -34.99 -36.32 18.38
CA ARG P 52 -34.99 -36.31 18.39
CA ARG P 52 -35.02 -36.29 18.38
C ARG P 52 -33.64 -36.09 19.03
N LEU P 53 -32.59 -36.64 18.41
CA LEU P 53 -31.24 -36.45 18.93
C LEU P 53 -30.82 -34.97 18.95
N MET P 54 -31.16 -34.25 17.88
CA MET P 54 -30.91 -32.82 17.80
C MET P 54 -31.74 -32.07 18.84
N VAL P 55 -33.01 -32.45 19.00
CA VAL P 55 -33.86 -31.90 20.08
C VAL P 55 -33.24 -32.12 21.46
N ILE P 56 -32.83 -33.36 21.75
CA ILE P 56 -32.28 -33.72 23.07
C ILE P 56 -30.98 -32.97 23.37
N GLY P 57 -30.10 -32.92 22.37
CA GLY P 57 -28.82 -32.21 22.50
C GLY P 57 -29.00 -30.75 22.84
N TYR P 58 -29.88 -30.08 22.11
CA TYR P 58 -30.16 -28.68 22.34
C TYR P 58 -31.08 -28.42 23.55
N GLU P 59 -31.97 -29.35 23.87
CA GLU P 59 -32.88 -29.15 24.99
C GLU P 59 -32.24 -29.43 26.35
N ASP P 60 -31.61 -30.58 26.47
CA ASP P 60 -31.19 -31.10 27.78
C ASP P 60 -29.74 -30.92 28.07
N ILE P 61 -28.93 -30.81 27.03
CA ILE P 61 -27.51 -30.58 27.21
C ILE P 61 -27.25 -29.09 27.04
N GLY P 62 -27.57 -28.56 25.86
CA GLY P 62 -27.59 -27.12 25.60
C GLY P 62 -26.34 -26.35 25.97
N LEU P 63 -26.47 -25.45 26.93
CA LEU P 63 -25.33 -24.68 27.45
C LEU P 63 -24.38 -25.49 28.33
N GLY P 64 -24.84 -26.65 28.79
CA GLY P 64 -24.00 -27.63 29.50
C GLY P 64 -22.80 -28.08 28.69
N ASN P 65 -22.98 -28.16 27.37
CA ASN P 65 -21.91 -28.47 26.43
C ASN P 65 -22.31 -28.04 25.01
N PRO P 66 -22.15 -26.74 24.69
CA PRO P 66 -22.56 -26.22 23.39
C PRO P 66 -21.90 -26.98 22.22
N ALA P 67 -20.63 -27.38 22.38
CA ALA P 67 -19.91 -28.12 21.34
C ALA P 67 -20.52 -29.48 21.05
N ALA P 68 -20.79 -30.25 22.12
CA ALA P 68 -21.44 -31.56 21.97
C ALA P 68 -22.83 -31.45 21.39
N ALA P 69 -23.55 -30.39 21.74
CA ALA P 69 -24.88 -30.16 21.18
C ALA P 69 -24.80 -29.85 19.68
N ALA P 70 -23.81 -29.02 19.29
CA ALA P 70 -23.56 -28.74 17.87
C ALA P 70 -23.09 -29.96 17.09
N ARG P 71 -22.33 -30.84 17.75
CA ARG P 71 -21.83 -32.07 17.10
C ARG P 71 -22.93 -33.10 16.79
N THR P 72 -24.12 -32.92 17.38
CA THR P 72 -25.27 -33.76 17.07
CA THR P 72 -25.28 -33.75 17.07
C THR P 72 -25.72 -33.49 15.63
N VAL P 73 -25.54 -32.25 15.19
CA VAL P 73 -25.87 -31.84 13.82
C VAL P 73 -24.85 -32.46 12.84
N ASN P 74 -23.57 -32.49 13.21
CA ASN P 74 -22.56 -33.18 12.38
C ASN P 74 -22.88 -34.66 12.22
N ALA P 75 -23.27 -35.31 13.31
CA ALA P 75 -23.64 -36.73 13.32
C ALA P 75 -24.87 -37.03 12.46
N VAL P 76 -25.86 -36.14 12.52
CA VAL P 76 -27.09 -36.26 11.71
C VAL P 76 -26.76 -36.19 10.23
N LEU P 77 -25.91 -35.23 9.86
CA LEU P 77 -25.42 -35.11 8.49
C LEU P 77 -24.67 -36.35 8.04
N ALA P 78 -23.80 -36.91 8.91
CA ALA P 78 -23.15 -38.18 8.60
C ALA P 78 -24.19 -39.30 8.38
N ALA P 79 -25.12 -39.41 9.34
CA ALA P 79 -26.19 -40.41 9.30
C ALA P 79 -27.05 -40.37 8.02
N GLU P 80 -27.37 -39.16 7.55
CA GLU P 80 -28.13 -38.98 6.33
C GLU P 80 -27.36 -39.43 5.09
N LYS P 81 -26.05 -39.18 5.09
CA LYS P 81 -25.22 -39.53 3.95
C LYS P 81 -24.92 -41.03 3.91
N LEU P 82 -24.98 -41.66 5.08
CA LEU P 82 -24.66 -43.08 5.20
C LEU P 82 -25.90 -43.95 5.08
N GLY P 83 -26.97 -43.53 5.76
CA GLY P 83 -28.13 -44.37 5.99
C GLY P 83 -27.82 -45.53 6.93
N LEU P 84 -28.86 -46.24 7.33
CA LEU P 84 -28.70 -47.46 8.12
C LEU P 84 -28.19 -48.60 7.22
N PRO P 85 -27.36 -49.51 7.78
CA PRO P 85 -26.93 -49.66 9.17
C PRO P 85 -25.80 -48.73 9.63
N GLU P 86 -24.99 -48.20 8.71
CA GLU P 86 -23.81 -47.45 9.10
C GLU P 86 -24.10 -46.16 9.88
N ALA P 87 -25.28 -45.58 9.66
CA ALA P 87 -25.76 -44.39 10.37
C ALA P 87 -25.75 -44.53 11.89
N ARG P 88 -25.88 -45.75 12.38
CA ARG P 88 -25.99 -46.02 13.81
C ARG P 88 -24.72 -45.59 14.55
N ILE P 89 -23.59 -45.61 13.84
CA ILE P 89 -22.27 -45.38 14.44
C ILE P 89 -22.07 -43.94 14.96
N PRO P 90 -22.22 -42.89 14.10
CA PRO P 90 -22.21 -41.53 14.66
C PRO P 90 -23.27 -41.28 15.72
N LEU P 91 -24.45 -41.88 15.55
CA LEU P 91 -25.53 -41.73 16.53
C LEU P 91 -25.12 -42.28 17.90
N ALA P 92 -24.45 -43.45 17.90
CA ALA P 92 -23.93 -44.06 19.13
C ALA P 92 -22.96 -43.14 19.87
N ASP P 93 -22.00 -42.59 19.12
CA ASP P 93 -20.98 -41.70 19.69
C ASP P 93 -21.61 -40.48 20.36
N VAL P 94 -22.60 -39.92 19.67
CA VAL P 94 -23.28 -38.71 20.12
C VAL P 94 -24.16 -38.97 21.34
N VAL P 95 -24.87 -40.10 21.34
CA VAL P 95 -25.71 -40.50 22.47
C VAL P 95 -24.89 -40.61 23.77
N VAL P 96 -23.73 -41.27 23.70
CA VAL P 96 -22.86 -41.41 24.87
C VAL P 96 -22.35 -40.06 25.37
N ASP P 97 -21.82 -39.25 24.43
CA ASP P 97 -21.35 -37.90 24.70
C ASP P 97 -22.42 -37.07 25.40
N LEU P 98 -23.65 -37.09 24.89
CA LEU P 98 -24.75 -36.34 25.47
C LEU P 98 -25.17 -36.85 26.85
N CYS P 99 -25.07 -38.16 27.05
CA CYS P 99 -25.42 -38.80 28.31
C CYS P 99 -24.49 -38.38 29.43
N LEU P 100 -23.21 -38.21 29.13
CA LEU P 100 -22.20 -38.01 30.17
C LEU P 100 -21.68 -36.58 30.24
N SER P 101 -22.27 -35.70 29.44
CA SER P 101 -21.94 -34.27 29.46
C SER P 101 -22.80 -33.58 30.51
N PRO P 102 -22.34 -32.40 31.01
CA PRO P 102 -23.19 -31.55 31.85
C PRO P 102 -24.51 -31.21 31.19
N LYS P 103 -25.57 -31.21 31.99
CA LYS P 103 -26.91 -30.96 31.52
C LYS P 103 -27.34 -29.55 31.88
N SER P 104 -28.03 -28.92 30.95
CA SER P 104 -28.62 -27.59 31.14
C SER P 104 -29.84 -27.42 30.25
N ASN P 105 -30.96 -27.07 30.86
CA ASN P 105 -32.16 -26.71 30.11
C ASN P 105 -32.44 -25.21 30.24
N SER P 106 -31.45 -24.47 30.77
CA SER P 106 -31.62 -23.06 31.13
C SER P 106 -32.05 -22.17 29.98
N ALA P 107 -31.40 -22.31 28.82
CA ALA P 107 -31.77 -21.49 27.65
C ALA P 107 -33.15 -21.84 27.11
N TYR P 108 -33.44 -23.14 27.12
CA TYR P 108 -34.72 -23.69 26.71
C TYR P 108 -35.89 -23.16 27.57
N MET P 109 -35.74 -23.24 28.89
CA MET P 109 -36.75 -22.72 29.83
C MET P 109 -36.93 -21.22 29.76
N ALA P 110 -35.83 -20.51 29.55
CA ALA P 110 -35.81 -19.07 29.44
C ALA P 110 -36.59 -18.55 28.23
N LEU P 111 -36.42 -19.18 27.07
CA LEU P 111 -37.19 -18.79 25.89
C LEU P 111 -38.67 -19.10 26.05
N ASP P 112 -38.99 -20.25 26.66
CA ASP P 112 -40.39 -20.63 26.82
C ASP P 112 -41.15 -19.74 27.81
N ALA P 113 -40.43 -19.16 28.77
CA ALA P 113 -41.00 -18.14 29.65
C ALA P 113 -41.23 -16.84 28.89
N ALA P 114 -40.35 -16.55 27.94
CA ALA P 114 -40.49 -15.37 27.10
C ALA P 114 -41.66 -15.51 26.12
N LEU P 115 -41.88 -16.73 25.65
CA LEU P 115 -43.03 -17.05 24.79
C LEU P 115 -44.37 -16.98 25.55
N ALA P 116 -44.33 -17.31 26.86
CA ALA P 116 -45.50 -17.27 27.72
C ALA P 116 -46.03 -15.85 27.88
N ASP P 117 -45.11 -14.91 28.06
CA ASP P 117 -45.45 -13.49 28.17
C ASP P 117 -46.08 -12.91 26.91
N ILE P 118 -45.59 -13.33 25.75
CA ILE P 118 -46.13 -12.86 24.47
C ILE P 118 -47.52 -13.43 24.22
N ARG P 119 -47.72 -14.68 24.61
CA ARG P 119 -49.03 -15.34 24.48
C ARG P 119 -50.08 -14.77 25.44
N GLU P 120 -49.62 -14.30 26.61
CA GLU P 120 -50.48 -13.61 27.57
C GLU P 120 -50.64 -12.11 27.27
N GLY P 121 -50.03 -11.67 26.17
CA GLY P 121 -50.15 -10.28 25.71
C GLY P 121 -49.42 -9.26 26.57
N LYS P 122 -48.26 -9.64 27.09
CA LYS P 122 -47.49 -8.77 27.98
C LYS P 122 -46.40 -8.02 27.21
N ALA P 123 -46.30 -8.30 25.91
CA ALA P 123 -45.31 -7.69 25.03
C ALA P 123 -45.57 -6.21 24.82
N GLY P 124 -44.51 -5.47 24.51
CA GLY P 124 -44.62 -4.04 24.22
C GLY P 124 -44.02 -3.69 22.88
N ASP P 125 -43.97 -2.40 22.59
CA ASP P 125 -43.33 -1.89 21.38
C ASP P 125 -41.82 -1.97 21.48
N VAL P 126 -41.17 -2.12 20.33
CA VAL P 126 -39.74 -1.94 20.20
C VAL P 126 -39.44 -0.48 20.58
N PRO P 127 -38.60 -0.26 21.60
CA PRO P 127 -38.18 1.09 21.98
C PRO P 127 -37.59 1.83 20.80
N ASP P 128 -37.91 3.12 20.68
CA ASP P 128 -37.58 3.93 19.50
C ASP P 128 -36.11 3.88 19.11
N HIS P 129 -35.22 3.86 20.10
CA HIS P 129 -33.78 3.82 19.86
C HIS P 129 -33.27 2.46 19.36
N LEU P 130 -34.16 1.47 19.28
CA LEU P 130 -33.82 0.14 18.76
C LEU P 130 -34.44 -0.16 17.40
N ARG P 131 -35.25 0.78 16.92
CA ARG P 131 -35.92 0.63 15.64
C ARG P 131 -34.93 0.80 14.49
N ASP P 132 -35.26 0.16 13.36
CA ASP P 132 -34.42 0.17 12.17
C ASP P 132 -34.37 1.56 11.54
N SER P 133 -33.18 2.17 11.58
CA SER P 133 -32.99 3.56 11.13
C SER P 133 -33.02 3.74 9.61
N HIS P 134 -32.95 2.63 8.87
CA HIS P 134 -32.99 2.66 7.40
C HIS P 134 -34.40 2.93 6.86
N TYR P 135 -35.41 2.66 7.68
CA TYR P 135 -36.81 2.87 7.31
C TYR P 135 -37.43 4.07 8.04
N ARG P 143 -36.95 8.14 16.07
CA ARG P 143 -37.08 6.79 15.53
C ARG P 143 -35.73 6.26 15.02
N GLY P 144 -34.94 5.74 15.95
CA GLY P 144 -33.58 5.30 15.67
C GLY P 144 -32.55 6.13 16.44
N VAL P 145 -32.95 7.34 16.80
CA VAL P 145 -32.07 8.28 17.52
C VAL P 145 -31.89 7.89 18.99
N GLY P 146 -30.67 8.11 19.50
CA GLY P 146 -30.31 7.76 20.86
C GLY P 146 -29.53 6.46 20.96
N TYR P 147 -29.49 5.69 19.87
CA TYR P 147 -28.86 4.38 19.86
C TYR P 147 -27.35 4.43 20.10
N GLN P 148 -26.91 3.65 21.09
CA GLN P 148 -25.49 3.51 21.40
C GLN P 148 -24.98 2.16 20.91
N TYR P 149 -23.88 2.20 20.17
CA TYR P 149 -23.27 1.03 19.53
C TYR P 149 -22.18 0.46 20.44
N PRO P 150 -22.44 -0.72 21.06
CA PRO P 150 -21.57 -1.33 22.07
C PRO P 150 -20.09 -1.46 21.68
N HIS P 151 -19.82 -1.76 20.41
CA HIS P 151 -18.44 -1.94 19.92
C HIS P 151 -17.55 -0.69 20.08
N HIS P 152 -18.18 0.47 20.29
CA HIS P 152 -17.44 1.71 20.53
C HIS P 152 -16.93 1.87 21.96
N PHE P 153 -17.41 1.03 22.86
CA PHE P 153 -17.18 1.19 24.30
C PHE P 153 -16.21 0.16 24.86
N ASP P 154 -15.72 0.42 26.08
CA ASP P 154 -14.88 -0.53 26.82
C ASP P 154 -15.65 -1.82 27.07
N GLN P 155 -14.96 -2.96 26.89
CA GLN P 155 -15.51 -4.31 27.03
C GLN P 155 -16.60 -4.63 26.00
N ALA P 156 -16.70 -3.79 24.98
CA ALA P 156 -17.78 -3.81 23.97
C ALA P 156 -19.20 -3.88 24.55
N TRP P 157 -19.42 -3.10 25.62
CA TRP P 157 -20.72 -3.07 26.30
C TRP P 157 -21.11 -1.65 26.69
N VAL P 158 -22.40 -1.36 26.60
CA VAL P 158 -22.95 -0.07 27.03
C VAL P 158 -24.26 -0.29 27.80
N ASN P 159 -24.46 0.49 28.87
CA ASN P 159 -25.72 0.51 29.59
C ASN P 159 -26.78 1.12 28.70
N GLN P 160 -27.76 0.30 28.32
CA GLN P 160 -28.80 0.67 27.38
C GLN P 160 -30.01 -0.22 27.61
N GLN P 161 -31.20 0.35 27.46
CA GLN P 161 -32.46 -0.39 27.53
C GLN P 161 -32.67 -1.17 26.23
N TYR P 162 -32.97 -2.46 26.36
CA TYR P 162 -33.29 -3.28 25.20
C TYR P 162 -34.69 -3.89 25.26
N LEU P 163 -35.12 -4.30 26.46
CA LEU P 163 -36.49 -4.77 26.67
C LEU P 163 -37.48 -3.61 26.46
N PRO P 164 -38.68 -3.91 25.90
CA PRO P 164 -39.79 -2.93 25.85
C PRO P 164 -40.14 -2.38 27.22
N ASP P 165 -40.80 -1.21 27.26
CA ASP P 165 -41.13 -0.54 28.51
C ASP P 165 -42.00 -1.43 29.39
N LYS P 166 -43.01 -2.04 28.77
CA LYS P 166 -43.91 -3.00 29.40
C LYS P 166 -43.21 -4.19 30.07
N LEU P 167 -42.04 -4.55 29.56
CA LEU P 167 -41.31 -5.74 30.06
C LEU P 167 -39.94 -5.41 30.66
N LYS P 168 -39.75 -4.19 31.12
CA LYS P 168 -38.44 -3.74 31.63
C LYS P 168 -37.95 -4.50 32.88
N ASN P 169 -38.89 -5.14 33.58
CA ASN P 169 -38.56 -5.93 34.78
C ASN P 169 -38.49 -7.44 34.55
N ALA P 170 -38.73 -7.87 33.30
CA ALA P 170 -38.69 -9.29 32.91
C ALA P 170 -37.34 -9.97 33.11
N GLN P 171 -37.39 -11.17 33.67
CA GLN P 171 -36.22 -12.03 33.75
C GLN P 171 -36.58 -13.44 33.34
N TYR P 172 -35.82 -13.97 32.40
CA TYR P 172 -36.12 -15.27 31.82
C TYR P 172 -34.99 -16.24 32.08
N TYR P 173 -33.76 -15.77 31.88
CA TYR P 173 -32.60 -16.62 31.98
C TYR P 173 -32.01 -16.62 33.39
N GLN P 174 -32.01 -17.80 34.00
CA GLN P 174 -31.29 -18.03 35.22
C GLN P 174 -30.19 -19.05 34.94
N PRO P 175 -28.93 -18.56 34.83
CA PRO P 175 -27.76 -19.35 34.46
C PRO P 175 -27.49 -20.51 35.42
N LYS P 176 -27.04 -21.63 34.87
CA LYS P 176 -26.72 -22.79 35.67
C LYS P 176 -25.23 -22.98 35.69
N ASP P 177 -24.75 -23.78 36.63
CA ASP P 177 -23.31 -23.99 36.78
C ASP P 177 -22.89 -25.46 36.72
N THR P 178 -23.69 -26.27 36.02
CA THR P 178 -23.43 -27.72 35.89
C THR P 178 -22.21 -28.04 35.01
N GLY P 179 -21.82 -27.10 34.16
CA GLY P 179 -20.57 -27.20 33.40
C GLY P 179 -19.83 -25.88 33.30
N LYS P 180 -18.53 -25.96 33.03
CA LYS P 180 -17.61 -24.81 33.01
C LYS P 180 -17.96 -23.72 31.98
N TYR P 181 -18.55 -24.11 30.85
CA TYR P 181 -18.90 -23.15 29.81
C TYR P 181 -20.00 -22.21 30.28
N GLU P 182 -21.07 -22.75 30.87
CA GLU P 182 -22.17 -21.91 31.34
C GLU P 182 -21.84 -21.21 32.67
N GLN P 183 -20.82 -21.71 33.37
CA GLN P 183 -20.27 -21.03 34.55
C GLN P 183 -19.69 -19.69 34.16
N ALA P 184 -18.86 -19.70 33.11
CA ALA P 184 -18.28 -18.49 32.58
C ALA P 184 -19.35 -17.55 32.03
N LEU P 185 -20.35 -18.12 31.36
CA LEU P 185 -21.50 -17.36 30.84
C LEU P 185 -22.31 -16.77 31.98
N GLY P 186 -22.43 -17.56 33.05
CA GLY P 186 -23.15 -17.16 34.24
C GLY P 186 -22.49 -15.99 34.93
N GLN P 187 -21.16 -16.05 35.03
CA GLN P 187 -20.36 -14.98 35.63
C GLN P 187 -20.41 -13.69 34.83
N GLN P 188 -20.46 -13.79 33.50
CA GLN P 188 -20.65 -12.63 32.63
C GLN P 188 -22.04 -12.02 32.79
N TYR P 189 -23.06 -12.88 32.91
CA TYR P 189 -24.45 -12.45 33.11
C TYR P 189 -24.62 -11.58 34.36
N TYR P 190 -24.07 -12.04 35.48
CA TYR P 190 -24.14 -11.31 36.75
C TYR P 190 -23.22 -10.10 36.82
N ARG P 191 -22.10 -10.16 36.09
CA ARG P 191 -21.19 -9.02 35.91
C ARG P 191 -21.91 -7.82 35.25
N ILE P 192 -22.76 -8.12 34.26
CA ILE P 192 -23.55 -7.11 33.54
C ILE P 192 -24.64 -6.52 34.47
N LYS P 193 -25.20 -7.37 35.32
CA LYS P 193 -26.15 -6.94 36.35
C LYS P 193 -25.50 -5.95 37.32
N GLU P 194 -24.25 -6.26 37.71
CA GLU P 194 -23.44 -5.40 38.58
C GLU P 194 -23.01 -4.10 37.91
N TRP P 195 -22.68 -4.17 36.62
CA TRP P 195 -22.36 -2.98 35.82
C TRP P 195 -23.54 -2.02 35.69
N LYS P 196 -24.75 -2.58 35.64
CA LYS P 196 -25.97 -1.79 35.48
C LYS P 196 -26.45 -1.07 36.76
N GLU P 197 -25.73 -1.27 37.86
CA GLU P 197 -26.10 -0.68 39.16
C GLU P 197 -25.09 0.33 39.67
C ACT Q . 41.86 39.45 -15.30
O ACT Q . 42.44 38.84 -14.38
OXT ACT Q . 41.09 38.74 -16.00
CH3 ACT Q . 42.07 40.91 -15.53
C ACT R . 19.94 45.61 0.33
O ACT R . 20.79 45.24 1.17
OXT ACT R . 19.61 44.74 -0.50
CH3 ACT R . 19.34 46.99 0.32
C ACT S . 23.45 27.81 -11.97
O ACT S . 22.52 27.56 -12.79
OXT ACT S . 23.77 29.00 -11.82
CH3 ACT S . 24.18 26.76 -11.20
C ACT T . -23.95 -48.50 -3.94
O ACT T . -23.59 -47.37 -4.36
OXT ACT T . -25.09 -48.86 -4.29
CH3 ACT T . -23.08 -49.35 -3.08
C ACT U . -39.07 -33.27 -6.82
O ACT U . -40.02 -33.53 -7.59
OXT ACT U . -38.66 -32.10 -6.83
CH3 ACT U . -38.45 -34.30 -5.93
C1 GOL V . -35.80 -26.60 -30.23
O1 GOL V . -37.04 -27.24 -30.01
C2 GOL V . -35.98 -25.16 -30.72
O2 GOL V . -36.54 -25.08 -32.01
C3 GOL V . -36.74 -24.31 -29.71
O3 GOL V . -38.01 -23.88 -30.17
C ACT W . -20.70 -21.66 -10.03
O ACT W . -20.84 -22.30 -11.10
OXT ACT W . -20.68 -22.35 -9.00
CH3 ACT W . -20.58 -20.16 -10.00
C1 GOL X . -39.82 -38.03 8.16
O1 GOL X . -38.63 -37.45 7.69
C2 GOL X . -40.92 -36.98 8.14
O2 GOL X . -41.93 -37.29 9.07
C3 GOL X . -41.53 -36.90 6.75
O3 GOL X . -41.87 -35.57 6.51
C1 GOL Y . 24.41 51.05 5.39
O1 GOL Y . 24.06 50.78 6.72
C2 GOL Y . 23.18 51.41 4.57
O2 GOL Y . 23.53 51.48 3.20
C3 GOL Y . 22.65 52.78 5.01
O3 GOL Y . 21.77 52.59 6.09
C ACT Z . 44.84 41.12 -10.92
O ACT Z . 44.45 40.47 -9.93
OXT ACT Z . 44.84 42.36 -10.78
CH3 ACT Z . 45.30 40.47 -12.19
C ACT AA . 38.16 14.96 -1.84
O ACT AA . 37.55 15.79 -2.54
OXT ACT AA . 39.36 15.24 -1.62
CH3 ACT AA . 37.50 13.73 -1.31
C ACT BA . 36.62 34.42 8.68
O ACT BA . 37.43 34.35 9.64
OXT ACT BA . 37.09 34.72 7.56
CH3 ACT BA . 35.17 34.15 8.82
C ACT CA . -19.40 -47.67 -0.29
O ACT CA . -20.23 -46.77 -0.49
OXT ACT CA . -18.26 -47.28 0.07
CH3 ACT CA . -19.72 -49.12 -0.47
C ACT DA . -21.07 -28.35 10.47
O ACT DA . -20.63 -29.32 9.81
OXT ACT DA . -20.40 -28.01 11.47
CH3 ACT DA . -22.33 -27.65 10.09
C ACT EA . -41.17 -37.12 15.00
O ACT EA . -40.32 -37.03 14.09
OXT ACT EA . -41.29 -38.28 15.48
CH3 ACT EA . -41.95 -35.93 15.50
C1 GOL FA . -40.18 -34.74 27.06
O1 GOL FA . -39.65 -36.04 26.88
C2 GOL FA . -40.78 -34.60 28.45
O2 GOL FA . -39.82 -34.83 29.45
C3 GOL FA . -41.45 -33.23 28.64
O3 GOL FA . -40.49 -32.25 29.00
#